data_8T7U
#
_entry.id   8T7U
#
_cell.length_a   1.00
_cell.length_b   1.00
_cell.length_c   1.00
_cell.angle_alpha   90.00
_cell.angle_beta   90.00
_cell.angle_gamma   90.00
#
_symmetry.space_group_name_H-M   'P 1'
#
loop_
_entity.id
_entity.type
_entity.pdbx_description
1 polymer 'Mitochondrial chaperone BCS1'
2 non-polymer "ADENOSINE-5'-DIPHOSPHATE"
#
_entity_poly.entity_id   1
_entity_poly.type   'polypeptide(L)'
_entity_poly.pdbx_seq_one_letter_code
;MPFSDFVLALKDNPYFGAGFGLVGVGTALAMARKGAQLGLVAFRRHYMITLEVPARDRSYAWLLSWLTRHSTRTQHLSVE
TSYLQHESGRISTKFEFIPSPGNHFIWYQGKWIRVERNRDMQMVDLQTGTPWESVTFTALGTDRKVFFNILEEARALALQ
QEEGKTVMYTAVGSEWRTFGYPRRRRPLDSVVLQQGLADRIVKDIREFIDNPKWYIDRGIPYRRGYLLYGPPGCGKSSFI
TALAGELEHSICLLSLTDSSLSDDRLNHLLSVAPQQSLVLLEDVDAAFLSRDLAVENPIKYQGLGRLTFSGLLNALDGVA
STEARIVFMTTNYIDRLDPALIRPGRVDLKEYVGYCSHWQLTQMFQRFYPGQAPSLAENFAEHVLKATSEISPAQVQGYF
MLYKNDPMGAVHNIESLRHHHHHH
;
_entity_poly.pdbx_strand_id   A,G,B,C,D,E,F
#
loop_
_chem_comp.id
_chem_comp.type
_chem_comp.name
_chem_comp.formula
ADP non-polymer ADENOSINE-5'-DIPHOSPHATE 'C10 H15 N5 O10 P2'
#
# COMPACT_ATOMS: atom_id res chain seq x y z
N MET A 1 -40.31 -60.07 -29.96
CA MET A 1 -41.23 -59.04 -30.44
C MET A 1 -40.97 -57.60 -29.92
N PRO A 2 -40.32 -57.44 -28.75
CA PRO A 2 -39.89 -56.07 -28.38
C PRO A 2 -38.95 -55.45 -29.40
N PHE A 3 -38.12 -56.25 -30.06
CA PHE A 3 -37.16 -55.77 -31.05
C PHE A 3 -37.53 -56.17 -32.47
N SER A 4 -37.88 -57.45 -32.68
CA SER A 4 -38.16 -57.92 -34.03
C SER A 4 -39.39 -57.25 -34.62
N ASP A 5 -40.48 -57.19 -33.85
CA ASP A 5 -41.71 -56.59 -34.34
C ASP A 5 -41.56 -55.09 -34.52
N PHE A 6 -40.96 -54.42 -33.55
CA PHE A 6 -40.86 -52.96 -33.60
C PHE A 6 -39.99 -52.50 -34.76
N VAL A 7 -38.88 -53.20 -35.01
CA VAL A 7 -37.97 -52.79 -36.09
C VAL A 7 -38.67 -52.88 -37.43
N LEU A 8 -39.39 -53.98 -37.67
CA LEU A 8 -40.06 -54.16 -38.96
C LEU A 8 -41.28 -53.26 -39.07
N ALA A 9 -42.03 -53.07 -37.98
CA ALA A 9 -43.23 -52.25 -38.03
C ALA A 9 -42.90 -50.80 -38.34
N LEU A 10 -41.83 -50.27 -37.73
CA LEU A 10 -41.45 -48.88 -37.98
C LEU A 10 -40.98 -48.66 -39.41
N LYS A 11 -40.56 -49.73 -40.12
CA LYS A 11 -40.18 -49.59 -41.52
C LYS A 11 -41.35 -49.21 -42.40
N ASP A 12 -42.58 -49.47 -41.96
CA ASP A 12 -43.78 -49.14 -42.73
C ASP A 12 -44.56 -47.98 -42.10
N ASN A 13 -43.93 -47.20 -41.23
CA ASN A 13 -44.59 -46.08 -40.59
C ASN A 13 -44.19 -44.79 -41.31
N PRO A 14 -45.11 -44.15 -42.02
CA PRO A 14 -44.73 -42.90 -42.71
C PRO A 14 -44.23 -41.82 -41.77
N TYR A 15 -44.81 -41.72 -40.58
CA TYR A 15 -44.36 -40.72 -39.61
C TYR A 15 -42.94 -41.00 -39.16
N PHE A 16 -42.62 -42.27 -38.88
CA PHE A 16 -41.26 -42.61 -38.48
C PHE A 16 -40.26 -42.33 -39.60
N GLY A 17 -40.63 -42.66 -40.83
CA GLY A 17 -39.74 -42.37 -41.96
C GLY A 17 -39.51 -40.89 -42.13
N ALA A 18 -40.58 -40.09 -42.02
CA ALA A 18 -40.43 -38.64 -42.14
C ALA A 18 -39.55 -38.09 -41.01
N GLY A 19 -39.73 -38.58 -39.79
CA GLY A 19 -38.89 -38.14 -38.69
C GLY A 19 -37.44 -38.49 -38.89
N PHE A 20 -37.17 -39.72 -39.37
CA PHE A 20 -35.80 -40.13 -39.65
C PHE A 20 -35.19 -39.27 -40.74
N GLY A 21 -35.96 -38.97 -41.78
CA GLY A 21 -35.45 -38.11 -42.83
C GLY A 21 -35.14 -36.71 -42.34
N LEU A 22 -36.02 -36.16 -41.49
CA LEU A 22 -35.77 -34.83 -40.93
C LEU A 22 -34.54 -34.83 -40.05
N VAL A 23 -34.34 -35.88 -39.25
CA VAL A 23 -33.16 -35.97 -38.40
C VAL A 23 -31.90 -36.04 -39.26
N GLY A 24 -31.95 -36.85 -40.33
CA GLY A 24 -30.81 -36.92 -41.24
C GLY A 24 -30.51 -35.59 -41.91
N VAL A 25 -31.56 -34.87 -42.30
CA VAL A 25 -31.39 -33.56 -42.92
C VAL A 25 -30.75 -32.59 -41.94
N GLY A 26 -31.20 -32.60 -40.68
CA GLY A 26 -30.61 -31.73 -39.69
C GLY A 26 -29.15 -32.07 -39.41
N THR A 27 -28.83 -33.36 -39.35
CA THR A 27 -27.45 -33.77 -39.15
C THR A 27 -26.58 -33.34 -40.33
N ALA A 28 -27.09 -33.50 -41.55
CA ALA A 28 -26.35 -33.06 -42.72
C ALA A 28 -26.13 -31.55 -42.71
N LEU A 29 -27.14 -30.79 -42.28
CA LEU A 29 -27.00 -29.34 -42.18
C LEU A 29 -25.95 -28.96 -41.16
N ALA A 30 -25.94 -29.64 -40.01
CA ALA A 30 -24.93 -29.34 -39.00
C ALA A 30 -23.53 -29.67 -39.50
N MET A 31 -23.37 -30.81 -40.18
CA MET A 31 -22.08 -31.13 -40.78
C MET A 31 -21.69 -30.10 -41.83
N ALA A 32 -22.65 -29.61 -42.62
CA ALA A 32 -22.34 -28.59 -43.61
C ALA A 32 -21.89 -27.30 -42.95
N ARG A 33 -22.55 -26.92 -41.85
CA ARG A 33 -22.13 -25.72 -41.13
C ARG A 33 -20.72 -25.87 -40.56
N LYS A 34 -20.42 -27.04 -39.98
CA LYS A 34 -19.08 -27.26 -39.47
C LYS A 34 -18.04 -27.22 -40.58
N GLY A 35 -18.36 -27.84 -41.72
CA GLY A 35 -17.43 -27.81 -42.84
C GLY A 35 -17.24 -26.41 -43.40
N ALA A 36 -18.30 -25.61 -43.42
CA ALA A 36 -18.17 -24.22 -43.86
C ALA A 36 -17.28 -23.43 -42.91
N GLN A 37 -17.44 -23.64 -41.60
CA GLN A 37 -16.57 -22.96 -40.65
C GLN A 37 -15.11 -23.38 -40.84
N LEU A 38 -14.88 -24.68 -41.04
CA LEU A 38 -13.52 -25.16 -41.26
C LEU A 38 -12.93 -24.59 -42.54
N GLY A 39 -13.74 -24.52 -43.61
CA GLY A 39 -13.26 -23.94 -44.85
C GLY A 39 -12.94 -22.47 -44.72
N LEU A 40 -13.77 -21.71 -44.00
CA LEU A 40 -13.48 -20.31 -43.76
C LEU A 40 -12.20 -20.14 -42.96
N VAL A 41 -11.99 -21.00 -41.96
CA VAL A 41 -10.78 -20.93 -41.16
C VAL A 41 -9.55 -21.21 -42.03
N ALA A 42 -9.64 -22.25 -42.87
CA ALA A 42 -8.52 -22.57 -43.75
C ALA A 42 -8.25 -21.45 -44.75
N PHE A 43 -9.30 -20.87 -45.31
CA PHE A 43 -9.13 -19.76 -46.24
C PHE A 43 -8.47 -18.57 -45.56
N ARG A 44 -8.90 -18.27 -44.34
CA ARG A 44 -8.28 -17.19 -43.59
C ARG A 44 -6.81 -17.48 -43.31
N ARG A 45 -6.49 -18.74 -42.99
CA ARG A 45 -5.12 -19.09 -42.67
C ARG A 45 -4.21 -19.03 -43.90
N HIS A 46 -4.73 -19.41 -45.07
CA HIS A 46 -3.87 -19.58 -46.23
C HIS A 46 -3.98 -18.46 -47.27
N TYR A 47 -4.89 -17.51 -47.13
CA TYR A 47 -5.04 -16.49 -48.15
C TYR A 47 -5.28 -15.10 -47.56
N MET A 48 -4.98 -14.91 -46.29
CA MET A 48 -5.15 -13.61 -45.65
C MET A 48 -3.93 -13.28 -44.81
N ILE A 49 -3.74 -11.99 -44.58
CA ILE A 49 -2.65 -11.48 -43.75
C ILE A 49 -3.26 -10.66 -42.63
N THR A 50 -2.79 -10.86 -41.40
CA THR A 50 -3.35 -10.19 -40.24
C THR A 50 -2.23 -9.65 -39.37
N LEU A 51 -2.51 -8.52 -38.72
CA LEU A 51 -1.60 -7.92 -37.76
C LEU A 51 -2.42 -7.43 -36.57
N GLU A 52 -2.21 -8.06 -35.42
CA GLU A 52 -2.96 -7.75 -34.21
C GLU A 52 -2.06 -6.99 -33.24
N VAL A 53 -2.52 -5.81 -32.83
CA VAL A 53 -1.74 -4.92 -31.97
C VAL A 53 -2.55 -4.69 -30.70
N PRO A 54 -2.11 -5.16 -29.55
CA PRO A 54 -2.82 -4.90 -28.29
C PRO A 54 -2.63 -3.47 -27.84
N ALA A 55 -3.53 -3.03 -26.95
CA ALA A 55 -3.46 -1.67 -26.43
C ALA A 55 -2.22 -1.47 -25.58
N ARG A 56 -1.70 -2.55 -24.98
CA ARG A 56 -0.50 -2.44 -24.15
C ARG A 56 0.70 -1.97 -24.96
N ASP A 57 0.85 -2.48 -26.18
CA ASP A 57 1.94 -2.06 -27.03
C ASP A 57 1.78 -0.60 -27.43
N ARG A 58 2.92 0.08 -27.60
CA ARG A 58 2.90 1.50 -27.93
C ARG A 58 2.56 1.76 -29.39
N SER A 59 2.59 0.74 -30.24
CA SER A 59 2.22 0.93 -31.63
C SER A 59 0.73 1.16 -31.82
N TYR A 60 -0.08 0.93 -30.78
CA TYR A 60 -1.52 1.13 -30.90
C TYR A 60 -1.86 2.59 -31.19
N ALA A 61 -1.32 3.50 -30.37
CA ALA A 61 -1.60 4.92 -30.58
C ALA A 61 -1.00 5.41 -31.89
N TRP A 62 0.21 4.96 -32.22
CA TRP A 62 0.84 5.39 -33.46
C TRP A 62 0.02 4.95 -34.67
N LEU A 63 -0.43 3.70 -34.67
CA LEU A 63 -1.24 3.21 -35.78
C LEU A 63 -2.56 3.95 -35.87
N LEU A 64 -3.18 4.24 -34.73
CA LEU A 64 -4.45 4.97 -34.76
C LEU A 64 -4.26 6.39 -35.29
N SER A 65 -3.19 7.07 -34.89
CA SER A 65 -2.91 8.39 -35.43
C SER A 65 -2.63 8.34 -36.92
N TRP A 66 -1.86 7.34 -37.35
CA TRP A 66 -1.60 7.20 -38.78
C TRP A 66 -2.88 6.95 -39.55
N LEU A 67 -3.80 6.16 -38.98
CA LEU A 67 -5.08 5.92 -39.62
C LEU A 67 -5.89 7.19 -39.73
N THR A 68 -5.98 7.95 -38.64
CA THR A 68 -6.77 9.17 -38.66
C THR A 68 -6.14 10.24 -39.55
N ARG A 69 -4.85 10.12 -39.86
CA ARG A 69 -4.26 11.04 -40.83
C ARG A 69 -4.51 10.56 -42.26
N HIS A 70 -4.28 9.28 -42.53
CA HIS A 70 -4.41 8.76 -43.87
C HIS A 70 -5.85 8.85 -44.37
N SER A 71 -6.82 8.50 -43.51
CA SER A 71 -8.23 8.56 -43.87
C SER A 71 -8.81 9.81 -43.21
N THR A 72 -8.71 10.94 -43.92
CA THR A 72 -9.18 12.20 -43.36
C THR A 72 -10.69 12.18 -43.13
N ARG A 73 -11.44 11.62 -44.07
CA ARG A 73 -12.91 11.62 -44.00
C ARG A 73 -13.37 10.28 -43.43
N THR A 74 -13.23 10.15 -42.11
CA THR A 74 -13.74 8.98 -41.38
C THR A 74 -15.04 9.38 -40.71
N GLN A 75 -16.15 8.85 -41.19
CA GLN A 75 -17.46 9.20 -40.64
C GLN A 75 -17.58 8.77 -39.19
N HIS A 76 -16.99 7.63 -38.83
CA HIS A 76 -17.05 7.12 -37.47
C HIS A 76 -15.69 7.34 -36.81
N LEU A 77 -15.70 8.02 -35.67
CA LEU A 77 -14.46 8.34 -34.98
C LEU A 77 -14.76 8.64 -33.52
N SER A 78 -13.70 8.61 -32.71
CA SER A 78 -13.77 8.95 -31.30
C SER A 78 -12.87 10.15 -31.05
N VAL A 79 -12.90 10.66 -29.83
CA VAL A 79 -12.15 11.86 -29.48
C VAL A 79 -11.25 11.56 -28.28
N GLU A 80 -10.03 12.08 -28.33
CA GLU A 80 -9.09 12.01 -27.23
C GLU A 80 -8.64 13.42 -26.90
N THR A 81 -8.87 13.84 -25.66
CA THR A 81 -8.59 15.20 -25.23
C THR A 81 -7.32 15.24 -24.40
N SER A 82 -6.37 16.09 -24.79
CA SER A 82 -5.16 16.31 -24.03
C SER A 82 -5.33 17.58 -23.20
N TYR A 83 -5.56 17.42 -21.90
CA TYR A 83 -5.79 18.54 -21.00
C TYR A 83 -4.67 18.60 -19.99
N LEU A 84 -4.04 19.77 -19.86
CA LEU A 84 -2.97 19.95 -18.90
C LEU A 84 -3.08 21.35 -18.30
N GLN A 85 -3.27 21.41 -16.99
CA GLN A 85 -3.34 22.67 -16.26
C GLN A 85 -1.95 22.96 -15.69
N HIS A 86 -1.21 23.81 -16.38
CA HIS A 86 0.12 24.19 -15.92
C HIS A 86 0.00 25.04 -14.67
N GLU A 87 1.13 25.17 -13.95
CA GLU A 87 1.17 26.06 -12.80
C GLU A 87 0.84 27.48 -13.22
N SER A 88 0.38 28.28 -12.26
CA SER A 88 -0.14 29.64 -12.45
C SER A 88 -1.46 29.61 -13.19
N GLY A 89 -2.18 28.49 -13.17
CA GLY A 89 -3.51 28.42 -13.77
C GLY A 89 -3.54 28.58 -15.27
N ARG A 90 -2.60 27.96 -15.97
CA ARG A 90 -2.57 27.98 -17.43
C ARG A 90 -3.09 26.63 -17.93
N ILE A 91 -4.19 26.66 -18.69
CA ILE A 91 -4.86 25.46 -19.14
C ILE A 91 -4.58 25.28 -20.63
N SER A 92 -4.06 24.11 -21.00
CA SER A 92 -3.78 23.76 -22.38
C SER A 92 -4.68 22.61 -22.79
N THR A 93 -5.43 22.79 -23.87
CA THR A 93 -6.35 21.78 -24.36
C THR A 93 -6.15 21.57 -25.85
N LYS A 94 -6.33 20.33 -26.29
CA LYS A 94 -6.23 19.98 -27.69
C LYS A 94 -7.00 18.70 -27.94
N PHE A 95 -7.80 18.70 -29.01
CA PHE A 95 -8.61 17.56 -29.38
C PHE A 95 -7.89 16.74 -30.44
N GLU A 96 -7.60 15.49 -30.10
CA GLU A 96 -7.06 14.52 -31.06
C GLU A 96 -8.15 13.52 -31.38
N PHE A 97 -8.46 13.39 -32.67
CA PHE A 97 -9.56 12.54 -33.12
C PHE A 97 -9.02 11.19 -33.54
N ILE A 98 -9.70 10.14 -33.10
CA ILE A 98 -9.22 8.77 -33.27
C ILE A 98 -10.34 7.91 -33.84
N PRO A 99 -9.99 6.90 -34.63
CA PRO A 99 -11.03 6.01 -35.17
C PRO A 99 -11.84 5.35 -34.07
N SER A 100 -13.13 5.27 -34.29
CA SER A 100 -14.07 4.71 -33.33
C SER A 100 -14.01 3.19 -33.35
N PRO A 101 -14.38 2.54 -32.26
CA PRO A 101 -14.44 1.07 -32.25
C PRO A 101 -15.42 0.56 -33.30
N GLY A 102 -15.07 -0.56 -33.93
CA GLY A 102 -15.88 -1.16 -34.96
C GLY A 102 -15.02 -1.58 -36.12
N ASN A 103 -15.60 -1.49 -37.32
CA ASN A 103 -14.92 -1.88 -38.55
C ASN A 103 -14.70 -0.64 -39.42
N HIS A 104 -13.49 -0.50 -39.94
CA HIS A 104 -13.16 0.56 -40.88
C HIS A 104 -12.40 -0.02 -42.06
N PHE A 105 -12.54 0.63 -43.21
CA PHE A 105 -11.89 0.20 -44.43
C PHE A 105 -11.04 1.33 -44.97
N ILE A 106 -9.80 1.01 -45.34
CA ILE A 106 -8.85 1.98 -45.86
C ILE A 106 -8.29 1.44 -47.18
N TRP A 107 -7.62 2.32 -47.92
CA TRP A 107 -7.02 1.97 -49.19
C TRP A 107 -5.53 2.33 -49.13
N TYR A 108 -4.69 1.31 -48.98
CA TYR A 108 -3.25 1.48 -48.95
C TYR A 108 -2.62 0.67 -50.06
N GLN A 109 -1.67 1.27 -50.78
CA GLN A 109 -1.09 0.70 -52.00
C GLN A 109 -2.27 0.37 -52.93
N GLY A 110 -2.36 -0.85 -53.45
CA GLY A 110 -3.51 -1.23 -54.25
C GLY A 110 -4.36 -2.27 -53.58
N LYS A 111 -4.40 -2.24 -52.25
CA LYS A 111 -5.07 -3.26 -51.45
C LYS A 111 -6.09 -2.61 -50.53
N TRP A 112 -7.23 -3.28 -50.37
CA TRP A 112 -8.24 -2.85 -49.41
C TRP A 112 -7.96 -3.53 -48.08
N ILE A 113 -7.64 -2.73 -47.06
CA ILE A 113 -7.27 -3.23 -45.74
C ILE A 113 -8.42 -2.98 -44.79
N ARG A 114 -8.83 -4.02 -44.08
CA ARG A 114 -9.93 -3.95 -43.11
C ARG A 114 -9.31 -3.73 -41.73
N VAL A 115 -9.70 -2.64 -41.08
CA VAL A 115 -9.20 -2.29 -39.76
C VAL A 115 -10.28 -2.55 -38.73
N GLU A 116 -9.94 -3.32 -37.71
CA GLU A 116 -10.88 -3.70 -36.66
C GLU A 116 -10.34 -3.21 -35.31
N ARG A 117 -10.97 -2.18 -34.76
CA ARG A 117 -10.66 -1.72 -33.42
C ARG A 117 -11.75 -2.27 -32.49
N ASN A 118 -11.41 -3.32 -31.75
CA ASN A 118 -12.34 -3.99 -30.87
C ASN A 118 -12.03 -3.67 -29.42
N ARG A 119 -13.07 -3.44 -28.63
CA ARG A 119 -12.96 -3.17 -27.20
C ARG A 119 -13.75 -4.26 -26.48
N ASP A 120 -13.04 -5.27 -25.97
CA ASP A 120 -13.69 -6.38 -25.29
C ASP A 120 -14.33 -5.89 -24.00
N MET A 121 -15.65 -5.85 -23.96
CA MET A 121 -16.40 -5.33 -22.82
C MET A 121 -16.60 -6.39 -21.74
N GLN A 122 -15.54 -7.11 -21.40
CA GLN A 122 -15.62 -8.17 -20.39
C GLN A 122 -14.74 -7.90 -19.19
N MET A 123 -13.45 -7.62 -19.38
CA MET A 123 -12.56 -7.33 -18.26
C MET A 123 -12.07 -5.88 -18.36
N VAL A 124 -11.26 -5.51 -17.36
CA VAL A 124 -10.61 -4.20 -17.32
C VAL A 124 -9.11 -4.45 -17.15
N ASP A 125 -8.31 -3.75 -17.94
CA ASP A 125 -6.87 -3.85 -17.80
C ASP A 125 -6.43 -3.33 -16.44
N LEU A 126 -5.61 -4.11 -15.75
CA LEU A 126 -5.16 -3.73 -14.41
C LEU A 126 -4.10 -2.64 -14.43
N GLN A 127 -3.27 -2.58 -15.47
CA GLN A 127 -2.19 -1.61 -15.53
C GLN A 127 -2.64 -0.24 -16.03
N THR A 128 -3.87 -0.11 -16.52
CA THR A 128 -4.34 1.15 -17.05
C THR A 128 -5.68 1.53 -16.44
N GLY A 129 -6.46 0.54 -16.06
CA GLY A 129 -7.82 0.78 -15.60
C GLY A 129 -8.83 0.93 -16.71
N THR A 130 -8.46 0.64 -17.94
CA THR A 130 -9.31 0.74 -19.11
C THR A 130 -9.66 -0.65 -19.62
N PRO A 131 -10.77 -0.79 -20.33
CA PRO A 131 -11.08 -2.09 -20.96
C PRO A 131 -10.03 -2.47 -21.97
N TRP A 132 -9.90 -3.78 -22.20
CA TRP A 132 -8.88 -4.31 -23.11
C TRP A 132 -9.27 -3.97 -24.53
N GLU A 133 -8.41 -3.23 -25.22
CA GLU A 133 -8.63 -2.84 -26.61
C GLU A 133 -7.52 -3.37 -27.49
N SER A 134 -7.80 -3.51 -28.78
CA SER A 134 -6.81 -3.95 -29.75
C SER A 134 -7.25 -3.49 -31.14
N VAL A 135 -6.28 -3.45 -32.04
CA VAL A 135 -6.53 -3.08 -33.44
C VAL A 135 -5.98 -4.20 -34.33
N THR A 136 -6.77 -4.61 -35.31
CA THR A 136 -6.41 -5.71 -36.20
C THR A 136 -6.51 -5.24 -37.64
N PHE A 137 -5.45 -5.49 -38.41
CA PHE A 137 -5.43 -5.18 -39.84
C PHE A 137 -5.56 -6.47 -40.63
N THR A 138 -6.53 -6.53 -41.53
CA THR A 138 -6.78 -7.70 -42.36
C THR A 138 -6.78 -7.31 -43.83
N ALA A 139 -6.18 -8.16 -44.66
CA ALA A 139 -6.08 -7.88 -46.08
C ALA A 139 -5.94 -9.19 -46.84
N LEU A 140 -6.18 -9.13 -48.14
CA LEU A 140 -6.08 -10.29 -49.01
C LEU A 140 -4.70 -10.35 -49.65
N GLY A 141 -4.09 -11.54 -49.57
CA GLY A 141 -2.79 -11.77 -50.16
C GLY A 141 -1.90 -12.54 -49.21
N THR A 142 -0.64 -12.70 -49.60
CA THR A 142 0.32 -13.44 -48.78
C THR A 142 1.60 -12.65 -48.54
N ASP A 143 1.57 -11.33 -48.67
CA ASP A 143 2.74 -10.49 -48.47
C ASP A 143 2.57 -9.67 -47.20
N ARG A 144 3.57 -9.72 -46.32
CA ARG A 144 3.54 -8.99 -45.06
C ARG A 144 4.20 -7.62 -45.16
N LYS A 145 4.69 -7.25 -46.34
CA LYS A 145 5.43 -5.99 -46.47
C LYS A 145 4.52 -4.79 -46.24
N VAL A 146 3.23 -4.92 -46.55
CA VAL A 146 2.32 -3.79 -46.40
C VAL A 146 2.22 -3.37 -44.94
N PHE A 147 2.04 -4.35 -44.04
CA PHE A 147 1.96 -4.03 -42.62
C PHE A 147 3.27 -3.47 -42.10
N PHE A 148 4.40 -4.00 -42.59
CA PHE A 148 5.70 -3.48 -42.17
C PHE A 148 5.84 -2.01 -42.56
N ASN A 149 5.46 -1.68 -43.79
CA ASN A 149 5.52 -0.30 -44.25
C ASN A 149 4.59 0.60 -43.44
N ILE A 150 3.39 0.11 -43.14
CA ILE A 150 2.44 0.90 -42.35
C ILE A 150 3.00 1.17 -40.96
N LEU A 151 3.56 0.15 -40.32
CA LEU A 151 4.14 0.34 -39.00
C LEU A 151 5.31 1.31 -39.04
N GLU A 152 6.16 1.19 -40.07
CA GLU A 152 7.29 2.11 -40.17
C GLU A 152 6.81 3.55 -40.36
N GLU A 153 5.80 3.76 -41.19
CA GLU A 153 5.26 5.09 -41.39
C GLU A 153 4.67 5.64 -40.09
N ALA A 154 3.94 4.80 -39.36
CA ALA A 154 3.36 5.25 -38.10
C ALA A 154 4.44 5.62 -37.09
N ARG A 155 5.49 4.80 -37.01
CA ARG A 155 6.59 5.11 -36.10
C ARG A 155 7.27 6.41 -36.47
N ALA A 156 7.52 6.61 -37.77
CA ALA A 156 8.16 7.84 -38.21
C ALA A 156 7.30 9.05 -37.91
N LEU A 157 5.99 8.93 -38.11
CA LEU A 157 5.08 10.04 -37.80
C LEU A 157 5.07 10.32 -36.30
N ALA A 158 5.07 9.27 -35.48
CA ALA A 158 5.06 9.47 -34.03
C ALA A 158 6.34 10.14 -33.56
N LEU A 159 7.49 9.74 -34.09
CA LEU A 159 8.75 10.30 -33.64
C LEU A 159 9.00 11.71 -34.17
N GLN A 160 8.31 12.12 -35.24
CA GLN A 160 8.54 13.44 -35.80
C GLN A 160 7.94 14.54 -34.93
N GLN A 161 7.03 14.20 -34.02
CA GLN A 161 6.44 15.18 -33.12
C GLN A 161 7.22 15.36 -31.84
N GLU A 162 8.35 14.66 -31.68
CA GLU A 162 9.16 14.75 -30.48
C GLU A 162 10.40 15.59 -30.77
N GLU A 163 10.64 16.60 -29.94
CA GLU A 163 11.79 17.48 -30.10
C GLU A 163 12.87 17.09 -29.11
N GLY A 164 14.08 16.84 -29.61
CA GLY A 164 15.18 16.47 -28.74
C GLY A 164 15.59 17.61 -27.82
N LYS A 165 16.13 17.22 -26.67
CA LYS A 165 16.56 18.19 -25.66
C LYS A 165 17.93 17.77 -25.13
N THR A 166 18.66 18.75 -24.62
CA THR A 166 19.97 18.54 -23.99
C THR A 166 19.81 18.75 -22.49
N VAL A 167 20.32 17.81 -21.71
CA VAL A 167 20.20 17.87 -20.25
C VAL A 167 21.58 18.15 -19.67
N MET A 168 21.66 19.19 -18.83
CA MET A 168 22.89 19.52 -18.14
C MET A 168 22.93 18.80 -16.80
N TYR A 169 24.03 18.11 -16.54
CA TYR A 169 24.24 17.40 -15.28
C TYR A 169 25.29 18.14 -14.46
N THR A 170 24.87 18.69 -13.33
CA THR A 170 25.78 19.34 -12.39
C THR A 170 26.20 18.35 -11.31
N ALA A 171 27.29 18.68 -10.63
CA ALA A 171 27.85 17.83 -9.60
C ALA A 171 27.82 18.54 -8.26
N VAL A 172 27.17 17.91 -7.28
CA VAL A 172 27.20 18.36 -5.89
C VAL A 172 27.72 17.20 -5.05
N GLY A 173 28.60 17.51 -4.11
CA GLY A 173 29.26 16.47 -3.33
C GLY A 173 29.99 15.49 -4.22
N SER A 174 29.55 14.24 -4.22
CA SER A 174 30.11 13.20 -5.08
C SER A 174 29.01 12.54 -5.90
N GLU A 175 28.11 13.35 -6.46
CA GLU A 175 26.99 12.84 -7.23
C GLU A 175 26.67 13.80 -8.38
N TRP A 176 26.10 13.24 -9.44
CA TRP A 176 25.65 14.03 -10.59
C TRP A 176 24.16 14.30 -10.46
N ARG A 177 23.77 15.56 -10.61
CA ARG A 177 22.39 15.98 -10.47
C ARG A 177 21.91 16.67 -11.75
N THR A 178 20.63 16.50 -12.04
CA THR A 178 20.00 17.12 -13.20
C THR A 178 19.73 18.58 -12.88
N PHE A 179 20.60 19.46 -13.37
CA PHE A 179 20.46 20.89 -13.10
C PHE A 179 19.47 21.51 -14.07
N GLY A 180 18.50 22.24 -13.54
CA GLY A 180 17.55 22.93 -14.39
C GLY A 180 16.60 21.97 -15.09
N TYR A 181 16.08 22.45 -16.22
CA TYR A 181 15.15 21.72 -17.05
C TYR A 181 15.79 21.41 -18.40
N PRO A 182 15.26 20.43 -19.13
CA PRO A 182 15.79 20.16 -20.47
C PRO A 182 15.77 21.40 -21.35
N ARG A 183 16.86 21.60 -22.09
CA ARG A 183 17.04 22.79 -22.89
C ARG A 183 16.90 22.47 -24.37
N ARG A 184 16.48 23.46 -25.14
CA ARG A 184 16.42 23.33 -26.58
C ARG A 184 17.83 23.19 -27.15
N ARG A 185 17.98 22.28 -28.11
CA ARG A 185 19.28 21.99 -28.69
C ARG A 185 19.64 23.06 -29.71
N ARG A 186 20.75 23.74 -29.49
CA ARG A 186 21.20 24.76 -30.43
C ARG A 186 21.68 24.10 -31.71
N PRO A 187 21.20 24.54 -32.87
CA PRO A 187 21.66 23.92 -34.13
C PRO A 187 23.16 24.10 -34.31
N LEU A 188 23.78 23.08 -34.92
CA LEU A 188 25.23 23.10 -35.09
C LEU A 188 25.67 24.23 -36.02
N ASP A 189 24.92 24.46 -37.09
CA ASP A 189 25.29 25.50 -38.04
C ASP A 189 25.20 26.90 -37.44
N SER A 190 24.49 27.05 -36.33
CA SER A 190 24.41 28.35 -35.67
C SER A 190 25.78 28.81 -35.21
N VAL A 191 26.58 27.90 -34.67
CA VAL A 191 27.93 28.24 -34.22
C VAL A 191 28.90 28.00 -35.37
N VAL A 192 29.62 29.04 -35.76
CA VAL A 192 30.62 28.96 -36.82
C VAL A 192 32.00 29.23 -36.24
N LEU A 193 32.85 28.21 -36.20
CA LEU A 193 34.17 28.39 -35.60
C LEU A 193 35.23 28.71 -36.67
N GLN A 194 35.35 27.87 -37.68
CA GLN A 194 36.40 28.04 -38.68
C GLN A 194 35.96 27.34 -39.95
N GLN A 195 36.88 27.24 -40.91
CA GLN A 195 36.55 26.68 -42.22
C GLN A 195 36.17 25.20 -42.12
N GLY A 196 36.95 24.43 -41.37
CA GLY A 196 36.72 22.99 -41.31
C GLY A 196 36.96 22.37 -39.96
N LEU A 197 37.14 23.19 -38.93
CA LEU A 197 37.34 22.66 -37.58
C LEU A 197 36.12 21.89 -37.09
N ALA A 198 34.92 22.43 -37.31
CA ALA A 198 33.71 21.73 -36.90
C ALA A 198 33.57 20.41 -37.62
N ASP A 199 33.82 20.40 -38.93
CA ASP A 199 33.75 19.16 -39.69
C ASP A 199 34.76 18.13 -39.20
N ARG A 200 35.99 18.57 -38.94
CA ARG A 200 37.01 17.64 -38.46
C ARG A 200 36.62 17.05 -37.11
N ILE A 201 36.14 17.89 -36.20
CA ILE A 201 35.77 17.41 -34.87
C ILE A 201 34.58 16.45 -34.96
N VAL A 202 33.57 16.80 -35.76
CA VAL A 202 32.41 15.94 -35.91
C VAL A 202 32.80 14.60 -36.51
N LYS A 203 33.66 14.62 -37.55
CA LYS A 203 34.09 13.38 -38.17
C LYS A 203 34.86 12.51 -37.20
N ASP A 204 35.76 13.11 -36.42
CA ASP A 204 36.52 12.34 -35.44
C ASP A 204 35.59 11.72 -34.40
N ILE A 205 34.62 12.51 -33.91
CA ILE A 205 33.71 11.99 -32.90
C ILE A 205 32.86 10.85 -33.47
N ARG A 206 32.37 11.02 -34.70
CA ARG A 206 31.57 9.97 -35.32
C ARG A 206 32.39 8.70 -35.51
N GLU A 207 33.65 8.84 -35.94
CA GLU A 207 34.51 7.67 -36.09
C GLU A 207 34.74 6.98 -34.77
N PHE A 208 34.98 7.76 -33.71
CA PHE A 208 35.21 7.17 -32.39
C PHE A 208 33.98 6.44 -31.89
N ILE A 209 32.80 7.04 -32.06
CA ILE A 209 31.58 6.44 -31.53
C ILE A 209 31.19 5.20 -32.34
N ASP A 210 31.26 5.29 -33.67
CA ASP A 210 30.73 4.25 -34.54
C ASP A 210 31.65 3.05 -34.68
N ASN A 211 32.78 3.03 -33.99
CA ASN A 211 33.71 1.89 -34.03
C ASN A 211 34.08 1.47 -32.61
N PRO A 212 33.11 0.91 -31.87
CA PRO A 212 33.46 0.39 -30.53
C PRO A 212 34.17 -0.95 -30.58
N LYS A 213 33.96 -1.72 -31.66
CA LYS A 213 34.61 -3.02 -31.76
C LYS A 213 36.12 -2.87 -31.90
N TRP A 214 36.58 -1.75 -32.48
CA TRP A 214 38.01 -1.53 -32.65
C TRP A 214 38.72 -1.44 -31.32
N TYR A 215 38.11 -0.74 -30.36
CA TYR A 215 38.77 -0.51 -29.07
C TYR A 215 38.77 -1.76 -28.21
N ILE A 216 37.65 -2.48 -28.17
CA ILE A 216 37.53 -3.62 -27.27
C ILE A 216 38.43 -4.76 -27.73
N ASP A 217 38.54 -4.97 -29.04
CA ASP A 217 39.33 -6.09 -29.55
C ASP A 217 40.81 -5.90 -29.28
N ARG A 218 41.29 -4.65 -29.35
CA ARG A 218 42.70 -4.37 -29.09
C ARG A 218 43.00 -4.13 -27.63
N GLY A 219 42.00 -4.20 -26.76
CA GLY A 219 42.22 -4.02 -25.33
C GLY A 219 42.68 -2.62 -24.97
N ILE A 220 42.13 -1.61 -25.64
CA ILE A 220 42.48 -0.22 -25.36
C ILE A 220 41.22 0.44 -24.79
N PRO A 221 41.34 1.31 -23.78
CA PRO A 221 40.14 1.93 -23.20
C PRO A 221 39.35 2.71 -24.24
N TYR A 222 38.02 2.64 -24.11
CA TYR A 222 37.11 3.33 -25.02
C TYR A 222 36.89 4.76 -24.56
N ARG A 223 37.99 5.48 -24.42
CA ARG A 223 38.01 6.84 -23.88
C ARG A 223 38.77 7.75 -24.83
N ARG A 224 38.21 8.94 -25.06
CA ARG A 224 38.83 9.93 -25.93
C ARG A 224 38.65 11.32 -25.31
N GLY A 225 39.62 12.18 -25.57
CA GLY A 225 39.58 13.53 -25.04
C GLY A 225 39.94 14.60 -26.06
N TYR A 226 39.33 15.78 -25.92
CA TYR A 226 39.57 16.89 -26.83
C TYR A 226 39.90 18.15 -26.04
N LEU A 227 40.69 19.02 -26.63
CA LEU A 227 41.06 20.28 -26.02
C LEU A 227 40.80 21.42 -27.01
N LEU A 228 40.19 22.49 -26.50
CA LEU A 228 39.92 23.69 -27.29
C LEU A 228 40.50 24.89 -26.56
N TYR A 229 41.50 25.53 -27.16
CA TYR A 229 42.17 26.67 -26.57
C TYR A 229 42.08 27.87 -27.51
N GLY A 230 41.73 29.02 -26.97
CA GLY A 230 41.60 30.23 -27.75
C GLY A 230 41.17 31.40 -26.91
N PRO A 231 40.98 32.56 -27.55
CA PRO A 231 40.54 33.73 -26.81
C PRO A 231 39.17 33.52 -26.20
N PRO A 232 38.88 34.16 -25.07
CA PRO A 232 37.57 33.99 -24.45
C PRO A 232 36.46 34.55 -25.33
N GLY A 233 35.27 33.97 -25.21
CA GLY A 233 34.15 34.41 -26.00
C GLY A 233 34.21 34.01 -27.46
N CYS A 234 34.99 32.99 -27.79
CA CYS A 234 35.12 32.54 -29.17
C CYS A 234 34.09 31.48 -29.54
N GLY A 235 33.26 31.04 -28.60
CA GLY A 235 32.20 30.10 -28.91
C GLY A 235 32.58 28.65 -28.66
N LYS A 236 33.30 28.40 -27.57
CA LYS A 236 33.73 27.04 -27.26
C LYS A 236 32.60 26.26 -26.59
N SER A 237 32.06 26.78 -25.48
CA SER A 237 30.98 26.10 -24.79
C SER A 237 29.75 25.97 -25.67
N SER A 238 29.45 26.99 -26.46
CA SER A 238 28.33 26.91 -27.39
C SER A 238 28.52 25.79 -28.39
N PHE A 239 29.74 25.64 -28.93
CA PHE A 239 30.01 24.56 -29.86
C PHE A 239 29.88 23.20 -29.16
N ILE A 240 30.33 23.11 -27.92
CA ILE A 240 30.19 21.85 -27.19
C ILE A 240 28.72 21.49 -27.03
N THR A 241 27.90 22.47 -26.66
CA THR A 241 26.47 22.22 -26.51
C THR A 241 25.84 21.80 -27.84
N ALA A 242 26.22 22.48 -28.93
CA ALA A 242 25.66 22.12 -30.23
C ALA A 242 26.07 20.72 -30.64
N LEU A 243 27.33 20.34 -30.40
CA LEU A 243 27.78 19.00 -30.72
C LEU A 243 27.04 17.95 -29.89
N ALA A 244 26.84 18.23 -28.61
CA ALA A 244 26.09 17.31 -27.77
C ALA A 244 24.66 17.15 -28.26
N GLY A 245 24.03 18.26 -28.66
CA GLY A 245 22.70 18.17 -29.21
C GLY A 245 22.66 17.37 -30.50
N GLU A 246 23.66 17.53 -31.36
CA GLU A 246 23.73 16.76 -32.58
C GLU A 246 23.89 15.27 -32.30
N LEU A 247 24.71 14.94 -31.30
CA LEU A 247 24.94 13.54 -30.93
C LEU A 247 23.89 13.00 -29.97
N GLU A 248 22.92 13.82 -29.58
CA GLU A 248 21.87 13.47 -28.63
C GLU A 248 22.41 13.10 -27.25
N HIS A 249 23.63 13.51 -26.94
CA HIS A 249 24.21 13.24 -25.63
C HIS A 249 23.82 14.34 -24.64
N SER A 250 24.32 14.23 -23.43
CA SER A 250 24.08 15.22 -22.38
C SER A 250 25.41 15.71 -21.84
N ILE A 251 25.53 17.02 -21.65
CA ILE A 251 26.75 17.60 -21.13
C ILE A 251 26.72 17.55 -19.60
N CYS A 252 27.83 17.14 -19.00
CA CYS A 252 28.00 17.15 -17.56
C CYS A 252 29.02 18.23 -17.23
N LEU A 253 28.53 19.46 -17.09
CA LEU A 253 29.41 20.60 -16.84
C LEU A 253 29.94 20.54 -15.42
N LEU A 254 31.26 20.71 -15.28
CA LEU A 254 31.91 20.73 -13.97
C LEU A 254 33.00 21.78 -13.98
N SER A 255 33.02 22.62 -12.94
CA SER A 255 34.01 23.68 -12.80
C SER A 255 35.08 23.21 -11.82
N LEU A 256 36.21 22.75 -12.36
CA LEU A 256 37.30 22.32 -11.50
C LEU A 256 38.00 23.48 -10.83
N THR A 257 37.76 24.71 -11.28
CA THR A 257 38.36 25.87 -10.64
C THR A 257 37.85 26.05 -9.22
N ASP A 258 36.69 25.47 -8.90
CA ASP A 258 36.19 25.53 -7.54
C ASP A 258 36.98 24.60 -6.63
N SER A 259 37.20 25.02 -5.39
CA SER A 259 37.94 24.22 -4.42
C SER A 259 37.05 23.25 -3.66
N SER A 260 35.75 23.20 -3.97
CA SER A 260 34.85 22.29 -3.27
C SER A 260 35.23 20.84 -3.50
N LEU A 261 35.60 20.50 -4.73
CA LEU A 261 35.94 19.12 -5.07
C LEU A 261 37.45 18.89 -4.94
N SER A 262 37.82 17.67 -4.55
CA SER A 262 39.21 17.28 -4.42
C SER A 262 39.58 16.32 -5.54
N ASP A 263 40.83 15.85 -5.51
CA ASP A 263 41.29 14.92 -6.54
C ASP A 263 40.51 13.61 -6.48
N ASP A 264 40.32 13.06 -5.28
CA ASP A 264 39.51 11.85 -5.15
C ASP A 264 38.05 12.13 -5.52
N ARG A 265 37.53 13.29 -5.11
CA ARG A 265 36.17 13.66 -5.48
C ARG A 265 36.05 13.82 -6.98
N LEU A 266 37.05 14.44 -7.61
CA LEU A 266 37.04 14.60 -9.06
C LEU A 266 37.05 13.24 -9.76
N ASN A 267 37.90 12.31 -9.28
CA ASN A 267 37.94 10.98 -9.88
C ASN A 267 36.61 10.27 -9.71
N HIS A 268 35.99 10.37 -8.54
CA HIS A 268 34.69 9.73 -8.32
C HIS A 268 33.62 10.31 -9.24
N LEU A 269 33.60 11.64 -9.39
CA LEU A 269 32.61 12.27 -10.25
C LEU A 269 32.84 11.88 -11.71
N LEU A 270 34.10 11.85 -12.15
CA LEU A 270 34.39 11.48 -13.53
C LEU A 270 34.14 10.00 -13.80
N SER A 271 34.21 9.16 -12.79
CA SER A 271 33.98 7.74 -12.96
C SER A 271 32.50 7.38 -12.96
N VAL A 272 31.66 8.17 -12.30
CA VAL A 272 30.24 7.88 -12.17
C VAL A 272 29.41 8.70 -13.15
N ALA A 273 30.04 9.24 -14.19
CA ALA A 273 29.33 10.06 -15.15
C ALA A 273 28.25 9.22 -15.86
N PRO A 274 27.09 9.80 -16.17
CA PRO A 274 26.03 9.03 -16.81
C PRO A 274 26.45 8.53 -18.18
N GLN A 275 25.87 7.40 -18.58
CA GLN A 275 26.15 6.82 -19.88
C GLN A 275 25.61 7.72 -21.00
N GLN A 276 26.28 7.65 -22.15
CA GLN A 276 25.90 8.45 -23.33
C GLN A 276 25.86 9.94 -22.99
N SER A 277 26.79 10.39 -22.15
CA SER A 277 26.83 11.76 -21.69
C SER A 277 28.23 12.32 -21.82
N LEU A 278 28.32 13.58 -22.21
CA LEU A 278 29.59 14.28 -22.31
C LEU A 278 29.90 14.98 -21.00
N VAL A 279 31.20 15.13 -20.72
CA VAL A 279 31.68 15.83 -19.54
C VAL A 279 32.54 17.00 -19.98
N LEU A 280 32.26 18.17 -19.43
CA LEU A 280 32.97 19.39 -19.77
C LEU A 280 33.63 19.96 -18.52
N LEU A 281 34.93 20.23 -18.61
CA LEU A 281 35.71 20.77 -17.50
C LEU A 281 36.37 22.05 -17.99
N GLU A 282 35.73 23.19 -17.72
CA GLU A 282 36.25 24.48 -18.13
C GLU A 282 37.20 25.04 -17.08
N ASP A 283 37.90 26.10 -17.46
CA ASP A 283 38.88 26.76 -16.59
C ASP A 283 39.94 25.79 -16.11
N VAL A 284 40.40 24.91 -17.01
CA VAL A 284 41.37 23.89 -16.64
C VAL A 284 42.71 24.51 -16.27
N ASP A 285 42.94 25.76 -16.68
CA ASP A 285 44.20 26.41 -16.37
C ASP A 285 44.35 26.68 -14.87
N ALA A 286 43.25 26.98 -14.19
CA ALA A 286 43.31 27.38 -12.79
C ALA A 286 43.86 26.26 -11.91
N ALA A 287 43.30 25.06 -12.04
CA ALA A 287 43.76 23.94 -11.23
C ALA A 287 45.19 23.56 -11.57
N PHE A 288 45.54 23.58 -12.87
CA PHE A 288 46.89 23.24 -13.27
C PHE A 288 47.89 24.28 -12.79
N LEU A 289 47.50 25.55 -12.79
CA LEU A 289 48.39 26.60 -12.31
C LEU A 289 48.73 26.43 -10.84
N SER A 290 47.73 26.09 -10.02
CA SER A 290 47.93 25.91 -8.59
C SER A 290 48.77 24.66 -8.31
N ARG A 306 42.48 19.85 -1.85
CA ARG A 306 41.45 20.25 -2.80
C ARG A 306 42.04 20.45 -4.19
N LEU A 307 42.63 21.62 -4.41
CA LEU A 307 43.21 21.94 -5.70
C LEU A 307 44.47 21.10 -5.95
N THR A 308 44.68 20.74 -7.22
CA THR A 308 45.83 19.97 -7.62
C THR A 308 46.12 20.22 -9.09
N PHE A 309 47.37 19.98 -9.49
CA PHE A 309 47.78 20.14 -10.87
C PHE A 309 48.01 18.80 -11.56
N SER A 310 48.78 17.90 -10.92
CA SER A 310 48.99 16.58 -11.47
C SER A 310 47.95 15.57 -11.01
N GLY A 311 47.24 15.85 -9.92
CA GLY A 311 46.23 14.93 -9.45
C GLY A 311 45.10 14.75 -10.46
N LEU A 312 44.69 15.85 -11.10
CA LEU A 312 43.61 15.76 -12.08
C LEU A 312 44.02 14.90 -13.28
N LEU A 313 45.25 15.08 -13.78
CA LEU A 313 45.68 14.28 -14.92
C LEU A 313 45.91 12.83 -14.52
N ASN A 314 46.35 12.59 -13.30
CA ASN A 314 46.45 11.21 -12.82
C ASN A 314 45.07 10.56 -12.73
N ALA A 315 44.07 11.31 -12.26
CA ALA A 315 42.72 10.78 -12.16
C ALA A 315 42.12 10.54 -13.54
N LEU A 316 42.47 11.38 -14.52
CA LEU A 316 41.96 11.20 -15.88
C LEU A 316 42.43 9.87 -16.46
N ASP A 317 43.69 9.52 -16.25
CA ASP A 317 44.22 8.26 -16.77
C ASP A 317 43.71 7.05 -16.02
N GLY A 318 43.03 7.25 -14.89
CA GLY A 318 42.50 6.10 -14.15
C GLY A 318 41.47 5.34 -14.96
N VAL A 319 41.47 4.02 -14.77
CA VAL A 319 40.53 3.15 -15.48
C VAL A 319 39.11 3.27 -14.95
N ALA A 320 38.91 4.01 -13.87
CA ALA A 320 37.57 4.19 -13.29
C ALA A 320 36.75 5.06 -14.22
N SER A 321 35.96 4.44 -15.08
CA SER A 321 35.14 5.16 -16.06
C SER A 321 34.05 4.20 -16.55
N THR A 322 33.34 4.63 -17.59
CA THR A 322 32.31 3.80 -18.21
C THR A 322 32.59 3.73 -19.70
N GLU A 323 31.69 3.10 -20.45
CA GLU A 323 31.86 3.00 -21.89
C GLU A 323 31.67 4.36 -22.54
N ALA A 324 32.57 4.68 -23.47
CA ALA A 324 32.49 5.91 -24.28
C ALA A 324 32.47 7.15 -23.38
N ARG A 325 33.58 7.34 -22.65
CA ARG A 325 33.75 8.52 -21.81
C ARG A 325 34.41 9.62 -22.64
N ILE A 326 33.58 10.48 -23.20
CA ILE A 326 34.08 11.59 -24.01
C ILE A 326 34.24 12.82 -23.11
N VAL A 327 35.45 13.37 -23.07
CA VAL A 327 35.77 14.51 -22.21
C VAL A 327 36.32 15.62 -23.08
N PHE A 328 35.86 16.85 -22.81
CA PHE A 328 36.28 18.03 -23.57
C PHE A 328 37.01 18.99 -22.65
N MET A 329 38.14 19.50 -23.15
CA MET A 329 38.95 20.47 -22.42
C MET A 329 38.85 21.82 -23.10
N THR A 330 38.58 22.86 -22.33
CA THR A 330 38.53 24.22 -22.84
C THR A 330 39.29 25.15 -21.90
N THR A 331 40.08 26.04 -22.49
CA THR A 331 40.89 26.98 -21.74
C THR A 331 41.19 28.20 -22.61
N ASN A 332 41.54 29.31 -21.94
CA ASN A 332 41.85 30.53 -22.67
C ASN A 332 43.24 30.47 -23.30
N TYR A 333 44.19 29.84 -22.63
CA TYR A 333 45.56 29.74 -23.13
C TYR A 333 46.10 28.34 -22.87
N ILE A 334 47.01 27.91 -23.74
CA ILE A 334 47.57 26.57 -23.68
C ILE A 334 48.97 26.55 -23.08
N ASP A 335 49.65 27.70 -22.99
CA ASP A 335 51.02 27.72 -22.52
C ASP A 335 51.12 27.31 -21.05
N ARG A 336 50.08 27.58 -20.27
CA ARG A 336 50.12 27.24 -18.85
C ARG A 336 50.11 25.74 -18.61
N LEU A 337 49.67 24.95 -19.58
CA LEU A 337 49.63 23.50 -19.45
C LEU A 337 50.98 22.91 -19.88
N ASP A 338 51.04 21.58 -19.99
CA ASP A 338 52.26 20.88 -20.36
C ASP A 338 51.98 19.87 -21.45
N PRO A 339 52.99 19.51 -22.24
CA PRO A 339 52.79 18.48 -23.28
C PRO A 339 52.44 17.12 -22.71
N ALA A 340 52.76 16.86 -21.43
CA ALA A 340 52.41 15.58 -20.83
C ALA A 340 50.91 15.36 -20.79
N LEU A 341 50.13 16.45 -20.70
CA LEU A 341 48.68 16.32 -20.71
C LEU A 341 48.19 15.77 -22.04
N ILE A 342 48.79 16.21 -23.14
CA ILE A 342 48.37 15.80 -24.48
C ILE A 342 49.11 14.52 -24.84
N ARG A 343 48.37 13.41 -24.88
CA ARG A 343 48.94 12.10 -25.17
C ARG A 343 47.78 11.11 -25.36
N PRO A 344 48.02 9.99 -26.03
CA PRO A 344 46.99 8.95 -26.12
C PRO A 344 46.61 8.45 -24.73
N GLY A 345 45.33 8.12 -24.57
CA GLY A 345 44.77 7.89 -23.26
C GLY A 345 44.41 9.17 -22.53
N ARG A 346 44.65 10.31 -23.16
CA ARG A 346 44.37 11.63 -22.60
C ARG A 346 43.82 12.47 -23.74
N VAL A 347 43.89 13.79 -23.61
CA VAL A 347 43.57 14.71 -24.70
C VAL A 347 44.22 14.22 -25.97
N ASP A 348 43.43 14.05 -27.03
CA ASP A 348 43.90 13.47 -28.28
C ASP A 348 43.96 14.47 -29.42
N LEU A 349 42.85 15.14 -29.72
CA LEU A 349 42.77 16.09 -30.83
C LEU A 349 42.54 17.48 -30.26
N LYS A 350 43.64 18.21 -30.04
CA LYS A 350 43.53 19.60 -29.63
C LYS A 350 43.32 20.50 -30.84
N GLU A 351 42.50 21.53 -30.66
CA GLU A 351 42.23 22.49 -31.72
C GLU A 351 42.28 23.90 -31.15
N TYR A 352 42.74 24.83 -31.97
CA TYR A 352 42.84 26.24 -31.60
C TYR A 352 41.70 26.99 -32.27
N VAL A 353 40.85 27.61 -31.46
CA VAL A 353 39.80 28.48 -31.98
C VAL A 353 40.32 29.91 -31.99
N GLY A 354 40.15 30.58 -33.12
CA GLY A 354 40.67 31.94 -33.27
C GLY A 354 39.61 32.98 -33.51
N TYR A 355 40.04 34.20 -33.85
CA TYR A 355 39.11 35.28 -34.11
C TYR A 355 38.41 35.08 -35.46
N CYS A 356 37.36 35.87 -35.67
CA CYS A 356 36.56 35.73 -36.87
C CYS A 356 37.37 36.04 -38.12
N SER A 357 37.09 35.28 -39.18
CA SER A 357 37.68 35.48 -40.49
C SER A 357 36.62 36.01 -41.45
N HIS A 358 37.03 36.26 -42.70
CA HIS A 358 36.09 36.74 -43.70
C HIS A 358 34.96 35.75 -43.91
N TRP A 359 35.30 34.46 -44.06
CA TRP A 359 34.27 33.44 -44.22
C TRP A 359 33.39 33.36 -42.98
N GLN A 360 34.00 33.40 -41.80
CA GLN A 360 33.22 33.36 -40.56
C GLN A 360 32.30 34.57 -40.46
N LEU A 361 32.81 35.75 -40.80
CA LEU A 361 32.00 36.97 -40.68
C LEU A 361 30.84 36.96 -41.66
N THR A 362 31.07 36.53 -42.91
CA THR A 362 29.96 36.51 -43.86
C THR A 362 28.95 35.42 -43.50
N GLN A 363 29.43 34.30 -42.95
CA GLN A 363 28.51 33.27 -42.48
C GLN A 363 27.63 33.79 -41.36
N MET A 364 28.23 34.53 -40.42
CA MET A 364 27.44 35.11 -39.34
C MET A 364 26.45 36.13 -39.87
N PHE A 365 26.87 36.95 -40.83
CA PHE A 365 25.98 37.97 -41.37
C PHE A 365 24.78 37.33 -42.07
N GLN A 366 25.02 36.27 -42.85
CA GLN A 366 23.91 35.62 -43.53
C GLN A 366 23.06 34.79 -42.57
N ARG A 367 23.64 34.31 -41.48
CA ARG A 367 22.85 33.58 -40.48
C ARG A 367 21.92 34.52 -39.73
N PHE A 368 22.45 35.66 -39.27
CA PHE A 368 21.63 36.59 -38.51
C PHE A 368 20.52 37.18 -39.37
N TYR A 369 20.84 37.53 -40.62
CA TYR A 369 19.87 38.14 -41.52
C TYR A 369 19.55 37.15 -42.64
N PRO A 370 18.36 36.53 -42.63
CA PRO A 370 18.08 35.46 -43.59
C PRO A 370 17.80 35.97 -45.00
N GLY A 371 18.85 36.23 -45.77
CA GLY A 371 18.69 36.56 -47.18
C GLY A 371 19.04 37.98 -47.53
N GLN A 372 20.25 38.19 -48.05
CA GLN A 372 20.71 39.51 -48.46
C GLN A 372 21.74 39.32 -49.57
N ALA A 373 22.32 40.43 -50.01
CA ALA A 373 23.34 40.38 -51.04
C ALA A 373 24.64 39.85 -50.46
N PRO A 374 25.21 38.78 -51.03
CA PRO A 374 26.51 38.29 -50.53
C PRO A 374 27.62 39.32 -50.64
N SER A 375 27.56 40.21 -51.64
CA SER A 375 28.54 41.28 -51.73
C SER A 375 28.45 42.22 -50.54
N LEU A 376 27.24 42.47 -50.05
CA LEU A 376 27.08 43.29 -48.85
C LEU A 376 27.74 42.62 -47.65
N ALA A 377 27.56 41.31 -47.51
CA ALA A 377 28.20 40.59 -46.40
C ALA A 377 29.71 40.62 -46.54
N GLU A 378 30.22 40.48 -47.77
CA GLU A 378 31.67 40.54 -47.98
C GLU A 378 32.22 41.91 -47.62
N ASN A 379 31.53 42.98 -48.02
CA ASN A 379 31.96 44.32 -47.66
C ASN A 379 31.92 44.52 -46.15
N PHE A 380 30.88 44.01 -45.49
CA PHE A 380 30.79 44.07 -44.04
C PHE A 380 31.97 43.37 -43.38
N ALA A 381 32.30 42.17 -43.86
CA ALA A 381 33.42 41.42 -43.30
C ALA A 381 34.73 42.15 -43.52
N GLU A 382 34.94 42.70 -44.72
CA GLU A 382 36.17 43.41 -45.00
C GLU A 382 36.30 44.66 -44.13
N HIS A 383 35.20 45.39 -43.95
CA HIS A 383 35.22 46.58 -43.11
C HIS A 383 35.53 46.21 -41.66
N VAL A 384 34.94 45.13 -41.16
CA VAL A 384 35.22 44.70 -39.79
C VAL A 384 36.69 44.29 -39.65
N LEU A 385 37.21 43.55 -40.63
CA LEU A 385 38.60 43.12 -40.57
C LEU A 385 39.54 44.31 -40.60
N LYS A 386 39.23 45.31 -41.43
CA LYS A 386 40.05 46.52 -41.47
C LYS A 386 39.98 47.26 -40.14
N ALA A 387 38.78 47.38 -39.57
CA ALA A 387 38.63 48.13 -38.33
C ALA A 387 39.34 47.45 -37.16
N THR A 388 39.09 46.17 -36.96
CA THR A 388 39.64 45.43 -35.83
C THR A 388 40.34 44.17 -36.31
N SER A 389 41.45 43.83 -35.64
CA SER A 389 42.22 42.65 -35.96
C SER A 389 41.93 41.47 -35.04
N GLU A 390 41.51 41.73 -33.81
CA GLU A 390 41.22 40.70 -32.83
C GLU A 390 39.75 40.71 -32.44
N ILE A 391 38.87 40.90 -33.42
CA ILE A 391 37.43 40.93 -33.14
C ILE A 391 36.96 39.54 -32.74
N SER A 392 36.17 39.47 -31.67
CA SER A 392 35.67 38.19 -31.22
C SER A 392 34.25 37.97 -31.68
N PRO A 393 33.84 36.71 -31.88
CA PRO A 393 32.45 36.45 -32.28
C PRO A 393 31.43 36.94 -31.27
N ALA A 394 31.76 36.94 -29.98
CA ALA A 394 30.84 37.48 -28.99
C ALA A 394 30.61 38.97 -29.23
N GLN A 395 31.68 39.71 -29.54
CA GLN A 395 31.53 41.12 -29.86
C GLN A 395 30.67 41.32 -31.11
N VAL A 396 30.85 40.44 -32.10
CA VAL A 396 30.05 40.54 -33.32
C VAL A 396 28.58 40.32 -33.00
N GLN A 397 28.28 39.30 -32.19
CA GLN A 397 26.89 39.05 -31.81
C GLN A 397 26.30 40.22 -31.03
N GLY A 398 27.09 40.79 -30.10
CA GLY A 398 26.61 41.94 -29.35
C GLY A 398 26.33 43.13 -30.25
N TYR A 399 27.20 43.37 -31.23
CA TYR A 399 26.98 44.46 -32.17
C TYR A 399 25.74 44.21 -33.01
N PHE A 400 25.53 42.96 -33.44
CA PHE A 400 24.33 42.63 -34.20
C PHE A 400 23.08 42.84 -33.37
N MET A 401 23.14 42.56 -32.07
CA MET A 401 21.98 42.77 -31.21
C MET A 401 21.58 44.24 -31.16
N LEU A 402 22.57 45.14 -31.25
CA LEU A 402 22.26 46.57 -31.24
C LEU A 402 21.42 46.97 -32.45
N TYR A 403 21.73 46.41 -33.61
CA TYR A 403 21.05 46.74 -34.87
C TYR A 403 20.19 45.57 -35.34
N LYS A 404 19.51 44.92 -34.41
CA LYS A 404 18.63 43.82 -34.74
C LYS A 404 17.59 44.23 -35.77
N ASN A 405 17.42 43.40 -36.79
CA ASN A 405 16.53 43.69 -37.91
C ASN A 405 16.89 45.02 -38.58
N ASP A 406 18.19 45.29 -38.69
CA ASP A 406 18.69 46.51 -39.30
C ASP A 406 20.04 46.22 -39.95
N PRO A 407 20.05 45.58 -41.12
CA PRO A 407 21.33 45.30 -41.77
C PRO A 407 22.00 46.53 -42.36
N MET A 408 21.25 47.41 -43.04
CA MET A 408 21.87 48.57 -43.65
C MET A 408 22.46 49.51 -42.60
N GLY A 409 21.73 49.75 -41.51
CA GLY A 409 22.26 50.59 -40.45
C GLY A 409 23.50 49.99 -39.81
N ALA A 410 23.49 48.66 -39.61
CA ALA A 410 24.68 48.00 -39.07
C ALA A 410 25.88 48.16 -40.00
N VAL A 411 25.65 48.00 -41.31
CA VAL A 411 26.74 48.17 -42.27
C VAL A 411 27.26 49.60 -42.24
N HIS A 412 26.36 50.58 -42.19
CA HIS A 412 26.77 51.97 -42.11
C HIS A 412 27.46 52.30 -40.79
N ASN A 413 27.23 51.50 -39.75
CA ASN A 413 27.79 51.75 -38.43
C ASN A 413 29.03 50.93 -38.14
N ILE A 414 29.59 50.24 -39.14
CA ILE A 414 30.82 49.50 -38.94
C ILE A 414 31.96 50.45 -38.61
N GLU A 415 32.04 51.57 -39.33
CA GLU A 415 33.11 52.54 -39.08
C GLU A 415 33.00 53.13 -37.68
N SER A 416 31.81 53.10 -37.08
CA SER A 416 31.66 53.60 -35.72
C SER A 416 32.46 52.77 -34.73
N LEU A 417 32.53 51.46 -34.94
CA LEU A 417 33.27 50.60 -34.03
C LEU A 417 34.75 50.95 -34.02
N ARG A 418 35.33 51.14 -35.21
CA ARG A 418 36.76 51.45 -35.35
C ARG A 418 37.64 50.44 -34.63
N MET B 1 -57.49 -50.98 -16.08
CA MET B 1 -57.55 -50.31 -17.37
C MET B 1 -56.71 -49.01 -17.49
N PRO B 2 -56.39 -48.32 -16.38
CA PRO B 2 -55.40 -47.23 -16.51
C PRO B 2 -54.06 -47.70 -17.03
N PHE B 3 -53.66 -48.93 -16.71
CA PHE B 3 -52.37 -49.48 -17.14
C PHE B 3 -52.54 -50.57 -18.18
N SER B 4 -53.44 -51.53 -17.95
CA SER B 4 -53.58 -52.66 -18.87
C SER B 4 -54.07 -52.20 -20.23
N ASP B 5 -55.11 -51.37 -20.26
CA ASP B 5 -55.66 -50.92 -21.54
C ASP B 5 -54.68 -50.00 -22.26
N PHE B 6 -54.08 -49.06 -21.54
CA PHE B 6 -53.20 -48.08 -22.17
C PHE B 6 -51.97 -48.73 -22.77
N VAL B 7 -51.37 -49.70 -22.06
CA VAL B 7 -50.16 -50.36 -22.55
C VAL B 7 -50.45 -51.09 -23.85
N LEU B 8 -51.55 -51.83 -23.91
CA LEU B 8 -51.87 -52.59 -25.11
C LEU B 8 -52.34 -51.69 -26.24
N ALA B 9 -53.10 -50.65 -25.92
CA ALA B 9 -53.62 -49.76 -26.96
C ALA B 9 -52.50 -49.01 -27.65
N LEU B 10 -51.51 -48.54 -26.90
CA LEU B 10 -50.39 -47.82 -27.49
C LEU B 10 -49.53 -48.71 -28.38
N LYS B 11 -49.59 -50.03 -28.20
CA LYS B 11 -48.86 -50.93 -29.08
C LYS B 11 -49.38 -50.91 -30.50
N ASP B 12 -50.62 -50.47 -30.71
CA ASP B 12 -51.22 -50.39 -32.04
C ASP B 12 -51.38 -48.94 -32.51
N ASN B 13 -50.66 -48.01 -31.90
CA ASN B 13 -50.76 -46.61 -32.28
C ASN B 13 -49.58 -46.26 -33.16
N PRO B 14 -49.78 -46.00 -34.46
CA PRO B 14 -48.64 -45.65 -35.32
C PRO B 14 -47.89 -44.41 -34.86
N TYR B 15 -48.60 -43.41 -34.34
CA TYR B 15 -47.94 -42.21 -33.85
C TYR B 15 -47.06 -42.52 -32.65
N PHE B 16 -47.55 -43.34 -31.72
CA PHE B 16 -46.75 -43.70 -30.56
C PHE B 16 -45.52 -44.49 -30.97
N GLY B 17 -45.68 -45.41 -31.91
CA GLY B 17 -44.53 -46.17 -32.38
C GLY B 17 -43.49 -45.29 -33.07
N ALA B 18 -43.95 -44.35 -33.89
CA ALA B 18 -43.03 -43.43 -34.55
C ALA B 18 -42.30 -42.56 -33.53
N GLY B 19 -43.02 -42.08 -32.52
CA GLY B 19 -42.38 -41.29 -31.48
C GLY B 19 -41.35 -42.08 -30.70
N PHE B 20 -41.68 -43.33 -30.36
CA PHE B 20 -40.73 -44.18 -29.66
C PHE B 20 -39.49 -44.44 -30.51
N GLY B 21 -39.69 -44.68 -31.80
CA GLY B 21 -38.55 -44.87 -32.69
C GLY B 21 -37.68 -43.64 -32.79
N LEU B 22 -38.30 -42.46 -32.88
CA LEU B 22 -37.54 -41.22 -32.94
C LEU B 22 -36.75 -41.00 -31.65
N VAL B 23 -37.37 -41.28 -30.50
CA VAL B 23 -36.67 -41.14 -29.23
C VAL B 23 -35.48 -42.09 -29.17
N GLY B 24 -35.69 -43.34 -29.60
CA GLY B 24 -34.58 -44.29 -29.64
C GLY B 24 -33.47 -43.85 -30.56
N VAL B 25 -33.82 -43.29 -31.72
CA VAL B 25 -32.82 -42.80 -32.65
C VAL B 25 -32.03 -41.66 -32.04
N GLY B 26 -32.72 -40.74 -31.37
CA GLY B 26 -32.02 -39.64 -30.72
C GLY B 26 -31.10 -40.11 -29.61
N THR B 27 -31.55 -41.08 -28.82
CA THR B 27 -30.71 -41.64 -27.76
C THR B 27 -29.48 -42.32 -28.36
N ALA B 28 -29.67 -43.07 -29.44
CA ALA B 28 -28.54 -43.72 -30.10
C ALA B 28 -27.57 -42.69 -30.65
N LEU B 29 -28.08 -41.59 -31.20
CA LEU B 29 -27.21 -40.54 -31.71
C LEU B 29 -26.41 -39.88 -30.59
N ALA B 30 -27.06 -39.64 -29.44
CA ALA B 30 -26.34 -39.06 -28.31
C ALA B 30 -25.26 -40.01 -27.80
N MET B 31 -25.57 -41.30 -27.70
CA MET B 31 -24.56 -42.28 -27.32
C MET B 31 -23.42 -42.32 -28.33
N ALA B 32 -23.74 -42.22 -29.62
CA ALA B 32 -22.70 -42.20 -30.65
C ALA B 32 -21.80 -40.98 -30.50
N ARG B 33 -22.40 -39.81 -30.22
CA ARG B 33 -21.61 -38.61 -30.02
C ARG B 33 -20.69 -38.75 -28.80
N LYS B 34 -21.21 -39.29 -27.70
CA LYS B 34 -20.39 -39.49 -26.52
C LYS B 34 -19.26 -40.47 -26.80
N GLY B 35 -19.55 -41.56 -27.51
CA GLY B 35 -18.51 -42.51 -27.86
C GLY B 35 -17.46 -41.92 -28.79
N ALA B 36 -17.89 -41.06 -29.72
CA ALA B 36 -16.93 -40.38 -30.58
C ALA B 36 -16.03 -39.46 -29.79
N GLN B 37 -16.60 -38.73 -28.83
CA GLN B 37 -15.77 -37.87 -27.98
C GLN B 37 -14.77 -38.70 -27.17
N LEU B 38 -15.23 -39.82 -26.61
CA LEU B 38 -14.33 -40.69 -25.85
C LEU B 38 -13.23 -41.26 -26.73
N GLY B 39 -13.58 -41.67 -27.95
CA GLY B 39 -12.57 -42.19 -28.86
C GLY B 39 -11.55 -41.14 -29.26
N LEU B 40 -12.01 -39.91 -29.50
CA LEU B 40 -11.07 -38.83 -29.81
C LEU B 40 -10.15 -38.56 -28.63
N VAL B 41 -10.70 -38.57 -27.42
CA VAL B 41 -9.88 -38.35 -26.23
C VAL B 41 -8.82 -39.45 -26.10
N ALA B 42 -9.24 -40.71 -26.29
CA ALA B 42 -8.29 -41.81 -26.19
C ALA B 42 -7.22 -41.73 -27.26
N PHE B 43 -7.61 -41.38 -28.50
CA PHE B 43 -6.65 -41.23 -29.57
C PHE B 43 -5.65 -40.13 -29.27
N ARG B 44 -6.15 -39.00 -28.74
CA ARG B 44 -5.25 -37.92 -28.35
C ARG B 44 -4.30 -38.36 -27.26
N ARG B 45 -4.79 -39.15 -26.30
CA ARG B 45 -3.96 -39.57 -25.18
C ARG B 45 -2.89 -40.57 -25.62
N HIS B 46 -3.21 -41.45 -26.58
CA HIS B 46 -2.32 -42.55 -26.90
C HIS B 46 -1.54 -42.40 -28.20
N TYR B 47 -1.80 -41.37 -29.01
CA TYR B 47 -1.12 -41.25 -30.29
C TYR B 47 -0.72 -39.82 -30.60
N MET B 48 -0.69 -38.93 -29.60
CA MET B 48 -0.29 -37.56 -29.82
C MET B 48 0.65 -37.12 -28.71
N ILE B 49 1.45 -36.10 -29.01
CA ILE B 49 2.39 -35.50 -28.07
C ILE B 49 2.05 -34.02 -27.95
N THR B 50 2.02 -33.53 -26.73
CA THR B 50 1.63 -32.15 -26.47
C THR B 50 2.61 -31.50 -25.50
N LEU B 51 2.83 -30.20 -25.68
CA LEU B 51 3.64 -29.40 -24.77
C LEU B 51 2.96 -28.07 -24.56
N GLU B 52 2.48 -27.83 -23.34
CA GLU B 52 1.74 -26.63 -22.99
C GLU B 52 2.65 -25.71 -22.17
N VAL B 53 2.80 -24.48 -22.62
CA VAL B 53 3.68 -23.51 -21.99
C VAL B 53 2.84 -22.29 -21.60
N PRO B 54 2.66 -22.03 -20.32
CA PRO B 54 1.90 -20.83 -19.90
C PRO B 54 2.72 -19.57 -20.11
N ALA B 55 2.01 -18.45 -20.13
CA ALA B 55 2.67 -17.16 -20.33
C ALA B 55 3.56 -16.81 -19.15
N ARG B 56 3.24 -17.33 -17.96
CA ARG B 56 4.06 -17.06 -16.79
C ARG B 56 5.48 -17.58 -16.96
N ASP B 57 5.63 -18.76 -17.53
CA ASP B 57 6.95 -19.31 -17.77
C ASP B 57 7.71 -18.48 -18.78
N ARG B 58 9.03 -18.42 -18.62
CA ARG B 58 9.86 -17.61 -19.50
C ARG B 58 10.08 -18.26 -20.86
N SER B 59 9.77 -19.55 -21.00
CA SER B 59 9.94 -20.20 -22.29
C SER B 59 8.90 -19.75 -23.31
N TYR B 60 7.87 -19.03 -22.87
CA TYR B 60 6.84 -18.55 -23.81
C TYR B 60 7.43 -17.60 -24.85
N ALA B 61 8.15 -16.57 -24.38
CA ALA B 61 8.74 -15.61 -25.31
C ALA B 61 9.81 -16.27 -26.16
N TRP B 62 10.62 -17.15 -25.57
CA TRP B 62 11.68 -17.80 -26.33
C TRP B 62 11.09 -18.67 -27.44
N LEU B 63 10.05 -19.44 -27.12
CA LEU B 63 9.41 -20.28 -28.13
C LEU B 63 8.77 -19.44 -29.22
N LEU B 64 8.14 -18.32 -28.85
CA LEU B 64 7.52 -17.48 -29.86
C LEU B 64 8.56 -16.85 -30.78
N SER B 65 9.69 -16.41 -30.22
CA SER B 65 10.76 -15.88 -31.07
C SER B 65 11.33 -16.95 -31.98
N TRP B 66 11.53 -18.15 -31.45
CA TRP B 66 12.02 -19.25 -32.28
C TRP B 66 11.05 -19.56 -33.40
N LEU B 67 9.74 -19.51 -33.11
CA LEU B 67 8.74 -19.75 -34.13
C LEU B 67 8.80 -18.67 -35.21
N THR B 68 8.86 -17.40 -34.81
CA THR B 68 8.89 -16.32 -35.78
C THR B 68 10.18 -16.30 -36.57
N ARG B 69 11.24 -16.94 -36.08
CA ARG B 69 12.45 -17.07 -36.88
C ARG B 69 12.35 -18.26 -37.83
N HIS B 70 11.91 -19.42 -37.32
CA HIS B 70 11.86 -20.62 -38.15
C HIS B 70 10.88 -20.46 -39.30
N SER B 71 9.71 -19.91 -39.02
CA SER B 71 8.69 -19.69 -40.05
C SER B 71 8.72 -18.22 -40.43
N THR B 72 9.58 -17.89 -41.39
CA THR B 72 9.74 -16.50 -41.80
C THR B 72 8.47 -15.95 -42.42
N ARG B 73 7.79 -16.75 -43.25
CA ARG B 73 6.60 -16.31 -43.96
C ARG B 73 5.36 -16.76 -43.19
N THR B 74 5.06 -16.05 -42.11
CA THR B 74 3.85 -16.27 -41.32
C THR B 74 2.85 -15.19 -41.69
N GLN B 75 1.78 -15.58 -42.38
CA GLN B 75 0.79 -14.61 -42.83
C GLN B 75 0.08 -13.95 -41.64
N HIS B 76 -0.13 -14.70 -40.57
CA HIS B 76 -0.79 -14.19 -39.38
C HIS B 76 0.24 -13.97 -38.29
N LEU B 77 0.32 -12.75 -37.77
CA LEU B 77 1.32 -12.43 -36.77
C LEU B 77 0.88 -11.19 -36.00
N SER B 78 1.50 -10.99 -34.85
CA SER B 78 1.28 -9.82 -34.01
C SER B 78 2.59 -9.06 -33.89
N VAL B 79 2.52 -7.90 -33.25
CA VAL B 79 3.69 -7.03 -33.14
C VAL B 79 3.94 -6.71 -31.67
N GLU B 80 5.23 -6.72 -31.30
CA GLU B 80 5.67 -6.33 -29.97
C GLU B 80 6.70 -5.23 -30.14
N THR B 81 6.44 -4.07 -29.55
CA THR B 81 7.29 -2.89 -29.70
C THR B 81 8.12 -2.68 -28.44
N SER B 82 9.44 -2.59 -28.61
CA SER B 82 10.34 -2.27 -27.51
C SER B 82 10.68 -0.79 -27.58
N TYR B 83 10.09 -0.01 -26.68
CA TYR B 83 10.28 1.44 -26.66
C TYR B 83 10.95 1.82 -25.36
N LEU B 84 12.06 2.56 -25.46
CA LEU B 84 12.78 3.01 -24.29
C LEU B 84 13.29 4.42 -24.53
N GLN B 85 12.84 5.36 -23.71
CA GLN B 85 13.27 6.75 -23.78
C GLN B 85 14.41 6.94 -22.77
N HIS B 86 15.63 6.90 -23.26
CA HIS B 86 16.79 7.10 -22.41
C HIS B 86 16.85 8.55 -21.94
N GLU B 87 17.64 8.78 -20.88
CA GLU B 87 17.86 10.15 -20.42
C GLU B 87 18.47 10.98 -21.53
N SER B 88 18.28 12.30 -21.43
CA SER B 88 18.63 13.29 -22.45
C SER B 88 17.74 13.17 -23.67
N GLY B 89 16.56 12.56 -23.54
CA GLY B 89 15.61 12.50 -24.62
C GLY B 89 16.04 11.67 -25.81
N ARG B 90 16.64 10.50 -25.54
CA ARG B 90 17.04 9.58 -26.59
C ARG B 90 16.02 8.44 -26.63
N ILE B 91 15.34 8.29 -27.77
CA ILE B 91 14.27 7.31 -27.91
C ILE B 91 14.78 6.15 -28.76
N SER B 92 14.66 4.94 -28.23
CA SER B 92 15.04 3.73 -28.94
C SER B 92 13.80 2.89 -29.19
N THR B 93 13.56 2.53 -30.45
CA THR B 93 12.40 1.75 -30.83
C THR B 93 12.83 0.59 -31.71
N LYS B 94 12.12 -0.52 -31.57
CA LYS B 94 12.37 -1.71 -32.38
C LYS B 94 11.12 -2.57 -32.39
N PHE B 95 10.75 -3.04 -33.58
CA PHE B 95 9.58 -3.86 -33.77
C PHE B 95 9.98 -5.32 -33.79
N GLU B 96 9.46 -6.09 -32.84
CA GLU B 96 9.62 -7.54 -32.81
C GLU B 96 8.29 -8.16 -33.17
N PHE B 97 8.28 -9.00 -34.21
CA PHE B 97 7.06 -9.59 -34.73
C PHE B 97 6.87 -10.98 -34.16
N ILE B 98 5.64 -11.26 -33.72
CA ILE B 98 5.34 -12.48 -32.98
C ILE B 98 4.13 -13.14 -33.59
N PRO B 99 4.06 -14.47 -33.53
CA PRO B 99 2.88 -15.17 -34.07
C PRO B 99 1.61 -14.71 -33.40
N SER B 100 0.56 -14.54 -34.21
CA SER B 100 -0.73 -14.08 -33.74
C SER B 100 -1.49 -15.19 -33.04
N PRO B 101 -2.42 -14.85 -32.15
CA PRO B 101 -3.25 -15.88 -31.53
C PRO B 101 -4.06 -16.65 -32.57
N GLY B 102 -4.22 -17.95 -32.35
CA GLY B 102 -4.93 -18.82 -33.25
C GLY B 102 -4.17 -20.11 -33.46
N ASN B 103 -4.29 -20.65 -34.66
CA ASN B 103 -3.64 -21.90 -35.03
C ASN B 103 -2.59 -21.64 -36.10
N HIS B 104 -1.40 -22.21 -35.90
CA HIS B 104 -0.33 -22.14 -36.88
C HIS B 104 0.27 -23.52 -37.07
N PHE B 105 0.78 -23.75 -38.28
CA PHE B 105 1.39 -25.02 -38.64
C PHE B 105 2.82 -24.80 -39.09
N ILE B 106 3.74 -25.60 -38.56
CA ILE B 106 5.16 -25.52 -38.88
C ILE B 106 5.64 -26.89 -39.29
N TRP B 107 6.84 -26.92 -39.86
CA TRP B 107 7.46 -28.16 -40.32
C TRP B 107 8.83 -28.28 -39.66
N TYR B 108 8.93 -29.15 -38.66
CA TYR B 108 10.17 -29.40 -37.96
C TYR B 108 10.52 -30.88 -38.06
N GLN B 109 11.79 -31.17 -38.37
CA GLN B 109 12.25 -32.52 -38.69
C GLN B 109 11.37 -33.03 -39.83
N GLY B 110 10.76 -34.20 -39.72
CA GLY B 110 9.84 -34.67 -40.73
C GLY B 110 8.43 -34.75 -40.21
N LYS B 111 8.08 -33.87 -39.29
CA LYS B 111 6.78 -33.90 -38.62
C LYS B 111 6.08 -32.56 -38.77
N TRP B 112 4.77 -32.61 -38.95
CA TRP B 112 3.94 -31.41 -38.97
C TRP B 112 3.47 -31.11 -37.56
N ILE B 113 3.90 -29.99 -37.00
CA ILE B 113 3.59 -29.60 -35.63
C ILE B 113 2.56 -28.49 -35.66
N ARG B 114 1.49 -28.67 -34.89
CA ARG B 114 0.41 -27.69 -34.79
C ARG B 114 0.68 -26.82 -33.57
N VAL B 115 0.79 -25.52 -33.79
CA VAL B 115 1.06 -24.56 -32.73
C VAL B 115 -0.22 -23.79 -32.43
N GLU B 116 -0.62 -23.77 -31.16
CA GLU B 116 -1.84 -23.10 -30.73
C GLU B 116 -1.49 -22.05 -29.68
N ARG B 117 -1.57 -20.79 -30.08
CA ARG B 117 -1.41 -19.67 -29.14
C ARG B 117 -2.81 -19.18 -28.80
N ASN B 118 -3.29 -19.54 -27.60
CA ASN B 118 -4.63 -19.20 -27.16
C ASN B 118 -4.57 -18.12 -26.10
N ARG B 119 -5.48 -17.16 -26.18
CA ARG B 119 -5.61 -16.09 -25.19
C ARG B 119 -7.01 -16.19 -24.59
N ASP B 120 -7.10 -16.78 -23.41
CA ASP B 120 -8.40 -16.96 -22.76
C ASP B 120 -8.97 -15.60 -22.37
N MET B 121 -10.02 -15.19 -23.06
CA MET B 121 -10.63 -13.87 -22.85
C MET B 121 -11.63 -13.88 -21.71
N GLN B 122 -11.25 -14.47 -20.57
CA GLN B 122 -12.14 -14.56 -19.42
C GLN B 122 -11.59 -13.84 -18.20
N MET B 123 -10.35 -14.12 -17.78
CA MET B 123 -9.75 -13.44 -16.65
C MET B 123 -8.56 -12.60 -17.10
N VAL B 124 -7.96 -11.92 -16.13
CA VAL B 124 -6.75 -11.14 -16.33
C VAL B 124 -5.72 -11.63 -15.33
N ASP B 125 -4.49 -11.85 -15.79
CA ASP B 125 -3.41 -12.24 -14.89
C ASP B 125 -3.13 -11.11 -13.90
N LEU B 126 -3.05 -11.45 -12.62
CA LEU B 126 -2.83 -10.45 -11.59
C LEU B 126 -1.38 -9.97 -11.53
N GLN B 127 -0.43 -10.82 -11.88
CA GLN B 127 0.99 -10.47 -11.79
C GLN B 127 1.49 -9.69 -12.99
N THR B 128 0.68 -9.57 -14.06
CA THR B 128 1.13 -8.88 -15.26
C THR B 128 0.09 -7.84 -15.68
N GLY B 129 -1.18 -8.10 -15.37
CA GLY B 129 -2.24 -7.25 -15.85
C GLY B 129 -2.70 -7.57 -17.26
N THR B 130 -2.26 -8.68 -17.82
CA THR B 130 -2.60 -9.10 -19.17
C THR B 130 -3.49 -10.34 -19.10
N PRO B 131 -4.29 -10.59 -20.13
CA PRO B 131 -5.08 -11.83 -20.16
C PRO B 131 -4.17 -13.06 -20.18
N TRP B 132 -4.72 -14.16 -19.70
CA TRP B 132 -3.96 -15.41 -19.59
C TRP B 132 -3.73 -15.98 -20.98
N GLU B 133 -2.47 -16.11 -21.36
CA GLU B 133 -2.09 -16.67 -22.65
C GLU B 133 -1.25 -17.92 -22.46
N SER B 134 -1.24 -18.77 -23.48
CA SER B 134 -0.43 -19.99 -23.48
C SER B 134 -0.19 -20.42 -24.91
N VAL B 135 0.84 -21.24 -25.09
CA VAL B 135 1.19 -21.81 -26.38
C VAL B 135 1.25 -23.33 -26.24
N THR B 136 0.64 -24.04 -27.19
CA THR B 136 0.57 -25.49 -27.15
C THR B 136 1.11 -26.05 -28.46
N PHE B 137 2.01 -27.02 -28.36
CA PHE B 137 2.55 -27.72 -29.52
C PHE B 137 1.95 -29.11 -29.59
N THR B 138 1.37 -29.46 -30.72
CA THR B 138 0.75 -30.76 -30.92
C THR B 138 1.32 -31.43 -32.16
N ALA B 139 1.56 -32.73 -32.06
CA ALA B 139 2.14 -33.47 -33.17
C ALA B 139 1.73 -34.94 -33.06
N LEU B 140 1.91 -35.65 -34.16
CA LEU B 140 1.58 -37.08 -34.23
C LEU B 140 2.81 -37.91 -33.93
N GLY B 141 2.67 -38.88 -33.02
CA GLY B 141 3.73 -39.78 -32.67
C GLY B 141 3.79 -39.97 -31.18
N THR B 142 4.82 -40.69 -30.72
CA THR B 142 4.99 -40.96 -29.30
C THR B 142 6.39 -40.60 -28.80
N ASP B 143 7.10 -39.73 -29.50
CA ASP B 143 8.44 -39.32 -29.12
C ASP B 143 8.44 -37.87 -28.66
N ARG B 144 8.99 -37.62 -27.48
CA ARG B 144 9.04 -36.29 -26.91
C ARG B 144 10.33 -35.55 -27.24
N LYS B 145 11.23 -36.17 -28.00
CA LYS B 145 12.52 -35.55 -28.28
C LYS B 145 12.38 -34.30 -29.13
N VAL B 146 11.35 -34.24 -29.96
CA VAL B 146 11.17 -33.08 -30.84
C VAL B 146 10.96 -31.82 -30.02
N PHE B 147 10.07 -31.89 -29.02
CA PHE B 147 9.82 -30.73 -28.18
C PHE B 147 11.04 -30.37 -27.36
N PHE B 148 11.79 -31.36 -26.90
CA PHE B 148 13.01 -31.08 -26.14
C PHE B 148 14.01 -30.32 -27.00
N ASN B 149 14.19 -30.76 -28.25
CA ASN B 149 15.11 -30.09 -29.16
C ASN B 149 14.63 -28.67 -29.45
N ILE B 150 13.33 -28.50 -29.65
CA ILE B 150 12.79 -27.17 -29.94
C ILE B 150 13.03 -26.23 -28.76
N LEU B 151 12.78 -26.71 -27.54
CA LEU B 151 13.01 -25.88 -26.36
C LEU B 151 14.49 -25.55 -26.21
N GLU B 152 15.37 -26.52 -26.46
CA GLU B 152 16.80 -26.24 -26.36
C GLU B 152 17.23 -25.20 -27.37
N GLU B 153 16.73 -25.31 -28.61
CA GLU B 153 17.07 -24.33 -29.63
C GLU B 153 16.56 -22.94 -29.25
N ALA B 154 15.33 -22.86 -28.73
CA ALA B 154 14.80 -21.58 -28.32
C ALA B 154 15.61 -20.97 -27.18
N ARG B 155 16.00 -21.79 -26.21
CA ARG B 155 16.81 -21.29 -25.10
C ARG B 155 18.17 -20.79 -25.60
N ALA B 156 18.80 -21.54 -26.50
CA ALA B 156 20.09 -21.13 -27.05
C ALA B 156 19.96 -19.83 -27.81
N LEU B 157 18.89 -19.68 -28.59
CA LEU B 157 18.68 -18.44 -29.33
C LEU B 157 18.44 -17.27 -28.38
N ALA B 158 17.67 -17.49 -27.32
CA ALA B 158 17.41 -16.42 -26.36
C ALA B 158 18.68 -15.99 -25.65
N LEU B 159 19.53 -16.94 -25.27
CA LEU B 159 20.73 -16.60 -24.51
C LEU B 159 21.82 -16.01 -25.39
N GLN B 160 21.75 -16.21 -26.71
CA GLN B 160 22.79 -15.68 -27.59
C GLN B 160 22.69 -14.17 -27.77
N GLN B 161 21.54 -13.58 -27.43
CA GLN B 161 21.36 -12.14 -27.54
C GLN B 161 21.76 -11.40 -26.27
N GLU B 162 22.26 -12.11 -25.25
CA GLU B 162 22.66 -11.50 -24.00
C GLU B 162 24.18 -11.44 -23.93
N GLU B 163 24.72 -10.25 -23.66
CA GLU B 163 26.15 -10.03 -23.57
C GLU B 163 26.56 -9.97 -22.11
N GLY B 164 27.53 -10.81 -21.73
CA GLY B 164 27.99 -10.83 -20.36
C GLY B 164 28.71 -9.54 -19.98
N LYS B 165 28.64 -9.21 -18.70
CA LYS B 165 29.26 -8.01 -18.17
C LYS B 165 29.99 -8.33 -16.88
N THR B 166 30.99 -7.51 -16.56
CA THR B 166 31.76 -7.62 -15.33
C THR B 166 31.38 -6.46 -14.42
N VAL B 167 31.08 -6.78 -13.17
CA VAL B 167 30.67 -5.77 -12.19
C VAL B 167 31.78 -5.56 -11.18
N MET B 168 32.19 -4.32 -10.99
CA MET B 168 33.19 -3.97 -9.99
C MET B 168 32.49 -3.64 -8.68
N TYR B 169 32.94 -4.28 -7.61
CA TYR B 169 32.42 -4.04 -6.26
C TYR B 169 33.45 -3.27 -5.46
N THR B 170 33.12 -2.04 -5.09
CA THR B 170 33.98 -1.23 -4.23
C THR B 170 33.51 -1.35 -2.79
N ALA B 171 34.40 -0.97 -1.87
CA ALA B 171 34.14 -1.09 -0.45
C ALA B 171 34.15 0.29 0.19
N VAL B 172 33.05 0.65 0.85
CA VAL B 172 32.96 1.86 1.66
C VAL B 172 32.55 1.42 3.07
N GLY B 173 33.19 2.00 4.08
CA GLY B 173 32.96 1.57 5.44
C GLY B 173 33.26 0.09 5.62
N SER B 174 32.23 -0.68 5.95
CA SER B 174 32.33 -2.13 6.08
C SER B 174 31.29 -2.82 5.20
N GLU B 175 31.14 -2.36 3.97
CA GLU B 175 30.16 -2.89 3.05
C GLU B 175 30.71 -2.86 1.63
N TRP B 176 30.22 -3.78 0.79
CA TRP B 176 30.56 -3.83 -0.61
C TRP B 176 29.47 -3.14 -1.43
N ARG B 177 29.88 -2.23 -2.31
CA ARG B 177 28.95 -1.46 -3.12
C ARG B 177 29.26 -1.64 -4.59
N THR B 178 28.21 -1.60 -5.41
CA THR B 178 28.33 -1.74 -6.85
C THR B 178 28.82 -0.41 -7.41
N PHE B 179 30.11 -0.32 -7.70
CA PHE B 179 30.69 0.90 -8.22
C PHE B 179 30.48 1.00 -9.73
N GLY B 180 29.96 2.13 -10.17
CA GLY B 180 29.77 2.35 -11.59
C GLY B 180 28.67 1.48 -12.18
N TYR B 181 28.79 1.24 -13.48
CA TYR B 181 27.85 0.44 -14.25
C TYR B 181 28.54 -0.82 -14.75
N PRO B 182 27.78 -1.85 -15.11
CA PRO B 182 28.39 -3.05 -15.69
C PRO B 182 29.26 -2.72 -16.89
N ARG B 183 30.43 -3.35 -16.95
CA ARG B 183 31.42 -3.07 -17.97
C ARG B 183 31.51 -4.21 -18.97
N ARG B 184 31.89 -3.87 -20.19
CA ARG B 184 32.14 -4.88 -21.21
C ARG B 184 33.34 -5.73 -20.81
N ARG B 185 33.21 -7.04 -21.02
CA ARG B 185 34.26 -7.97 -20.63
C ARG B 185 35.37 -7.97 -21.67
N ARG B 186 36.57 -7.64 -21.23
CA ARG B 186 37.72 -7.64 -22.13
C ARG B 186 38.06 -9.07 -22.52
N PRO B 187 38.21 -9.38 -23.80
CA PRO B 187 38.57 -10.74 -24.21
C PRO B 187 39.91 -11.15 -23.63
N LEU B 188 40.02 -12.44 -23.28
CA LEU B 188 41.24 -12.93 -22.66
C LEU B 188 42.43 -12.85 -23.61
N ASP B 189 42.22 -13.16 -24.89
CA ASP B 189 43.33 -13.13 -25.85
C ASP B 189 43.84 -11.73 -26.08
N SER B 190 43.08 -10.70 -25.71
CA SER B 190 43.55 -9.33 -25.86
C SER B 190 44.78 -9.08 -25.01
N VAL B 191 44.80 -9.61 -23.79
CA VAL B 191 45.95 -9.46 -22.91
C VAL B 191 46.90 -10.63 -23.13
N VAL B 192 48.14 -10.33 -23.51
CA VAL B 192 49.15 -11.36 -23.71
C VAL B 192 50.27 -11.16 -22.69
N LEU B 193 50.40 -12.10 -21.75
CA LEU B 193 51.42 -11.97 -20.71
C LEU B 193 52.70 -12.70 -21.07
N GLN B 194 52.61 -13.99 -21.38
CA GLN B 194 53.80 -14.80 -21.62
C GLN B 194 53.37 -16.00 -22.45
N GLN B 195 54.31 -16.93 -22.63
CA GLN B 195 54.07 -18.09 -23.50
C GLN B 195 52.95 -18.98 -22.97
N GLY B 196 52.97 -19.27 -21.67
CA GLY B 196 52.00 -20.19 -21.11
C GLY B 196 51.51 -19.83 -19.72
N LEU B 197 51.85 -18.64 -19.25
CA LEU B 197 51.39 -18.22 -17.93
C LEU B 197 49.87 -18.11 -17.87
N ALA B 198 49.25 -17.53 -18.90
CA ALA B 198 47.80 -17.42 -18.91
C ALA B 198 47.15 -18.80 -18.93
N ASP B 199 47.68 -19.72 -19.74
CA ASP B 199 47.14 -21.07 -19.77
C ASP B 199 47.28 -21.77 -18.43
N ARG B 200 48.44 -21.63 -17.79
CA ARG B 200 48.65 -22.26 -16.49
C ARG B 200 47.67 -21.72 -15.46
N ILE B 201 47.51 -20.40 -15.42
CA ILE B 201 46.62 -19.79 -14.44
C ILE B 201 45.18 -20.21 -14.69
N VAL B 202 44.75 -20.19 -15.96
CA VAL B 202 43.39 -20.58 -16.29
C VAL B 202 43.14 -22.03 -15.93
N LYS B 203 44.09 -22.91 -16.23
CA LYS B 203 43.93 -24.32 -15.91
C LYS B 203 43.85 -24.53 -14.40
N ASP B 204 44.70 -23.85 -13.64
CA ASP B 204 44.64 -23.98 -12.18
C ASP B 204 43.31 -23.50 -11.65
N ILE B 205 42.82 -22.37 -12.14
CA ILE B 205 41.55 -21.83 -11.66
C ILE B 205 40.40 -22.77 -12.02
N ARG B 206 40.40 -23.31 -13.23
CA ARG B 206 39.35 -24.24 -13.63
C ARG B 206 39.38 -25.50 -12.78
N GLU B 207 40.58 -26.02 -12.49
CA GLU B 207 40.69 -27.19 -11.64
C GLU B 207 40.16 -26.89 -10.23
N PHE B 208 40.51 -25.72 -9.69
CA PHE B 208 40.06 -25.38 -8.35
C PHE B 208 38.53 -25.23 -8.31
N ILE B 209 37.95 -24.58 -9.31
CA ILE B 209 36.51 -24.34 -9.31
C ILE B 209 35.74 -25.63 -9.54
N ASP B 210 36.18 -26.44 -10.50
CA ASP B 210 35.42 -27.60 -10.96
C ASP B 210 35.54 -28.80 -10.03
N ASN B 211 36.28 -28.68 -8.93
CA ASN B 211 36.42 -29.78 -7.98
C ASN B 211 36.13 -29.29 -6.56
N PRO B 212 34.87 -28.93 -6.27
CA PRO B 212 34.54 -28.54 -4.89
C PRO B 212 34.41 -29.73 -3.96
N LYS B 213 34.09 -30.91 -4.49
CA LYS B 213 33.94 -32.09 -3.66
C LYS B 213 35.28 -32.49 -3.04
N TRP B 214 36.38 -32.19 -3.72
CA TRP B 214 37.70 -32.54 -3.19
C TRP B 214 37.99 -31.81 -1.89
N TYR B 215 37.63 -30.52 -1.82
CA TYR B 215 37.97 -29.72 -0.65
C TYR B 215 37.08 -30.07 0.55
N ILE B 216 35.77 -30.24 0.30
CA ILE B 216 34.85 -30.45 1.40
C ILE B 216 35.07 -31.81 2.05
N ASP B 217 35.37 -32.83 1.24
CA ASP B 217 35.53 -34.17 1.80
C ASP B 217 36.78 -34.27 2.68
N ARG B 218 37.84 -33.56 2.32
CA ARG B 218 39.07 -33.59 3.11
C ARG B 218 39.07 -32.55 4.23
N GLY B 219 38.00 -31.78 4.37
CA GLY B 219 37.92 -30.79 5.44
C GLY B 219 38.95 -29.69 5.32
N ILE B 220 39.23 -29.24 4.10
CA ILE B 220 40.17 -28.15 3.85
C ILE B 220 39.38 -26.97 3.31
N PRO B 221 39.68 -25.74 3.72
CA PRO B 221 38.91 -24.59 3.24
C PRO B 221 38.94 -24.47 1.73
N TYR B 222 37.81 -24.08 1.15
CA TYR B 222 37.67 -23.92 -0.30
C TYR B 222 38.15 -22.53 -0.72
N ARG B 223 39.40 -22.24 -0.35
CA ARG B 223 40.00 -20.93 -0.57
C ARG B 223 41.33 -21.09 -1.27
N ARG B 224 41.59 -20.23 -2.26
CA ARG B 224 42.83 -20.25 -3.00
C ARG B 224 43.27 -18.82 -3.27
N GLY B 225 44.58 -18.63 -3.34
CA GLY B 225 45.14 -17.31 -3.58
C GLY B 225 46.26 -17.30 -4.61
N TYR B 226 46.37 -16.21 -5.36
CA TYR B 226 47.39 -16.06 -6.39
C TYR B 226 48.12 -14.74 -6.20
N LEU B 227 49.39 -14.72 -6.61
CA LEU B 227 50.21 -13.52 -6.53
C LEU B 227 50.85 -13.27 -7.89
N LEU B 228 50.82 -12.01 -8.33
CA LEU B 228 51.44 -11.59 -9.58
C LEU B 228 52.37 -10.41 -9.28
N TYR B 229 53.66 -10.62 -9.48
CA TYR B 229 54.67 -9.61 -9.21
C TYR B 229 55.47 -9.34 -10.47
N GLY B 230 55.69 -8.06 -10.78
CA GLY B 230 56.42 -7.67 -11.96
C GLY B 230 56.49 -6.17 -12.09
N PRO B 231 57.11 -5.70 -13.18
CA PRO B 231 57.21 -4.26 -13.40
C PRO B 231 55.84 -3.65 -13.57
N PRO B 232 55.66 -2.38 -13.19
CA PRO B 232 54.35 -1.75 -13.36
C PRO B 232 53.99 -1.60 -14.83
N GLY B 233 52.69 -1.61 -15.10
CA GLY B 233 52.22 -1.49 -16.46
C GLY B 233 52.43 -2.73 -17.30
N CYS B 234 52.59 -3.89 -16.68
CA CYS B 234 52.79 -5.13 -17.41
C CYS B 234 51.49 -5.85 -17.74
N GLY B 235 50.35 -5.32 -17.30
CA GLY B 235 49.07 -5.91 -17.65
C GLY B 235 48.53 -6.88 -16.64
N LYS B 236 48.70 -6.56 -15.36
CA LYS B 236 48.23 -7.45 -14.30
C LYS B 236 46.74 -7.27 -14.06
N SER B 237 46.31 -6.04 -13.77
CA SER B 237 44.90 -5.78 -13.52
C SER B 237 44.06 -6.10 -14.74
N SER B 238 44.57 -5.79 -15.93
CA SER B 238 43.86 -6.13 -17.16
C SER B 238 43.66 -7.64 -17.28
N PHE B 239 44.70 -8.41 -16.97
CA PHE B 239 44.55 -9.87 -17.02
C PHE B 239 43.56 -10.36 -15.98
N ILE B 240 43.55 -9.75 -14.80
CA ILE B 240 42.59 -10.14 -13.76
C ILE B 240 41.17 -9.89 -14.26
N THR B 241 40.94 -8.72 -14.87
CA THR B 241 39.62 -8.42 -15.40
C THR B 241 39.22 -9.39 -16.50
N ALA B 242 40.16 -9.71 -17.40
CA ALA B 242 39.85 -10.64 -18.47
C ALA B 242 39.52 -12.02 -17.93
N LEU B 243 40.27 -12.48 -16.93
CA LEU B 243 40.01 -13.78 -16.33
C LEU B 243 38.64 -13.80 -15.64
N ALA B 244 38.30 -12.71 -14.94
CA ALA B 244 36.98 -12.63 -14.31
C ALA B 244 35.87 -12.66 -15.35
N GLY B 245 36.07 -11.95 -16.46
CA GLY B 245 35.08 -11.99 -17.53
C GLY B 245 34.94 -13.38 -18.12
N GLU B 246 36.05 -14.09 -18.28
CA GLU B 246 36.00 -15.45 -18.80
C GLU B 246 35.26 -16.37 -17.83
N LEU B 247 35.49 -16.21 -16.53
CA LEU B 247 34.83 -17.03 -15.52
C LEU B 247 33.46 -16.50 -15.13
N GLU B 248 33.00 -15.40 -15.73
CA GLU B 248 31.74 -14.74 -15.43
C GLU B 248 31.63 -14.29 -13.99
N HIS B 249 32.76 -14.13 -13.30
CA HIS B 249 32.75 -13.64 -11.93
C HIS B 249 32.78 -12.12 -11.92
N SER B 250 32.83 -11.55 -10.71
CA SER B 250 32.89 -10.10 -10.53
C SER B 250 34.10 -9.77 -9.65
N ILE B 251 34.84 -8.75 -10.04
CA ILE B 251 36.01 -8.34 -9.28
C ILE B 251 35.59 -7.38 -8.17
N CYS B 252 36.11 -7.60 -6.97
CA CYS B 252 35.88 -6.72 -5.83
C CYS B 252 37.21 -6.02 -5.55
N LEU B 253 37.44 -4.91 -6.25
CA LEU B 253 38.68 -4.18 -6.12
C LEU B 253 38.73 -3.45 -4.78
N LEU B 254 39.85 -3.61 -4.07
CA LEU B 254 40.06 -2.94 -2.80
C LEU B 254 41.50 -2.49 -2.70
N SER B 255 41.70 -1.24 -2.31
CA SER B 255 43.04 -0.66 -2.17
C SER B 255 43.40 -0.66 -0.68
N LEU B 256 44.19 -1.66 -0.27
CA LEU B 256 44.63 -1.72 1.12
C LEU B 256 45.66 -0.65 1.45
N THR B 257 46.23 0.01 0.44
CA THR B 257 47.18 1.09 0.71
C THR B 257 46.50 2.27 1.39
N ASP B 258 45.18 2.38 1.28
CA ASP B 258 44.46 3.43 1.97
C ASP B 258 44.37 3.12 3.47
N SER B 259 44.47 4.16 4.29
CA SER B 259 44.38 4.01 5.73
C SER B 259 42.96 4.05 6.25
N SER B 260 41.96 4.18 5.37
CA SER B 260 40.58 4.23 5.82
C SER B 260 40.17 2.93 6.50
N LEU B 261 40.59 1.80 5.96
CA LEU B 261 40.20 0.50 6.50
C LEU B 261 41.27 0.00 7.48
N SER B 262 40.81 -0.72 8.50
CA SER B 262 41.68 -1.30 9.50
C SER B 262 41.75 -2.82 9.32
N ASP B 263 42.50 -3.47 10.20
CA ASP B 263 42.63 -4.93 10.12
C ASP B 263 41.27 -5.61 10.32
N ASP B 264 40.53 -5.19 11.35
CA ASP B 264 39.19 -5.74 11.55
C ASP B 264 38.26 -5.37 10.40
N ARG B 265 38.36 -4.14 9.91
CA ARG B 265 37.56 -3.74 8.76
C ARG B 265 37.93 -4.55 7.53
N LEU B 266 39.23 -4.79 7.33
CA LEU B 266 39.66 -5.61 6.20
C LEU B 266 39.12 -7.02 6.31
N ASN B 267 39.18 -7.61 7.51
CA ASN B 267 38.65 -8.96 7.70
C ASN B 267 37.15 -9.00 7.44
N HIS B 268 36.41 -7.99 7.91
CA HIS B 268 34.98 -7.96 7.68
C HIS B 268 34.66 -7.84 6.20
N LEU B 269 35.39 -6.97 5.49
CA LEU B 269 35.15 -6.80 4.05
C LEU B 269 35.48 -8.08 3.29
N LEU B 270 36.59 -8.73 3.65
CA LEU B 270 36.98 -9.96 2.97
C LEU B 270 36.05 -11.12 3.30
N SER B 271 35.39 -11.09 4.45
CA SER B 271 34.49 -12.16 4.84
C SER B 271 33.11 -12.01 4.22
N VAL B 272 32.70 -10.78 3.92
CA VAL B 272 31.36 -10.52 3.40
C VAL B 272 31.38 -10.33 1.88
N ALA B 273 32.44 -10.78 1.21
CA ALA B 273 32.53 -10.61 -0.24
C ALA B 273 31.41 -11.37 -0.92
N PRO B 274 30.85 -10.83 -2.02
CA PRO B 274 29.75 -11.51 -2.70
C PRO B 274 30.16 -12.85 -3.26
N GLN B 275 29.19 -13.75 -3.34
CA GLN B 275 29.44 -15.08 -3.87
C GLN B 275 29.75 -15.01 -5.36
N GLN B 276 30.55 -15.98 -5.83
CA GLN B 276 30.97 -16.06 -7.23
C GLN B 276 31.65 -14.77 -7.68
N SER B 277 32.43 -14.17 -6.78
CA SER B 277 33.08 -12.90 -7.04
C SER B 277 34.55 -12.98 -6.65
N LEU B 278 35.39 -12.34 -7.45
CA LEU B 278 36.81 -12.26 -7.17
C LEU B 278 37.11 -11.01 -6.36
N VAL B 279 38.16 -11.08 -5.56
CA VAL B 279 38.63 -9.95 -4.76
C VAL B 279 40.06 -9.64 -5.15
N LEU B 280 40.34 -8.37 -5.43
CA LEU B 280 41.66 -7.92 -5.84
C LEU B 280 42.17 -6.90 -4.85
N LEU B 281 43.38 -7.11 -4.35
CA LEU B 281 44.02 -6.23 -3.38
C LEU B 281 45.37 -5.80 -3.95
N GLU B 282 45.39 -4.65 -4.60
CA GLU B 282 46.60 -4.14 -5.21
C GLU B 282 47.41 -3.32 -4.20
N ASP B 283 48.63 -2.99 -4.58
CA ASP B 283 49.56 -2.24 -3.74
C ASP B 283 49.77 -2.92 -2.38
N VAL B 284 49.90 -4.24 -2.42
CA VAL B 284 50.04 -5.01 -1.19
C VAL B 284 51.36 -4.70 -0.49
N ASP B 285 52.32 -4.14 -1.22
CA ASP B 285 53.62 -3.82 -0.62
C ASP B 285 53.50 -2.71 0.42
N ALA B 286 52.60 -1.76 0.19
CA ALA B 286 52.52 -0.58 1.07
C ALA B 286 52.14 -0.98 2.49
N ALA B 287 51.07 -1.76 2.64
CA ALA B 287 50.64 -2.17 3.97
C ALA B 287 51.68 -3.06 4.64
N PHE B 288 52.28 -3.98 3.88
CA PHE B 288 53.30 -4.85 4.44
C PHE B 288 54.54 -4.07 4.85
N LEU B 289 54.90 -3.05 4.08
CA LEU B 289 56.07 -2.25 4.43
C LEU B 289 55.87 -1.52 5.74
N SER B 290 54.69 -0.96 5.96
CA SER B 290 54.39 -0.23 7.19
C SER B 290 54.33 -1.17 8.38
N ARG B 306 45.07 1.27 11.93
CA ARG B 306 44.68 1.22 10.52
C ARG B 306 45.61 0.31 9.73
N LEU B 307 46.77 0.86 9.36
CA LEU B 307 47.74 0.09 8.59
C LEU B 307 48.36 -1.01 9.44
N THR B 308 48.65 -2.14 8.78
CA THR B 308 49.27 -3.27 9.45
C THR B 308 50.00 -4.10 8.41
N PHE B 309 50.98 -4.89 8.89
CA PHE B 309 51.75 -5.78 8.04
C PHE B 309 51.39 -7.25 8.25
N SER B 310 51.35 -7.68 9.52
CA SER B 310 50.96 -9.05 9.83
C SER B 310 49.46 -9.18 10.07
N GLY B 311 48.77 -8.08 10.37
CA GLY B 311 47.34 -8.16 10.58
C GLY B 311 46.59 -8.62 9.34
N LEU B 312 47.00 -8.13 8.17
CA LEU B 312 46.34 -8.53 6.93
C LEU B 312 46.51 -10.01 6.66
N LEU B 313 47.71 -10.56 6.87
CA LEU B 313 47.93 -11.98 6.62
C LEU B 313 47.22 -12.83 7.67
N ASN B 314 47.14 -12.33 8.90
CA ASN B 314 46.36 -13.04 9.92
C ASN B 314 44.88 -13.06 9.55
N ALA B 315 44.36 -11.94 9.04
CA ALA B 315 42.96 -11.89 8.63
C ALA B 315 42.71 -12.79 7.43
N LEU B 316 43.67 -12.91 6.53
CA LEU B 316 43.51 -13.76 5.36
C LEU B 316 43.32 -15.21 5.77
N ASP B 317 44.10 -15.69 6.74
CA ASP B 317 43.98 -17.06 7.20
C ASP B 317 42.73 -17.31 8.02
N GLY B 318 42.00 -16.26 8.40
CA GLY B 318 40.79 -16.46 9.16
C GLY B 318 39.74 -17.23 8.39
N VAL B 319 38.98 -18.06 9.11
CA VAL B 319 37.94 -18.88 8.49
C VAL B 319 36.73 -18.06 8.08
N ALA B 320 36.68 -16.77 8.42
CA ALA B 320 35.56 -15.91 8.07
C ALA B 320 35.61 -15.64 6.57
N SER B 321 34.85 -16.43 5.81
CA SER B 321 34.82 -16.31 4.36
C SER B 321 33.56 -17.00 3.85
N THR B 322 33.47 -17.18 2.54
CA THR B 322 32.35 -17.88 1.92
C THR B 322 32.92 -18.96 1.02
N GLU B 323 32.03 -19.63 0.28
CA GLU B 323 32.47 -20.68 -0.62
C GLU B 323 33.22 -20.09 -1.81
N ALA B 324 34.35 -20.70 -2.16
CA ALA B 324 35.15 -20.32 -3.32
C ALA B 324 35.58 -18.85 -3.25
N ARG B 325 36.38 -18.56 -2.22
CA ARG B 325 36.95 -17.21 -2.04
C ARG B 325 38.28 -17.15 -2.80
N ILE B 326 38.22 -16.66 -4.03
CA ILE B 326 39.42 -16.51 -4.84
C ILE B 326 39.97 -15.11 -4.66
N VAL B 327 41.23 -15.02 -4.25
CA VAL B 327 41.89 -13.75 -3.97
C VAL B 327 43.15 -13.66 -4.80
N PHE B 328 43.37 -12.48 -5.40
CA PHE B 328 44.53 -12.24 -6.25
C PHE B 328 45.41 -11.17 -5.63
N MET B 329 46.72 -11.43 -5.62
CA MET B 329 47.71 -10.50 -5.10
C MET B 329 48.52 -9.95 -6.26
N THR B 330 48.67 -8.62 -6.30
CA THR B 330 49.48 -7.97 -7.31
C THR B 330 50.36 -6.90 -6.66
N THR B 331 51.63 -6.88 -7.06
CA THR B 331 52.59 -5.93 -6.52
C THR B 331 53.71 -5.70 -7.52
N ASN B 332 54.41 -4.59 -7.37
CA ASN B 332 55.51 -4.27 -8.27
C ASN B 332 56.74 -5.09 -7.97
N TYR B 333 57.01 -5.38 -6.70
CA TYR B 333 58.18 -6.15 -6.31
C TYR B 333 57.80 -7.13 -5.22
N ILE B 334 58.52 -8.26 -5.18
CA ILE B 334 58.24 -9.33 -4.23
C ILE B 334 59.21 -9.34 -3.05
N ASP B 335 60.35 -8.66 -3.16
CA ASP B 335 61.35 -8.72 -2.10
C ASP B 335 60.84 -8.10 -0.81
N ARG B 336 59.94 -7.11 -0.90
CA ARG B 336 59.44 -6.46 0.30
C ARG B 336 58.57 -7.38 1.14
N LEU B 337 58.03 -8.45 0.55
CA LEU B 337 57.20 -9.39 1.28
C LEU B 337 58.07 -10.46 1.94
N ASP B 338 57.43 -11.49 2.48
CA ASP B 338 58.13 -12.56 3.17
C ASP B 338 57.63 -13.91 2.68
N PRO B 339 58.46 -14.95 2.80
CA PRO B 339 58.00 -16.30 2.41
C PRO B 339 56.85 -16.81 3.24
N ALA B 340 56.65 -16.28 4.45
CA ALA B 340 55.52 -16.72 5.28
C ALA B 340 54.19 -16.42 4.61
N LEU B 341 54.12 -15.37 3.79
CA LEU B 341 52.89 -15.07 3.08
C LEU B 341 52.53 -16.17 2.10
N ILE B 342 53.53 -16.73 1.42
CA ILE B 342 53.30 -17.77 0.42
C ILE B 342 53.29 -19.12 1.12
N ARG B 343 52.13 -19.73 1.19
CA ARG B 343 51.94 -21.02 1.86
C ARG B 343 50.54 -21.52 1.57
N PRO B 344 50.29 -22.83 1.70
CA PRO B 344 48.92 -23.34 1.58
C PRO B 344 48.00 -22.70 2.61
N GLY B 345 46.76 -22.48 2.20
CA GLY B 345 45.85 -21.64 2.96
C GLY B 345 46.06 -20.16 2.72
N ARG B 346 47.02 -19.81 1.88
CA ARG B 346 47.38 -18.44 1.55
C ARG B 346 47.67 -18.42 0.05
N VAL B 347 48.39 -17.40 -0.40
CA VAL B 347 48.90 -17.36 -1.77
C VAL B 347 49.49 -18.72 -2.14
N ASP B 348 49.02 -19.28 -3.24
CA ASP B 348 49.40 -20.63 -3.64
C ASP B 348 50.27 -20.67 -4.88
N LEU B 349 49.82 -20.07 -5.98
CA LEU B 349 50.54 -20.09 -7.25
C LEU B 349 50.96 -18.67 -7.57
N LYS B 350 52.18 -18.31 -7.18
CA LYS B 350 52.73 -17.01 -7.55
C LYS B 350 53.35 -17.09 -8.94
N GLU B 351 53.20 -16.01 -9.71
CA GLU B 351 53.76 -15.93 -11.04
C GLU B 351 54.41 -14.57 -11.24
N TYR B 352 55.50 -14.56 -12.00
CA TYR B 352 56.23 -13.34 -12.31
C TYR B 352 55.88 -12.91 -13.73
N VAL B 353 55.33 -11.72 -13.87
CA VAL B 353 55.09 -11.14 -15.18
C VAL B 353 56.27 -10.25 -15.56
N GLY B 354 56.79 -10.45 -16.77
CA GLY B 354 57.97 -9.73 -17.20
C GLY B 354 57.73 -8.84 -18.40
N TYR B 355 58.81 -8.31 -18.96
CA TYR B 355 58.71 -7.45 -20.13
C TYR B 355 58.38 -8.25 -21.38
N CYS B 356 58.02 -7.54 -22.44
CA CYS B 356 57.59 -8.18 -23.67
C CYS B 356 58.72 -9.00 -24.29
N SER B 357 58.36 -10.13 -24.86
CA SER B 357 59.28 -10.99 -25.59
C SER B 357 58.95 -10.93 -27.08
N HIS B 358 59.72 -11.67 -27.87
CA HIS B 358 59.48 -11.71 -29.31
C HIS B 358 58.08 -12.24 -29.61
N TRP B 359 57.70 -13.35 -28.97
CA TRP B 359 56.37 -13.90 -29.16
C TRP B 359 55.29 -12.93 -28.70
N GLN B 360 55.51 -12.30 -27.54
CA GLN B 360 54.55 -11.32 -27.04
C GLN B 360 54.44 -10.14 -27.99
N LEU B 361 55.57 -9.64 -28.49
CA LEU B 361 55.55 -8.48 -29.37
C LEU B 361 54.84 -8.79 -30.68
N THR B 362 55.12 -9.96 -31.29
CA THR B 362 54.46 -10.29 -32.54
C THR B 362 52.96 -10.55 -32.31
N GLN B 363 52.61 -11.14 -31.17
CA GLN B 363 51.20 -11.32 -30.85
C GLN B 363 50.48 -9.97 -30.73
N MET B 364 51.12 -9.01 -30.06
CA MET B 364 50.54 -7.68 -29.95
C MET B 364 50.42 -7.02 -31.32
N PHE B 365 51.44 -7.16 -32.15
CA PHE B 365 51.40 -6.54 -33.48
C PHE B 365 50.27 -7.12 -34.32
N GLN B 366 50.08 -8.43 -34.28
CA GLN B 366 49.01 -9.02 -35.08
C GLN B 366 47.64 -8.77 -34.46
N ARG B 367 47.58 -8.57 -33.13
CA ARG B 367 46.31 -8.24 -32.51
C ARG B 367 45.88 -6.83 -32.86
N PHE B 368 46.79 -5.87 -32.76
CA PHE B 368 46.45 -4.48 -33.06
C PHE B 368 46.09 -4.30 -34.52
N TYR B 369 46.84 -4.94 -35.42
CA TYR B 369 46.61 -4.82 -36.86
C TYR B 369 46.10 -6.15 -37.39
N PRO B 370 44.82 -6.25 -37.73
CA PRO B 370 44.25 -7.57 -38.10
C PRO B 370 44.64 -8.02 -39.50
N GLY B 371 45.83 -8.63 -39.62
CA GLY B 371 46.23 -9.25 -40.87
C GLY B 371 47.37 -8.55 -41.58
N GLN B 372 48.58 -9.07 -41.41
CA GLN B 372 49.76 -8.53 -42.06
C GLN B 372 50.77 -9.65 -42.24
N ALA B 373 51.94 -9.30 -42.75
CA ALA B 373 53.00 -10.28 -42.95
C ALA B 373 53.62 -10.65 -41.60
N PRO B 374 53.66 -11.94 -41.24
CA PRO B 374 54.30 -12.32 -39.98
C PRO B 374 55.78 -11.97 -39.94
N SER B 375 56.45 -11.96 -41.09
CA SER B 375 57.85 -11.53 -41.12
C SER B 375 57.98 -10.06 -40.72
N LEU B 376 57.02 -9.23 -41.12
CA LEU B 376 57.03 -7.84 -40.69
C LEU B 376 56.90 -7.72 -39.18
N ALA B 377 56.00 -8.52 -38.58
CA ALA B 377 55.86 -8.51 -37.13
C ALA B 377 57.13 -9.00 -36.45
N GLU B 378 57.77 -10.03 -37.01
CA GLU B 378 59.03 -10.51 -36.44
C GLU B 378 60.12 -9.45 -36.49
N ASN B 379 60.23 -8.76 -37.62
CA ASN B 379 61.21 -7.68 -37.74
C ASN B 379 60.91 -6.56 -36.75
N PHE B 380 59.63 -6.22 -36.60
CA PHE B 380 59.22 -5.22 -35.61
C PHE B 380 59.63 -5.62 -34.21
N ALA B 381 59.37 -6.88 -33.85
CA ALA B 381 59.73 -7.36 -32.52
C ALA B 381 61.24 -7.35 -32.31
N GLU B 382 61.99 -7.79 -33.32
CA GLU B 382 63.45 -7.79 -33.21
C GLU B 382 63.99 -6.38 -33.06
N HIS B 383 63.45 -5.44 -33.83
CA HIS B 383 63.91 -4.05 -33.74
C HIS B 383 63.59 -3.47 -32.37
N VAL B 384 62.41 -3.76 -31.83
CA VAL B 384 62.07 -3.27 -30.50
C VAL B 384 63.00 -3.88 -29.44
N LEU B 385 63.25 -5.19 -29.54
CA LEU B 385 64.14 -5.84 -28.58
C LEU B 385 65.54 -5.26 -28.65
N LYS B 386 66.04 -5.00 -29.86
CA LYS B 386 67.35 -4.38 -30.00
C LYS B 386 67.37 -2.98 -29.40
N ALA B 387 66.32 -2.19 -29.66
CA ALA B 387 66.29 -0.82 -29.18
C ALA B 387 66.20 -0.75 -27.66
N THR B 388 65.26 -1.48 -27.07
CA THR B 388 65.03 -1.43 -25.63
C THR B 388 65.03 -2.83 -25.05
N SER B 389 65.57 -2.95 -23.85
CA SER B 389 65.65 -4.23 -23.14
C SER B 389 64.55 -4.40 -22.10
N GLU B 390 64.03 -3.30 -21.55
CA GLU B 390 63.00 -3.33 -20.51
C GLU B 390 61.72 -2.67 -21.00
N ILE B 391 61.36 -2.91 -22.27
CA ILE B 391 60.17 -2.31 -22.83
C ILE B 391 58.93 -2.92 -22.17
N SER B 392 57.99 -2.06 -21.78
CA SER B 392 56.79 -2.56 -21.12
C SER B 392 55.63 -2.61 -22.12
N PRO B 393 54.68 -3.53 -21.91
CA PRO B 393 53.52 -3.59 -22.81
C PRO B 393 52.71 -2.31 -22.84
N ALA B 394 52.65 -1.57 -21.72
CA ALA B 394 51.96 -0.30 -21.72
C ALA B 394 52.62 0.68 -22.68
N GLN B 395 53.96 0.72 -22.69
CA GLN B 395 54.67 1.57 -23.63
C GLN B 395 54.41 1.14 -25.07
N VAL B 396 54.34 -0.17 -25.31
CA VAL B 396 54.05 -0.67 -26.65
C VAL B 396 52.66 -0.21 -27.09
N GLN B 397 51.67 -0.32 -26.21
CA GLN B 397 50.32 0.12 -26.55
C GLN B 397 50.28 1.62 -26.81
N GLY B 398 50.98 2.39 -25.98
CA GLY B 398 51.03 3.84 -26.21
C GLY B 398 51.67 4.20 -27.53
N TYR B 399 52.75 3.49 -27.89
CA TYR B 399 53.39 3.73 -29.18
C TYR B 399 52.46 3.36 -30.33
N PHE B 400 51.74 2.24 -30.19
CA PHE B 400 50.78 1.85 -31.22
C PHE B 400 49.67 2.88 -31.37
N MET B 401 49.26 3.51 -30.27
CA MET B 401 48.21 4.52 -30.35
C MET B 401 48.66 5.71 -31.17
N LEU B 402 49.96 6.03 -31.13
CA LEU B 402 50.48 7.14 -31.92
C LEU B 402 50.32 6.88 -33.41
N TYR B 403 50.57 5.65 -33.85
CA TYR B 403 50.51 5.28 -35.26
C TYR B 403 49.31 4.37 -35.53
N LYS B 404 48.18 4.71 -34.92
CA LYS B 404 46.95 3.93 -35.12
C LYS B 404 46.60 3.86 -36.60
N ASN B 405 46.28 2.66 -37.06
CA ASN B 405 46.00 2.39 -38.47
C ASN B 405 47.17 2.82 -39.36
N ASP B 406 48.39 2.58 -38.88
CA ASP B 406 49.61 2.91 -39.61
C ASP B 406 50.69 1.92 -39.24
N PRO B 407 50.65 0.72 -39.81
CA PRO B 407 51.70 -0.26 -39.47
C PRO B 407 53.04 0.06 -40.10
N MET B 408 53.07 0.46 -41.38
CA MET B 408 54.36 0.73 -42.02
C MET B 408 55.08 1.91 -41.37
N GLY B 409 54.34 2.98 -41.07
CA GLY B 409 54.95 4.11 -40.39
C GLY B 409 55.46 3.75 -39.01
N ALA B 410 54.71 2.93 -38.28
CA ALA B 410 55.17 2.48 -36.98
C ALA B 410 56.44 1.66 -37.09
N VAL B 411 56.51 0.77 -38.09
CA VAL B 411 57.72 -0.02 -38.29
C VAL B 411 58.90 0.87 -38.63
N HIS B 412 58.68 1.85 -39.51
CA HIS B 412 59.75 2.78 -39.85
C HIS B 412 60.15 3.68 -38.68
N ASN B 413 59.27 3.84 -37.69
CA ASN B 413 59.52 4.71 -36.56
C ASN B 413 60.01 3.96 -35.32
N ILE B 414 60.33 2.67 -35.45
CA ILE B 414 60.88 1.93 -34.32
C ILE B 414 62.23 2.50 -33.92
N GLU B 415 63.08 2.82 -34.90
CA GLU B 415 64.40 3.38 -34.60
C GLU B 415 64.28 4.73 -33.90
N SER B 416 63.15 5.42 -34.07
CA SER B 416 62.95 6.70 -33.39
C SER B 416 62.91 6.52 -31.88
N LEU B 417 62.30 5.43 -31.41
CA LEU B 417 62.21 5.19 -29.97
C LEU B 417 63.59 5.03 -29.35
N ARG B 418 64.46 4.25 -29.99
CA ARG B 418 65.82 3.98 -29.49
C ARG B 418 65.80 3.49 -28.05
N MET C 1 -30.82 -51.36 -50.53
CA MET C 1 -32.11 -50.90 -49.99
C MET C 1 -32.03 -49.98 -48.76
N PRO C 2 -30.95 -50.02 -47.96
CA PRO C 2 -30.81 -48.98 -46.92
C PRO C 2 -30.76 -47.57 -47.48
N PHE C 3 -30.20 -47.41 -48.68
CA PHE C 3 -30.08 -46.11 -49.33
C PHE C 3 -31.01 -45.96 -50.53
N SER C 4 -31.03 -46.95 -51.42
CA SER C 4 -31.82 -46.85 -52.64
C SER C 4 -33.31 -46.77 -52.33
N ASP C 5 -33.80 -47.66 -51.47
CA ASP C 5 -35.22 -47.69 -51.15
C ASP C 5 -35.62 -46.45 -50.35
N PHE C 6 -34.83 -46.08 -49.35
CA PHE C 6 -35.19 -44.96 -48.48
C PHE C 6 -35.22 -43.64 -49.25
N VAL C 7 -34.27 -43.42 -50.15
CA VAL C 7 -34.21 -42.17 -50.89
C VAL C 7 -35.45 -42.01 -51.76
N LEU C 8 -35.83 -43.08 -52.46
CA LEU C 8 -36.99 -42.99 -53.35
C LEU C 8 -38.30 -42.96 -52.56
N ALA C 9 -38.37 -43.72 -51.46
CA ALA C 9 -39.61 -43.77 -50.67
C ALA C 9 -39.91 -42.41 -50.05
N LEU C 10 -38.89 -41.73 -49.54
CA LEU C 10 -39.11 -40.42 -48.93
C LEU C 10 -39.53 -39.37 -49.94
N LYS C 11 -39.27 -39.60 -51.22
CA LYS C 11 -39.72 -38.67 -52.25
C LYS C 11 -41.24 -38.63 -52.37
N ASP C 12 -41.93 -39.68 -51.91
CA ASP C 12 -43.38 -39.75 -51.97
C ASP C 12 -44.01 -39.62 -50.58
N ASN C 13 -43.27 -39.11 -49.60
CA ASN C 13 -43.79 -38.96 -48.26
C ASN C 13 -44.21 -37.51 -48.05
N PRO C 14 -45.51 -37.22 -47.93
CA PRO C 14 -45.92 -35.83 -47.72
C PRO C 14 -45.34 -35.20 -46.47
N TYR C 15 -45.21 -35.98 -45.39
CA TYR C 15 -44.63 -35.45 -44.17
C TYR C 15 -43.17 -35.08 -44.36
N PHE C 16 -42.40 -35.94 -45.04
CA PHE C 16 -41.01 -35.63 -45.31
C PHE C 16 -40.86 -34.40 -46.19
N GLY C 17 -41.71 -34.27 -47.21
CA GLY C 17 -41.66 -33.08 -48.05
C GLY C 17 -41.99 -31.81 -47.28
N ALA C 18 -43.02 -31.87 -46.43
CA ALA C 18 -43.37 -30.72 -45.62
C ALA C 18 -42.24 -30.35 -44.67
N GLY C 19 -41.61 -31.35 -44.06
CA GLY C 19 -40.49 -31.07 -43.17
C GLY C 19 -39.32 -30.44 -43.90
N PHE C 20 -39.00 -30.96 -45.09
CA PHE C 20 -37.92 -30.39 -45.89
C PHE C 20 -38.24 -28.95 -46.29
N GLY C 21 -39.49 -28.69 -46.67
CA GLY C 21 -39.88 -27.33 -47.01
C GLY C 21 -39.78 -26.38 -45.82
N LEU C 22 -40.20 -26.85 -44.64
CA LEU C 22 -40.09 -26.03 -43.44
C LEU C 22 -38.63 -25.74 -43.09
N VAL C 23 -37.76 -26.75 -43.23
CA VAL C 23 -36.34 -26.54 -42.96
C VAL C 23 -35.76 -25.53 -43.95
N GLY C 24 -36.12 -25.65 -45.22
CA GLY C 24 -35.65 -24.68 -46.20
C GLY C 24 -36.15 -23.28 -45.92
N VAL C 25 -37.41 -23.16 -45.48
CA VAL C 25 -37.96 -21.85 -45.14
C VAL C 25 -37.21 -21.25 -43.96
N GLY C 26 -36.92 -22.07 -42.94
CA GLY C 26 -36.16 -21.58 -41.80
C GLY C 26 -34.76 -21.14 -42.18
N THR C 27 -34.09 -21.93 -43.04
CA THR C 27 -32.76 -21.55 -43.50
C THR C 27 -32.80 -20.25 -44.29
N ALA C 28 -33.80 -20.09 -45.15
CA ALA C 28 -33.94 -18.86 -45.91
C ALA C 28 -34.19 -17.67 -44.98
N LEU C 29 -35.00 -17.87 -43.94
CA LEU C 29 -35.25 -16.80 -42.98
C LEU C 29 -33.98 -16.41 -42.23
N ALA C 30 -33.17 -17.41 -41.84
CA ALA C 30 -31.93 -17.10 -41.16
C ALA C 30 -30.96 -16.35 -42.07
N MET C 31 -30.87 -16.77 -43.34
CA MET C 31 -30.05 -16.04 -44.30
C MET C 31 -30.57 -14.62 -44.50
N ALA C 32 -31.88 -14.44 -44.53
CA ALA C 32 -32.45 -13.11 -44.66
C ALA C 32 -32.12 -12.24 -43.46
N ARG C 33 -32.18 -12.81 -42.26
CA ARG C 33 -31.81 -12.05 -41.06
C ARG C 33 -30.34 -11.65 -41.10
N LYS C 34 -29.46 -12.57 -41.50
CA LYS C 34 -28.05 -12.24 -41.59
C LYS C 34 -27.80 -11.16 -42.63
N GLY C 35 -28.48 -11.25 -43.78
CA GLY C 35 -28.33 -10.23 -44.80
C GLY C 35 -28.85 -8.89 -44.35
N ALA C 36 -29.96 -8.88 -43.59
CA ALA C 36 -30.48 -7.63 -43.06
C ALA C 36 -29.49 -7.00 -42.08
N GLN C 37 -28.88 -7.82 -41.23
CA GLN C 37 -27.87 -7.29 -40.31
C GLN C 37 -26.68 -6.72 -41.07
N LEU C 38 -26.23 -7.43 -42.11
CA LEU C 38 -25.11 -6.93 -42.91
C LEU C 38 -25.47 -5.63 -43.62
N GLY C 39 -26.69 -5.54 -44.14
CA GLY C 39 -27.12 -4.32 -44.79
C GLY C 39 -27.22 -3.16 -43.84
N LEU C 40 -27.73 -3.40 -42.63
CA LEU C 40 -27.77 -2.34 -41.63
C LEU C 40 -26.37 -1.89 -41.25
N VAL C 41 -25.43 -2.84 -41.11
CA VAL C 41 -24.06 -2.48 -40.79
C VAL C 41 -23.46 -1.63 -41.90
N ALA C 42 -23.66 -2.03 -43.16
CA ALA C 42 -23.12 -1.27 -44.28
C ALA C 42 -23.73 0.12 -44.35
N PHE C 43 -25.05 0.21 -44.13
CA PHE C 43 -25.71 1.52 -44.14
C PHE C 43 -25.17 2.41 -43.04
N ARG C 44 -24.96 1.85 -41.85
CA ARG C 44 -24.38 2.63 -40.76
C ARG C 44 -22.98 3.09 -41.11
N ARG C 45 -22.20 2.22 -41.76
CA ARG C 45 -20.82 2.58 -42.09
C ARG C 45 -20.75 3.64 -43.16
N HIS C 46 -21.66 3.63 -44.13
CA HIS C 46 -21.54 4.49 -45.30
C HIS C 46 -22.48 5.69 -45.32
N TYR C 47 -23.40 5.80 -44.37
CA TYR C 47 -24.35 6.91 -44.42
C TYR C 47 -24.63 7.51 -43.05
N MET C 48 -23.78 7.23 -42.07
CA MET C 48 -23.96 7.79 -40.74
C MET C 48 -22.63 8.31 -40.22
N ILE C 49 -22.73 9.23 -39.26
CA ILE C 49 -21.56 9.80 -38.60
C ILE C 49 -21.71 9.56 -37.10
N THR C 50 -20.63 9.12 -36.46
CA THR C 50 -20.67 8.78 -35.05
C THR C 50 -19.46 9.38 -34.33
N LEU C 51 -19.68 9.75 -33.07
CA LEU C 51 -18.62 10.24 -32.20
C LEU C 51 -18.79 9.62 -30.83
N GLU C 52 -17.85 8.77 -30.44
CA GLU C 52 -17.91 8.04 -29.18
C GLU C 52 -16.91 8.65 -28.21
N VAL C 53 -17.40 9.05 -27.04
CA VAL C 53 -16.57 9.72 -26.03
C VAL C 53 -16.63 8.89 -24.76
N PRO C 54 -15.53 8.27 -24.34
CA PRO C 54 -15.53 7.51 -23.09
C PRO C 54 -15.55 8.44 -21.88
N ALA C 55 -15.94 7.86 -20.74
CA ALA C 55 -15.99 8.64 -19.51
C ALA C 55 -14.61 9.08 -19.06
N ARG C 56 -13.58 8.31 -19.43
CA ARG C 56 -12.22 8.67 -19.05
C ARG C 56 -11.81 10.01 -19.64
N ASP C 57 -12.17 10.27 -20.89
CA ASP C 57 -11.86 11.55 -21.51
C ASP C 57 -12.61 12.68 -20.82
N ARG C 58 -11.97 13.86 -20.78
CA ARG C 58 -12.57 15.00 -20.11
C ARG C 58 -13.68 15.66 -20.92
N SER C 59 -13.80 15.32 -22.21
CA SER C 59 -14.88 15.88 -23.01
C SER C 59 -16.25 15.32 -22.63
N TYR C 60 -16.29 14.25 -21.83
CA TYR C 60 -17.56 13.67 -21.43
C TYR C 60 -18.39 14.66 -20.63
N ALA C 61 -17.81 15.23 -19.57
CA ALA C 61 -18.54 16.19 -18.75
C ALA C 61 -18.88 17.45 -19.53
N TRP C 62 -17.94 17.93 -20.36
CA TRP C 62 -18.21 19.13 -21.14
C TRP C 62 -19.37 18.91 -22.11
N LEU C 63 -19.39 17.78 -22.79
CA LEU C 63 -20.48 17.49 -23.73
C LEU C 63 -21.79 17.34 -22.99
N LEU C 64 -21.78 16.70 -21.82
CA LEU C 64 -23.03 16.55 -21.07
C LEU C 64 -23.55 17.89 -20.59
N SER C 65 -22.68 18.78 -20.12
CA SER C 65 -23.11 20.11 -19.73
C SER C 65 -23.65 20.89 -20.92
N TRP C 66 -22.97 20.80 -22.07
CA TRP C 66 -23.46 21.48 -23.26
C TRP C 66 -24.83 20.94 -23.67
N LEU C 67 -25.04 19.63 -23.54
CA LEU C 67 -26.33 19.05 -23.85
C LEU C 67 -27.41 19.57 -22.92
N THR C 68 -27.12 19.58 -21.61
CA THR C 68 -28.13 20.03 -20.65
C THR C 68 -28.39 21.52 -20.77
N ARG C 69 -27.48 22.27 -21.38
CA ARG C 69 -27.77 23.68 -21.64
C ARG C 69 -28.58 23.84 -22.92
N HIS C 70 -28.16 23.18 -24.00
CA HIS C 70 -28.83 23.33 -25.29
C HIS C 70 -30.26 22.84 -25.22
N SER C 71 -30.50 21.70 -24.60
CA SER C 71 -31.83 21.13 -24.47
C SER C 71 -32.31 21.41 -23.06
N THR C 72 -32.93 22.58 -22.87
CA THR C 72 -33.38 22.97 -21.54
C THR C 72 -34.47 22.04 -21.02
N ARG C 73 -35.41 21.65 -21.88
CA ARG C 73 -36.54 20.83 -21.48
C ARG C 73 -36.24 19.37 -21.80
N THR C 74 -35.41 18.76 -20.96
CA THR C 74 -35.09 17.34 -21.05
C THR C 74 -35.91 16.61 -19.98
N GLN C 75 -36.90 15.83 -20.41
CA GLN C 75 -37.76 15.15 -19.47
C GLN C 75 -36.99 14.11 -18.65
N HIS C 76 -36.00 13.47 -19.26
CA HIS C 76 -35.18 12.47 -18.60
C HIS C 76 -33.82 13.06 -18.30
N LEU C 77 -33.42 13.03 -17.03
CA LEU C 77 -32.16 13.63 -16.63
C LEU C 77 -31.72 13.04 -15.30
N SER C 78 -30.44 13.22 -14.99
CA SER C 78 -29.87 12.79 -13.73
C SER C 78 -29.35 14.02 -13.00
N VAL C 79 -28.88 13.82 -11.78
CA VAL C 79 -28.43 14.93 -10.93
C VAL C 79 -27.02 14.66 -10.46
N GLU C 80 -26.20 15.72 -10.47
CA GLU C 80 -24.85 15.69 -9.95
C GLU C 80 -24.72 16.79 -8.91
N THR C 81 -24.38 16.42 -7.68
CA THR C 81 -24.32 17.35 -6.57
C THR C 81 -22.87 17.69 -6.25
N SER C 82 -22.56 18.98 -6.21
CA SER C 82 -21.24 19.46 -5.81
C SER C 82 -21.33 19.90 -4.36
N TYR C 83 -20.77 19.09 -3.46
CA TYR C 83 -20.82 19.36 -2.03
C TYR C 83 -19.40 19.54 -1.52
N LEU C 84 -19.17 20.67 -0.83
CA LEU C 84 -17.86 20.95 -0.28
C LEU C 84 -18.03 21.62 1.08
N GLN C 85 -17.51 20.97 2.12
CA GLN C 85 -17.55 21.51 3.48
C GLN C 85 -16.22 22.21 3.73
N HIS C 86 -16.23 23.52 3.59
CA HIS C 86 -15.04 24.31 3.85
C HIS C 86 -14.71 24.29 5.34
N GLU C 87 -13.48 24.68 5.67
CA GLU C 87 -13.09 24.81 7.07
C GLU C 87 -13.98 25.84 7.75
N SER C 88 -14.08 25.73 9.07
CA SER C 88 -14.98 26.50 9.92
C SER C 88 -16.43 26.10 9.70
N GLY C 89 -16.68 24.91 9.17
CA GLY C 89 -18.03 24.40 9.01
C GLY C 89 -18.88 25.17 8.03
N ARG C 90 -18.31 25.54 6.89
CA ARG C 90 -19.06 26.22 5.83
C ARG C 90 -19.35 25.21 4.73
N ILE C 91 -20.64 24.97 4.48
CA ILE C 91 -21.07 23.96 3.53
C ILE C 91 -21.57 24.65 2.26
N SER C 92 -21.00 24.25 1.12
CA SER C 92 -21.40 24.78 -0.18
C SER C 92 -22.01 23.64 -0.99
N THR C 93 -23.23 23.85 -1.49
CA THR C 93 -23.94 22.85 -2.26
C THR C 93 -24.50 23.48 -3.53
N LYS C 94 -24.51 22.69 -4.60
CA LYS C 94 -25.06 23.14 -5.87
C LYS C 94 -25.45 21.91 -6.68
N PHE C 95 -26.65 21.96 -7.26
CA PHE C 95 -27.17 20.86 -8.07
C PHE C 95 -26.91 21.14 -9.54
N GLU C 96 -26.14 20.25 -10.18
CA GLU C 96 -25.92 20.30 -11.61
C GLU C 96 -26.69 19.13 -12.23
N PHE C 97 -27.57 19.45 -13.17
CA PHE C 97 -28.44 18.45 -13.77
C PHE C 97 -27.84 17.96 -15.09
N ILE C 98 -27.87 16.64 -15.27
CA ILE C 98 -27.17 16.00 -16.38
C ILE C 98 -28.13 15.05 -17.07
N PRO C 99 -27.97 14.86 -18.39
CA PRO C 99 -28.84 13.92 -19.10
C PRO C 99 -28.72 12.51 -18.53
N SER C 100 -29.87 11.85 -18.41
CA SER C 100 -29.94 10.51 -17.85
C SER C 100 -29.48 9.47 -18.86
N PRO C 101 -29.02 8.32 -18.39
CA PRO C 101 -28.65 7.24 -19.31
C PRO C 101 -29.84 6.81 -20.16
N GLY C 102 -29.56 6.48 -21.42
CA GLY C 102 -30.58 6.08 -22.36
C GLY C 102 -30.38 6.77 -23.69
N ASN C 103 -31.49 7.05 -24.36
CA ASN C 103 -31.48 7.69 -25.67
C ASN C 103 -32.10 9.07 -25.56
N HIS C 104 -31.43 10.07 -26.15
CA HIS C 104 -31.96 11.42 -26.22
C HIS C 104 -31.80 11.94 -27.64
N PHE C 105 -32.69 12.84 -28.03
CA PHE C 105 -32.69 13.43 -29.36
C PHE C 105 -32.60 14.94 -29.23
N ILE C 106 -31.70 15.55 -30.00
CA ILE C 106 -31.50 16.99 -30.00
C ILE C 106 -31.57 17.50 -31.43
N TRP C 107 -31.67 18.81 -31.57
CA TRP C 107 -31.75 19.46 -32.87
C TRP C 107 -30.62 20.49 -32.96
N TYR C 108 -29.58 20.16 -33.72
CA TYR C 108 -28.46 21.05 -33.92
C TYR C 108 -28.29 21.30 -35.42
N GLN C 109 -28.07 22.56 -35.78
CA GLN C 109 -28.08 23.02 -37.18
C GLN C 109 -29.41 22.56 -37.77
N GLY C 110 -29.42 21.87 -38.91
CA GLY C 110 -30.65 21.34 -39.46
C GLY C 110 -30.69 19.83 -39.44
N LYS C 111 -30.03 19.24 -38.43
CA LYS C 111 -29.88 17.80 -38.35
C LYS C 111 -30.40 17.30 -37.01
N TRP C 112 -31.04 16.13 -37.04
CA TRP C 112 -31.47 15.46 -35.82
C TRP C 112 -30.36 14.54 -35.35
N ILE C 113 -29.80 14.83 -34.17
CA ILE C 113 -28.68 14.07 -33.64
C ILE C 113 -29.18 13.20 -32.49
N ARG C 114 -28.84 11.92 -32.55
CA ARG C 114 -29.23 10.96 -31.53
C ARG C 114 -28.09 10.83 -30.53
N VAL C 115 -28.37 11.11 -29.27
CA VAL C 115 -27.38 11.04 -28.21
C VAL C 115 -27.64 9.80 -27.37
N GLU C 116 -26.60 8.98 -27.19
CA GLU C 116 -26.71 7.74 -26.44
C GLU C 116 -25.72 7.77 -25.28
N ARG C 117 -26.23 7.93 -24.07
CA ARG C 117 -25.42 7.81 -22.86
C ARG C 117 -25.65 6.43 -22.29
N ASN C 118 -24.69 5.54 -22.49
CA ASN C 118 -24.80 4.15 -22.05
C ASN C 118 -23.88 3.90 -20.86
N ARG C 119 -24.38 3.15 -19.90
CA ARG C 119 -23.62 2.76 -18.71
C ARG C 119 -23.57 1.24 -18.70
N ASP C 120 -22.45 0.67 -19.14
CA ASP C 120 -22.30 -0.77 -19.20
C ASP C 120 -22.27 -1.34 -17.79
N MET C 121 -23.33 -2.05 -17.42
CA MET C 121 -23.49 -2.59 -16.06
C MET C 121 -22.78 -3.94 -15.92
N GLN C 122 -21.54 -4.02 -16.39
CA GLN C 122 -20.78 -5.27 -16.31
C GLN C 122 -19.52 -5.14 -15.47
N MET C 123 -18.67 -4.16 -15.75
CA MET C 123 -17.46 -3.97 -14.97
C MET C 123 -17.52 -2.63 -14.23
N VAL C 124 -16.47 -2.37 -13.47
CA VAL C 124 -16.28 -1.11 -12.76
C VAL C 124 -14.92 -0.55 -13.16
N ASP C 125 -14.90 0.74 -13.47
CA ASP C 125 -13.62 1.38 -13.80
C ASP C 125 -12.72 1.38 -12.57
N LEU C 126 -11.47 0.96 -12.76
CA LEU C 126 -10.52 0.89 -11.66
C LEU C 126 -9.98 2.24 -11.23
N GLN C 127 -9.89 3.20 -12.15
CA GLN C 127 -9.31 4.50 -11.84
C GLN C 127 -10.33 5.46 -11.21
N THR C 128 -11.61 5.10 -11.20
CA THR C 128 -12.63 5.99 -10.65
C THR C 128 -13.50 5.26 -9.64
N GLY C 129 -13.65 3.95 -9.81
CA GLY C 129 -14.56 3.19 -8.99
C GLY C 129 -16.00 3.24 -9.45
N THR C 130 -16.26 3.79 -10.64
CA THR C 130 -17.58 3.91 -11.20
C THR C 130 -17.73 2.96 -12.38
N PRO C 131 -18.96 2.57 -12.72
CA PRO C 131 -19.15 1.76 -13.93
C PRO C 131 -18.73 2.52 -15.18
N TRP C 132 -18.38 1.76 -16.20
CA TRP C 132 -17.88 2.33 -17.46
C TRP C 132 -19.03 3.00 -18.18
N GLU C 133 -18.92 4.31 -18.41
CA GLU C 133 -19.93 5.08 -19.12
C GLU C 133 -19.33 5.70 -20.37
N SER C 134 -20.19 6.01 -21.34
CA SER C 134 -19.78 6.68 -22.57
C SER C 134 -20.97 7.39 -23.17
N VAL C 135 -20.68 8.35 -24.04
CA VAL C 135 -21.72 9.09 -24.76
C VAL C 135 -21.41 8.99 -26.25
N THR C 136 -22.45 8.72 -27.04
CA THR C 136 -22.30 8.52 -28.48
C THR C 136 -23.27 9.45 -29.21
N PHE C 137 -22.76 10.18 -30.19
CA PHE C 137 -23.56 11.05 -31.03
C PHE C 137 -23.71 10.41 -32.41
N THR C 138 -24.95 10.26 -32.86
CA THR C 138 -25.24 9.65 -34.15
C THR C 138 -26.11 10.58 -34.97
N ALA C 139 -25.83 10.67 -36.27
CA ALA C 139 -26.56 11.56 -37.15
C ALA C 139 -26.48 11.02 -38.58
N LEU C 140 -27.36 11.53 -39.42
CA LEU C 140 -27.41 11.14 -40.83
C LEU C 140 -26.61 12.13 -41.67
N GLY C 141 -25.73 11.59 -42.51
CA GLY C 141 -24.93 12.39 -43.41
C GLY C 141 -23.51 11.90 -43.43
N THR C 142 -22.64 12.64 -44.13
CA THR C 142 -21.24 12.27 -44.24
C THR C 142 -20.30 13.41 -43.88
N ASP C 143 -20.78 14.40 -43.11
CA ASP C 143 -19.97 15.54 -42.71
C ASP C 143 -19.68 15.46 -41.22
N ARG C 144 -18.40 15.58 -40.86
CA ARG C 144 -17.98 15.52 -39.47
C ARG C 144 -17.90 16.89 -38.82
N LYS C 145 -18.21 17.96 -39.56
CA LYS C 145 -18.05 19.31 -39.02
C LYS C 145 -19.00 19.57 -37.87
N VAL C 146 -20.16 18.92 -37.85
CA VAL C 146 -21.15 19.15 -36.80
C VAL C 146 -20.58 18.76 -35.45
N PHE C 147 -19.98 17.56 -35.38
CA PHE C 147 -19.40 17.11 -34.12
C PHE C 147 -18.23 17.98 -33.71
N PHE C 148 -17.42 18.44 -34.67
CA PHE C 148 -16.32 19.32 -34.35
C PHE C 148 -16.81 20.62 -33.73
N ASN C 149 -17.86 21.20 -34.32
CA ASN C 149 -18.43 22.42 -33.78
C ASN C 149 -19.01 22.19 -32.39
N ILE C 150 -19.69 21.06 -32.19
CA ILE C 150 -20.27 20.77 -30.88
C ILE C 150 -19.18 20.64 -29.84
N LEU C 151 -18.10 19.93 -30.16
CA LEU C 151 -17.00 19.79 -29.22
C LEU C 151 -16.35 21.13 -28.92
N GLU C 152 -16.17 21.97 -29.94
CA GLU C 152 -15.59 23.28 -29.70
C GLU C 152 -16.47 24.13 -28.80
N GLU C 153 -17.78 24.10 -29.03
CA GLU C 153 -18.70 24.85 -28.18
C GLU C 153 -18.66 24.34 -26.75
N ALA C 154 -18.63 23.02 -26.57
CA ALA C 154 -18.56 22.46 -25.22
C ALA C 154 -17.28 22.86 -24.52
N ARG C 155 -16.16 22.82 -25.24
CA ARG C 155 -14.89 23.22 -24.64
C ARG C 155 -14.90 24.68 -24.25
N ALA C 156 -15.42 25.54 -25.12
CA ALA C 156 -15.50 26.96 -24.82
C ALA C 156 -16.38 27.21 -23.60
N LEU C 157 -17.51 26.52 -23.51
CA LEU C 157 -18.38 26.68 -22.36
C LEU C 157 -17.70 26.20 -21.07
N ALA C 158 -16.97 25.09 -21.15
CA ALA C 158 -16.28 24.58 -19.98
C ALA C 158 -15.20 25.54 -19.50
N LEU C 159 -14.44 26.12 -20.44
CA LEU C 159 -13.34 26.99 -20.05
C LEU C 159 -13.82 28.37 -19.61
N GLN C 160 -15.05 28.76 -19.95
CA GLN C 160 -15.53 30.08 -19.56
C GLN C 160 -15.87 30.15 -18.08
N GLN C 161 -16.03 29.02 -17.42
CA GLN C 161 -16.33 28.99 -15.99
C GLN C 161 -15.08 28.96 -15.12
N GLU C 162 -13.89 29.00 -15.73
CA GLU C 162 -12.64 28.99 -14.99
C GLU C 162 -12.03 30.37 -14.98
N GLU C 163 -11.70 30.86 -13.79
CA GLU C 163 -11.11 32.18 -13.61
C GLU C 163 -9.60 32.04 -13.40
N GLY C 164 -8.83 32.75 -14.22
CA GLY C 164 -7.39 32.68 -14.10
C GLY C 164 -6.90 33.31 -12.80
N LYS C 165 -5.75 32.82 -12.34
CA LYS C 165 -5.15 33.29 -11.09
C LYS C 165 -3.65 33.48 -11.29
N THR C 166 -3.08 34.35 -10.47
CA THR C 166 -1.64 34.62 -10.49
C THR C 166 -1.05 34.02 -9.22
N VAL C 167 0.03 33.28 -9.37
CA VAL C 167 0.67 32.62 -8.25
C VAL C 167 2.02 33.30 -7.97
N MET C 168 2.22 33.71 -6.72
CA MET C 168 3.47 34.31 -6.30
C MET C 168 4.41 33.21 -5.80
N TYR C 169 5.63 33.20 -6.32
CA TYR C 169 6.65 32.24 -5.91
C TYR C 169 7.70 32.98 -5.09
N THR C 170 7.81 32.63 -3.82
CA THR C 170 8.84 33.17 -2.95
C THR C 170 10.02 32.22 -2.90
N ALA C 171 11.16 32.74 -2.45
CA ALA C 171 12.40 31.98 -2.38
C ALA C 171 12.86 31.86 -0.94
N VAL C 172 13.03 30.62 -0.48
CA VAL C 172 13.65 30.34 0.82
C VAL C 172 14.84 29.43 0.56
N GLY C 173 15.95 29.70 1.23
CA GLY C 173 17.18 28.97 0.96
C GLY C 173 17.59 29.07 -0.49
N SER C 174 17.59 27.94 -1.19
CA SER C 174 17.88 27.87 -2.61
C SER C 174 16.76 27.18 -3.37
N GLU C 175 15.51 27.52 -3.04
CA GLU C 175 14.36 26.89 -3.64
C GLU C 175 13.24 27.91 -3.79
N TRP C 176 12.37 27.69 -4.78
CA TRP C 176 11.19 28.51 -5.00
C TRP C 176 9.98 27.83 -4.37
N ARG C 177 9.23 28.60 -3.58
CA ARG C 177 8.07 28.09 -2.88
C ARG C 177 6.83 28.89 -3.24
N THR C 178 5.69 28.20 -3.25
CA THR C 178 4.40 28.83 -3.56
C THR C 178 3.94 29.57 -2.32
N PHE C 179 4.13 30.88 -2.31
CA PHE C 179 3.75 31.70 -1.17
C PHE C 179 2.27 32.05 -1.24
N GLY C 180 1.56 31.82 -0.14
CA GLY C 180 0.15 32.16 -0.09
C GLY C 180 -0.71 31.28 -0.98
N TYR C 181 -1.85 31.84 -1.37
CA TYR C 181 -2.82 31.19 -2.22
C TYR C 181 -2.92 31.92 -3.55
N PRO C 182 -3.45 31.27 -4.58
CA PRO C 182 -3.63 31.95 -5.87
C PRO C 182 -4.46 33.21 -5.70
N ARG C 183 -4.03 34.28 -6.38
CA ARG C 183 -4.64 35.58 -6.25
C ARG C 183 -5.44 35.94 -7.50
N ARG C 184 -6.46 36.76 -7.31
CA ARG C 184 -7.22 37.28 -8.43
C ARG C 184 -6.33 38.19 -9.28
N ARG C 185 -6.45 38.06 -10.60
CA ARG C 185 -5.63 38.81 -11.52
C ARG C 185 -6.18 40.23 -11.66
N ARG C 186 -5.36 41.22 -11.33
CA ARG C 186 -5.77 42.60 -11.47
C ARG C 186 -5.87 42.96 -12.95
N PRO C 187 -6.99 43.54 -13.40
CA PRO C 187 -7.10 43.91 -14.82
C PRO C 187 -6.05 44.93 -15.21
N LEU C 188 -5.56 44.81 -16.45
CA LEU C 188 -4.49 45.68 -16.91
C LEU C 188 -4.94 47.14 -16.97
N ASP C 189 -6.18 47.38 -17.43
CA ASP C 189 -6.67 48.74 -17.55
C ASP C 189 -6.82 49.42 -16.19
N SER C 190 -6.86 48.65 -15.10
CA SER C 190 -6.95 49.24 -13.78
C SER C 190 -5.74 50.11 -13.48
N VAL C 191 -4.55 49.65 -13.87
CA VAL C 191 -3.33 50.42 -13.65
C VAL C 191 -3.09 51.28 -14.88
N VAL C 192 -3.00 52.60 -14.67
CA VAL C 192 -2.72 53.54 -15.75
C VAL C 192 -1.40 54.22 -15.47
N LEU C 193 -0.39 53.94 -16.31
CA LEU C 193 0.93 54.53 -16.09
C LEU C 193 1.13 55.80 -16.90
N GLN C 194 0.94 55.72 -18.21
CA GLN C 194 1.22 56.85 -19.08
C GLN C 194 0.40 56.68 -20.36
N GLN C 195 0.67 57.53 -21.34
CA GLN C 195 -0.12 57.54 -22.58
C GLN C 195 0.06 56.24 -23.36
N GLY C 196 1.29 55.77 -23.50
CA GLY C 196 1.54 54.60 -24.32
C GLY C 196 2.62 53.69 -23.79
N LEU C 197 3.07 53.90 -22.55
CA LEU C 197 4.08 53.03 -21.97
C LEU C 197 3.57 51.61 -21.81
N ALA C 198 2.34 51.45 -21.33
CA ALA C 198 1.78 50.11 -21.18
C ALA C 198 1.66 49.41 -22.52
N ASP C 199 1.19 50.13 -23.54
CA ASP C 199 1.09 49.54 -24.87
C ASP C 199 2.45 49.14 -25.41
N ARG C 200 3.46 50.00 -25.25
CA ARG C 200 4.79 49.67 -25.74
C ARG C 200 5.34 48.44 -25.04
N ILE C 201 5.20 48.38 -23.73
CA ILE C 201 5.73 47.23 -22.97
C ILE C 201 5.00 45.95 -23.36
N VAL C 202 3.68 46.02 -23.48
CA VAL C 202 2.90 44.83 -23.85
C VAL C 202 3.29 44.37 -25.25
N LYS C 203 3.43 45.30 -26.19
CA LYS C 203 3.81 44.93 -27.55
C LYS C 203 5.19 44.29 -27.59
N ASP C 204 6.15 44.86 -26.85
CA ASP C 204 7.48 44.28 -26.81
C ASP C 204 7.45 42.88 -26.23
N ILE C 205 6.70 42.69 -25.14
CA ILE C 205 6.64 41.37 -24.50
C ILE C 205 5.99 40.36 -25.44
N ARG C 206 4.90 40.77 -26.12
CA ARG C 206 4.24 39.86 -27.05
C ARG C 206 5.16 39.49 -28.19
N GLU C 207 5.91 40.46 -28.72
CA GLU C 207 6.85 40.17 -29.80
C GLU C 207 7.93 39.20 -29.33
N PHE C 208 8.45 39.41 -28.12
CA PHE C 208 9.49 38.53 -27.60
C PHE C 208 8.97 37.11 -27.40
N ILE C 209 7.76 36.98 -26.85
CA ILE C 209 7.22 35.65 -26.55
C ILE C 209 6.84 34.93 -27.85
N ASP C 210 6.18 35.62 -28.77
CA ASP C 210 5.60 34.99 -29.94
C ASP C 210 6.61 34.69 -31.03
N ASN C 211 7.89 34.98 -30.82
CA ASN C 211 8.93 34.70 -31.80
C ASN C 211 10.09 33.95 -31.14
N PRO C 212 9.86 32.70 -30.72
CA PRO C 212 10.98 31.93 -30.16
C PRO C 212 11.91 31.38 -31.23
N LYS C 213 11.41 31.20 -32.46
CA LYS C 213 12.25 30.67 -33.53
C LYS C 213 13.35 31.66 -33.89
N TRP C 214 13.09 32.95 -33.72
CA TRP C 214 14.08 33.96 -34.05
C TRP C 214 15.33 33.82 -33.19
N TYR C 215 15.14 33.56 -31.90
CA TYR C 215 16.28 33.51 -30.97
C TYR C 215 17.08 32.22 -31.15
N ILE C 216 16.40 31.10 -31.30
CA ILE C 216 17.10 29.81 -31.35
C ILE C 216 17.91 29.69 -32.64
N ASP C 217 17.37 30.19 -33.75
CA ASP C 217 18.07 30.05 -35.03
C ASP C 217 19.34 30.87 -35.07
N ARG C 218 19.35 32.04 -34.45
CA ARG C 218 20.52 32.90 -34.42
C ARG C 218 21.46 32.58 -33.27
N GLY C 219 21.13 31.59 -32.45
CA GLY C 219 22.00 31.21 -31.34
C GLY C 219 22.15 32.29 -30.29
N ILE C 220 21.08 33.02 -30.00
CA ILE C 220 21.10 34.06 -28.98
C ILE C 220 20.20 33.61 -27.84
N PRO C 221 20.57 33.83 -26.58
CA PRO C 221 19.74 33.36 -25.46
C PRO C 221 18.34 33.95 -25.52
N TYR C 222 17.36 33.12 -25.16
CA TYR C 222 15.95 33.53 -25.16
C TYR C 222 15.61 34.23 -23.85
N ARG C 223 16.37 35.28 -23.55
CA ARG C 223 16.27 36.01 -22.31
C ARG C 223 16.13 37.50 -22.59
N ARG C 224 15.21 38.14 -21.86
CA ARG C 224 14.98 39.57 -22.01
C ARG C 224 14.75 40.19 -20.63
N GLY C 225 15.16 41.45 -20.49
CA GLY C 225 15.02 42.16 -19.24
C GLY C 225 14.48 43.56 -19.38
N TYR C 226 13.72 44.01 -18.38
CA TYR C 226 13.12 45.33 -18.38
C TYR C 226 13.43 46.05 -17.08
N LEU C 227 13.52 47.37 -17.14
CA LEU C 227 13.77 48.21 -15.98
C LEU C 227 12.72 49.31 -15.90
N LEU C 228 12.20 49.52 -14.70
CA LEU C 228 11.23 50.58 -14.45
C LEU C 228 11.73 51.42 -13.28
N TYR C 229 12.04 52.68 -13.56
CA TYR C 229 12.55 53.60 -12.54
C TYR C 229 11.65 54.81 -12.45
N GLY C 230 11.32 55.21 -11.23
CA GLY C 230 10.47 56.35 -11.00
C GLY C 230 10.21 56.58 -9.52
N PRO C 231 9.40 57.58 -9.21
CA PRO C 231 9.10 57.85 -7.81
C PRO C 231 8.37 56.68 -7.17
N PRO C 232 8.56 56.48 -5.87
CA PRO C 232 7.86 55.37 -5.20
C PRO C 232 6.35 55.57 -5.21
N GLY C 233 5.63 54.45 -5.21
CA GLY C 233 4.18 54.52 -5.22
C GLY C 233 3.59 54.92 -6.56
N CYS C 234 4.33 54.76 -7.65
CA CYS C 234 3.85 55.12 -8.97
C CYS C 234 3.14 53.98 -9.67
N GLY C 235 3.08 52.80 -9.07
CA GLY C 235 2.34 51.69 -9.64
C GLY C 235 3.19 50.75 -10.48
N LYS C 236 4.40 50.47 -10.02
CA LYS C 236 5.30 49.60 -10.76
C LYS C 236 4.96 48.13 -10.51
N SER C 237 4.95 47.72 -9.23
CA SER C 237 4.65 46.34 -8.90
C SER C 237 3.23 45.96 -9.32
N SER C 238 2.28 46.90 -9.18
CA SER C 238 0.93 46.64 -9.62
C SER C 238 0.88 46.39 -11.13
N PHE C 239 1.62 47.19 -11.90
CA PHE C 239 1.66 46.97 -13.33
C PHE C 239 2.31 45.64 -13.68
N ILE C 240 3.34 45.24 -12.93
CA ILE C 240 3.97 43.95 -13.18
C ILE C 240 2.97 42.83 -12.94
N THR C 241 2.23 42.91 -11.84
CA THR C 241 1.22 41.90 -11.54
C THR C 241 0.15 41.86 -12.61
N ALA C 242 -0.31 43.02 -13.07
CA ALA C 242 -1.33 43.06 -14.12
C ALA C 242 -0.82 42.45 -15.42
N LEU C 243 0.43 42.76 -15.77
CA LEU C 243 1.00 42.20 -16.99
C LEU C 243 1.14 40.68 -16.88
N ALA C 244 1.57 40.19 -15.71
CA ALA C 244 1.67 38.75 -15.51
C ALA C 244 0.30 38.08 -15.62
N GLY C 245 -0.72 38.72 -15.05
CA GLY C 245 -2.07 38.18 -15.19
C GLY C 245 -2.54 38.15 -16.62
N GLU C 246 -2.22 39.19 -17.38
CA GLU C 246 -2.59 39.23 -18.80
C GLU C 246 -1.87 38.13 -19.57
N LEU C 247 -0.60 37.89 -19.27
CA LEU C 247 0.17 36.86 -19.95
C LEU C 247 -0.02 35.48 -19.33
N GLU C 248 -0.84 35.35 -18.29
CA GLU C 248 -1.09 34.12 -17.57
C GLU C 248 0.17 33.54 -16.94
N HIS C 249 1.21 34.35 -16.74
CA HIS C 249 2.43 33.88 -16.11
C HIS C 249 2.31 34.02 -14.59
N SER C 250 3.38 33.67 -13.90
CA SER C 250 3.45 33.78 -12.44
C SER C 250 4.66 34.60 -12.06
N ILE C 251 4.48 35.50 -11.11
CA ILE C 251 5.58 36.36 -10.65
C ILE C 251 6.35 35.63 -9.56
N CYS C 252 7.68 35.67 -9.67
CA CYS C 252 8.57 35.12 -8.65
C CYS C 252 9.25 36.30 -7.97
N LEU C 253 8.58 36.84 -6.95
CA LEU C 253 9.09 38.01 -6.26
C LEU C 253 10.28 37.64 -5.40
N LEU C 254 11.36 38.41 -5.50
CA LEU C 254 12.55 38.20 -4.70
C LEU C 254 13.13 39.53 -4.29
N SER C 255 13.45 39.67 -3.01
CA SER C 255 14.01 40.90 -2.46
C SER C 255 15.51 40.71 -2.31
N LEU C 256 16.27 41.24 -3.27
CA LEU C 256 17.73 41.13 -3.20
C LEU C 256 18.31 42.05 -2.13
N THR C 257 17.53 42.99 -1.61
CA THR C 257 18.01 43.85 -0.54
C THR C 257 18.29 43.08 0.73
N ASP C 258 17.69 41.89 0.88
CA ASP C 258 17.98 41.05 2.02
C ASP C 258 19.35 40.41 1.88
N SER C 259 20.06 40.27 3.01
CA SER C 259 21.38 39.68 3.03
C SER C 259 21.34 38.16 3.17
N SER C 260 20.15 37.56 3.23
CA SER C 260 20.05 36.12 3.39
C SER C 260 20.65 35.39 2.19
N LEU C 261 20.40 35.89 0.98
CA LEU C 261 20.90 35.26 -0.23
C LEU C 261 22.23 35.85 -0.65
N SER C 262 23.09 35.00 -1.23
CA SER C 262 24.38 35.41 -1.73
C SER C 262 24.37 35.43 -3.26
N ASP C 263 25.53 35.76 -3.84
CA ASP C 263 25.63 35.81 -5.29
C ASP C 263 25.41 34.43 -5.90
N ASP C 264 26.03 33.39 -5.34
CA ASP C 264 25.80 32.04 -5.82
C ASP C 264 24.35 31.62 -5.55
N ARG C 265 23.82 31.97 -4.39
CA ARG C 265 22.43 31.66 -4.08
C ARG C 265 21.49 32.39 -5.05
N LEU C 266 21.80 33.66 -5.35
CA LEU C 266 20.99 34.41 -6.31
C LEU C 266 21.03 33.76 -7.68
N ASN C 267 22.21 33.34 -8.13
CA ASN C 267 22.32 32.68 -9.43
C ASN C 267 21.54 31.38 -9.45
N HIS C 268 21.62 30.59 -8.37
CA HIS C 268 20.87 29.33 -8.32
C HIS C 268 19.37 29.59 -8.36
N LEU C 269 18.90 30.57 -7.59
CA LEU C 269 17.47 30.88 -7.59
C LEU C 269 17.00 31.38 -8.94
N LEU C 270 17.79 32.23 -9.59
CA LEU C 270 17.43 32.74 -10.90
C LEU C 270 17.49 31.67 -11.98
N SER C 271 18.33 30.66 -11.81
CA SER C 271 18.46 29.60 -12.80
C SER C 271 17.37 28.54 -12.67
N VAL C 272 16.82 28.36 -11.47
CA VAL C 272 15.83 27.33 -11.22
C VAL C 272 14.40 27.90 -11.20
N ALA C 273 14.21 29.09 -11.76
CA ALA C 273 12.90 29.71 -11.76
C ALA C 273 11.91 28.85 -12.55
N PRO C 274 10.66 28.77 -12.12
CA PRO C 274 9.69 27.93 -12.83
C PRO C 274 9.44 28.42 -14.25
N GLN C 275 9.09 27.48 -15.12
CA GLN C 275 8.81 27.80 -16.52
C GLN C 275 7.55 28.64 -16.62
N GLN C 276 7.49 29.48 -17.66
CA GLN C 276 6.36 30.36 -17.90
C GLN C 276 6.07 31.25 -16.70
N SER C 277 7.13 31.69 -16.04
CA SER C 277 7.01 32.49 -14.82
C SER C 277 7.91 33.71 -14.90
N LEU C 278 7.41 34.83 -14.40
CA LEU C 278 8.19 36.06 -14.33
C LEU C 278 8.93 36.14 -13.01
N VAL C 279 10.07 36.83 -13.03
CA VAL C 279 10.86 37.05 -11.83
C VAL C 279 10.99 38.55 -11.61
N LEU C 280 10.72 38.99 -10.40
CA LEU C 280 10.77 40.40 -10.04
C LEU C 280 11.78 40.61 -8.92
N LEU C 281 12.71 41.53 -9.13
CA LEU C 281 13.76 41.85 -8.17
C LEU C 281 13.69 43.34 -7.86
N GLU C 282 12.97 43.68 -6.78
CA GLU C 282 12.81 45.06 -6.39
C GLU C 282 13.96 45.50 -5.48
N ASP C 283 14.02 46.82 -5.25
CA ASP C 283 15.08 47.43 -4.43
C ASP C 283 16.47 47.09 -4.97
N VAL C 284 16.61 47.12 -6.29
CA VAL C 284 17.88 46.74 -6.92
C VAL C 284 18.97 47.75 -6.57
N ASP C 285 18.59 48.95 -6.13
CA ASP C 285 19.58 49.96 -5.79
C ASP C 285 20.41 49.57 -4.58
N ALA C 286 19.78 48.87 -3.61
CA ALA C 286 20.45 48.57 -2.35
C ALA C 286 21.67 47.68 -2.57
N ALA C 287 21.49 46.58 -3.29
CA ALA C 287 22.61 45.66 -3.53
C ALA C 287 23.68 46.32 -4.37
N PHE C 288 23.28 47.09 -5.38
CA PHE C 288 24.26 47.77 -6.23
C PHE C 288 25.02 48.84 -5.46
N LEU C 289 24.34 49.53 -4.54
CA LEU C 289 25.01 50.56 -3.74
C LEU C 289 26.09 49.95 -2.86
N SER C 290 25.81 48.81 -2.24
CA SER C 290 26.77 48.15 -1.36
C SER C 290 27.94 47.59 -2.16
N ARG C 306 27.62 37.88 0.99
CA ARG C 306 26.19 38.02 0.79
C ARG C 306 25.88 39.11 -0.23
N LEU C 307 25.91 40.36 0.22
CA LEU C 307 25.62 41.48 -0.66
C LEU C 307 26.73 41.68 -1.68
N THR C 308 26.34 42.09 -2.88
CA THR C 308 27.28 42.34 -3.95
C THR C 308 26.67 43.33 -4.93
N PHE C 309 27.54 44.02 -5.67
CA PHE C 309 27.11 44.98 -6.69
C PHE C 309 27.33 44.46 -8.10
N SER C 310 28.52 43.94 -8.40
CA SER C 310 28.80 43.36 -9.70
C SER C 310 28.48 41.87 -9.76
N GLY C 311 28.39 41.20 -8.61
CA GLY C 311 28.08 39.78 -8.61
C GLY C 311 26.71 39.49 -9.18
N LEU C 312 25.72 40.34 -8.84
CA LEU C 312 24.37 40.13 -9.35
C LEU C 312 24.32 40.28 -10.87
N LEU C 313 25.00 41.29 -11.42
CA LEU C 313 24.98 41.48 -12.87
C LEU C 313 25.78 40.39 -13.57
N ASN C 314 26.85 39.90 -12.94
CA ASN C 314 27.57 38.76 -13.49
C ASN C 314 26.69 37.51 -13.51
N ALA C 315 25.92 37.29 -12.45
CA ALA C 315 25.03 36.14 -12.39
C ALA C 315 23.90 36.26 -13.41
N LEU C 316 23.44 37.49 -13.66
CA LEU C 316 22.38 37.69 -14.64
C LEU C 316 22.82 37.25 -16.03
N ASP C 317 24.05 37.60 -16.41
CA ASP C 317 24.56 37.23 -17.72
C ASP C 317 24.88 35.74 -17.83
N GLY C 318 24.88 35.01 -16.72
CA GLY C 318 25.16 33.59 -16.78
C GLY C 318 24.13 32.83 -17.61
N VAL C 319 24.60 31.82 -18.32
CA VAL C 319 23.73 31.00 -19.17
C VAL C 319 22.82 30.09 -18.35
N ALA C 320 23.00 30.02 -17.04
CA ALA C 320 22.19 29.16 -16.19
C ALA C 320 20.79 29.77 -16.09
N SER C 321 19.88 29.27 -16.93
CA SER C 321 18.51 29.77 -16.98
C SER C 321 17.66 28.72 -17.68
N THR C 322 16.42 29.10 -18.00
CA THR C 322 15.50 28.23 -18.73
C THR C 322 14.98 29.01 -19.93
N GLU C 323 14.04 28.40 -20.65
CA GLU C 323 13.45 29.05 -21.82
C GLU C 323 12.56 30.21 -21.37
N ALA C 324 12.72 31.35 -22.06
CA ALA C 324 11.89 32.53 -21.84
C ALA C 324 11.98 33.02 -20.38
N ARG C 325 13.20 33.42 -20.00
CA ARG C 325 13.44 33.98 -18.68
C ARG C 325 13.22 35.49 -18.74
N ILE C 326 12.01 35.91 -18.39
CA ILE C 326 11.69 37.33 -18.38
C ILE C 326 11.92 37.89 -16.99
N VAL C 327 12.76 38.91 -16.90
CA VAL C 327 13.14 39.52 -15.63
C VAL C 327 12.82 41.00 -15.66
N PHE C 328 12.23 41.51 -14.58
CA PHE C 328 11.85 42.91 -14.48
C PHE C 328 12.64 43.59 -13.37
N MET C 329 13.14 44.78 -13.68
CA MET C 329 13.90 45.58 -12.73
C MET C 329 13.07 46.78 -12.34
N THR C 330 12.97 47.05 -11.04
CA THR C 330 12.27 48.21 -10.53
C THR C 330 13.09 48.87 -9.43
N THR C 331 13.19 50.20 -9.49
CA THR C 331 13.96 50.97 -8.52
C THR C 331 13.40 52.39 -8.45
N ASN C 332 13.70 53.07 -7.34
CA ASN C 332 13.23 54.43 -7.17
C ASN C 332 14.03 55.43 -8.00
N TYR C 333 15.33 55.19 -8.15
CA TYR C 333 16.20 56.08 -8.91
C TYR C 333 17.16 55.26 -9.75
N ILE C 334 17.56 55.84 -10.89
CA ILE C 334 18.44 55.16 -11.84
C ILE C 334 19.88 55.63 -11.75
N ASP C 335 20.14 56.79 -11.12
CA ASP C 335 21.49 57.33 -11.09
C ASP C 335 22.45 56.44 -10.31
N ARG C 336 21.94 55.71 -9.32
CA ARG C 336 22.82 54.86 -8.51
C ARG C 336 23.36 53.68 -9.31
N LEU C 337 22.71 53.31 -10.41
CA LEU C 337 23.17 52.20 -11.23
C LEU C 337 24.20 52.70 -12.24
N ASP C 338 24.57 51.84 -13.19
CA ASP C 338 25.57 52.16 -14.20
C ASP C 338 25.05 51.77 -15.58
N PRO C 339 25.56 52.43 -16.63
CA PRO C 339 25.15 52.04 -18.00
C PRO C 339 25.55 50.63 -18.37
N ALA C 340 26.55 50.05 -17.68
CA ALA C 340 26.95 48.67 -17.99
C ALA C 340 25.82 47.69 -17.73
N LEU C 341 24.94 48.00 -16.78
CA LEU C 341 23.80 47.13 -16.52
C LEU C 341 22.86 47.07 -17.71
N ILE C 342 22.65 48.20 -18.38
CA ILE C 342 21.73 48.28 -19.51
C ILE C 342 22.50 47.91 -20.77
N ARG C 343 22.21 46.75 -21.34
CA ARG C 343 22.88 46.26 -22.53
C ARG C 343 22.14 45.01 -23.02
N PRO C 344 22.30 44.65 -24.28
CA PRO C 344 21.74 43.38 -24.76
C PRO C 344 22.29 42.20 -23.98
N GLY C 345 21.43 41.20 -23.76
CA GLY C 345 21.73 40.14 -22.82
C GLY C 345 21.44 40.54 -21.38
N ARG C 346 21.00 41.76 -21.16
CA ARG C 346 20.69 42.30 -19.84
C ARG C 346 19.41 43.11 -20.01
N VAL C 347 19.16 44.03 -19.07
CA VAL C 347 18.07 44.99 -19.20
C VAL C 347 18.07 45.57 -20.61
N ASP C 348 16.93 45.49 -21.29
CA ASP C 348 16.82 45.89 -22.68
C ASP C 348 15.99 47.14 -22.89
N LEU C 349 14.75 47.16 -22.41
CA LEU C 349 13.84 48.28 -22.59
C LEU C 349 13.56 48.89 -21.23
N LYS C 350 14.34 49.92 -20.87
CA LYS C 350 14.08 50.66 -19.64
C LYS C 350 13.03 51.73 -19.90
N GLU C 351 12.16 51.94 -18.92
CA GLU C 351 11.12 52.94 -19.00
C GLU C 351 11.04 53.73 -17.70
N TYR C 352 10.73 55.01 -17.81
CA TYR C 352 10.60 55.90 -16.66
C TYR C 352 9.11 56.11 -16.39
N VAL C 353 8.68 55.73 -15.20
CA VAL C 353 7.31 56.02 -14.76
C VAL C 353 7.31 57.32 -13.97
N GLY C 354 6.40 58.21 -14.32
CA GLY C 354 6.36 59.53 -13.69
C GLY C 354 5.08 59.81 -12.93
N TYR C 355 4.90 61.05 -12.52
CA TYR C 355 3.71 61.43 -11.78
C TYR C 355 2.51 61.52 -12.72
N CYS C 356 1.32 61.61 -12.11
CA CYS C 356 0.09 61.60 -12.88
C CYS C 356 0.01 62.82 -13.80
N SER C 357 -0.56 62.60 -14.98
CA SER C 357 -0.81 63.65 -15.95
C SER C 357 -2.32 63.88 -16.04
N HIS C 358 -2.71 64.83 -16.89
CA HIS C 358 -4.12 65.12 -17.08
C HIS C 358 -4.86 63.90 -17.60
N TRP C 359 -4.30 63.24 -18.62
CA TRP C 359 -4.92 62.02 -19.14
C TRP C 359 -4.96 60.93 -18.08
N GLN C 360 -3.86 60.76 -17.34
CA GLN C 360 -3.85 59.76 -16.27
C GLN C 360 -4.88 60.07 -15.20
N LEU C 361 -4.97 61.35 -14.81
CA LEU C 361 -5.91 61.73 -13.76
C LEU C 361 -7.36 61.52 -14.19
N THR C 362 -7.70 61.91 -15.42
CA THR C 362 -9.07 61.71 -15.87
C THR C 362 -9.39 60.23 -16.05
N GLN C 363 -8.39 59.44 -16.49
CA GLN C 363 -8.61 58.00 -16.59
C GLN C 363 -8.88 57.40 -15.21
N MET C 364 -8.12 57.83 -14.20
CA MET C 364 -8.35 57.34 -12.85
C MET C 364 -9.72 57.76 -12.34
N PHE C 365 -10.12 59.00 -12.62
CA PHE C 365 -11.41 59.48 -12.15
C PHE C 365 -12.54 58.69 -12.78
N GLN C 366 -12.46 58.41 -14.07
CA GLN C 366 -13.53 57.66 -14.71
C GLN C 366 -13.48 56.18 -14.34
N ARG C 367 -12.30 55.66 -13.99
CA ARG C 367 -12.21 54.27 -13.55
C ARG C 367 -12.83 54.09 -12.17
N PHE C 368 -12.48 54.98 -11.23
CA PHE C 368 -13.02 54.87 -9.88
C PHE C 368 -14.53 55.08 -9.85
N TYR C 369 -15.02 56.06 -10.61
CA TYR C 369 -16.45 56.36 -10.66
C TYR C 369 -17.00 55.98 -12.02
N PRO C 370 -17.78 54.91 -12.12
CA PRO C 370 -18.21 54.42 -13.44
C PRO C 370 -19.31 55.25 -14.08
N GLY C 371 -18.94 56.35 -14.72
CA GLY C 371 -19.89 57.13 -15.50
C GLY C 371 -20.20 58.49 -14.93
N GLN C 372 -19.56 59.52 -15.46
CA GLN C 372 -19.77 60.90 -15.03
C GLN C 372 -19.47 61.82 -16.21
N ALA C 373 -19.55 63.11 -15.95
CA ALA C 373 -19.25 64.09 -16.99
C ALA C 373 -17.74 64.16 -17.23
N PRO C 374 -17.28 63.97 -18.46
CA PRO C 374 -15.84 64.10 -18.73
C PRO C 374 -15.30 65.48 -18.42
N SER C 375 -16.12 66.52 -18.56
CA SER C 375 -15.68 67.86 -18.19
C SER C 375 -15.39 67.95 -16.70
N LEU C 376 -16.19 67.26 -15.88
CA LEU C 376 -15.93 67.21 -14.45
C LEU C 376 -14.58 66.56 -14.15
N ALA C 377 -14.28 65.46 -14.86
CA ALA C 377 -12.98 64.80 -14.67
C ALA C 377 -11.85 65.71 -15.12
N GLU C 378 -12.04 66.43 -16.23
CA GLU C 378 -11.00 67.35 -16.70
C GLU C 378 -10.75 68.47 -15.69
N ASN C 379 -11.83 69.02 -15.13
CA ASN C 379 -11.67 70.06 -14.10
C ASN C 379 -10.97 69.50 -12.87
N PHE C 380 -11.33 68.28 -12.47
CA PHE C 380 -10.67 67.63 -11.35
C PHE C 380 -9.17 67.47 -11.61
N ALA C 381 -8.82 67.00 -12.80
CA ALA C 381 -7.41 66.83 -13.15
C ALA C 381 -6.67 68.16 -13.16
N GLU C 382 -7.29 69.20 -13.74
CA GLU C 382 -6.64 70.50 -13.78
C GLU C 382 -6.45 71.07 -12.38
N HIS C 383 -7.44 70.90 -11.51
CA HIS C 383 -7.32 71.40 -10.14
C HIS C 383 -6.22 70.66 -9.40
N VAL C 384 -6.13 69.34 -9.58
CA VAL C 384 -5.06 68.58 -8.93
C VAL C 384 -3.70 69.02 -9.44
N LEU C 385 -3.57 69.20 -10.76
CA LEU C 385 -2.30 69.63 -11.33
C LEU C 385 -1.90 71.00 -10.82
N LYS C 386 -2.86 71.92 -10.71
CA LYS C 386 -2.57 73.23 -10.16
C LYS C 386 -2.14 73.14 -8.70
N ALA C 387 -2.84 72.31 -7.91
CA ALA C 387 -2.54 72.22 -6.49
C ALA C 387 -1.16 71.60 -6.26
N THR C 388 -0.90 70.45 -6.87
CA THR C 388 0.35 69.73 -6.66
C THR C 388 1.02 69.42 -7.98
N SER C 389 2.35 69.48 -7.98
CA SER C 389 3.14 69.20 -9.17
C SER C 389 3.73 67.80 -9.18
N GLU C 390 3.95 67.20 -8.01
CA GLU C 390 4.53 65.87 -7.89
C GLU C 390 3.54 64.90 -7.24
N ILE C 391 2.27 65.00 -7.62
CA ILE C 391 1.25 64.14 -7.04
C ILE C 391 1.47 62.71 -7.53
N SER C 392 1.41 61.76 -6.60
CA SER C 392 1.62 60.36 -6.98
C SER C 392 0.29 59.63 -7.11
N PRO C 393 0.22 58.61 -7.96
CA PRO C 393 -1.03 57.85 -8.08
C PRO C 393 -1.46 57.19 -6.78
N ALA C 394 -0.52 56.79 -5.92
CA ALA C 394 -0.90 56.25 -4.63
C ALA C 394 -1.63 57.28 -3.79
N GLN C 395 -1.15 58.53 -3.80
CA GLN C 395 -1.85 59.60 -3.09
C GLN C 395 -3.24 59.83 -3.67
N VAL C 396 -3.36 59.75 -5.00
CA VAL C 396 -4.66 59.92 -5.63
C VAL C 396 -5.63 58.83 -5.18
N GLN C 397 -5.15 57.59 -5.15
CA GLN C 397 -6.00 56.48 -4.72
C GLN C 397 -6.39 56.65 -3.25
N GLY C 398 -5.45 57.07 -2.41
CA GLY C 398 -5.77 57.30 -1.01
C GLY C 398 -6.80 58.39 -0.82
N TYR C 399 -6.68 59.48 -1.60
CA TYR C 399 -7.66 60.55 -1.52
C TYR C 399 -9.03 60.07 -2.00
N PHE C 400 -9.05 59.26 -3.06
CA PHE C 400 -10.32 58.71 -3.54
C PHE C 400 -10.96 57.81 -2.49
N MET C 401 -10.16 57.07 -1.74
CA MET C 401 -10.70 56.20 -0.69
C MET C 401 -11.41 57.02 0.37
N LEU C 402 -10.93 58.23 0.66
CA LEU C 402 -11.58 59.08 1.65
C LEU C 402 -12.99 59.44 1.23
N TYR C 403 -13.19 59.74 -0.05
CA TYR C 403 -14.48 60.16 -0.58
C TYR C 403 -15.08 59.08 -1.47
N LYS C 404 -14.97 57.83 -1.04
CA LYS C 404 -15.53 56.71 -1.79
C LYS C 404 -17.02 56.91 -2.00
N ASN C 405 -17.45 56.68 -3.25
CA ASN C 405 -18.84 56.90 -3.66
C ASN C 405 -19.27 58.34 -3.38
N ASP C 406 -18.35 59.28 -3.60
CA ASP C 406 -18.63 60.71 -3.39
C ASP C 406 -17.79 61.51 -4.38
N PRO C 407 -18.22 61.59 -5.64
CA PRO C 407 -17.44 62.37 -6.60
C PRO C 407 -17.57 63.88 -6.40
N MET C 408 -18.77 64.39 -6.16
CA MET C 408 -18.93 65.84 -6.01
C MET C 408 -18.17 66.35 -4.78
N GLY C 409 -18.25 65.63 -3.66
CA GLY C 409 -17.51 66.05 -2.48
C GLY C 409 -16.01 66.00 -2.70
N ALA C 410 -15.53 64.98 -3.40
CA ALA C 410 -14.11 64.90 -3.72
C ALA C 410 -13.69 66.08 -4.58
N VAL C 411 -14.49 66.43 -5.59
CA VAL C 411 -14.17 67.57 -6.45
C VAL C 411 -14.15 68.85 -5.63
N HIS C 412 -15.12 69.04 -4.75
CA HIS C 412 -15.15 70.23 -3.90
C HIS C 412 -14.00 70.24 -2.89
N ASN C 413 -13.42 69.08 -2.60
CA ASN C 413 -12.35 68.97 -1.61
C ASN C 413 -10.97 68.93 -2.23
N ILE C 414 -10.84 69.18 -3.53
CA ILE C 414 -9.52 69.24 -4.16
C ILE C 414 -8.71 70.39 -3.59
N GLU C 415 -9.35 71.55 -3.42
CA GLU C 415 -8.63 72.71 -2.88
C GLU C 415 -8.17 72.45 -1.45
N SER C 416 -8.79 71.51 -0.74
CA SER C 416 -8.35 71.18 0.61
C SER C 416 -6.96 70.58 0.60
N LEU C 417 -6.64 69.77 -0.41
CA LEU C 417 -5.32 69.15 -0.48
C LEU C 417 -4.22 70.20 -0.61
N ARG C 418 -4.42 71.19 -1.49
CA ARG C 418 -3.45 72.24 -1.75
C ARG C 418 -2.07 71.68 -2.08
N MET D 1 -36.60 -31.00 -61.89
CA MET D 1 -37.49 -31.60 -60.90
C MET D 1 -37.04 -31.45 -59.42
N PRO D 2 -35.75 -31.25 -59.13
CA PRO D 2 -35.39 -30.89 -57.75
C PRO D 2 -36.04 -29.61 -57.27
N PHE D 3 -36.26 -28.65 -58.18
CA PHE D 3 -36.87 -27.37 -57.85
C PHE D 3 -38.28 -27.24 -58.40
N SER D 4 -38.48 -27.56 -59.68
CA SER D 4 -39.79 -27.38 -60.29
C SER D 4 -40.85 -28.27 -59.65
N ASP D 5 -40.54 -29.55 -59.48
CA ASP D 5 -41.51 -30.48 -58.91
C ASP D 5 -41.77 -30.17 -57.44
N PHE D 6 -40.71 -29.91 -56.67
CA PHE D 6 -40.86 -29.70 -55.24
C PHE D 6 -41.66 -28.43 -54.94
N VAL D 7 -41.42 -27.36 -55.69
CA VAL D 7 -42.12 -26.11 -55.44
C VAL D 7 -43.62 -26.27 -55.66
N LEU D 8 -43.99 -26.93 -56.76
CA LEU D 8 -45.41 -27.10 -57.07
C LEU D 8 -46.06 -28.14 -56.15
N ALA D 9 -45.33 -29.21 -55.82
CA ALA D 9 -45.90 -30.25 -54.98
C ALA D 9 -46.20 -29.73 -53.58
N LEU D 10 -45.31 -28.92 -53.02
CA LEU D 10 -45.53 -28.38 -51.68
C LEU D 10 -46.70 -27.40 -51.64
N LYS D 11 -47.10 -26.85 -52.79
CA LYS D 11 -48.26 -25.98 -52.83
C LYS D 11 -49.56 -26.72 -52.52
N ASP D 12 -49.57 -28.04 -52.69
CA ASP D 12 -50.75 -28.85 -52.42
C ASP D 12 -50.57 -29.72 -51.17
N ASN D 13 -49.60 -29.39 -50.32
CA ASN D 13 -49.37 -30.17 -49.10
C ASN D 13 -50.01 -29.45 -47.92
N PRO D 14 -51.08 -29.99 -47.33
CA PRO D 14 -51.69 -29.31 -46.18
C PRO D 14 -50.74 -29.11 -45.03
N TYR D 15 -49.86 -30.08 -44.77
CA TYR D 15 -48.90 -29.93 -43.68
C TYR D 15 -47.93 -28.78 -43.95
N PHE D 16 -47.44 -28.68 -45.18
CA PHE D 16 -46.53 -27.58 -45.53
C PHE D 16 -47.22 -26.24 -45.39
N GLY D 17 -48.48 -26.16 -45.86
CA GLY D 17 -49.22 -24.91 -45.72
C GLY D 17 -49.45 -24.52 -44.28
N ALA D 18 -49.80 -25.50 -43.44
CA ALA D 18 -50.00 -25.22 -42.02
C ALA D 18 -48.70 -24.77 -41.37
N GLY D 19 -47.58 -25.42 -41.71
CA GLY D 19 -46.30 -25.00 -41.16
C GLY D 19 -45.92 -23.59 -41.59
N PHE D 20 -46.13 -23.27 -42.86
CA PHE D 20 -45.85 -21.91 -43.34
C PHE D 20 -46.72 -20.89 -42.64
N GLY D 21 -48.01 -21.20 -42.44
CA GLY D 21 -48.88 -20.29 -41.72
C GLY D 21 -48.44 -20.09 -40.28
N LEU D 22 -48.02 -21.17 -39.61
CA LEU D 22 -47.54 -21.06 -38.24
C LEU D 22 -46.27 -20.22 -38.17
N VAL D 23 -45.36 -20.41 -39.12
CA VAL D 23 -44.14 -19.61 -39.15
C VAL D 23 -44.47 -18.14 -39.36
N GLY D 24 -45.40 -17.86 -40.28
CA GLY D 24 -45.80 -16.48 -40.49
C GLY D 24 -46.46 -15.87 -39.26
N VAL D 25 -47.27 -16.65 -38.56
CA VAL D 25 -47.91 -16.17 -37.33
C VAL D 25 -46.86 -15.86 -36.27
N GLY D 26 -45.86 -16.74 -36.13
CA GLY D 26 -44.80 -16.48 -35.17
C GLY D 26 -43.99 -15.24 -35.52
N THR D 27 -43.68 -15.07 -36.80
CA THR D 27 -42.96 -13.87 -37.23
C THR D 27 -43.77 -12.61 -36.96
N ALA D 28 -45.07 -12.66 -37.25
CA ALA D 28 -45.93 -11.52 -36.96
C ALA D 28 -45.98 -11.22 -35.47
N LEU D 29 -46.03 -12.26 -34.64
CA LEU D 29 -46.03 -12.06 -33.20
C LEU D 29 -44.73 -11.43 -32.72
N ALA D 30 -43.60 -11.88 -33.27
CA ALA D 30 -42.32 -11.29 -32.88
C ALA D 30 -42.24 -9.83 -33.31
N MET D 31 -42.70 -9.51 -34.52
CA MET D 31 -42.76 -8.11 -34.96
C MET D 31 -43.68 -7.30 -34.07
N ALA D 32 -44.81 -7.87 -33.65
CA ALA D 32 -45.72 -7.17 -32.75
C ALA D 32 -45.06 -6.89 -31.40
N ARG D 33 -44.32 -7.87 -30.88
CA ARG D 33 -43.62 -7.66 -29.62
C ARG D 33 -42.57 -6.56 -29.75
N LYS D 34 -41.81 -6.57 -30.84
CA LYS D 34 -40.81 -5.52 -31.05
C LYS D 34 -41.47 -4.15 -31.17
N GLY D 35 -42.58 -4.08 -31.91
CA GLY D 35 -43.28 -2.81 -32.04
C GLY D 35 -43.86 -2.33 -30.72
N ALA D 36 -44.34 -3.27 -29.89
CA ALA D 36 -44.84 -2.90 -28.57
C ALA D 36 -43.72 -2.34 -27.69
N GLN D 37 -42.55 -2.98 -27.75
CA GLN D 37 -41.41 -2.47 -27.00
C GLN D 37 -41.01 -1.07 -27.48
N LEU D 38 -40.98 -0.87 -28.80
CA LEU D 38 -40.65 0.44 -29.34
C LEU D 38 -41.67 1.49 -28.93
N GLY D 39 -42.96 1.12 -28.96
CA GLY D 39 -43.99 2.05 -28.54
C GLY D 39 -43.90 2.42 -27.08
N LEU D 40 -43.61 1.43 -26.23
CA LEU D 40 -43.42 1.71 -24.81
C LEU D 40 -42.22 2.63 -24.59
N VAL D 41 -41.14 2.40 -25.33
CA VAL D 41 -39.96 3.25 -25.21
C VAL D 41 -40.29 4.68 -25.62
N ALA D 42 -41.00 4.83 -26.74
CA ALA D 42 -41.37 6.17 -27.21
C ALA D 42 -42.30 6.87 -26.22
N PHE D 43 -43.26 6.13 -25.67
CA PHE D 43 -44.18 6.69 -24.68
C PHE D 43 -43.42 7.14 -23.44
N ARG D 44 -42.46 6.32 -22.99
CA ARG D 44 -41.65 6.71 -21.84
C ARG D 44 -40.83 7.95 -22.15
N ARG D 45 -40.31 8.05 -23.37
CA ARG D 45 -39.46 9.18 -23.72
C ARG D 45 -40.27 10.47 -23.84
N HIS D 46 -41.51 10.39 -24.32
CA HIS D 46 -42.27 11.59 -24.66
C HIS D 46 -43.37 11.95 -23.67
N TYR D 47 -43.66 11.10 -22.67
CA TYR D 47 -44.77 11.41 -21.77
C TYR D 47 -44.44 11.08 -20.31
N MET D 48 -43.16 10.91 -19.99
CA MET D 48 -42.77 10.61 -18.62
C MET D 48 -41.58 11.47 -18.24
N ILE D 49 -41.41 11.65 -16.94
CA ILE D 49 -40.29 12.40 -16.37
C ILE D 49 -39.57 11.48 -15.40
N THR D 50 -38.24 11.47 -15.48
CA THR D 50 -37.43 10.57 -14.66
C THR D 50 -36.26 11.34 -14.05
N LEU D 51 -35.88 10.93 -12.84
CA LEU D 51 -34.71 11.46 -12.17
C LEU D 51 -33.96 10.31 -11.52
N GLU D 52 -32.76 10.04 -12.02
CA GLU D 52 -31.95 8.93 -11.55
C GLU D 52 -30.80 9.47 -10.70
N VAL D 53 -30.70 8.98 -9.47
CA VAL D 53 -29.70 9.46 -8.52
C VAL D 53 -28.84 8.26 -8.10
N PRO D 54 -27.56 8.23 -8.46
CA PRO D 54 -26.70 7.13 -8.04
C PRO D 54 -26.34 7.24 -6.56
N ALA D 55 -25.89 6.11 -6.01
CA ALA D 55 -25.52 6.09 -4.59
C ALA D 55 -24.29 6.95 -4.33
N ARG D 56 -23.45 7.14 -5.34
CA ARG D 56 -22.25 7.96 -5.17
C ARG D 56 -22.61 9.40 -4.84
N ASP D 57 -23.63 9.95 -5.50
CA ASP D 57 -24.06 11.30 -5.21
C ASP D 57 -24.63 11.40 -3.80
N ARG D 58 -24.43 12.56 -3.18
CA ARG D 58 -24.88 12.76 -1.81
C ARG D 58 -26.38 12.99 -1.71
N SER D 59 -27.07 13.25 -2.82
CA SER D 59 -28.51 13.42 -2.78
C SER D 59 -29.25 12.12 -2.54
N TYR D 60 -28.56 10.98 -2.62
CA TYR D 60 -29.21 9.70 -2.39
C TYR D 60 -29.75 9.60 -0.97
N ALA D 61 -28.89 9.86 0.02
CA ALA D 61 -29.31 9.78 1.41
C ALA D 61 -30.36 10.84 1.74
N TRP D 62 -30.18 12.05 1.21
CA TRP D 62 -31.13 13.12 1.47
C TRP D 62 -32.51 12.76 0.92
N LEU D 63 -32.56 12.24 -0.30
CA LEU D 63 -33.83 11.87 -0.90
C LEU D 63 -34.47 10.72 -0.14
N LEU D 64 -33.67 9.75 0.30
CA LEU D 64 -34.24 8.64 1.07
C LEU D 64 -34.80 9.10 2.41
N SER D 65 -34.10 10.00 3.09
CA SER D 65 -34.62 10.54 4.34
C SER D 65 -35.89 11.35 4.11
N TRP D 66 -35.92 12.14 3.04
CA TRP D 66 -37.13 12.89 2.72
C TRP D 66 -38.29 11.96 2.43
N LEU D 67 -38.02 10.84 1.73
CA LEU D 67 -39.06 9.87 1.45
C LEU D 67 -39.58 9.25 2.74
N THR D 68 -38.67 8.82 3.62
CA THR D 68 -39.09 8.18 4.85
C THR D 68 -39.80 9.15 5.79
N ARG D 69 -39.61 10.46 5.60
CA ARG D 69 -40.38 11.42 6.38
C ARG D 69 -41.74 11.68 5.75
N HIS D 70 -41.78 11.90 4.44
CA HIS D 70 -43.03 12.22 3.76
C HIS D 70 -44.01 11.07 3.85
N SER D 71 -43.54 9.84 3.63
CA SER D 71 -44.39 8.66 3.69
C SER D 71 -44.12 7.96 5.01
N THR D 72 -44.85 8.38 6.05
CA THR D 72 -44.62 7.83 7.38
C THR D 72 -44.97 6.35 7.44
N ARG D 73 -46.06 5.95 6.80
CA ARG D 73 -46.53 4.57 6.84
C ARG D 73 -46.04 3.84 5.60
N THR D 74 -44.76 3.48 5.61
CA THR D 74 -44.15 2.67 4.56
C THR D 74 -44.04 1.23 5.07
N GLN D 75 -44.85 0.33 4.51
CA GLN D 75 -44.85 -1.05 4.97
C GLN D 75 -43.50 -1.72 4.71
N HIS D 76 -42.85 -1.38 3.61
CA HIS D 76 -41.56 -1.95 3.26
C HIS D 76 -40.47 -0.92 3.51
N LEU D 77 -39.49 -1.29 4.32
CA LEU D 77 -38.43 -0.35 4.68
C LEU D 77 -37.22 -1.14 5.16
N SER D 78 -36.08 -0.46 5.18
CA SER D 78 -34.84 -1.01 5.70
C SER D 78 -34.38 -0.17 6.88
N VAL D 79 -33.31 -0.60 7.53
CA VAL D 79 -32.83 0.05 8.73
C VAL D 79 -31.36 0.42 8.56
N GLU D 80 -31.03 1.62 9.03
CA GLU D 80 -29.64 2.10 9.06
C GLU D 80 -29.32 2.48 10.49
N THR D 81 -28.29 1.86 11.06
CA THR D 81 -27.93 2.07 12.45
C THR D 81 -26.69 2.95 12.54
N SER D 82 -26.79 4.03 13.31
CA SER D 82 -25.65 4.90 13.59
C SER D 82 -25.09 4.53 14.95
N TYR D 83 -23.95 3.85 14.95
CA TYR D 83 -23.32 3.37 16.18
C TYR D 83 -21.96 4.05 16.32
N LEU D 84 -21.73 4.68 17.47
CA LEU D 84 -20.47 5.34 17.73
C LEU D 84 -20.09 5.12 19.19
N GLN D 85 -18.95 4.47 19.41
CA GLN D 85 -18.42 4.23 20.75
C GLN D 85 -17.42 5.34 21.05
N HIS D 86 -17.88 6.34 21.80
CA HIS D 86 -17.00 7.43 22.19
C HIS D 86 -15.95 6.94 23.19
N GLU D 87 -14.90 7.73 23.37
CA GLU D 87 -13.90 7.42 24.37
C GLU D 87 -14.55 7.37 25.76
N SER D 88 -13.91 6.65 26.67
CA SER D 88 -14.40 6.32 28.00
C SER D 88 -15.57 5.36 27.94
N GLY D 89 -15.71 4.61 26.85
CA GLY D 89 -16.73 3.59 26.74
C GLY D 89 -18.15 4.11 26.74
N ARG D 90 -18.40 5.19 26.01
CA ARG D 90 -19.74 5.74 25.85
C ARG D 90 -20.26 5.34 24.48
N ILE D 91 -21.36 4.60 24.46
CA ILE D 91 -21.92 4.06 23.23
C ILE D 91 -23.17 4.84 22.87
N SER D 92 -23.21 5.37 21.65
CA SER D 92 -24.35 6.11 21.13
C SER D 92 -24.95 5.33 19.97
N THR D 93 -26.25 5.04 20.05
CA THR D 93 -26.94 4.29 19.01
C THR D 93 -28.23 5.00 18.63
N LYS D 94 -28.58 4.90 17.36
CA LYS D 94 -29.80 5.49 16.84
C LYS D 94 -30.19 4.76 15.57
N PHE D 95 -31.46 4.41 15.47
CA PHE D 95 -32.01 3.70 14.31
C PHE D 95 -32.63 4.70 13.35
N GLU D 96 -32.11 4.76 12.14
CA GLU D 96 -32.68 5.55 11.06
C GLU D 96 -33.30 4.58 10.06
N PHE D 97 -34.59 4.74 9.79
CA PHE D 97 -35.32 3.82 8.92
C PHE D 97 -35.39 4.38 7.51
N ILE D 98 -35.12 3.51 6.54
CA ILE D 98 -34.97 3.93 5.15
C ILE D 98 -35.83 3.03 4.27
N PRO D 99 -36.33 3.57 3.17
CA PRO D 99 -37.13 2.74 2.26
C PRO D 99 -36.34 1.54 1.75
N SER D 100 -37.01 0.40 1.68
CA SER D 100 -36.41 -0.84 1.26
C SER D 100 -36.26 -0.89 -0.25
N PRO D 101 -35.32 -1.68 -0.77
CA PRO D 101 -35.20 -1.83 -2.22
C PRO D 101 -36.48 -2.41 -2.82
N GLY D 102 -36.81 -1.94 -4.02
CA GLY D 102 -38.00 -2.35 -4.71
C GLY D 102 -38.74 -1.16 -5.29
N ASN D 103 -40.06 -1.26 -5.31
CA ASN D 103 -40.92 -0.22 -5.86
C ASN D 103 -41.76 0.39 -4.75
N HIS D 104 -41.80 1.72 -4.70
CA HIS D 104 -42.65 2.44 -3.76
C HIS D 104 -43.41 3.53 -4.51
N PHE D 105 -44.59 3.85 -3.99
CA PHE D 105 -45.45 4.87 -4.57
C PHE D 105 -45.74 5.94 -3.53
N ILE D 106 -45.60 7.20 -3.93
CA ILE D 106 -45.83 8.33 -3.06
C ILE D 106 -46.79 9.29 -3.77
N TRP D 107 -47.31 10.24 -2.99
CA TRP D 107 -48.24 11.24 -3.51
C TRP D 107 -47.67 12.62 -3.20
N TYR D 108 -47.14 13.28 -4.21
CA TYR D 108 -46.59 14.63 -4.07
C TYR D 108 -47.31 15.55 -5.05
N GLN D 109 -47.68 16.74 -4.55
CA GLN D 109 -48.54 17.68 -5.28
C GLN D 109 -49.80 16.89 -5.68
N GLY D 110 -50.20 16.91 -6.93
CA GLY D 110 -51.34 16.11 -7.37
C GLY D 110 -50.92 15.00 -8.31
N LYS D 111 -49.70 14.49 -8.13
CA LYS D 111 -49.11 13.50 -9.02
C LYS D 111 -48.70 12.27 -8.24
N TRP D 112 -48.90 11.10 -8.84
CA TRP D 112 -48.42 9.84 -8.28
C TRP D 112 -47.02 9.57 -8.81
N ILE D 113 -46.04 9.56 -7.91
CA ILE D 113 -44.64 9.39 -8.26
C ILE D 113 -44.19 8.00 -7.87
N ARG D 114 -43.59 7.28 -8.82
CA ARG D 114 -43.10 5.93 -8.59
C ARG D 114 -41.62 6.01 -8.24
N VAL D 115 -41.27 5.51 -7.07
CA VAL D 115 -39.90 5.52 -6.57
C VAL D 115 -39.32 4.12 -6.69
N GLU D 116 -38.16 4.01 -7.34
CA GLU D 116 -37.50 2.74 -7.57
C GLU D 116 -36.11 2.78 -6.96
N ARG D 117 -35.93 2.08 -5.84
CA ARG D 117 -34.61 1.90 -5.23
C ARG D 117 -34.10 0.52 -5.65
N ASN D 118 -33.18 0.50 -6.61
CA ASN D 118 -32.66 -0.74 -7.15
C ASN D 118 -31.23 -0.95 -6.66
N ARG D 119 -30.90 -2.19 -6.32
CA ARG D 119 -29.56 -2.58 -5.89
C ARG D 119 -29.08 -3.64 -6.87
N ASP D 120 -28.25 -3.24 -7.83
CA ASP D 120 -27.75 -4.17 -8.83
C ASP D 120 -26.83 -5.19 -8.18
N MET D 121 -27.29 -6.43 -8.10
CA MET D 121 -26.55 -7.51 -7.42
C MET D 121 -25.53 -8.16 -8.35
N GLN D 122 -24.76 -7.34 -9.05
CA GLN D 122 -23.75 -7.86 -9.99
C GLN D 122 -22.34 -7.45 -9.60
N MET D 123 -22.06 -6.17 -9.39
CA MET D 123 -20.74 -5.72 -8.99
C MET D 123 -20.79 -5.13 -7.59
N VAL D 124 -19.61 -4.70 -7.12
CA VAL D 124 -19.45 -4.03 -5.84
C VAL D 124 -18.74 -2.71 -6.11
N ASP D 125 -19.23 -1.63 -5.52
CA ASP D 125 -18.57 -0.35 -5.66
C ASP D 125 -17.19 -0.40 -4.99
N LEU D 126 -16.18 0.08 -5.71
CA LEU D 126 -14.82 0.03 -5.20
C LEU D 126 -14.55 1.10 -4.14
N GLN D 127 -15.22 2.25 -4.23
CA GLN D 127 -14.97 3.35 -3.31
C GLN D 127 -15.73 3.21 -1.99
N THR D 128 -16.65 2.24 -1.89
CA THR D 128 -17.44 2.09 -0.68
C THR D 128 -17.40 0.64 -0.19
N GLY D 129 -17.23 -0.29 -1.12
CA GLY D 129 -17.33 -1.69 -0.78
C GLY D 129 -18.74 -2.23 -0.72
N THR D 130 -19.71 -1.46 -1.18
CA THR D 130 -21.12 -1.83 -1.18
C THR D 130 -21.58 -2.06 -2.60
N PRO D 131 -22.64 -2.86 -2.81
CA PRO D 131 -23.19 -3.01 -4.15
C PRO D 131 -23.71 -1.68 -4.68
N TRP D 132 -23.76 -1.58 -6.00
CA TRP D 132 -24.16 -0.34 -6.67
C TRP D 132 -25.67 -0.16 -6.49
N GLU D 133 -26.06 0.93 -5.85
CA GLU D 133 -27.46 1.26 -5.61
C GLU D 133 -27.81 2.58 -6.28
N SER D 134 -29.10 2.77 -6.57
CA SER D 134 -29.59 4.01 -7.14
C SER D 134 -31.08 4.14 -6.84
N VAL D 135 -31.58 5.36 -6.92
CA VAL D 135 -32.99 5.67 -6.72
C VAL D 135 -33.50 6.42 -7.95
N THR D 136 -34.66 6.01 -8.45
CA THR D 136 -35.24 6.59 -9.65
C THR D 136 -36.67 7.05 -9.34
N PHE D 137 -36.98 8.29 -9.72
CA PHE D 137 -38.31 8.84 -9.57
C PHE D 137 -38.97 8.92 -10.94
N THR D 138 -40.15 8.34 -11.07
CA THR D 138 -40.89 8.32 -12.33
C THR D 138 -42.29 8.88 -12.11
N ALA D 139 -42.75 9.67 -13.07
CA ALA D 139 -44.06 10.30 -12.97
C ALA D 139 -44.59 10.60 -14.36
N LEU D 140 -45.88 10.86 -14.43
CA LEU D 140 -46.54 11.18 -15.69
C LEU D 140 -46.62 12.69 -15.87
N GLY D 141 -46.20 13.17 -17.05
CA GLY D 141 -46.25 14.56 -17.38
C GLY D 141 -44.97 14.99 -18.08
N THR D 142 -44.86 16.30 -18.31
CA THR D 142 -43.69 16.84 -18.98
C THR D 142 -43.06 18.00 -18.21
N ASP D 143 -43.33 18.11 -16.92
CA ASP D 143 -42.78 19.18 -16.09
C ASP D 143 -41.76 18.62 -15.12
N ARG D 144 -40.58 19.23 -15.11
CA ARG D 144 -39.50 18.80 -14.23
C ARG D 144 -39.47 19.55 -12.90
N LYS D 145 -40.42 20.46 -12.68
CA LYS D 145 -40.39 21.28 -11.47
C LYS D 145 -40.63 20.44 -10.22
N VAL D 146 -41.37 19.33 -10.34
CA VAL D 146 -41.69 18.50 -9.19
C VAL D 146 -40.41 17.92 -8.60
N PHE D 147 -39.54 17.37 -9.46
CA PHE D 147 -38.30 16.80 -8.97
C PHE D 147 -37.38 17.87 -8.40
N PHE D 148 -37.37 19.05 -9.01
CA PHE D 148 -36.56 20.15 -8.48
C PHE D 148 -37.01 20.53 -7.08
N ASN D 149 -38.32 20.64 -6.88
CA ASN D 149 -38.84 20.96 -5.56
C ASN D 149 -38.53 19.87 -4.55
N ILE D 150 -38.65 18.61 -4.97
CA ILE D 150 -38.34 17.50 -4.06
C ILE D 150 -36.88 17.54 -3.65
N LEU D 151 -35.99 17.75 -4.61
CA LEU D 151 -34.56 17.83 -4.28
C LEU D 151 -34.27 19.00 -3.37
N GLU D 152 -34.90 20.15 -3.61
CA GLU D 152 -34.67 21.31 -2.75
C GLU D 152 -35.15 21.03 -1.33
N GLU D 153 -36.32 20.41 -1.20
CA GLU D 153 -36.83 20.06 0.14
C GLU D 153 -35.90 19.09 0.84
N ALA D 154 -35.41 18.08 0.12
CA ALA D 154 -34.50 17.11 0.72
C ALA D 154 -33.21 17.78 1.17
N ARG D 155 -32.66 18.68 0.35
CA ARG D 155 -31.45 19.39 0.72
C ARG D 155 -31.66 20.26 1.95
N ALA D 156 -32.80 20.98 1.99
CA ALA D 156 -33.09 21.81 3.14
C ALA D 156 -33.24 20.97 4.41
N LEU D 157 -33.90 19.83 4.30
CA LEU D 157 -34.04 18.95 5.46
C LEU D 157 -32.70 18.42 5.92
N ALA D 158 -31.84 18.05 4.97
CA ALA D 158 -30.52 17.53 5.34
C ALA D 158 -29.67 18.59 6.02
N LEU D 159 -29.72 19.83 5.53
CA LEU D 159 -28.88 20.88 6.10
C LEU D 159 -29.43 21.41 7.41
N GLN D 160 -30.70 21.17 7.72
CA GLN D 160 -31.26 21.69 8.97
C GLN D 160 -30.78 20.90 10.18
N GLN D 161 -30.25 19.70 9.97
CA GLN D 161 -29.73 18.88 11.07
C GLN D 161 -28.26 19.16 11.37
N GLU D 162 -27.64 20.10 10.66
CA GLU D 162 -26.24 20.44 10.87
C GLU D 162 -26.14 21.76 11.62
N GLU D 163 -25.38 21.75 12.72
CA GLU D 163 -25.19 22.93 13.54
C GLU D 163 -23.83 23.56 13.24
N GLY D 164 -23.84 24.84 12.91
CA GLY D 164 -22.60 25.52 12.60
C GLY D 164 -21.70 25.65 13.82
N LYS D 165 -20.41 25.71 13.57
CA LYS D 165 -19.41 25.82 14.62
C LYS D 165 -18.37 26.86 14.23
N THR D 166 -17.72 27.43 15.24
CA THR D 166 -16.65 28.40 15.06
C THR D 166 -15.34 27.74 15.44
N VAL D 167 -14.33 27.86 14.59
CA VAL D 167 -13.03 27.24 14.83
C VAL D 167 -12.01 28.32 15.14
N MET D 168 -11.31 28.17 16.25
CA MET D 168 -10.25 29.09 16.63
C MET D 168 -8.94 28.59 16.07
N TYR D 169 -8.22 29.47 15.38
CA TYR D 169 -6.91 29.16 14.81
C TYR D 169 -5.84 29.89 15.62
N THR D 170 -5.00 29.13 16.30
CA THR D 170 -3.87 29.69 17.02
C THR D 170 -2.62 29.63 16.15
N ALA D 171 -1.62 30.41 16.53
CA ALA D 171 -0.37 30.50 15.79
C ALA D 171 0.79 30.04 16.65
N VAL D 172 1.52 29.04 16.15
CA VAL D 172 2.76 28.60 16.77
C VAL D 172 3.85 28.70 15.70
N GLY D 173 5.02 29.21 16.08
CA GLY D 173 6.08 29.46 15.12
C GLY D 173 5.62 30.40 14.03
N SER D 174 5.58 29.90 12.80
CA SER D 174 5.09 30.65 11.65
C SER D 174 3.98 29.88 10.93
N GLU D 175 3.07 29.30 11.69
CA GLU D 175 1.98 28.50 11.13
C GLU D 175 0.72 28.68 11.96
N TRP D 176 -0.42 28.50 11.31
CA TRP D 176 -1.72 28.54 11.97
C TRP D 176 -2.17 27.12 12.29
N ARG D 177 -2.58 26.92 13.55
CA ARG D 177 -3.00 25.61 14.02
C ARG D 177 -4.42 25.68 14.57
N THR D 178 -5.15 24.57 14.40
CA THR D 178 -6.51 24.46 14.89
C THR D 178 -6.46 24.18 16.39
N PHE D 179 -6.68 25.23 17.19
CA PHE D 179 -6.62 25.10 18.64
C PHE D 179 -7.94 24.58 19.18
N GLY D 180 -7.87 23.54 19.99
CA GLY D 180 -9.07 23.00 20.61
C GLY D 180 -9.98 22.30 19.60
N TYR D 181 -11.25 22.26 19.96
CA TYR D 181 -12.30 21.65 19.16
C TYR D 181 -13.28 22.70 18.69
N PRO D 182 -14.06 22.41 17.64
CA PRO D 182 -15.08 23.37 17.19
C PRO D 182 -16.01 23.76 18.34
N ARG D 183 -16.31 25.05 18.41
CA ARG D 183 -17.12 25.59 19.50
C ARG D 183 -18.51 25.97 19.01
N ARG D 184 -19.47 25.92 19.92
CA ARG D 184 -20.81 26.38 19.63
C ARG D 184 -20.81 27.89 19.37
N ARG D 185 -21.55 28.31 18.35
CA ARG D 185 -21.58 29.71 17.97
C ARG D 185 -22.50 30.49 18.89
N ARG D 186 -21.95 31.48 19.57
CA ARG D 186 -22.76 32.31 20.46
C ARG D 186 -23.71 33.17 19.63
N PRO D 187 -25.00 33.18 19.95
CA PRO D 187 -25.94 34.01 19.18
C PRO D 187 -25.58 35.49 19.29
N LEU D 188 -25.81 36.22 18.20
CA LEU D 188 -25.44 37.62 18.15
C LEU D 188 -26.25 38.45 19.15
N ASP D 189 -27.54 38.15 19.28
CA ASP D 189 -28.39 38.91 20.19
C ASP D 189 -27.99 38.71 21.64
N SER D 190 -27.23 37.66 21.95
CA SER D 190 -26.79 37.43 23.32
C SER D 190 -25.90 38.59 23.79
N VAL D 191 -25.02 39.07 22.92
CA VAL D 191 -24.14 40.18 23.26
C VAL D 191 -24.83 41.48 22.86
N VAL D 192 -25.02 42.37 23.84
CA VAL D 192 -25.64 43.66 23.60
C VAL D 192 -24.61 44.76 23.90
N LEU D 193 -24.16 45.47 22.86
CA LEU D 193 -23.15 46.50 23.07
C LEU D 193 -23.78 47.89 23.23
N GLN D 194 -24.59 48.31 22.29
CA GLN D 194 -25.15 49.66 22.31
C GLN D 194 -26.42 49.65 21.47
N GLN D 195 -26.96 50.85 21.23
CA GLN D 195 -28.24 50.98 20.53
C GLN D 195 -28.14 50.49 19.09
N GLY D 196 -27.10 50.88 18.39
CA GLY D 196 -26.98 50.55 16.99
C GLY D 196 -25.58 50.24 16.51
N LEU D 197 -24.64 50.09 17.44
CA LEU D 197 -23.27 49.76 17.05
C LEU D 197 -23.19 48.40 16.39
N ALA D 198 -23.88 47.40 16.94
CA ALA D 198 -23.87 46.07 16.33
C ALA D 198 -24.47 46.11 14.94
N ASP D 199 -25.59 46.82 14.76
CA ASP D 199 -26.20 46.93 13.44
C ASP D 199 -25.28 47.62 12.46
N ARG D 200 -24.62 48.70 12.88
CA ARG D 200 -23.71 49.41 11.98
C ARG D 200 -22.55 48.53 11.57
N ILE D 201 -21.96 47.81 12.52
CA ILE D 201 -20.82 46.95 12.21
C ILE D 201 -21.25 45.82 11.28
N VAL D 202 -22.39 45.19 11.57
CA VAL D 202 -22.87 44.10 10.73
C VAL D 202 -23.16 44.59 9.32
N LYS D 203 -23.80 45.76 9.20
CA LYS D 203 -24.10 46.30 7.88
C LYS D 203 -22.83 46.61 7.11
N ASP D 204 -21.83 47.20 7.77
CA ASP D 204 -20.57 47.49 7.09
C ASP D 204 -19.90 46.22 6.63
N ILE D 205 -19.87 45.20 7.48
CA ILE D 205 -19.22 43.94 7.11
C ILE D 205 -19.95 43.28 5.95
N ARG D 206 -21.29 43.28 5.98
CA ARG D 206 -22.05 42.69 4.89
C ARG D 206 -21.81 43.44 3.59
N GLU D 207 -21.76 44.77 3.65
CA GLU D 207 -21.48 45.54 2.44
C GLU D 207 -20.09 45.24 1.90
N PHE D 208 -19.10 45.12 2.79
CA PHE D 208 -17.74 44.82 2.35
C PHE D 208 -17.65 43.44 1.71
N ILE D 209 -18.30 42.44 2.33
CA ILE D 209 -18.20 41.08 1.82
C ILE D 209 -18.98 40.93 0.52
N ASP D 210 -20.18 41.48 0.45
CA ASP D 210 -21.09 41.23 -0.66
C ASP D 210 -20.76 42.05 -1.90
N ASN D 211 -19.70 42.85 -1.87
CA ASN D 211 -19.29 43.65 -3.03
C ASN D 211 -17.81 43.45 -3.31
N PRO D 212 -17.41 42.25 -3.75
CA PRO D 212 -16.00 42.05 -4.11
C PRO D 212 -15.66 42.63 -5.47
N LYS D 213 -16.65 42.77 -6.36
CA LYS D 213 -16.39 43.33 -7.68
C LYS D 213 -15.98 44.80 -7.59
N TRP D 214 -16.45 45.51 -6.56
CA TRP D 214 -16.11 46.91 -6.41
C TRP D 214 -14.62 47.09 -6.18
N TYR D 215 -14.02 46.24 -5.36
CA TYR D 215 -12.61 46.41 -5.00
C TYR D 215 -11.69 46.00 -6.14
N ILE D 216 -12.01 44.89 -6.81
CA ILE D 216 -11.11 44.38 -7.84
C ILE D 216 -11.09 45.30 -9.06
N ASP D 217 -12.25 45.86 -9.43
CA ASP D 217 -12.31 46.70 -10.60
C ASP D 217 -11.54 48.00 -10.43
N ARG D 218 -11.55 48.56 -9.22
CA ARG D 218 -10.83 49.79 -8.95
C ARG D 218 -9.39 49.56 -8.54
N GLY D 219 -8.94 48.31 -8.49
CA GLY D 219 -7.56 48.02 -8.15
C GLY D 219 -7.19 48.41 -6.73
N ILE D 220 -8.10 48.22 -5.79
CA ILE D 220 -7.85 48.52 -4.38
C ILE D 220 -7.86 47.21 -3.63
N PRO D 221 -6.96 47.01 -2.66
CA PRO D 221 -6.92 45.72 -1.94
C PRO D 221 -8.24 45.41 -1.26
N TYR D 222 -8.60 44.14 -1.28
CA TYR D 222 -9.85 43.66 -0.67
C TYR D 222 -9.64 43.39 0.82
N ARG D 223 -9.17 44.43 1.51
CA ARG D 223 -8.80 44.33 2.92
C ARG D 223 -9.49 45.44 3.70
N ARG D 224 -10.02 45.09 4.86
CA ARG D 224 -10.69 46.05 5.73
C ARG D 224 -10.33 45.76 7.18
N GLY D 225 -10.30 46.82 7.99
CA GLY D 225 -9.95 46.68 9.39
C GLY D 225 -10.87 47.45 10.31
N TYR D 226 -11.09 46.93 11.52
CA TYR D 226 -11.94 47.55 12.52
C TYR D 226 -11.21 47.65 13.84
N LEU D 227 -11.55 48.67 14.62
CA LEU D 227 -10.98 48.89 15.93
C LEU D 227 -12.09 49.07 16.96
N LEU D 228 -11.95 48.40 18.09
CA LEU D 228 -12.89 48.53 19.20
C LEU D 228 -12.12 48.88 20.46
N TYR D 229 -12.38 50.07 20.99
CA TYR D 229 -11.69 50.55 22.19
C TYR D 229 -12.72 50.90 23.25
N GLY D 230 -12.46 50.47 24.48
CA GLY D 230 -13.35 50.70 25.58
C GLY D 230 -12.84 50.08 26.87
N PRO D 231 -13.62 50.21 27.94
CA PRO D 231 -13.20 49.62 29.21
C PRO D 231 -13.12 48.12 29.10
N PRO D 232 -12.24 47.49 29.88
CA PRO D 232 -12.14 46.02 29.83
C PRO D 232 -13.41 45.36 30.31
N GLY D 233 -13.67 44.16 29.78
CA GLY D 233 -14.86 43.43 30.16
C GLY D 233 -16.15 43.99 29.60
N CYS D 234 -16.07 44.76 28.52
CA CYS D 234 -17.26 45.35 27.91
C CYS D 234 -17.88 44.45 26.84
N GLY D 235 -17.27 43.31 26.54
CA GLY D 235 -17.84 42.38 25.60
C GLY D 235 -17.34 42.53 24.18
N LYS D 236 -16.03 42.79 24.04
CA LYS D 236 -15.46 42.97 22.71
C LYS D 236 -15.19 41.64 22.04
N SER D 237 -14.41 40.78 22.71
CA SER D 237 -14.09 39.47 22.15
C SER D 237 -15.34 38.63 21.95
N SER D 238 -16.29 38.72 22.89
CA SER D 238 -17.55 37.99 22.73
C SER D 238 -18.29 38.46 21.49
N PHE D 239 -18.33 39.78 21.26
CA PHE D 239 -18.98 40.28 20.05
C PHE D 239 -18.27 39.82 18.80
N ILE D 240 -16.93 39.78 18.84
CA ILE D 240 -16.18 39.30 17.67
C ILE D 240 -16.54 37.86 17.38
N THR D 241 -16.59 37.02 18.43
CA THR D 241 -16.96 35.62 18.23
C THR D 241 -18.38 35.49 17.69
N ALA D 242 -19.32 36.28 18.21
CA ALA D 242 -20.69 36.21 17.73
C ALA D 242 -20.78 36.63 16.27
N LEU D 243 -20.06 37.68 15.89
CA LEU D 243 -20.06 38.14 14.50
C LEU D 243 -19.47 37.08 13.58
N ALA D 244 -18.38 36.44 14.02
CA ALA D 244 -17.78 35.38 13.22
C ALA D 244 -18.74 34.21 13.05
N GLY D 245 -19.46 33.86 14.12
CA GLY D 245 -20.45 32.81 14.01
C GLY D 245 -21.57 33.17 13.06
N GLU D 246 -22.01 34.43 13.10
CA GLU D 246 -23.05 34.88 12.18
C GLU D 246 -22.57 34.83 10.74
N LEU D 247 -21.32 35.21 10.49
CA LEU D 247 -20.76 35.19 9.14
C LEU D 247 -20.20 33.82 8.75
N GLU D 248 -20.28 32.83 9.64
CA GLU D 248 -19.75 31.49 9.44
C GLU D 248 -18.25 31.48 9.21
N HIS D 249 -17.54 32.54 9.61
CA HIS D 249 -16.10 32.57 9.48
C HIS D 249 -15.44 31.93 10.70
N SER D 250 -14.11 31.96 10.72
CA SER D 250 -13.34 31.43 11.83
C SER D 250 -12.39 32.50 12.34
N ILE D 251 -12.29 32.62 13.66
CA ILE D 251 -11.41 33.62 14.26
C ILE D 251 -10.02 33.04 14.39
N CYS D 252 -9.01 33.83 14.02
CA CYS D 252 -7.61 33.47 14.18
C CYS D 252 -7.05 34.38 15.27
N LEU D 253 -7.21 33.96 16.52
CA LEU D 253 -6.77 34.76 17.65
C LEU D 253 -5.26 34.74 17.74
N LEU D 254 -4.66 35.92 17.90
CA LEU D 254 -3.23 36.06 18.04
C LEU D 254 -2.93 37.15 19.06
N SER D 255 -2.04 36.85 20.00
CA SER D 255 -1.65 37.80 21.06
C SER D 255 -0.31 38.40 20.66
N LEU D 256 -0.35 39.61 20.10
CA LEU D 256 0.89 40.29 19.74
C LEU D 256 1.66 40.79 20.95
N THR D 257 1.03 40.81 22.13
CA THR D 257 1.73 41.22 23.34
C THR D 257 2.84 40.24 23.70
N ASP D 258 2.77 39.01 23.19
CA ASP D 258 3.84 38.05 23.42
C ASP D 258 5.06 38.41 22.57
N SER D 259 6.25 38.18 23.13
CA SER D 259 7.49 38.46 22.44
C SER D 259 7.97 37.30 21.58
N SER D 260 7.20 36.20 21.54
CA SER D 260 7.62 35.04 20.75
C SER D 260 7.69 35.38 19.27
N LEU D 261 6.71 36.14 18.77
CA LEU D 261 6.66 36.50 17.35
C LEU D 261 7.35 37.83 17.10
N SER D 262 7.97 37.94 15.93
CA SER D 262 8.63 39.16 15.50
C SER D 262 7.82 39.85 14.41
N ASP D 263 8.35 40.96 13.91
CA ASP D 263 7.67 41.70 12.85
C ASP D 263 7.55 40.85 11.59
N ASP D 264 8.65 40.21 11.18
CA ASP D 264 8.59 39.32 10.03
C ASP D 264 7.69 38.13 10.30
N ARG D 265 7.77 37.56 11.51
CA ARG D 265 6.89 36.47 11.87
C ARG D 265 5.44 36.91 11.88
N LEU D 266 5.16 38.12 12.39
CA LEU D 266 3.80 38.64 12.36
C LEU D 266 3.29 38.80 10.94
N ASN D 267 4.14 39.35 10.05
CA ASN D 267 3.73 39.51 8.67
C ASN D 267 3.46 38.16 8.01
N HIS D 268 4.31 37.16 8.27
CA HIS D 268 4.10 35.84 7.70
C HIS D 268 2.80 35.23 8.20
N LEU D 269 2.53 35.34 9.50
CA LEU D 269 1.30 34.78 10.05
C LEU D 269 0.07 35.48 9.49
N LEU D 270 0.13 36.81 9.37
CA LEU D 270 -1.00 37.56 8.84
C LEU D 270 -1.20 37.32 7.35
N SER D 271 -0.15 36.96 6.62
CA SER D 271 -0.26 36.71 5.20
C SER D 271 -0.77 35.31 4.88
N VAL D 272 -0.54 34.35 5.78
CA VAL D 272 -0.91 32.97 5.54
C VAL D 272 -2.20 32.60 6.27
N ALA D 273 -2.98 33.60 6.66
CA ALA D 273 -4.22 33.33 7.39
C ALA D 273 -5.18 32.54 6.51
N PRO D 274 -5.95 31.61 7.08
CA PRO D 274 -6.86 30.80 6.27
C PRO D 274 -7.94 31.64 5.61
N GLN D 275 -8.40 31.17 4.45
CA GLN D 275 -9.44 31.87 3.72
C GLN D 275 -10.76 31.83 4.49
N GLN D 276 -11.58 32.86 4.28
CA GLN D 276 -12.88 32.98 4.95
C GLN D 276 -12.73 32.93 6.46
N SER D 277 -11.66 33.53 6.98
CA SER D 277 -11.34 33.49 8.39
C SER D 277 -11.01 34.89 8.89
N LEU D 278 -11.47 35.19 10.10
CA LEU D 278 -11.16 36.45 10.74
C LEU D 278 -9.89 36.32 11.58
N VAL D 279 -9.19 37.43 11.72
CA VAL D 279 -7.98 37.51 12.54
C VAL D 279 -8.19 38.55 13.63
N LEU D 280 -7.89 38.17 14.86
CA LEU D 280 -8.07 39.05 16.00
C LEU D 280 -6.73 39.25 16.70
N LEU D 281 -6.36 40.50 16.92
CA LEU D 281 -5.10 40.87 17.55
C LEU D 281 -5.43 41.75 18.76
N GLU D 282 -5.53 41.13 19.93
CA GLU D 282 -5.84 41.86 21.15
C GLU D 282 -4.57 42.39 21.80
N ASP D 283 -4.77 43.27 22.79
CA ASP D 283 -3.68 43.91 23.52
C ASP D 283 -2.74 44.65 22.58
N VAL D 284 -3.33 45.35 21.59
CA VAL D 284 -2.53 46.04 20.59
C VAL D 284 -1.75 47.20 21.21
N ASP D 285 -2.17 47.65 22.40
CA ASP D 285 -1.48 48.76 23.04
C ASP D 285 -0.07 48.38 23.48
N ALA D 286 0.13 47.12 23.88
CA ALA D 286 1.41 46.71 24.44
C ALA D 286 2.53 46.82 23.41
N ALA D 287 2.32 46.26 22.23
CA ALA D 287 3.35 46.31 21.19
C ALA D 287 3.59 47.75 20.74
N PHE D 288 2.52 48.53 20.60
CA PHE D 288 2.67 49.92 20.17
C PHE D 288 3.38 50.75 21.22
N LEU D 289 3.12 50.47 22.50
CA LEU D 289 3.78 51.20 23.58
C LEU D 289 5.29 50.97 23.56
N SER D 290 5.71 49.72 23.36
CA SER D 290 7.12 49.38 23.33
C SER D 290 7.81 49.97 22.10
N ARG D 306 11.95 41.47 18.26
CA ARG D 306 10.66 40.87 18.56
C ARG D 306 9.57 41.94 18.59
N LEU D 307 9.47 42.65 19.72
CA LEU D 307 8.46 43.68 19.87
C LEU D 307 8.76 44.88 18.97
N THR D 308 7.71 45.50 18.46
CA THR D 308 7.84 46.67 17.61
C THR D 308 6.55 47.48 17.68
N PHE D 309 6.67 48.76 17.36
CA PHE D 309 5.51 49.67 17.35
C PHE D 309 5.10 50.04 15.93
N SER D 310 6.05 50.45 15.09
CA SER D 310 5.76 50.76 13.69
C SER D 310 5.89 49.55 12.79
N GLY D 311 6.62 48.52 13.21
CA GLY D 311 6.77 47.34 12.38
C GLY D 311 5.45 46.65 12.12
N LEU D 312 4.59 46.57 13.15
CA LEU D 312 3.30 45.91 12.98
C LEU D 312 2.42 46.67 11.98
N LEU D 313 2.40 48.00 12.06
CA LEU D 313 1.57 48.77 11.12
C LEU D 313 2.15 48.73 9.72
N ASN D 314 3.49 48.68 9.61
CA ASN D 314 4.10 48.49 8.30
C ASN D 314 3.73 47.14 7.70
N ALA D 315 3.74 46.09 8.53
CA ALA D 315 3.38 44.76 8.06
C ALA D 315 1.90 44.69 7.67
N LEU D 316 1.06 45.42 8.39
CA LEU D 316 -0.37 45.43 8.06
C LEU D 316 -0.61 45.98 6.66
N ASP D 317 0.08 47.06 6.30
CA ASP D 317 -0.09 47.65 4.98
C ASP D 317 0.53 46.82 3.87
N GLY D 318 1.32 45.79 4.21
CA GLY D 318 1.91 44.95 3.19
C GLY D 318 0.87 44.23 2.37
N VAL D 319 1.17 44.08 1.07
CA VAL D 319 0.25 43.40 0.16
C VAL D 319 0.21 41.90 0.37
N ALA D 320 1.06 41.35 1.25
CA ALA D 320 1.08 39.93 1.53
C ALA D 320 -0.16 39.55 2.32
N SER D 321 -1.19 39.09 1.62
CA SER D 321 -2.45 38.73 2.24
C SER D 321 -3.21 37.82 1.27
N THR D 322 -4.48 37.57 1.59
CA THR D 322 -5.34 36.78 0.73
C THR D 322 -6.61 37.58 0.48
N GLU D 323 -7.57 36.95 -0.20
CA GLU D 323 -8.84 37.62 -0.48
C GLU D 323 -9.65 37.78 0.80
N ALA D 324 -10.21 38.98 0.99
CA ALA D 324 -11.11 39.28 2.11
C ALA D 324 -10.40 39.03 3.45
N ARG D 325 -9.34 39.80 3.69
CA ARG D 325 -8.61 39.74 4.96
C ARG D 325 -9.25 40.74 5.92
N ILE D 326 -10.15 40.23 6.74
CA ILE D 326 -10.82 41.05 7.75
C ILE D 326 -10.05 40.97 9.06
N VAL D 327 -9.63 42.11 9.58
CA VAL D 327 -8.83 42.19 10.79
C VAL D 327 -9.53 43.09 11.79
N PHE D 328 -9.58 42.65 13.05
CA PHE D 328 -10.23 43.39 14.11
C PHE D 328 -9.21 43.82 15.15
N MET D 329 -9.30 45.08 15.57
CA MET D 329 -8.42 45.64 16.59
C MET D 329 -9.23 45.88 17.85
N THR D 330 -8.71 45.44 18.99
CA THR D 330 -9.34 45.66 20.28
C THR D 330 -8.29 46.09 21.29
N THR D 331 -8.62 47.11 22.08
CA THR D 331 -7.72 47.65 23.09
C THR D 331 -8.54 48.32 24.18
N ASN D 332 -7.91 48.49 25.35
CA ASN D 332 -8.58 49.13 26.47
C ASN D 332 -8.65 50.64 26.29
N TYR D 333 -7.61 51.24 25.72
CA TYR D 333 -7.57 52.68 25.52
C TYR D 333 -7.00 53.00 24.14
N ILE D 334 -7.43 54.12 23.59
CA ILE D 334 -7.03 54.53 22.25
C ILE D 334 -5.96 55.61 22.26
N ASP D 335 -5.76 56.29 23.39
CA ASP D 335 -4.81 57.41 23.42
C ASP D 335 -3.38 56.95 23.19
N ARG D 336 -3.06 55.71 23.57
CA ARG D 336 -1.69 55.21 23.40
C ARG D 336 -1.34 55.02 21.93
N LEU D 337 -2.32 54.90 21.05
CA LEU D 337 -2.07 54.71 19.63
C LEU D 337 -1.92 56.08 18.95
N ASP D 338 -1.87 56.09 17.63
CA ASP D 338 -1.69 57.29 16.86
C ASP D 338 -2.70 57.36 15.73
N PRO D 339 -3.04 58.56 15.26
CA PRO D 339 -3.97 58.68 14.11
C PRO D 339 -3.43 58.05 12.83
N ALA D 340 -2.12 57.86 12.72
CA ALA D 340 -1.56 57.24 11.52
C ALA D 340 -2.05 55.81 11.35
N LEU D 341 -2.36 55.14 12.47
CA LEU D 341 -2.88 53.77 12.38
C LEU D 341 -4.25 53.75 11.71
N ILE D 342 -5.08 54.75 11.99
CA ILE D 342 -6.44 54.81 11.44
C ILE D 342 -6.38 55.54 10.11
N ARG D 343 -6.58 54.79 9.02
CA ARG D 343 -6.52 55.33 7.67
C ARG D 343 -7.02 54.26 6.71
N PRO D 344 -7.44 54.64 5.51
CA PRO D 344 -7.79 53.65 4.49
C PRO D 344 -6.59 52.76 4.17
N GLY D 345 -6.89 51.49 3.90
CA GLY D 345 -5.86 50.47 3.84
C GLY D 345 -5.44 49.96 5.20
N ARG D 346 -6.04 50.48 6.26
CA ARG D 346 -5.75 50.13 7.64
C ARG D 346 -7.10 50.09 8.36
N VAL D 347 -7.07 50.19 9.68
CA VAL D 347 -8.29 50.35 10.47
C VAL D 347 -9.19 51.39 9.82
N ASP D 348 -10.44 51.01 9.56
CA ASP D 348 -11.36 51.86 8.82
C ASP D 348 -12.50 52.39 9.68
N LEU D 349 -13.25 51.52 10.35
CA LEU D 349 -14.39 51.92 11.15
C LEU D 349 -14.07 51.59 12.61
N LYS D 350 -13.56 52.58 13.33
CA LYS D 350 -13.34 52.43 14.76
C LYS D 350 -14.62 52.74 15.52
N GLU D 351 -14.86 51.98 16.58
CA GLU D 351 -16.04 52.18 17.43
C GLU D 351 -15.63 52.12 18.89
N TYR D 352 -16.32 52.92 19.70
CA TYR D 352 -16.07 52.96 21.14
C TYR D 352 -17.18 52.20 21.85
N VAL D 353 -16.80 51.16 22.58
CA VAL D 353 -17.75 50.43 23.41
C VAL D 353 -17.71 51.02 24.82
N GLY D 354 -18.88 51.31 25.37
CA GLY D 354 -18.96 51.95 26.66
C GLY D 354 -19.67 51.12 27.72
N TYR D 355 -19.95 51.73 28.87
CA TYR D 355 -20.64 51.03 29.94
C TYR D 355 -22.11 50.86 29.61
N CYS D 356 -22.77 50.01 30.40
CA CYS D 356 -24.17 49.68 30.14
C CYS D 356 -25.06 50.91 30.27
N SER D 357 -26.06 50.98 29.42
CA SER D 357 -27.08 52.02 29.44
C SER D 357 -28.40 51.42 29.89
N HIS D 358 -29.43 52.27 29.98
CA HIS D 358 -30.75 51.79 30.37
C HIS D 358 -31.26 50.74 29.39
N TRP D 359 -31.15 51.02 28.09
CA TRP D 359 -31.58 50.05 27.08
C TRP D 359 -30.75 48.78 27.17
N GLN D 360 -29.43 48.92 27.33
CA GLN D 360 -28.58 47.74 27.46
C GLN D 360 -28.94 46.93 28.71
N LEU D 361 -29.17 47.62 29.83
CA LEU D 361 -29.48 46.91 31.07
C LEU D 361 -30.81 46.17 30.97
N THR D 362 -31.84 46.81 30.41
CA THR D 362 -33.12 46.13 30.29
C THR D 362 -33.05 44.98 29.29
N GLN D 363 -32.26 45.15 28.22
CA GLN D 363 -32.06 44.05 27.28
C GLN D 363 -31.40 42.87 27.97
N MET D 364 -30.38 43.13 28.79
CA MET D 364 -29.73 42.05 29.51
C MET D 364 -30.68 41.38 30.49
N PHE D 365 -31.49 42.19 31.19
CA PHE D 365 -32.42 41.62 32.15
C PHE D 365 -33.44 40.73 31.48
N GLN D 366 -33.97 41.14 30.32
CA GLN D 366 -34.95 40.31 29.64
C GLN D 366 -34.29 39.12 28.95
N ARG D 367 -33.02 39.23 28.58
CA ARG D 367 -32.32 38.09 27.99
C ARG D 367 -32.05 37.02 29.05
N PHE D 368 -31.54 37.42 30.21
CA PHE D 368 -31.23 36.45 31.25
C PHE D 368 -32.49 35.77 31.78
N TYR D 369 -33.56 36.54 31.97
CA TYR D 369 -34.81 36.01 32.49
C TYR D 369 -35.87 36.04 31.39
N PRO D 370 -36.23 34.90 30.81
CA PRO D 370 -37.13 34.90 29.65
C PRO D 370 -38.58 35.19 30.00
N GLY D 371 -38.93 36.46 30.13
CA GLY D 371 -40.31 36.84 30.30
C GLY D 371 -40.66 37.39 31.67
N GLN D 372 -40.72 38.72 31.78
CA GLN D 372 -41.06 39.39 33.02
C GLN D 372 -41.69 40.73 32.68
N ALA D 373 -41.99 41.51 33.72
CA ALA D 373 -42.57 42.82 33.51
C ALA D 373 -41.50 43.80 33.01
N PRO D 374 -41.73 44.46 31.87
CA PRO D 374 -40.73 45.45 31.41
C PRO D 374 -40.54 46.59 32.38
N SER D 375 -41.56 46.95 33.15
CA SER D 375 -41.39 47.98 34.17
C SER D 375 -40.40 47.54 35.24
N LEU D 376 -40.43 46.24 35.59
CA LEU D 376 -39.45 45.72 36.54
C LEU D 376 -38.04 45.85 36.00
N ALA D 377 -37.84 45.54 34.72
CA ALA D 377 -36.53 45.69 34.11
C ALA D 377 -36.10 47.15 34.08
N GLU D 378 -37.03 48.05 33.79
CA GLU D 378 -36.71 49.48 33.77
C GLU D 378 -36.30 49.96 35.17
N ASN D 379 -37.02 49.53 36.20
CA ASN D 379 -36.67 49.90 37.56
C ASN D 379 -35.30 49.33 37.94
N PHE D 380 -35.03 48.09 37.52
CA PHE D 380 -33.72 47.48 37.77
C PHE D 380 -32.62 48.30 37.11
N ALA D 381 -32.82 48.69 35.85
CA ALA D 381 -31.82 49.48 35.14
C ALA D 381 -31.61 50.84 35.79
N GLU D 382 -32.70 51.49 36.20
CA GLU D 382 -32.58 52.80 36.84
C GLU D 382 -31.85 52.68 38.17
N HIS D 383 -32.15 51.64 38.95
CA HIS D 383 -31.48 51.45 40.23
C HIS D 383 -29.99 51.19 40.03
N VAL D 384 -29.64 50.38 39.03
CA VAL D 384 -28.23 50.13 38.75
C VAL D 384 -27.53 51.41 38.32
N LEU D 385 -28.16 52.19 37.45
CA LEU D 385 -27.56 53.43 36.99
C LEU D 385 -27.36 54.41 38.14
N LYS D 386 -28.34 54.49 39.05
CA LYS D 386 -28.19 55.34 40.22
C LYS D 386 -27.06 54.85 41.12
N ALA D 387 -26.97 53.54 41.33
CA ALA D 387 -25.95 53.00 42.23
C ALA D 387 -24.55 53.20 41.67
N THR D 388 -24.33 52.81 40.41
CA THR D 388 -23.01 52.86 39.81
C THR D 388 -23.08 53.59 38.47
N SER D 389 -22.02 54.36 38.19
CA SER D 389 -21.93 55.11 36.95
C SER D 389 -21.07 54.43 35.90
N GLU D 390 -20.11 53.60 36.31
CA GLU D 390 -19.20 52.91 35.41
C GLU D 390 -19.38 51.40 35.50
N ILE D 391 -20.62 50.95 35.61
CA ILE D 391 -20.90 49.52 35.71
C ILE D 391 -20.57 48.84 34.39
N SER D 392 -19.86 47.71 34.47
CA SER D 392 -19.49 47.01 33.27
C SER D 392 -20.42 45.82 33.03
N PRO D 393 -20.64 45.43 31.78
CA PRO D 393 -21.49 44.26 31.51
C PRO D 393 -20.98 42.99 32.15
N ALA D 394 -19.66 42.83 32.28
CA ALA D 394 -19.13 41.65 32.97
C ALA D 394 -19.57 41.63 34.42
N GLN D 395 -19.56 42.78 35.09
CA GLN D 395 -20.04 42.85 36.46
C GLN D 395 -21.52 42.52 36.53
N VAL D 396 -22.29 42.99 35.55
CA VAL D 396 -23.73 42.69 35.52
C VAL D 396 -23.96 41.19 35.38
N GLN D 397 -23.21 40.54 34.49
CA GLN D 397 -23.34 39.10 34.31
C GLN D 397 -22.94 38.35 35.58
N GLY D 398 -21.86 38.79 36.23
CA GLY D 398 -21.46 38.16 37.47
C GLY D 398 -22.50 38.31 38.56
N TYR D 399 -23.11 39.48 38.66
CA TYR D 399 -24.17 39.69 39.64
C TYR D 399 -25.38 38.83 39.33
N PHE D 400 -25.72 38.70 38.05
CA PHE D 400 -26.84 37.84 37.66
C PHE D 400 -26.55 36.38 38.01
N MET D 401 -25.29 35.96 37.89
CA MET D 401 -24.94 34.58 38.22
C MET D 401 -25.19 34.29 39.69
N LEU D 402 -25.00 35.30 40.55
CA LEU D 402 -25.24 35.11 41.98
C LEU D 402 -26.70 34.80 42.26
N TYR D 403 -27.62 35.47 41.56
CA TYR D 403 -29.05 35.31 41.76
C TYR D 403 -29.69 34.61 40.58
N LYS D 404 -29.02 33.58 40.06
CA LYS D 404 -29.54 32.81 38.94
C LYS D 404 -30.91 32.24 39.28
N ASN D 405 -31.84 32.40 38.34
CA ASN D 405 -33.24 31.99 38.52
C ASN D 405 -33.84 32.66 39.76
N ASP D 406 -33.50 33.93 39.96
CA ASP D 406 -34.01 34.70 41.10
C ASP D 406 -34.08 36.17 40.69
N PRO D 407 -35.10 36.55 39.93
CA PRO D 407 -35.21 37.96 39.53
C PRO D 407 -35.62 38.88 40.66
N MET D 408 -36.61 38.48 41.48
CA MET D 408 -37.07 39.37 42.55
C MET D 408 -35.97 39.60 43.58
N GLY D 409 -35.25 38.54 43.96
CA GLY D 409 -34.15 38.72 44.90
C GLY D 409 -33.05 39.59 44.34
N ALA D 410 -32.74 39.43 43.06
CA ALA D 410 -31.75 40.29 42.42
C ALA D 410 -32.19 41.74 42.44
N VAL D 411 -33.45 42.00 42.14
CA VAL D 411 -33.96 43.37 42.16
C VAL D 411 -33.88 43.95 43.56
N HIS D 412 -34.26 43.15 44.57
CA HIS D 412 -34.17 43.62 45.96
C HIS D 412 -32.73 43.80 46.41
N ASN D 413 -31.78 43.15 45.74
CA ASN D 413 -30.37 43.21 46.13
C ASN D 413 -29.57 44.20 45.30
N ILE D 414 -30.23 45.03 44.49
CA ILE D 414 -29.51 46.06 43.74
C ILE D 414 -28.88 47.07 44.70
N GLU D 415 -29.63 47.48 45.72
CA GLU D 415 -29.11 48.45 46.67
C GLU D 415 -27.91 47.89 47.44
N SER D 416 -27.79 46.57 47.51
CA SER D 416 -26.63 45.96 48.17
C SER D 416 -25.34 46.30 47.44
N LEU D 417 -25.38 46.34 46.10
CA LEU D 417 -24.17 46.64 45.33
C LEU D 417 -23.67 48.04 45.63
N ARG D 418 -24.56 49.02 45.67
CA ARG D 418 -24.22 50.42 45.92
C ARG D 418 -23.12 50.91 44.97
N MET E 1 -53.24 -14.53 -55.79
CA MET E 1 -53.26 -15.88 -55.24
C MET E 1 -52.17 -16.19 -54.18
N PRO E 2 -51.03 -15.48 -54.17
CA PRO E 2 -50.13 -15.64 -53.02
C PRO E 2 -50.77 -15.28 -51.69
N PHE E 3 -51.69 -14.32 -51.68
CA PHE E 3 -52.37 -13.88 -50.47
C PHE E 3 -53.83 -14.30 -50.44
N SER E 4 -54.57 -14.07 -51.52
CA SER E 4 -56.00 -14.36 -51.53
C SER E 4 -56.26 -15.86 -51.37
N ASP E 5 -55.56 -16.69 -52.14
CA ASP E 5 -55.78 -18.13 -52.07
C ASP E 5 -55.31 -18.70 -50.74
N PHE E 6 -54.13 -18.28 -50.29
CA PHE E 6 -53.56 -18.84 -49.06
C PHE E 6 -54.40 -18.51 -47.85
N VAL E 7 -54.91 -17.28 -47.76
CA VAL E 7 -55.69 -16.86 -46.60
C VAL E 7 -56.97 -17.70 -46.51
N LEU E 8 -57.66 -17.88 -47.64
CA LEU E 8 -58.91 -18.63 -47.62
C LEU E 8 -58.66 -20.13 -47.44
N ALA E 9 -57.60 -20.65 -48.06
CA ALA E 9 -57.32 -22.08 -47.98
C ALA E 9 -56.98 -22.49 -46.55
N LEU E 10 -56.20 -21.67 -45.84
CA LEU E 10 -55.83 -22.00 -44.47
C LEU E 10 -57.03 -21.95 -43.53
N LYS E 11 -58.10 -21.26 -43.92
CA LYS E 11 -59.30 -21.24 -43.10
C LYS E 11 -59.98 -22.61 -43.02
N ASP E 12 -59.70 -23.49 -43.98
CA ASP E 12 -60.27 -24.83 -44.00
C ASP E 12 -59.24 -25.90 -43.70
N ASN E 13 -58.11 -25.53 -43.10
CA ASN E 13 -57.07 -26.49 -42.78
C ASN E 13 -57.17 -26.84 -41.30
N PRO E 14 -57.57 -28.07 -40.96
CA PRO E 14 -57.66 -28.43 -39.53
C PRO E 14 -56.34 -28.28 -38.79
N TYR E 15 -55.23 -28.62 -39.44
CA TYR E 15 -53.93 -28.48 -38.80
C TYR E 15 -53.61 -27.01 -38.50
N PHE E 16 -53.89 -26.12 -39.46
CA PHE E 16 -53.64 -24.70 -39.23
C PHE E 16 -54.52 -24.17 -38.11
N GLY E 17 -55.79 -24.57 -38.08
CA GLY E 17 -56.66 -24.14 -37.00
C GLY E 17 -56.20 -24.63 -35.64
N ALA E 18 -55.77 -25.89 -35.57
CA ALA E 18 -55.27 -26.43 -34.30
C ALA E 18 -54.01 -25.69 -33.87
N GLY E 19 -53.11 -25.41 -34.81
CA GLY E 19 -51.91 -24.66 -34.47
C GLY E 19 -52.22 -23.26 -33.98
N PHE E 20 -53.16 -22.58 -34.64
CA PHE E 20 -53.55 -21.25 -34.19
C PHE E 20 -54.17 -21.30 -32.80
N GLY E 21 -55.01 -22.30 -32.54
CA GLY E 21 -55.60 -22.43 -31.22
C GLY E 21 -54.55 -22.70 -30.15
N LEU E 22 -53.56 -23.54 -30.47
CA LEU E 22 -52.49 -23.80 -29.51
C LEU E 22 -51.67 -22.56 -29.23
N VAL E 23 -51.38 -21.78 -30.29
CA VAL E 23 -50.63 -20.53 -30.10
C VAL E 23 -51.42 -19.57 -29.23
N GLY E 24 -52.73 -19.46 -29.48
CA GLY E 24 -53.56 -18.60 -28.65
C GLY E 24 -53.62 -19.05 -27.21
N VAL E 25 -53.68 -20.37 -27.00
CA VAL E 25 -53.69 -20.91 -25.63
C VAL E 25 -52.37 -20.59 -24.93
N GLY E 26 -51.25 -20.75 -25.63
CA GLY E 26 -49.97 -20.42 -25.03
C GLY E 26 -49.84 -18.94 -24.70
N THR E 27 -50.32 -18.07 -25.60
CA THR E 27 -50.29 -16.64 -25.32
C THR E 27 -51.16 -16.30 -24.12
N ALA E 28 -52.35 -16.91 -24.04
CA ALA E 28 -53.21 -16.68 -22.89
C ALA E 28 -52.56 -17.15 -21.61
N LEU E 29 -51.87 -18.29 -21.64
CA LEU E 29 -51.18 -18.79 -20.47
C LEU E 29 -50.05 -17.85 -20.04
N ALA E 30 -49.31 -17.32 -21.01
CA ALA E 30 -48.24 -16.37 -20.67
C ALA E 30 -48.81 -15.09 -20.07
N MET E 31 -49.91 -14.58 -20.63
CA MET E 31 -50.57 -13.42 -20.05
C MET E 31 -51.07 -13.72 -18.64
N ALA E 32 -51.61 -14.93 -18.42
CA ALA E 32 -52.07 -15.31 -17.10
C ALA E 32 -50.92 -15.36 -16.11
N ARG E 33 -49.76 -15.89 -16.52
CA ARG E 33 -48.60 -15.93 -15.65
C ARG E 33 -48.14 -14.52 -15.30
N LYS E 34 -48.09 -13.62 -16.30
CA LYS E 34 -47.69 -12.26 -16.03
C LYS E 34 -48.67 -11.57 -15.08
N GLY E 35 -49.97 -11.79 -15.29
CA GLY E 35 -50.97 -11.21 -14.40
C GLY E 35 -50.86 -11.76 -12.99
N ALA E 36 -50.57 -13.05 -12.86
CA ALA E 36 -50.38 -13.64 -11.54
C ALA E 36 -49.17 -13.03 -10.83
N GLN E 37 -48.08 -12.83 -11.57
CA GLN E 37 -46.91 -12.18 -10.98
C GLN E 37 -47.24 -10.75 -10.53
N LEU E 38 -47.97 -10.01 -11.37
CA LEU E 38 -48.34 -8.65 -11.01
C LEU E 38 -49.25 -8.63 -9.79
N GLY E 39 -50.20 -9.57 -9.72
CA GLY E 39 -51.08 -9.64 -8.57
C GLY E 39 -50.33 -9.99 -7.30
N LEU E 40 -49.38 -10.92 -7.38
CA LEU E 40 -48.57 -11.24 -6.22
C LEU E 40 -47.75 -10.04 -5.77
N VAL E 41 -47.19 -9.30 -6.73
CA VAL E 41 -46.42 -8.11 -6.38
C VAL E 41 -47.31 -7.07 -5.69
N ALA E 42 -48.51 -6.85 -6.23
CA ALA E 42 -49.42 -5.89 -5.63
C ALA E 42 -49.85 -6.33 -4.23
N PHE E 43 -50.14 -7.62 -4.06
CA PHE E 43 -50.52 -8.14 -2.75
C PHE E 43 -49.38 -7.97 -1.75
N ARG E 44 -48.14 -8.24 -2.17
CA ARG E 44 -47.00 -8.03 -1.31
C ARG E 44 -46.86 -6.57 -0.93
N ARG E 45 -47.09 -5.67 -1.90
CA ARG E 45 -46.92 -4.25 -1.63
C ARG E 45 -48.00 -3.71 -0.70
N HIS E 46 -49.22 -4.22 -0.79
CA HIS E 46 -50.34 -3.61 -0.08
C HIS E 46 -50.81 -4.39 1.14
N TYR E 47 -50.29 -5.60 1.40
CA TYR E 47 -50.80 -6.37 2.53
C TYR E 47 -49.68 -7.08 3.29
N MET E 48 -48.44 -6.66 3.10
CA MET E 48 -47.32 -7.27 3.81
C MET E 48 -46.40 -6.17 4.34
N ILE E 49 -45.64 -6.54 5.37
CA ILE E 49 -44.65 -5.66 5.98
C ILE E 49 -43.31 -6.35 5.92
N THR E 50 -42.27 -5.61 5.52
CA THR E 50 -40.95 -6.18 5.34
C THR E 50 -39.90 -5.28 5.99
N LEU E 51 -38.84 -5.90 6.50
CA LEU E 51 -37.70 -5.18 7.06
C LEU E 51 -36.44 -5.89 6.60
N GLU E 52 -35.65 -5.21 5.76
CA GLU E 52 -34.44 -5.78 5.19
C GLU E 52 -33.22 -5.16 5.87
N VAL E 53 -32.36 -5.99 6.42
CA VAL E 53 -31.19 -5.55 7.17
C VAL E 53 -29.95 -6.12 6.49
N PRO E 54 -29.11 -5.29 5.89
CA PRO E 54 -27.87 -5.80 5.29
C PRO E 54 -26.85 -6.18 6.35
N ALA E 55 -25.88 -6.99 5.92
CA ALA E 55 -24.83 -7.44 6.85
C ALA E 55 -23.96 -6.27 7.28
N ARG E 56 -23.85 -5.23 6.45
CA ARG E 56 -23.03 -4.08 6.80
C ARG E 56 -23.56 -3.39 8.05
N ASP E 57 -24.87 -3.26 8.18
CA ASP E 57 -25.45 -2.65 9.36
C ASP E 57 -25.19 -3.51 10.59
N ARG E 58 -25.05 -2.85 11.73
CA ARG E 58 -24.75 -3.55 12.97
C ARG E 58 -25.97 -4.25 13.56
N SER E 59 -27.17 -3.94 13.08
CA SER E 59 -28.36 -4.60 13.59
C SER E 59 -28.46 -6.04 13.13
N TYR E 60 -27.62 -6.45 12.16
CA TYR E 60 -27.67 -7.83 11.67
C TYR E 60 -27.32 -8.81 12.78
N ALA E 61 -26.19 -8.60 13.45
CA ALA E 61 -25.78 -9.50 14.51
C ALA E 61 -26.75 -9.45 15.69
N TRP E 62 -27.23 -8.26 16.04
CA TRP E 62 -28.16 -8.13 17.14
C TRP E 62 -29.46 -8.88 16.86
N LEU E 63 -29.99 -8.73 15.65
CA LEU E 63 -31.22 -9.42 15.29
C LEU E 63 -31.01 -10.92 15.27
N LEU E 64 -29.86 -11.39 14.78
CA LEU E 64 -29.61 -12.82 14.76
C LEU E 64 -29.49 -13.39 16.17
N SER E 65 -28.82 -12.66 17.07
CA SER E 65 -28.74 -13.12 18.46
C SER E 65 -30.12 -13.13 19.11
N TRP E 66 -30.92 -12.10 18.86
CA TRP E 66 -32.27 -12.07 19.41
C TRP E 66 -33.09 -13.24 18.87
N LEU E 67 -32.93 -13.57 17.60
CA LEU E 67 -33.63 -14.71 17.03
C LEU E 67 -33.20 -16.01 17.70
N THR E 68 -31.90 -16.22 17.84
CA THR E 68 -31.41 -17.45 18.43
C THR E 68 -31.77 -17.55 19.91
N ARG E 69 -32.06 -16.42 20.56
CA ARG E 69 -32.56 -16.50 21.94
C ARG E 69 -34.05 -16.77 21.98
N HIS E 70 -34.83 -16.05 21.17
CA HIS E 70 -36.29 -16.20 21.20
C HIS E 70 -36.71 -17.59 20.77
N SER E 71 -36.10 -18.11 19.71
CA SER E 71 -36.42 -19.44 19.20
C SER E 71 -35.31 -20.38 19.66
N THR E 72 -35.47 -20.93 20.87
CA THR E 72 -34.45 -21.80 21.43
C THR E 72 -34.27 -23.07 20.61
N ARG E 73 -35.37 -23.65 20.16
CA ARG E 73 -35.34 -24.92 19.43
C ARG E 73 -35.39 -24.63 17.94
N THR E 74 -34.26 -24.21 17.39
CA THR E 74 -34.08 -24.00 15.96
C THR E 74 -33.32 -25.18 15.39
N GLN E 75 -34.01 -26.01 14.61
CA GLN E 75 -33.38 -27.21 14.06
C GLN E 75 -32.24 -26.85 13.10
N HIS E 76 -32.39 -25.77 12.36
CA HIS E 76 -31.38 -25.32 11.42
C HIS E 76 -30.66 -24.11 11.98
N LEU E 77 -29.34 -24.21 12.10
CA LEU E 77 -28.56 -23.13 12.69
C LEU E 77 -27.11 -23.25 12.24
N SER E 78 -26.38 -22.15 12.41
CA SER E 78 -24.95 -22.11 12.12
C SER E 78 -24.21 -21.79 13.41
N VAL E 79 -22.88 -21.82 13.33
CA VAL E 79 -22.05 -21.62 14.51
C VAL E 79 -21.07 -20.49 14.26
N GLU E 80 -20.88 -19.65 15.27
CA GLU E 80 -19.90 -18.58 15.25
C GLU E 80 -18.99 -18.76 16.47
N THR E 81 -17.70 -18.90 16.23
CA THR E 81 -16.73 -19.19 17.28
C THR E 81 -15.95 -17.93 17.60
N SER E 82 -15.92 -17.55 18.87
CA SER E 82 -15.11 -16.44 19.35
C SER E 82 -13.83 -17.00 19.96
N TYR E 83 -12.73 -16.87 19.24
CA TYR E 83 -11.44 -17.41 19.68
C TYR E 83 -10.47 -16.27 19.88
N LEU E 84 -9.86 -16.21 21.05
CA LEU E 84 -8.89 -15.17 21.37
C LEU E 84 -7.76 -15.77 22.18
N GLN E 85 -6.55 -15.71 21.65
CA GLN E 85 -5.36 -16.19 22.34
C GLN E 85 -4.70 -15.00 23.02
N HIS E 86 -4.96 -14.85 24.31
CA HIS E 86 -4.35 -13.78 25.07
C HIS E 86 -2.86 -14.02 25.23
N GLU E 87 -2.14 -12.96 25.60
CA GLU E 87 -0.72 -13.08 25.88
C GLU E 87 -0.51 -14.08 27.02
N SER E 88 0.69 -14.66 27.07
CA SER E 88 1.08 -15.76 27.95
C SER E 88 0.38 -17.05 27.58
N GLY E 89 -0.10 -17.17 26.35
CA GLY E 89 -0.69 -18.41 25.87
C GLY E 89 -1.98 -18.80 26.55
N ARG E 90 -2.86 -17.83 26.77
CA ARG E 90 -4.18 -18.09 27.35
C ARG E 90 -5.21 -18.05 26.22
N ILE E 91 -5.89 -19.17 26.01
CA ILE E 91 -6.83 -19.31 24.91
C ILE E 91 -8.25 -19.26 25.46
N SER E 92 -9.07 -18.36 24.91
CA SER E 92 -10.46 -18.22 25.29
C SER E 92 -11.34 -18.57 24.09
N THR E 93 -12.25 -19.52 24.29
CA THR E 93 -13.13 -19.97 23.23
C THR E 93 -14.57 -19.98 23.73
N LYS E 94 -15.49 -19.68 22.82
CA LYS E 94 -16.91 -19.69 23.13
C LYS E 94 -17.69 -19.86 21.83
N PHE E 95 -18.67 -20.75 21.85
CA PHE E 95 -19.51 -21.04 20.70
C PHE E 95 -20.80 -20.24 20.79
N GLU E 96 -21.02 -19.36 19.81
CA GLU E 96 -22.27 -18.63 19.67
C GLU E 96 -23.01 -19.22 18.47
N PHE E 97 -24.24 -19.68 18.70
CA PHE E 97 -25.02 -20.34 17.67
C PHE E 97 -25.96 -19.35 17.02
N ILE E 98 -26.02 -19.40 15.70
CA ILE E 98 -26.75 -18.41 14.91
C ILE E 98 -27.63 -19.12 13.90
N PRO E 99 -28.78 -18.51 13.57
CA PRO E 99 -29.65 -19.13 12.57
C PRO E 99 -28.95 -19.34 11.24
N SER E 100 -29.20 -20.48 10.63
CA SER E 100 -28.58 -20.86 9.37
C SER E 100 -29.24 -20.15 8.22
N PRO E 101 -28.54 -19.98 7.11
CA PRO E 101 -29.15 -19.38 5.91
C PRO E 101 -30.33 -20.21 5.43
N GLY E 102 -31.36 -19.52 4.95
CA GLY E 102 -32.56 -20.17 4.48
C GLY E 102 -33.79 -19.44 5.00
N ASN E 103 -34.84 -20.21 5.25
CA ASN E 103 -36.11 -19.69 5.72
C ASN E 103 -36.38 -20.20 7.13
N HIS E 104 -36.76 -19.30 8.03
CA HIS E 104 -37.16 -19.65 9.38
C HIS E 104 -38.47 -18.95 9.72
N PHE E 105 -39.23 -19.59 10.60
CA PHE E 105 -40.51 -19.06 11.04
C PHE E 105 -40.51 -18.92 12.55
N ILE E 106 -40.95 -17.75 13.03
CA ILE E 106 -41.02 -17.46 14.45
C ILE E 106 -42.42 -16.97 14.78
N TRP E 107 -42.71 -16.91 16.08
CA TRP E 107 -44.00 -16.47 16.58
C TRP E 107 -43.77 -15.32 17.54
N TYR E 108 -44.06 -14.10 17.10
CA TYR E 108 -43.92 -12.90 17.92
C TYR E 108 -45.27 -12.21 17.99
N GLN E 109 -45.64 -11.77 19.19
CA GLN E 109 -46.98 -11.25 19.48
C GLN E 109 -47.98 -12.30 19.00
N GLY E 110 -48.97 -11.95 18.19
CA GLY E 110 -49.88 -12.94 17.64
C GLY E 110 -49.72 -13.10 16.15
N LYS E 111 -48.50 -12.89 15.65
CA LYS E 111 -48.23 -12.88 14.23
C LYS E 111 -47.14 -13.89 13.90
N TRP E 112 -47.27 -14.56 12.76
CA TRP E 112 -46.25 -15.45 12.26
C TRP E 112 -45.32 -14.65 11.36
N ILE E 113 -44.06 -14.53 11.75
CA ILE E 113 -43.07 -13.74 11.04
C ILE E 113 -42.11 -14.68 10.32
N ARG E 114 -41.92 -14.44 9.03
CA ARG E 114 -41.03 -15.24 8.20
C ARG E 114 -39.68 -14.55 8.15
N VAL E 115 -38.63 -15.25 8.58
CA VAL E 115 -37.28 -14.71 8.61
C VAL E 115 -36.48 -15.35 7.49
N GLU E 116 -35.86 -14.52 6.66
CA GLU E 116 -35.09 -14.97 5.51
C GLU E 116 -33.66 -14.47 5.65
N ARG E 117 -32.73 -15.36 5.96
CA ARG E 117 -31.31 -15.05 5.96
C ARG E 117 -30.72 -15.58 4.66
N ASN E 118 -30.48 -14.67 3.71
CA ASN E 118 -29.98 -15.04 2.39
C ASN E 118 -28.53 -14.64 2.26
N ARG E 119 -27.74 -15.50 1.64
CA ARG E 119 -26.33 -15.25 1.36
C ARG E 119 -26.15 -15.32 -0.15
N ASP E 120 -26.09 -14.16 -0.79
CA ASP E 120 -25.95 -14.11 -2.25
C ASP E 120 -24.58 -14.63 -2.65
N MET E 121 -24.56 -15.81 -3.27
CA MET E 121 -23.32 -16.47 -3.64
C MET E 121 -22.80 -15.98 -4.99
N GLN E 122 -22.77 -14.66 -5.17
CA GLN E 122 -22.30 -14.08 -6.43
C GLN E 122 -21.08 -13.20 -6.25
N MET E 123 -21.11 -12.23 -5.34
CA MET E 123 -19.96 -11.37 -5.10
C MET E 123 -19.43 -11.59 -3.68
N VAL E 124 -18.36 -10.86 -3.36
CA VAL E 124 -17.76 -10.86 -2.03
C VAL E 124 -17.69 -9.41 -1.57
N ASP E 125 -18.09 -9.16 -0.33
CA ASP E 125 -17.99 -7.82 0.23
C ASP E 125 -16.51 -7.42 0.33
N LEU E 126 -16.21 -6.22 -0.15
CA LEU E 126 -14.83 -5.74 -0.14
C LEU E 126 -14.37 -5.30 1.24
N GLN E 127 -15.27 -4.80 2.08
CA GLN E 127 -14.90 -4.29 3.40
C GLN E 127 -14.78 -5.39 4.45
N THR E 128 -15.20 -6.61 4.14
CA THR E 128 -15.15 -7.69 5.13
C THR E 128 -14.47 -8.91 4.55
N GLY E 129 -14.55 -9.09 3.23
CA GLY E 129 -14.06 -10.30 2.61
C GLY E 129 -15.01 -11.46 2.65
N THR E 130 -16.25 -11.23 3.07
CA THR E 130 -17.27 -12.26 3.17
C THR E 130 -18.33 -12.04 2.10
N PRO E 131 -19.05 -13.08 1.71
CA PRO E 131 -20.17 -12.90 0.78
C PRO E 131 -21.24 -11.99 1.37
N TRP E 132 -21.99 -11.35 0.48
CA TRP E 132 -23.02 -10.40 0.89
C TRP E 132 -24.19 -11.16 1.50
N GLU E 133 -24.48 -10.87 2.78
CA GLU E 133 -25.58 -11.49 3.49
C GLU E 133 -26.58 -10.44 3.94
N SER E 134 -27.81 -10.87 4.17
CA SER E 134 -28.86 -10.00 4.67
C SER E 134 -29.93 -10.83 5.34
N VAL E 135 -30.72 -10.18 6.19
CA VAL E 135 -31.83 -10.82 6.88
C VAL E 135 -33.10 -10.02 6.59
N THR E 136 -34.18 -10.71 6.27
CA THR E 136 -35.44 -10.09 5.91
C THR E 136 -36.55 -10.64 6.77
N PHE E 137 -37.34 -9.76 7.37
CA PHE E 137 -38.50 -10.15 8.16
C PHE E 137 -39.77 -9.84 7.37
N THR E 138 -40.62 -10.84 7.20
CA THR E 138 -41.86 -10.69 6.46
C THR E 138 -43.04 -11.13 7.33
N ALA E 139 -44.14 -10.39 7.25
CA ALA E 139 -45.31 -10.70 8.05
C ALA E 139 -46.55 -10.15 7.36
N LEU E 140 -47.70 -10.63 7.80
CA LEU E 140 -48.99 -10.19 7.26
C LEU E 140 -49.57 -9.08 8.10
N GLY E 141 -49.98 -8.00 7.45
CA GLY E 141 -50.58 -6.86 8.11
C GLY E 141 -50.04 -5.57 7.56
N THR E 142 -50.44 -4.46 8.18
CA THR E 142 -50.00 -3.14 7.75
C THR E 142 -49.42 -2.32 8.90
N ASP E 143 -48.98 -2.96 9.98
CA ASP E 143 -48.43 -2.27 11.14
C ASP E 143 -46.93 -2.54 11.23
N ARG E 144 -46.14 -1.48 11.33
CA ARG E 144 -44.70 -1.59 11.43
C ARG E 144 -44.19 -1.63 12.87
N LYS E 145 -45.09 -1.59 13.85
CA LYS E 145 -44.66 -1.53 15.24
C LYS E 145 -43.97 -2.82 15.67
N VAL E 146 -44.33 -3.94 15.06
CA VAL E 146 -43.73 -5.22 15.46
C VAL E 146 -42.24 -5.21 15.19
N PHE E 147 -41.83 -4.76 14.00
CA PHE E 147 -40.41 -4.71 13.67
C PHE E 147 -39.69 -3.70 14.55
N PHE E 148 -40.33 -2.58 14.86
CA PHE E 148 -39.71 -1.59 15.74
C PHE E 148 -39.45 -2.19 17.12
N ASN E 149 -40.43 -2.91 17.66
CA ASN E 149 -40.25 -3.54 18.95
C ASN E 149 -39.17 -4.60 18.91
N ILE E 150 -39.12 -5.38 17.83
CA ILE E 150 -38.09 -6.41 17.71
C ILE E 150 -36.70 -5.79 17.67
N LEU E 151 -36.55 -4.72 16.88
CA LEU E 151 -35.25 -4.04 16.82
C LEU E 151 -34.87 -3.46 18.16
N GLU E 152 -35.83 -2.86 18.87
CA GLU E 152 -35.53 -2.29 20.18
C GLU E 152 -35.09 -3.38 21.16
N GLU E 153 -35.79 -4.52 21.15
CA GLU E 153 -35.41 -5.63 22.02
C GLU E 153 -34.01 -6.14 21.69
N ALA E 154 -33.71 -6.27 20.39
CA ALA E 154 -32.38 -6.74 19.99
C ALA E 154 -31.30 -5.76 20.42
N ARG E 155 -31.55 -4.46 20.25
CA ARG E 155 -30.57 -3.47 20.68
C ARG E 155 -30.36 -3.51 22.18
N ALA E 156 -31.44 -3.63 22.95
CA ALA E 156 -31.31 -3.69 24.40
C ALA E 156 -30.54 -4.93 24.83
N LEU E 157 -30.80 -6.06 24.18
CA LEU E 157 -30.07 -7.29 24.50
C LEU E 157 -28.59 -7.14 24.15
N ALA E 158 -28.28 -6.52 23.01
CA ALA E 158 -26.90 -6.35 22.62
C ALA E 158 -26.15 -5.44 23.60
N LEU E 159 -26.80 -4.35 24.03
CA LEU E 159 -26.12 -3.40 24.91
C LEU E 159 -26.02 -3.91 26.34
N GLN E 160 -26.82 -4.89 26.73
CA GLN E 160 -26.76 -5.38 28.10
C GLN E 160 -25.52 -6.23 28.36
N GLN E 161 -24.86 -6.70 27.31
CA GLN E 161 -23.65 -7.50 27.46
C GLN E 161 -22.38 -6.64 27.50
N GLU E 162 -22.52 -5.32 27.42
CA GLU E 162 -21.37 -4.42 27.44
C GLU E 162 -21.27 -3.76 28.81
N GLU E 163 -20.09 -3.84 29.41
CA GLU E 163 -19.84 -3.26 30.73
C GLU E 163 -19.08 -1.94 30.55
N GLY E 164 -19.62 -0.87 31.13
CA GLY E 164 -18.98 0.42 31.04
C GLY E 164 -17.66 0.45 31.80
N LYS E 165 -16.75 1.31 31.32
CA LYS E 165 -15.44 1.46 31.91
C LYS E 165 -15.10 2.94 32.02
N THR E 166 -14.20 3.24 32.97
CA THR E 166 -13.71 4.60 33.19
C THR E 166 -12.27 4.65 32.71
N VAL E 167 -11.94 5.66 31.92
CA VAL E 167 -10.59 5.81 31.37
C VAL E 167 -9.92 7.00 32.03
N MET E 168 -8.73 6.77 32.58
CA MET E 168 -7.94 7.83 33.18
C MET E 168 -7.02 8.44 32.12
N TYR E 169 -7.06 9.76 32.01
CA TYR E 169 -6.22 10.49 31.07
C TYR E 169 -5.15 11.23 31.86
N THR E 170 -3.89 10.85 31.66
CA THR E 170 -2.76 11.53 32.26
C THR E 170 -2.19 12.54 31.27
N ALA E 171 -1.40 13.47 31.81
CA ALA E 171 -0.82 14.55 31.01
C ALA E 171 0.70 14.45 31.05
N VAL E 172 1.31 14.35 29.87
CA VAL E 172 2.75 14.44 29.72
C VAL E 172 3.04 15.57 28.74
N GLY E 173 4.04 16.39 29.05
CA GLY E 173 4.31 17.56 28.26
C GLY E 173 3.10 18.48 28.17
N SER E 174 2.57 18.64 26.96
CA SER E 174 1.36 19.42 26.73
C SER E 174 0.32 18.60 25.98
N GLU E 175 0.14 17.35 26.41
CA GLU E 175 -0.80 16.44 25.75
C GLU E 175 -1.43 15.53 26.79
N TRP E 176 -2.63 15.07 26.47
CA TRP E 176 -3.35 14.11 27.32
C TRP E 176 -3.15 12.70 26.76
N ARG E 177 -2.76 11.78 27.63
CA ARG E 177 -2.48 10.41 27.24
C ARG E 177 -3.36 9.45 28.04
N THR E 178 -3.72 8.34 27.40
CA THR E 178 -4.53 7.30 28.03
C THR E 178 -3.63 6.48 28.93
N PHE E 179 -3.68 6.75 30.23
CA PHE E 179 -2.84 6.05 31.19
C PHE E 179 -3.48 4.73 31.57
N GLY E 180 -2.70 3.65 31.49
CA GLY E 180 -3.19 2.35 31.88
C GLY E 180 -4.25 1.81 30.94
N TYR E 181 -5.08 0.93 31.48
CA TYR E 181 -6.16 0.28 30.78
C TYR E 181 -7.49 0.72 31.35
N PRO E 182 -8.58 0.56 30.60
CA PRO E 182 -9.92 0.89 31.14
C PRO E 182 -10.17 0.16 32.45
N ARG E 183 -10.75 0.88 33.40
CA ARG E 183 -10.98 0.36 34.75
C ARG E 183 -12.46 0.10 34.97
N ARG E 184 -12.74 -0.87 35.85
CA ARG E 184 -14.11 -1.12 36.26
C ARG E 184 -14.66 0.07 37.03
N ARG E 185 -15.90 0.43 36.76
CA ARG E 185 -16.53 1.59 37.37
C ARG E 185 -17.01 1.23 38.77
N ARG E 186 -16.49 1.95 39.76
CA ARG E 186 -16.90 1.71 41.14
C ARG E 186 -18.34 2.17 41.32
N PRO E 187 -19.22 1.35 41.87
CA PRO E 187 -20.61 1.78 42.08
C PRO E 187 -20.68 2.98 43.02
N LEU E 188 -21.65 3.86 42.74
CA LEU E 188 -21.77 5.09 43.52
C LEU E 188 -22.13 4.80 44.97
N ASP E 189 -23.02 3.84 45.20
CA ASP E 189 -23.44 3.52 46.57
C ASP E 189 -22.30 2.95 47.39
N SER E 190 -21.24 2.46 46.75
CA SER E 190 -20.11 1.93 47.50
C SER E 190 -19.46 3.02 48.35
N VAL E 191 -19.34 4.23 47.80
CA VAL E 191 -18.78 5.35 48.55
C VAL E 191 -19.90 6.09 49.27
N VAL E 192 -19.80 6.18 50.59
CA VAL E 192 -20.79 6.89 51.40
C VAL E 192 -20.11 8.09 52.06
N LEU E 193 -20.49 9.30 51.64
CA LEU E 193 -19.86 10.49 52.20
C LEU E 193 -20.66 11.07 53.36
N GLN E 194 -21.93 11.36 53.14
CA GLN E 194 -22.75 12.02 54.16
C GLN E 194 -24.21 11.70 53.87
N GLN E 195 -25.11 12.37 54.60
CA GLN E 195 -26.53 12.08 54.49
C GLN E 195 -27.08 12.42 53.10
N GLY E 196 -26.72 13.59 52.57
CA GLY E 196 -27.26 14.03 51.31
C GLY E 196 -26.29 14.78 50.41
N LEU E 197 -25.01 14.76 50.77
CA LEU E 197 -24.01 15.43 49.93
C LEU E 197 -23.91 14.80 48.55
N ALA E 198 -23.90 13.46 48.49
CA ALA E 198 -23.84 12.79 47.20
C ALA E 198 -25.06 13.11 46.35
N ASP E 199 -26.24 13.09 46.97
CA ASP E 199 -27.46 13.44 46.23
C ASP E 199 -27.42 14.86 45.72
N ARG E 200 -26.98 15.81 46.55
CA ARG E 200 -26.91 17.20 46.13
C ARG E 200 -25.96 17.38 44.97
N ILE E 201 -24.78 16.76 45.06
CA ILE E 201 -23.78 16.89 44.00
C ILE E 201 -24.29 16.26 42.71
N VAL E 202 -24.89 15.07 42.81
CA VAL E 202 -25.40 14.40 41.61
C VAL E 202 -26.51 15.23 40.97
N LYS E 203 -27.42 15.76 41.79
CA LYS E 203 -28.50 16.58 41.25
C LYS E 203 -27.97 17.83 40.56
N ASP E 204 -26.99 18.49 41.18
CA ASP E 204 -26.42 19.68 40.56
C ASP E 204 -25.75 19.34 39.24
N ILE E 205 -25.00 18.24 39.20
CA ILE E 205 -24.31 17.86 37.97
C ILE E 205 -25.31 17.50 36.88
N ARG E 206 -26.38 16.78 37.24
CA ARG E 206 -27.39 16.43 36.26
C ARG E 206 -28.09 17.67 35.73
N GLU E 207 -28.39 18.62 36.60
CA GLU E 207 -29.01 19.87 36.15
C GLU E 207 -28.10 20.63 35.21
N PHE E 208 -26.80 20.69 35.54
CA PHE E 208 -25.86 21.40 34.69
C PHE E 208 -25.73 20.74 33.33
N ILE E 209 -25.64 19.41 33.30
CA ILE E 209 -25.45 18.70 32.04
C ILE E 209 -26.71 18.77 31.18
N ASP E 210 -27.87 18.54 31.79
CA ASP E 210 -29.11 18.36 31.04
C ASP E 210 -29.73 19.67 30.59
N ASN E 211 -29.09 20.81 30.85
CA ASN E 211 -29.59 22.11 30.42
C ASN E 211 -28.48 22.89 29.71
N PRO E 212 -28.05 22.45 28.53
CA PRO E 212 -27.05 23.22 27.78
C PRO E 212 -27.65 24.43 27.09
N LYS E 213 -28.95 24.39 26.78
CA LYS E 213 -29.59 25.52 26.11
C LYS E 213 -29.62 26.75 27.01
N TRP E 214 -29.67 26.54 28.32
CA TRP E 214 -29.72 27.66 29.25
C TRP E 214 -28.44 28.50 29.16
N TYR E 215 -27.29 27.84 29.07
CA TYR E 215 -26.02 28.56 29.09
C TYR E 215 -25.76 29.27 27.77
N ILE E 216 -26.05 28.61 26.64
CA ILE E 216 -25.71 29.18 25.34
C ILE E 216 -26.59 30.39 25.04
N ASP E 217 -27.88 30.34 25.42
CA ASP E 217 -28.78 31.43 25.11
C ASP E 217 -28.43 32.69 25.88
N ARG E 218 -27.97 32.55 27.12
CA ARG E 218 -27.60 33.71 27.92
C ARG E 218 -26.16 34.14 27.71
N GLY E 219 -25.42 33.46 26.83
CA GLY E 219 -24.04 33.84 26.56
C GLY E 219 -23.12 33.69 27.75
N ILE E 220 -23.31 32.64 28.55
CA ILE E 220 -22.46 32.37 29.69
C ILE E 220 -21.69 31.09 29.41
N PRO E 221 -20.41 31.00 29.76
CA PRO E 221 -19.64 29.79 29.45
C PRO E 221 -20.27 28.55 30.08
N TYR E 222 -20.20 27.45 29.34
CA TYR E 222 -20.76 26.16 29.79
C TYR E 222 -19.74 25.42 30.64
N ARG E 223 -19.29 26.11 31.70
CA ARG E 223 -18.23 25.62 32.57
C ARG E 223 -18.69 25.69 34.02
N ARG E 224 -18.41 24.64 34.78
CA ARG E 224 -18.77 24.58 36.19
C ARG E 224 -17.64 23.92 36.97
N GLY E 225 -17.48 24.34 38.22
CA GLY E 225 -16.43 23.81 39.06
C GLY E 225 -16.91 23.46 40.47
N TYR E 226 -16.30 22.43 41.05
CA TYR E 226 -16.65 21.98 42.39
C TYR E 226 -15.39 21.85 43.24
N LEU E 227 -15.55 22.05 44.55
CA LEU E 227 -14.46 21.93 45.50
C LEU E 227 -14.88 21.01 46.64
N LEU E 228 -13.98 20.09 47.01
CA LEU E 228 -14.20 19.19 48.13
C LEU E 228 -13.02 19.30 49.07
N TYR E 229 -13.27 19.78 50.28
CA TYR E 229 -12.24 19.96 51.29
C TYR E 229 -12.60 19.18 52.54
N GLY E 230 -11.63 18.47 53.09
CA GLY E 230 -11.84 17.67 54.28
C GLY E 230 -10.58 16.93 54.68
N PRO E 231 -10.68 16.12 55.74
CA PRO E 231 -9.52 15.36 56.20
C PRO E 231 -9.09 14.38 55.13
N PRO E 232 -7.80 14.05 55.07
CA PRO E 232 -7.33 13.08 54.07
C PRO E 232 -7.91 11.71 54.31
N GLY E 233 -8.06 10.94 53.23
CA GLY E 233 -8.62 9.61 53.34
C GLY E 233 -10.10 9.57 53.60
N CYS E 234 -10.82 10.64 53.30
CA CYS E 234 -12.26 10.70 53.52
C CYS E 234 -13.06 10.20 52.32
N GLY E 235 -12.41 9.84 51.22
CA GLY E 235 -13.11 9.27 50.08
C GLY E 235 -13.48 10.29 49.03
N LYS E 236 -12.58 11.24 48.76
CA LYS E 236 -12.87 12.27 47.77
C LYS E 236 -12.61 11.76 46.36
N SER E 237 -11.39 11.26 46.11
CA SER E 237 -11.06 10.75 44.78
C SER E 237 -11.94 9.56 44.41
N SER E 238 -12.23 8.70 45.39
CA SER E 238 -13.12 7.58 45.13
C SER E 238 -14.51 8.05 44.71
N PHE E 239 -15.03 9.08 45.38
CA PHE E 239 -16.33 9.62 44.99
C PHE E 239 -16.28 10.24 43.61
N ILE E 240 -15.17 10.91 43.28
CA ILE E 240 -15.04 11.49 41.94
C ILE E 240 -15.07 10.40 40.89
N THR E 241 -14.34 9.30 41.13
CA THR E 241 -14.34 8.19 40.18
C THR E 241 -15.73 7.58 40.06
N ALA E 242 -16.42 7.40 41.19
CA ALA E 242 -17.76 6.82 41.13
C ALA E 242 -18.73 7.73 40.36
N LEU E 243 -18.64 9.04 40.57
CA LEU E 243 -19.49 9.97 39.86
C LEU E 243 -19.19 9.94 38.36
N ALA E 244 -17.91 9.89 38.00
CA ALA E 244 -17.56 9.80 36.58
C ALA E 244 -18.09 8.51 35.96
N GLY E 245 -18.00 7.41 36.69
CA GLY E 245 -18.57 6.16 36.19
C GLY E 245 -20.07 6.24 36.01
N GLU E 246 -20.75 6.89 36.94
CA GLU E 246 -22.19 7.06 36.82
C GLU E 246 -22.54 7.92 35.62
N LEU E 247 -21.78 8.98 35.37
CA LEU E 247 -22.02 9.86 34.24
C LEU E 247 -21.39 9.36 32.95
N GLU E 248 -20.71 8.22 32.99
CA GLU E 248 -20.02 7.63 31.84
C GLU E 248 -18.92 8.53 31.30
N HIS E 249 -18.44 9.49 32.08
CA HIS E 249 -17.36 10.36 31.65
C HIS E 249 -16.02 9.71 31.97
N SER E 250 -14.94 10.43 31.68
CA SER E 250 -13.58 9.97 31.94
C SER E 250 -12.86 11.03 32.77
N ILE E 251 -12.13 10.59 33.78
CA ILE E 251 -11.38 11.50 34.64
C ILE E 251 -10.03 11.79 34.01
N CYS E 252 -9.64 13.06 34.00
CA CYS E 252 -8.32 13.48 33.54
C CYS E 252 -7.56 13.95 34.77
N LEU E 253 -6.92 13.01 35.44
CA LEU E 253 -6.19 13.31 36.67
C LEU E 253 -4.93 14.08 36.35
N LEU E 254 -4.70 15.18 37.08
CA LEU E 254 -3.50 15.99 36.91
C LEU E 254 -3.04 16.48 38.27
N SER E 255 -1.75 16.32 38.55
CA SER E 255 -1.16 16.74 39.81
C SER E 255 -0.45 18.07 39.59
N LEU E 256 -1.11 19.17 39.97
CA LEU E 256 -0.50 20.48 39.83
C LEU E 256 0.61 20.71 40.83
N THR E 257 0.71 19.86 41.86
CA THR E 257 1.80 19.99 42.82
C THR E 257 3.16 19.73 42.18
N ASP E 258 3.18 19.04 41.05
CA ASP E 258 4.43 18.83 40.34
C ASP E 258 4.86 20.12 39.64
N SER E 259 6.18 20.34 39.61
CA SER E 259 6.74 21.53 38.97
C SER E 259 7.00 21.32 37.49
N SER E 260 6.68 20.15 36.94
CA SER E 260 6.92 19.90 35.53
C SER E 260 6.10 20.84 34.64
N LEU E 261 4.85 21.08 35.02
CA LEU E 261 3.96 21.92 34.22
C LEU E 261 4.02 23.36 34.72
N SER E 262 3.86 24.29 33.79
CA SER E 262 3.84 25.72 34.09
C SER E 262 2.42 26.27 33.93
N ASP E 263 2.27 27.57 34.15
CA ASP E 263 0.96 28.20 34.01
C ASP E 263 0.44 28.09 32.59
N ASP E 264 1.30 28.40 31.61
CA ASP E 264 0.89 28.24 30.21
C ASP E 264 0.64 26.78 29.88
N ARG E 265 1.50 25.89 30.38
CA ARG E 265 1.30 24.46 30.15
C ARG E 265 0.00 23.99 30.80
N LEU E 266 -0.29 24.49 32.01
CA LEU E 266 -1.54 24.14 32.68
C LEU E 266 -2.75 24.62 31.87
N ASN E 267 -2.68 25.84 31.36
CA ASN E 267 -3.78 26.36 30.55
C ASN E 267 -3.96 25.54 29.28
N HIS E 268 -2.86 25.17 28.62
CA HIS E 268 -2.96 24.37 27.42
C HIS E 268 -3.57 23.01 27.71
N LEU E 269 -3.14 22.36 28.79
CA LEU E 269 -3.68 21.06 29.15
C LEU E 269 -5.16 21.15 29.50
N LEU E 270 -5.54 22.18 30.24
CA LEU E 270 -6.95 22.35 30.62
C LEU E 270 -7.82 22.72 29.43
N SER E 271 -7.25 23.37 28.41
CA SER E 271 -8.01 23.75 27.23
C SER E 271 -8.19 22.62 26.24
N VAL E 272 -7.28 21.66 26.22
CA VAL E 272 -7.30 20.57 25.25
C VAL E 272 -7.87 19.28 25.88
N ALA E 273 -8.56 19.39 27.00
CA ALA E 273 -9.10 18.22 27.65
C ALA E 273 -10.12 17.53 26.75
N PRO E 274 -10.17 16.20 26.76
CA PRO E 274 -11.10 15.48 25.88
C PRO E 274 -12.55 15.80 26.20
N GLN E 275 -13.39 15.73 25.19
CA GLN E 275 -14.81 15.99 25.35
C GLN E 275 -15.45 14.91 26.21
N GLN E 276 -16.52 15.30 26.93
CA GLN E 276 -17.25 14.40 27.82
C GLN E 276 -16.32 13.76 28.85
N SER E 277 -15.36 14.54 29.34
CA SER E 277 -14.36 14.05 30.26
C SER E 277 -14.23 15.01 31.43
N LEU E 278 -14.04 14.45 32.63
CA LEU E 278 -13.82 15.23 33.82
C LEU E 278 -12.33 15.45 34.03
N VAL E 279 -11.99 16.56 34.68
CA VAL E 279 -10.61 16.91 35.01
C VAL E 279 -10.51 17.05 36.51
N LEU E 280 -9.52 16.40 37.11
CA LEU E 280 -9.31 16.42 38.54
C LEU E 280 -7.93 16.98 38.83
N LEU E 281 -7.87 17.98 39.71
CA LEU E 281 -6.62 18.64 40.09
C LEU E 281 -6.51 18.56 41.61
N GLU E 282 -5.81 17.54 42.09
CA GLU E 282 -5.62 17.34 43.52
C GLU E 282 -4.41 18.12 44.03
N ASP E 283 -4.30 18.20 45.36
CA ASP E 283 -3.21 18.93 46.03
C ASP E 283 -3.17 20.39 45.58
N VAL E 284 -4.34 21.00 45.44
CA VAL E 284 -4.43 22.38 44.97
C VAL E 284 -3.80 23.34 45.96
N ASP E 285 -3.64 22.92 47.22
CA ASP E 285 -3.08 23.80 48.23
C ASP E 285 -1.60 24.09 47.94
N ALA E 286 -0.88 23.12 47.39
CA ALA E 286 0.57 23.27 47.21
C ALA E 286 0.89 24.40 46.26
N ALA E 287 0.26 24.41 45.09
CA ALA E 287 0.54 25.47 44.11
C ALA E 287 0.09 26.83 44.64
N PHE E 288 -1.07 26.88 45.29
CA PHE E 288 -1.55 28.14 45.84
C PHE E 288 -0.66 28.65 46.96
N LEU E 289 -0.13 27.74 47.78
CA LEU E 289 0.76 28.15 48.86
C LEU E 289 2.03 28.80 48.33
N SER E 290 2.61 28.22 47.27
CA SER E 290 3.84 28.75 46.69
C SER E 290 3.58 30.10 46.00
N ARG E 306 7.30 27.94 36.74
CA ARG E 306 6.59 26.68 36.91
C ARG E 306 5.42 26.84 37.88
N LEU E 307 5.73 26.80 39.17
CA LEU E 307 4.70 26.93 40.19
C LEU E 307 4.15 28.34 40.23
N THR E 308 2.85 28.45 40.52
CA THR E 308 2.19 29.73 40.61
C THR E 308 0.96 29.58 41.50
N PHE E 309 0.52 30.71 42.06
CA PHE E 309 -0.67 30.75 42.91
C PHE E 309 -1.85 31.42 42.23
N SER E 310 -1.63 32.59 41.64
CA SER E 310 -2.68 33.28 40.90
C SER E 310 -2.71 32.90 39.42
N GLY E 311 -1.61 32.36 38.90
CA GLY E 311 -1.60 31.96 37.50
C GLY E 311 -2.60 30.87 37.20
N LEU E 312 -2.74 29.89 38.10
CA LEU E 312 -3.67 28.80 37.89
C LEU E 312 -5.12 29.31 37.87
N LEU E 313 -5.47 30.21 38.77
CA LEU E 313 -6.83 30.73 38.79
C LEU E 313 -7.09 31.65 37.60
N ASN E 314 -6.07 32.37 37.15
CA ASN E 314 -6.21 33.16 35.93
C ASN E 314 -6.42 32.26 34.72
N ALA E 315 -5.70 31.15 34.66
CA ALA E 315 -5.87 30.21 33.55
C ALA E 315 -7.22 29.54 33.59
N LEU E 316 -7.75 29.29 34.79
CA LEU E 316 -9.06 28.66 34.91
C LEU E 316 -10.14 29.54 34.30
N ASP E 317 -10.09 30.85 34.56
CA ASP E 317 -11.07 31.77 34.02
C ASP E 317 -10.91 32.01 32.53
N GLY E 318 -9.82 31.53 31.93
CA GLY E 318 -9.64 31.71 30.49
C GLY E 318 -10.70 31.00 29.70
N VAL E 319 -11.09 31.62 28.58
CA VAL E 319 -12.12 31.04 27.70
C VAL E 319 -11.62 29.85 26.92
N ALA E 320 -10.33 29.54 27.00
CA ALA E 320 -9.75 28.41 26.28
C ALA E 320 -10.24 27.12 26.93
N SER E 321 -11.30 26.54 26.38
CA SER E 321 -11.89 25.33 26.92
C SER E 321 -12.76 24.70 25.83
N THR E 322 -13.54 23.70 26.21
CA THR E 322 -14.46 23.04 25.29
C THR E 322 -15.84 23.04 25.93
N GLU E 323 -16.79 22.38 25.29
CA GLU E 323 -18.14 22.30 25.82
C GLU E 323 -18.18 21.41 27.05
N ALA E 324 -18.87 21.87 28.10
CA ALA E 324 -19.07 21.12 29.33
C ALA E 324 -17.74 20.72 29.98
N ARG E 325 -16.98 21.74 30.37
CA ARG E 325 -15.72 21.53 31.07
C ARG E 325 -16.00 21.47 32.57
N ILE E 326 -16.17 20.25 33.08
CA ILE E 326 -16.41 20.04 34.50
C ILE E 326 -15.08 19.80 35.20
N VAL E 327 -14.79 20.62 36.20
CA VAL E 327 -13.53 20.57 36.93
C VAL E 327 -13.83 20.39 38.42
N PHE E 328 -13.09 19.50 39.06
CA PHE E 328 -13.26 19.21 40.48
C PHE E 328 -12.02 19.60 41.25
N MET E 329 -12.23 20.27 42.38
CA MET E 329 -11.15 20.69 43.26
C MET E 329 -11.21 19.86 44.54
N THR E 330 -10.07 19.32 44.95
CA THR E 330 -9.97 18.58 46.20
C THR E 330 -8.71 18.99 46.94
N THR E 331 -8.86 19.19 48.25
CA THR E 331 -7.75 19.62 49.10
C THR E 331 -8.03 19.18 50.53
N ASN E 332 -6.95 19.12 51.32
CA ASN E 332 -7.10 18.72 52.73
C ASN E 332 -7.66 19.84 53.58
N TYR E 333 -7.31 21.09 53.29
CA TYR E 333 -7.77 22.23 54.05
C TYR E 333 -8.13 23.37 53.11
N ILE E 334 -9.08 24.19 53.53
CA ILE E 334 -9.58 25.30 52.73
C ILE E 334 -9.01 26.65 53.15
N ASP E 335 -8.45 26.74 54.36
CA ASP E 335 -7.99 28.03 54.86
C ASP E 335 -6.82 28.58 54.03
N ARG E 336 -6.01 27.69 53.44
CA ARG E 336 -4.88 28.15 52.66
C ARG E 336 -5.29 28.86 51.38
N LEU E 337 -6.52 28.63 50.91
CA LEU E 337 -7.00 29.26 49.69
C LEU E 337 -7.62 30.61 50.03
N ASP E 338 -8.27 31.24 49.06
CA ASP E 338 -8.87 32.54 49.23
C ASP E 338 -10.30 32.54 48.69
N PRO E 339 -11.15 33.44 49.21
CA PRO E 339 -12.52 33.52 48.68
C PRO E 339 -12.59 33.93 47.22
N ALA E 340 -11.54 34.56 46.69
CA ALA E 340 -11.54 34.95 45.28
C ALA E 340 -11.62 33.73 44.37
N LEU E 341 -11.09 32.59 44.82
CA LEU E 341 -11.18 31.37 44.03
C LEU E 341 -12.63 30.92 43.85
N ILE E 342 -13.44 31.05 44.90
CA ILE E 342 -14.82 30.61 44.88
C ILE E 342 -15.68 31.75 44.36
N ARG E 343 -16.19 31.59 43.14
CA ARG E 343 -17.01 32.61 42.49
C ARG E 343 -17.60 32.00 41.22
N PRO E 344 -18.68 32.59 40.71
CA PRO E 344 -19.21 32.14 39.41
C PRO E 344 -18.16 32.28 38.31
N GLY E 345 -18.19 31.33 37.37
CA GLY E 345 -17.10 31.19 36.43
C GLY E 345 -15.91 30.44 36.99
N ARG E 346 -16.00 30.03 38.24
CA ARG E 346 -14.94 29.31 38.95
C ARG E 346 -15.64 28.24 39.78
N VAL E 347 -14.95 27.73 40.80
CA VAL E 347 -15.56 26.84 41.78
C VAL E 347 -16.92 27.39 42.20
N ASP E 348 -17.95 26.57 42.07
CA ASP E 348 -19.32 27.00 42.31
C ASP E 348 -19.94 26.40 43.56
N LEU E 349 -19.95 25.08 43.67
CA LEU E 349 -20.57 24.38 44.80
C LEU E 349 -19.45 23.67 45.58
N LYS E 350 -18.93 24.34 46.61
CA LYS E 350 -17.97 23.71 47.49
C LYS E 350 -18.69 22.90 48.56
N GLU E 351 -18.12 21.76 48.92
CA GLU E 351 -18.67 20.90 49.94
C GLU E 351 -17.57 20.43 50.87
N TYR E 352 -17.91 20.27 52.14
CA TYR E 352 -16.98 19.80 53.16
C TYR E 352 -17.30 18.33 53.46
N VAL E 353 -16.32 17.47 53.24
CA VAL E 353 -16.44 16.07 53.61
C VAL E 353 -15.83 15.88 55.01
N GLY E 354 -16.58 15.22 55.89
CA GLY E 354 -16.13 15.06 57.26
C GLY E 354 -15.93 13.61 57.66
N TYR E 355 -15.72 13.40 58.96
CA TYR E 355 -15.52 12.04 59.47
C TYR E 355 -16.84 11.27 59.48
N CYS E 356 -16.71 9.96 59.69
CA CYS E 356 -17.88 9.08 59.63
C CYS E 356 -18.87 9.43 60.73
N SER E 357 -20.15 9.32 60.41
CA SER E 357 -21.24 9.51 61.34
C SER E 357 -21.91 8.16 61.61
N HIS E 358 -22.93 8.17 62.47
CA HIS E 358 -23.65 6.95 62.78
C HIS E 358 -24.28 6.35 61.53
N TRP E 359 -24.95 7.19 60.73
CA TRP E 359 -25.55 6.72 59.49
C TRP E 359 -24.48 6.21 58.53
N GLN E 360 -23.36 6.94 58.41
CA GLN E 360 -22.28 6.51 57.55
C GLN E 360 -21.69 5.18 58.03
N LEU E 361 -21.49 5.05 59.33
CA LEU E 361 -20.90 3.83 59.86
C LEU E 361 -21.80 2.63 59.65
N THR E 362 -23.11 2.77 59.91
CA THR E 362 -24.00 1.65 59.71
C THR E 362 -24.15 1.32 58.23
N GLN E 363 -24.11 2.32 57.36
CA GLN E 363 -24.14 2.07 55.92
C GLN E 363 -22.91 1.28 55.49
N MET E 364 -21.74 1.66 56.01
CA MET E 364 -20.52 0.91 55.69
C MET E 364 -20.60 -0.52 56.21
N PHE E 365 -21.12 -0.69 57.43
CA PHE E 365 -21.21 -2.02 58.01
C PHE E 365 -22.12 -2.92 57.19
N GLN E 366 -23.27 -2.39 56.76
CA GLN E 366 -24.18 -3.21 55.97
C GLN E 366 -23.67 -3.41 54.54
N ARG E 367 -22.87 -2.47 54.02
CA ARG E 367 -22.29 -2.65 52.70
C ARG E 367 -21.23 -3.74 52.71
N PHE E 368 -20.32 -3.69 53.68
CA PHE E 368 -19.25 -4.68 53.75
C PHE E 368 -19.80 -6.08 54.01
N TYR E 369 -20.78 -6.20 54.91
CA TYR E 369 -21.37 -7.49 55.26
C TYR E 369 -22.80 -7.54 54.74
N PRO E 370 -23.07 -8.30 53.69
CA PRO E 370 -24.40 -8.26 53.06
C PRO E 370 -25.46 -9.00 53.86
N GLY E 371 -26.04 -8.34 54.86
CA GLY E 371 -27.18 -8.88 55.58
C GLY E 371 -26.89 -9.27 57.00
N GLN E 372 -27.26 -8.41 57.94
CA GLN E 372 -27.07 -8.66 59.36
C GLN E 372 -28.13 -7.89 60.13
N ALA E 373 -28.05 -7.95 61.45
CA ALA E 373 -28.99 -7.23 62.29
C ALA E 373 -28.67 -5.75 62.28
N PRO E 374 -29.62 -4.88 61.92
CA PRO E 374 -29.36 -3.44 61.98
C PRO E 374 -29.00 -2.94 63.36
N SER E 375 -29.53 -3.58 64.41
CA SER E 375 -29.16 -3.20 65.77
C SER E 375 -27.67 -3.46 66.02
N LEU E 376 -27.15 -4.56 65.46
CA LEU E 376 -25.72 -4.83 65.57
C LEU E 376 -24.90 -3.73 64.91
N ALA E 377 -25.32 -3.27 63.73
CA ALA E 377 -24.63 -2.19 63.05
C ALA E 377 -24.71 -0.91 63.86
N GLU E 378 -25.87 -0.63 64.46
CA GLU E 378 -26.01 0.57 65.27
C GLU E 378 -25.09 0.52 66.49
N ASN E 379 -25.02 -0.63 67.15
CA ASN E 379 -24.12 -0.78 68.29
C ASN E 379 -22.67 -0.62 67.86
N PHE E 380 -22.32 -1.18 66.70
CA PHE E 380 -20.97 -1.02 66.16
C PHE E 380 -20.64 0.45 65.93
N ALA E 381 -21.57 1.18 65.31
CA ALA E 381 -21.37 2.60 65.05
C ALA E 381 -21.24 3.39 66.34
N GLU E 382 -22.09 3.10 67.32
CA GLU E 382 -22.02 3.81 68.60
C GLU E 382 -20.71 3.54 69.31
N HIS E 383 -20.25 2.28 69.28
CA HIS E 383 -18.98 1.93 69.93
C HIS E 383 -17.82 2.64 69.25
N VAL E 384 -17.83 2.69 67.92
CA VAL E 384 -16.77 3.39 67.19
C VAL E 384 -16.79 4.88 67.52
N LEU E 385 -17.98 5.48 67.55
CA LEU E 385 -18.08 6.91 67.86
C LEU E 385 -17.60 7.20 69.26
N LYS E 386 -17.93 6.33 70.22
CA LYS E 386 -17.44 6.49 71.59
C LYS E 386 -15.92 6.36 71.65
N ALA E 387 -15.38 5.37 70.94
CA ALA E 387 -13.94 5.14 71.01
C ALA E 387 -13.15 6.28 70.37
N THR E 388 -13.52 6.67 69.15
CA THR E 388 -12.79 7.69 68.41
C THR E 388 -13.75 8.77 67.93
N SER E 389 -13.27 10.01 67.94
CA SER E 389 -14.04 11.16 67.50
C SER E 389 -13.71 11.60 66.08
N GLU E 390 -12.49 11.34 65.61
CA GLU E 390 -12.04 11.74 64.29
C GLU E 390 -11.71 10.52 63.44
N ILE E 391 -12.53 9.47 63.54
CA ILE E 391 -12.29 8.26 62.78
C ILE E 391 -12.52 8.53 61.29
N SER E 392 -11.59 8.08 60.46
CA SER E 392 -11.73 8.31 59.04
C SER E 392 -12.27 7.05 58.34
N PRO E 393 -12.98 7.22 57.23
CA PRO E 393 -13.48 6.04 56.50
C PRO E 393 -12.38 5.12 56.01
N ALA E 394 -11.21 5.66 55.69
CA ALA E 394 -10.09 4.79 55.31
C ALA E 394 -9.68 3.89 56.46
N GLN E 395 -9.64 4.44 57.68
CA GLN E 395 -9.33 3.61 58.84
C GLN E 395 -10.40 2.55 59.05
N VAL E 396 -11.66 2.90 58.83
CA VAL E 396 -12.75 1.93 58.97
C VAL E 396 -12.57 0.80 57.97
N GLN E 397 -12.26 1.13 56.72
CA GLN E 397 -12.05 0.10 55.70
C GLN E 397 -10.85 -0.77 56.05
N GLY E 398 -9.78 -0.17 56.54
CA GLY E 398 -8.62 -0.96 56.93
C GLY E 398 -8.92 -1.90 58.08
N TYR E 399 -9.70 -1.43 59.06
CA TYR E 399 -10.10 -2.29 60.17
C TYR E 399 -11.00 -3.42 59.69
N PHE E 400 -11.91 -3.13 58.76
CA PHE E 400 -12.76 -4.18 58.21
C PHE E 400 -11.94 -5.21 57.46
N MET E 401 -10.87 -4.79 56.78
CA MET E 401 -10.03 -5.74 56.06
C MET E 401 -9.37 -6.73 57.02
N LEU E 402 -9.06 -6.28 58.23
CA LEU E 402 -8.46 -7.18 59.22
C LEU E 402 -9.40 -8.32 59.58
N TYR E 403 -10.68 -8.02 59.73
CA TYR E 403 -11.68 -8.99 60.14
C TYR E 403 -12.62 -9.32 58.98
N LYS E 404 -12.06 -9.46 57.78
CA LYS E 404 -12.85 -9.80 56.60
C LYS E 404 -13.62 -11.09 56.82
N ASN E 405 -14.90 -11.06 56.47
CA ASN E 405 -15.81 -12.19 56.69
C ASN E 405 -15.84 -12.58 58.16
N ASP E 406 -15.81 -11.58 59.05
CA ASP E 406 -15.86 -11.81 60.49
C ASP E 406 -16.53 -10.61 61.15
N PRO E 407 -17.87 -10.55 61.08
CA PRO E 407 -18.55 -9.42 61.73
C PRO E 407 -18.55 -9.50 63.25
N MET E 408 -18.81 -10.67 63.83
CA MET E 408 -18.87 -10.76 65.29
C MET E 408 -17.52 -10.45 65.91
N GLY E 409 -16.44 -10.99 65.34
CA GLY E 409 -15.11 -10.70 65.86
C GLY E 409 -14.76 -9.23 65.74
N ALA E 410 -15.14 -8.61 64.62
CA ALA E 410 -14.91 -7.17 64.46
C ALA E 410 -15.66 -6.38 65.51
N VAL E 411 -16.92 -6.74 65.77
CA VAL E 411 -17.70 -6.05 66.79
C VAL E 411 -17.07 -6.22 68.17
N HIS E 412 -16.62 -7.43 68.48
CA HIS E 412 -15.96 -7.66 69.76
C HIS E 412 -14.61 -6.97 69.85
N ASN E 413 -14.01 -6.61 68.71
CA ASN E 413 -12.70 -5.99 68.69
C ASN E 413 -12.76 -4.48 68.52
N ILE E 414 -13.95 -3.89 68.62
CA ILE E 414 -14.05 -2.43 68.55
C ILE E 414 -13.34 -1.78 69.74
N GLU E 415 -13.52 -2.35 70.93
CA GLU E 415 -12.86 -1.80 72.12
C GLU E 415 -11.35 -1.89 72.01
N SER E 416 -10.84 -2.80 71.18
CA SER E 416 -9.39 -2.90 70.99
C SER E 416 -8.82 -1.64 70.35
N LEU E 417 -9.57 -1.04 69.42
CA LEU E 417 -9.10 0.16 68.75
C LEU E 417 -8.92 1.31 69.74
N ARG E 418 -9.89 1.50 70.62
CA ARG E 418 -9.88 2.58 71.61
C ARG E 418 -9.63 3.94 70.96
N MET F 1 -67.90 -14.34 -36.70
CA MET F 1 -67.24 -15.56 -37.16
C MET F 1 -65.73 -15.66 -36.85
N PRO F 2 -65.01 -14.54 -36.67
CA PRO F 2 -63.63 -14.68 -36.17
C PRO F 2 -63.55 -15.35 -34.82
N PHE F 3 -64.56 -15.17 -33.96
CA PHE F 3 -64.59 -15.76 -32.64
C PHE F 3 -65.63 -16.87 -32.51
N SER F 4 -66.86 -16.62 -32.98
CA SER F 4 -67.93 -17.60 -32.81
C SER F 4 -67.64 -18.89 -33.59
N ASP F 5 -67.24 -18.75 -34.85
CA ASP F 5 -66.98 -19.93 -35.67
C ASP F 5 -65.74 -20.67 -35.18
N PHE F 6 -64.66 -19.93 -34.88
CA PHE F 6 -63.42 -20.58 -34.49
C PHE F 6 -63.56 -21.34 -33.18
N VAL F 7 -64.26 -20.76 -32.21
CA VAL F 7 -64.40 -21.41 -30.90
C VAL F 7 -65.14 -22.73 -31.05
N LEU F 8 -66.23 -22.74 -31.82
CA LEU F 8 -67.02 -23.96 -31.97
C LEU F 8 -66.30 -24.97 -32.86
N ALA F 9 -65.63 -24.49 -33.92
CA ALA F 9 -64.95 -25.40 -34.84
C ALA F 9 -63.82 -26.15 -34.13
N LEU F 10 -63.05 -25.46 -33.29
CA LEU F 10 -61.95 -26.10 -32.60
C LEU F 10 -62.43 -27.13 -31.59
N LYS F 11 -63.70 -27.05 -31.16
CA LYS F 11 -64.24 -28.05 -30.25
C LYS F 11 -64.35 -29.42 -30.91
N ASP F 12 -64.39 -29.48 -32.23
CA ASP F 12 -64.48 -30.73 -32.97
C ASP F 12 -63.18 -31.08 -33.69
N ASN F 13 -62.07 -30.47 -33.30
CA ASN F 13 -60.79 -30.73 -33.93
C ASN F 13 -60.00 -31.69 -33.06
N PRO F 14 -59.78 -32.94 -33.49
CA PRO F 14 -59.02 -33.87 -32.65
C PRO F 14 -57.61 -33.40 -32.35
N TYR F 15 -56.96 -32.74 -33.32
CA TYR F 15 -55.61 -32.22 -33.08
C TYR F 15 -55.62 -31.14 -32.01
N PHE F 16 -56.59 -30.23 -32.07
CA PHE F 16 -56.68 -29.18 -31.06
C PHE F 16 -56.95 -29.76 -29.68
N GLY F 17 -57.84 -30.76 -29.61
CA GLY F 17 -58.10 -31.40 -28.32
C GLY F 17 -56.88 -32.10 -27.77
N ALA F 18 -56.15 -32.81 -28.63
CA ALA F 18 -54.93 -33.48 -28.18
C ALA F 18 -53.89 -32.47 -27.70
N GLY F 19 -53.75 -31.36 -28.41
CA GLY F 19 -52.82 -30.33 -27.99
C GLY F 19 -53.20 -29.72 -26.66
N PHE F 20 -54.49 -29.44 -26.48
CA PHE F 20 -54.96 -28.90 -25.20
C PHE F 20 -54.72 -29.88 -24.06
N GLY F 21 -54.97 -31.17 -24.31
CA GLY F 21 -54.71 -32.17 -23.30
C GLY F 21 -53.24 -32.27 -22.94
N LEU F 22 -52.37 -32.20 -23.95
CA LEU F 22 -50.93 -32.24 -23.69
C LEU F 22 -50.48 -31.02 -22.90
N VAL F 23 -51.02 -29.84 -23.23
CA VAL F 23 -50.67 -28.63 -22.49
C VAL F 23 -51.13 -28.75 -21.05
N GLY F 24 -52.34 -29.27 -20.83
CA GLY F 24 -52.81 -29.46 -19.47
C GLY F 24 -51.97 -30.46 -18.70
N VAL F 25 -51.55 -31.53 -19.37
CA VAL F 25 -50.69 -32.52 -18.72
C VAL F 25 -49.36 -31.90 -18.33
N GLY F 26 -48.77 -31.10 -19.22
CA GLY F 26 -47.52 -30.43 -18.89
C GLY F 26 -47.67 -29.46 -17.74
N THR F 27 -48.76 -28.70 -17.72
CA THR F 27 -49.01 -27.78 -16.62
C THR F 27 -49.17 -28.54 -15.31
N ALA F 28 -49.91 -29.65 -15.33
CA ALA F 28 -50.07 -30.47 -14.14
C ALA F 28 -48.73 -31.03 -13.67
N LEU F 29 -47.89 -31.44 -14.60
CA LEU F 29 -46.57 -31.95 -14.23
C LEU F 29 -45.71 -30.86 -13.60
N ALA F 30 -45.76 -29.65 -14.15
CA ALA F 30 -45.00 -28.55 -13.56
C ALA F 30 -45.50 -28.21 -12.16
N MET F 31 -46.83 -28.19 -11.98
CA MET F 31 -47.38 -27.98 -10.64
C MET F 31 -46.97 -29.09 -9.68
N ALA F 32 -46.93 -30.33 -10.17
CA ALA F 32 -46.51 -31.44 -9.33
C ALA F 32 -45.05 -31.30 -8.93
N ARG F 33 -44.20 -30.87 -9.86
CA ARG F 33 -42.79 -30.65 -9.53
C ARG F 33 -42.64 -29.55 -8.49
N LYS F 34 -43.37 -28.45 -8.66
CA LYS F 34 -43.30 -27.36 -7.68
C LYS F 34 -43.79 -27.83 -6.31
N GLY F 35 -44.88 -28.59 -6.29
CA GLY F 35 -45.37 -29.11 -5.02
C GLY F 35 -44.40 -30.08 -4.37
N ALA F 36 -43.73 -30.90 -5.17
CA ALA F 36 -42.72 -31.81 -4.63
C ALA F 36 -41.56 -31.03 -4.03
N GLN F 37 -41.12 -29.97 -4.71
CA GLN F 37 -40.05 -29.14 -4.15
C GLN F 37 -40.48 -28.50 -2.84
N LEU F 38 -41.72 -27.98 -2.80
CA LEU F 38 -42.22 -27.37 -1.56
C LEU F 38 -42.31 -28.39 -0.44
N GLY F 39 -42.79 -29.60 -0.76
CA GLY F 39 -42.87 -30.64 0.25
C GLY F 39 -41.50 -31.05 0.77
N LEU F 40 -40.52 -31.16 -0.12
CA LEU F 40 -39.16 -31.48 0.32
C LEU F 40 -38.62 -30.37 1.21
N VAL F 41 -38.88 -29.11 0.85
CA VAL F 41 -38.41 -28.00 1.68
C VAL F 41 -39.05 -28.05 3.06
N ALA F 42 -40.37 -28.30 3.11
CA ALA F 42 -41.06 -28.38 4.39
C ALA F 42 -40.55 -29.54 5.23
N PHE F 43 -40.32 -30.69 4.59
CA PHE F 43 -39.79 -31.85 5.31
C PHE F 43 -38.41 -31.55 5.87
N ARG F 44 -37.56 -30.90 5.07
CA ARG F 44 -36.24 -30.52 5.56
C ARG F 44 -36.34 -29.55 6.73
N ARG F 45 -37.29 -28.62 6.66
CA ARG F 45 -37.42 -27.62 7.72
C ARG F 45 -37.94 -28.23 9.01
N HIS F 46 -38.84 -29.21 8.92
CA HIS F 46 -39.54 -29.71 10.10
C HIS F 46 -39.06 -31.06 10.62
N TYR F 47 -38.17 -31.75 9.91
CA TYR F 47 -37.76 -33.08 10.35
C TYR F 47 -36.26 -33.32 10.18
N MET F 48 -35.48 -32.26 10.00
CA MET F 48 -34.04 -32.41 9.86
C MET F 48 -33.33 -31.37 10.71
N ILE F 49 -32.08 -31.67 11.03
CA ILE F 49 -31.22 -30.78 11.80
C ILE F 49 -29.97 -30.52 10.97
N THR F 50 -29.56 -29.26 10.90
CA THR F 50 -28.42 -28.87 10.08
C THR F 50 -27.50 -27.94 10.87
N LEU F 51 -26.21 -28.04 10.59
CA LEU F 51 -25.20 -27.16 11.15
C LEU F 51 -24.22 -26.78 10.06
N GLU F 52 -24.21 -25.51 9.69
CA GLU F 52 -23.38 -25.00 8.61
C GLU F 52 -22.23 -24.20 9.22
N VAL F 53 -21.01 -24.58 8.87
CA VAL F 53 -19.81 -23.97 9.41
C VAL F 53 -18.99 -23.40 8.24
N PRO F 54 -18.86 -22.08 8.12
CA PRO F 54 -18.04 -21.51 7.04
C PRO F 54 -16.56 -21.71 7.32
N ALA F 55 -15.77 -21.57 6.25
CA ALA F 55 -14.33 -21.74 6.38
C ALA F 55 -13.72 -20.62 7.22
N ARG F 56 -14.36 -19.45 7.26
CA ARG F 56 -13.85 -18.34 8.04
C ARG F 56 -13.82 -18.69 9.52
N ASP F 57 -14.84 -19.36 10.02
CA ASP F 57 -14.87 -19.76 11.42
C ASP F 57 -13.77 -20.78 11.70
N ARG F 58 -13.24 -20.74 12.93
CA ARG F 58 -12.15 -21.63 13.29
C ARG F 58 -12.63 -23.05 13.59
N SER F 59 -13.93 -23.26 13.74
CA SER F 59 -14.44 -24.60 13.98
C SER F 59 -14.35 -25.49 12.73
N TYR F 60 -14.07 -24.90 11.57
CA TYR F 60 -13.97 -25.69 10.34
C TYR F 60 -12.84 -26.70 10.44
N ALA F 61 -11.64 -26.23 10.78
CA ALA F 61 -10.50 -27.14 10.88
C ALA F 61 -10.68 -28.14 12.00
N TRP F 62 -11.22 -27.70 13.13
CA TRP F 62 -11.43 -28.60 14.26
C TRP F 62 -12.40 -29.70 13.90
N LEU F 63 -13.51 -29.35 13.24
CA LEU F 63 -14.49 -30.35 12.84
C LEU F 63 -13.91 -31.31 11.81
N LEU F 64 -13.11 -30.79 10.88
CA LEU F 64 -12.50 -31.68 9.89
C LEU F 64 -11.51 -32.65 10.52
N SER F 65 -10.71 -32.17 11.46
CA SER F 65 -9.79 -33.06 12.17
C SER F 65 -10.55 -34.10 12.97
N TRP F 66 -11.62 -33.69 13.65
CA TRP F 66 -12.44 -34.64 14.40
C TRP F 66 -13.04 -35.69 13.47
N LEU F 67 -13.48 -35.26 12.29
CA LEU F 67 -14.02 -36.21 11.32
C LEU F 67 -12.96 -37.20 10.87
N THR F 68 -11.77 -36.71 10.52
CA THR F 68 -10.72 -37.60 10.04
C THR F 68 -10.21 -38.51 11.14
N ARG F 69 -10.43 -38.16 12.41
CA ARG F 69 -10.09 -39.08 13.48
C ARG F 69 -11.18 -40.11 13.71
N HIS F 70 -12.44 -39.66 13.79
CA HIS F 70 -13.55 -40.56 14.07
C HIS F 70 -13.72 -41.60 12.97
N SER F 71 -13.64 -41.16 11.71
CA SER F 71 -13.78 -42.07 10.57
C SER F 71 -12.38 -42.34 10.03
N THR F 72 -11.73 -43.35 10.60
CA THR F 72 -10.36 -43.67 10.20
C THR F 72 -10.30 -44.12 8.74
N ARG F 73 -11.26 -44.94 8.31
CA ARG F 73 -11.24 -45.50 6.96
C ARG F 73 -12.15 -44.65 6.07
N THR F 74 -11.64 -43.50 5.67
CA THR F 74 -12.32 -42.61 4.72
C THR F 74 -11.66 -42.80 3.35
N GLN F 75 -12.39 -43.42 2.43
CA GLN F 75 -11.83 -43.69 1.11
C GLN F 75 -11.51 -42.40 0.36
N HIS F 76 -12.33 -41.37 0.55
CA HIS F 76 -12.14 -40.09 -0.10
C HIS F 76 -11.60 -39.08 0.91
N LEU F 77 -10.46 -38.48 0.60
CA LEU F 77 -9.82 -37.56 1.53
C LEU F 77 -8.87 -36.67 0.76
N SER F 78 -8.50 -35.56 1.40
CA SER F 78 -7.52 -34.63 0.87
C SER F 78 -6.33 -34.57 1.82
N VAL F 79 -5.30 -33.84 1.43
CA VAL F 79 -4.06 -33.78 2.20
C VAL F 79 -3.73 -32.32 2.49
N GLU F 80 -3.29 -32.08 3.72
CA GLU F 80 -2.81 -30.77 4.15
C GLU F 80 -1.39 -30.95 4.70
N THR F 81 -0.44 -30.24 4.10
CA THR F 81 0.97 -30.39 4.46
C THR F 81 1.42 -29.21 5.30
N SER F 82 2.00 -29.50 6.46
CA SER F 82 2.58 -28.47 7.32
C SER F 82 4.08 -28.46 7.08
N TYR F 83 4.56 -27.44 6.37
CA TYR F 83 5.97 -27.34 6.02
C TYR F 83 6.54 -26.07 6.66
N LEU F 84 7.63 -26.23 7.41
CA LEU F 84 8.27 -25.10 8.05
C LEU F 84 9.77 -25.28 7.99
N GLN F 85 10.46 -24.35 7.33
CA GLN F 85 11.91 -24.35 7.22
C GLN F 85 12.46 -23.45 8.32
N HIS F 86 12.89 -24.06 9.42
CA HIS F 86 13.47 -23.30 10.52
C HIS F 86 14.82 -22.73 10.11
N GLU F 87 15.28 -21.75 10.87
CA GLU F 87 16.62 -21.20 10.64
C GLU F 87 17.67 -22.31 10.78
N SER F 88 18.82 -22.09 10.15
CA SER F 88 19.90 -23.05 10.01
C SER F 88 19.51 -24.19 9.07
N GLY F 89 18.52 -23.99 8.21
CA GLY F 89 18.14 -24.99 7.22
C GLY F 89 17.56 -26.26 7.79
N ARG F 90 16.70 -26.15 8.79
CA ARG F 90 16.02 -27.30 9.38
C ARG F 90 14.59 -27.33 8.84
N ILE F 91 14.24 -28.40 8.13
CA ILE F 91 12.95 -28.51 7.47
C ILE F 91 12.09 -29.49 8.25
N SER F 92 10.89 -29.05 8.64
CA SER F 92 9.92 -29.87 9.35
C SER F 92 8.70 -30.07 8.47
N THR F 93 8.33 -31.32 8.23
CA THR F 93 7.20 -31.65 7.39
C THR F 93 6.30 -32.65 8.10
N LYS F 94 5.00 -32.53 7.86
CA LYS F 94 4.02 -33.44 8.43
C LYS F 94 2.77 -33.41 7.57
N PHE F 95 2.24 -34.59 7.26
CA PHE F 95 1.05 -34.73 6.44
C PHE F 95 -0.17 -34.89 7.34
N GLU F 96 -1.10 -33.96 7.25
CA GLU F 96 -2.39 -34.06 7.92
C GLU F 96 -3.45 -34.34 6.86
N PHE F 97 -4.18 -35.43 7.04
CA PHE F 97 -5.16 -35.87 6.05
C PHE F 97 -6.55 -35.39 6.45
N ILE F 98 -7.27 -34.86 5.47
CA ILE F 98 -8.54 -34.18 5.71
C ILE F 98 -9.58 -34.74 4.74
N PRO F 99 -10.85 -34.76 5.17
CA PRO F 99 -11.90 -35.25 4.27
C PRO F 99 -11.97 -34.42 2.99
N SER F 100 -12.16 -35.11 1.88
CA SER F 100 -12.22 -34.48 0.57
C SER F 100 -13.56 -33.82 0.34
N PRO F 101 -13.61 -32.81 -0.53
CA PRO F 101 -14.90 -32.19 -0.86
C PRO F 101 -15.86 -33.21 -1.45
N GLY F 102 -17.14 -33.05 -1.11
CA GLY F 102 -18.17 -33.95 -1.56
C GLY F 102 -19.09 -34.33 -0.43
N ASN F 103 -19.60 -35.57 -0.48
CA ASN F 103 -20.51 -36.08 0.52
C ASN F 103 -19.85 -37.22 1.29
N HIS F 104 -19.95 -37.19 2.61
CA HIS F 104 -19.45 -38.25 3.47
C HIS F 104 -20.52 -38.60 4.49
N PHE F 105 -20.51 -39.87 4.91
CA PHE F 105 -21.46 -40.38 5.88
C PHE F 105 -20.70 -40.95 7.08
N ILE F 106 -21.14 -40.56 8.28
CA ILE F 106 -20.53 -41.01 9.51
C ILE F 106 -21.62 -41.57 10.42
N TRP F 107 -21.19 -42.27 11.47
CA TRP F 107 -22.10 -42.88 12.44
C TRP F 107 -21.73 -42.35 13.82
N TYR F 108 -22.54 -41.43 14.35
CA TYR F 108 -22.34 -40.88 15.67
C TYR F 108 -23.59 -41.13 16.51
N GLN F 109 -23.39 -41.56 17.75
CA GLN F 109 -24.46 -42.04 18.63
C GLN F 109 -25.22 -43.12 17.86
N GLY F 110 -26.54 -43.04 17.73
CA GLY F 110 -27.27 -43.99 16.93
C GLY F 110 -27.88 -43.35 15.70
N LYS F 111 -27.22 -42.33 15.17
CA LYS F 111 -27.74 -41.54 14.07
C LYS F 111 -26.75 -41.53 12.92
N TRP F 112 -27.27 -41.58 11.70
CA TRP F 112 -26.45 -41.44 10.50
C TRP F 112 -26.40 -39.96 10.12
N ILE F 113 -25.21 -39.37 10.18
CA ILE F 113 -25.02 -37.95 9.92
C ILE F 113 -24.36 -37.79 8.56
N ARG F 114 -24.94 -36.95 7.72
CA ARG F 114 -24.43 -36.67 6.39
C ARG F 114 -23.57 -35.42 6.46
N VAL F 115 -22.30 -35.55 6.07
CA VAL F 115 -21.35 -34.44 6.10
C VAL F 115 -21.11 -33.97 4.67
N GLU F 116 -21.29 -32.67 4.45
CA GLU F 116 -21.13 -32.07 3.13
C GLU F 116 -20.06 -31.00 3.20
N ARG F 117 -18.89 -31.27 2.62
CA ARG F 117 -17.83 -30.28 2.48
C ARG F 117 -17.90 -29.77 1.04
N ASN F 118 -18.45 -28.57 0.87
CA ASN F 118 -18.64 -27.98 -0.44
C ASN F 118 -17.65 -26.84 -0.64
N ARG F 119 -17.10 -26.75 -1.85
CA ARG F 119 -16.18 -25.69 -2.23
C ARG F 119 -16.80 -24.97 -3.42
N ASP F 120 -17.43 -23.82 -3.16
CA ASP F 120 -18.09 -23.07 -4.23
C ASP F 120 -17.05 -22.53 -5.19
N MET F 121 -17.02 -23.08 -6.40
CA MET F 121 -16.02 -22.72 -7.40
C MET F 121 -16.44 -21.49 -8.20
N GLN F 122 -16.90 -20.45 -7.50
CA GLN F 122 -17.34 -19.22 -8.16
C GLN F 122 -16.51 -18.01 -7.77
N MET F 123 -16.34 -17.74 -6.48
CA MET F 123 -15.53 -16.62 -6.03
C MET F 123 -14.30 -17.11 -5.28
N VAL F 124 -13.48 -16.15 -4.85
CA VAL F 124 -12.30 -16.41 -4.03
C VAL F 124 -12.41 -15.55 -2.78
N ASP F 125 -12.16 -16.14 -1.62
CA ASP F 125 -12.17 -15.37 -0.39
C ASP F 125 -11.05 -14.34 -0.41
N LEU F 126 -11.38 -13.10 -0.07
CA LEU F 126 -10.41 -12.02 -0.10
C LEU F 126 -9.44 -12.06 1.07
N GLN F 127 -9.86 -12.57 2.23
CA GLN F 127 -9.02 -12.59 3.41
C GLN F 127 -8.07 -13.77 3.45
N THR F 128 -8.22 -14.74 2.55
CA THR F 128 -7.37 -15.92 2.57
C THR F 128 -6.77 -16.17 1.19
N GLY F 129 -7.47 -15.76 0.14
CA GLY F 129 -7.06 -16.07 -1.21
C GLY F 129 -7.47 -17.44 -1.68
N THR F 130 -8.32 -18.13 -0.93
CA THR F 130 -8.80 -19.47 -1.24
C THR F 130 -10.28 -19.41 -1.63
N PRO F 131 -10.76 -20.38 -2.40
CA PRO F 131 -12.20 -20.42 -2.69
C PRO F 131 -13.01 -20.62 -1.42
N TRP F 132 -14.25 -20.18 -1.46
CA TRP F 132 -15.14 -20.23 -0.30
C TRP F 132 -15.54 -21.67 -0.05
N GLU F 133 -15.20 -22.19 1.14
CA GLU F 133 -15.52 -23.54 1.53
C GLU F 133 -16.39 -23.53 2.78
N SER F 134 -17.14 -24.61 2.98
CA SER F 134 -17.97 -24.77 4.16
C SER F 134 -18.25 -26.26 4.38
N VAL F 135 -18.62 -26.59 5.60
CA VAL F 135 -18.98 -27.95 5.98
C VAL F 135 -20.37 -27.93 6.59
N THR F 136 -21.22 -28.87 6.17
CA THR F 136 -22.60 -28.93 6.63
C THR F 136 -22.88 -30.33 7.18
N PHE F 137 -23.46 -30.39 8.37
CA PHE F 137 -23.86 -31.64 8.98
C PHE F 137 -25.38 -31.75 8.93
N THR F 138 -25.88 -32.86 8.38
CA THR F 138 -27.30 -33.08 8.25
C THR F 138 -27.67 -34.42 8.88
N ALA F 139 -28.80 -34.46 9.57
CA ALA F 139 -29.24 -35.66 10.25
C ALA F 139 -30.75 -35.62 10.41
N LEU F 140 -31.32 -36.80 10.70
CA LEU F 140 -32.76 -36.93 10.90
C LEU F 140 -33.09 -36.82 12.38
N GLY F 141 -34.08 -35.98 12.69
CA GLY F 141 -34.54 -35.80 14.05
C GLY F 141 -34.75 -34.33 14.35
N THR F 142 -35.06 -34.03 15.60
CA THR F 142 -35.31 -32.66 16.02
C THR F 142 -34.48 -32.27 17.25
N ASP F 143 -33.38 -32.97 17.52
CA ASP F 143 -32.52 -32.69 18.66
C ASP F 143 -31.19 -32.12 18.17
N ARG F 144 -30.80 -30.98 18.74
CA ARG F 144 -29.56 -30.32 18.38
C ARG F 144 -28.40 -30.71 19.27
N LYS F 145 -28.62 -31.61 20.24
CA LYS F 145 -27.56 -31.95 21.18
C LYS F 145 -26.42 -32.68 20.50
N VAL F 146 -26.70 -33.42 19.42
CA VAL F 146 -25.66 -34.19 18.75
C VAL F 146 -24.59 -33.25 18.19
N PHE F 147 -25.02 -32.19 17.51
CA PHE F 147 -24.06 -31.24 16.96
C PHE F 147 -23.30 -30.51 18.06
N PHE F 148 -23.98 -30.19 19.16
CA PHE F 148 -23.30 -29.54 20.27
C PHE F 148 -22.20 -30.43 20.83
N ASN F 149 -22.50 -31.72 21.01
CA ASN F 149 -21.50 -32.66 21.51
C ASN F 149 -20.35 -32.80 20.52
N ILE F 150 -20.66 -32.86 19.22
CA ILE F 150 -19.60 -32.99 18.23
C ILE F 150 -18.69 -31.77 18.26
N LEU F 151 -19.27 -30.58 18.32
CA LEU F 151 -18.46 -29.36 18.39
C LEU F 151 -17.61 -29.34 19.65
N GLU F 152 -18.18 -29.74 20.79
CA GLU F 152 -17.41 -29.75 22.02
C GLU F 152 -16.25 -30.73 21.93
N GLU F 153 -16.49 -31.92 21.37
CA GLU F 153 -15.41 -32.88 21.21
C GLU F 153 -14.32 -32.35 20.29
N ALA F 154 -14.72 -31.71 19.18
CA ALA F 154 -13.73 -31.15 18.26
C ALA F 154 -12.91 -30.06 18.93
N ARG F 155 -13.56 -29.19 19.71
CA ARG F 155 -12.83 -28.14 20.40
C ARG F 155 -11.86 -28.72 21.42
N ALA F 156 -12.30 -29.73 22.18
CA ALA F 156 -11.42 -30.36 23.16
C ALA F 156 -10.23 -31.01 22.48
N LEU F 157 -10.46 -31.68 21.35
CA LEU F 157 -9.35 -32.30 20.62
C LEU F 157 -8.39 -31.25 20.09
N ALA F 158 -8.91 -30.13 19.58
CA ALA F 158 -8.05 -29.07 19.07
C ALA F 158 -7.20 -28.46 20.18
N LEU F 159 -7.80 -28.21 21.35
CA LEU F 159 -7.06 -27.57 22.43
C LEU F 159 -6.09 -28.50 23.12
N GLN F 160 -6.25 -29.82 22.97
CA GLN F 160 -5.35 -30.74 23.64
C GLN F 160 -3.98 -30.80 22.98
N GLN F 161 -3.86 -30.32 21.75
CA GLN F 161 -2.58 -30.29 21.06
C GLN F 161 -1.79 -29.01 21.31
N GLU F 162 -2.30 -28.11 22.14
CA GLU F 162 -1.64 -26.86 22.44
C GLU F 162 -1.03 -26.93 23.83
N GLU F 163 0.27 -26.62 23.93
CA GLU F 163 0.98 -26.64 25.20
C GLU F 163 1.14 -25.23 25.73
N GLY F 164 0.70 -25.01 26.97
CA GLY F 164 0.81 -23.70 27.56
C GLY F 164 2.25 -23.30 27.80
N LYS F 165 2.48 -21.99 27.78
CA LYS F 165 3.81 -21.43 27.97
C LYS F 165 3.73 -20.24 28.93
N THR F 166 4.85 -19.96 29.58
CA THR F 166 4.98 -18.82 30.49
C THR F 166 5.88 -17.79 29.82
N VAL F 167 5.44 -16.55 29.81
CA VAL F 167 6.19 -15.46 29.17
C VAL F 167 6.74 -14.55 30.25
N MET F 168 8.05 -14.30 30.20
CA MET F 168 8.70 -13.38 31.12
C MET F 168 8.71 -11.99 30.51
N TYR F 169 8.24 -11.01 31.28
CA TYR F 169 8.23 -9.62 30.86
C TYR F 169 9.30 -8.86 31.64
N THR F 170 10.31 -8.37 30.94
CA THR F 170 11.33 -7.54 31.53
C THR F 170 10.99 -6.07 31.33
N ALA F 171 11.64 -5.21 32.10
CA ALA F 171 11.39 -3.78 32.07
C ALA F 171 12.66 -3.05 31.66
N VAL F 172 12.57 -2.26 30.59
CA VAL F 172 13.62 -1.36 30.17
C VAL F 172 13.02 0.05 30.11
N GLY F 173 13.75 1.03 30.61
CA GLY F 173 13.22 2.37 30.73
C GLY F 173 11.96 2.41 31.54
N SER F 174 10.84 2.77 30.91
CA SER F 174 9.53 2.79 31.53
C SER F 174 8.54 1.96 30.73
N GLU F 175 8.96 0.79 30.28
CA GLU F 175 8.13 -0.08 29.45
C GLU F 175 8.42 -1.53 29.78
N TRP F 176 7.42 -2.37 29.56
CA TRP F 176 7.55 -3.82 29.73
C TRP F 176 7.82 -4.46 28.38
N ARG F 177 8.84 -5.31 28.33
CA ARG F 177 9.25 -5.97 27.09
C ARG F 177 9.24 -7.47 27.28
N THR F 178 8.93 -8.18 26.20
CA THR F 178 8.90 -9.64 26.19
C THR F 178 10.33 -10.13 26.10
N PHE F 179 10.89 -10.55 27.23
CA PHE F 179 12.27 -11.02 27.27
C PHE F 179 12.32 -12.48 26.86
N GLY F 180 13.21 -12.79 25.92
CA GLY F 180 13.40 -14.17 25.50
C GLY F 180 12.21 -14.71 24.73
N TYR F 181 12.07 -16.03 24.77
CA TYR F 181 11.01 -16.76 24.10
C TYR F 181 10.11 -17.42 25.13
N PRO F 182 8.89 -17.80 24.76
CA PRO F 182 8.01 -18.51 25.68
C PRO F 182 8.69 -19.76 26.24
N ARG F 183 8.53 -19.97 27.53
CA ARG F 183 9.19 -21.06 28.24
C ARG F 183 8.19 -22.16 28.61
N ARG F 184 8.69 -23.37 28.70
CA ARG F 184 7.88 -24.49 29.16
C ARG F 184 7.51 -24.27 30.63
N ARG F 185 6.26 -24.57 30.96
CA ARG F 185 5.75 -24.35 32.31
C ARG F 185 6.20 -25.49 33.21
N ARG F 186 6.93 -25.14 34.26
CA ARG F 186 7.38 -26.14 35.22
C ARG F 186 6.19 -26.66 36.02
N PRO F 187 6.01 -27.99 36.10
CA PRO F 187 4.88 -28.51 36.88
C PRO F 187 4.97 -28.11 38.34
N LEU F 188 3.80 -27.87 38.94
CA LEU F 188 3.77 -27.41 40.32
C LEU F 188 4.31 -28.45 41.28
N ASP F 189 3.98 -29.73 41.05
CA ASP F 189 4.44 -30.78 41.94
C ASP F 189 5.96 -30.96 41.90
N SER F 190 6.62 -30.43 40.86
CA SER F 190 8.06 -30.53 40.79
C SER F 190 8.72 -29.78 41.95
N VAL F 191 8.19 -28.62 42.29
CA VAL F 191 8.72 -27.84 43.41
C VAL F 191 7.98 -28.24 44.67
N VAL F 192 8.73 -28.70 45.68
CA VAL F 192 8.15 -29.08 46.96
C VAL F 192 8.70 -28.16 48.04
N LEU F 193 7.84 -27.31 48.61
CA LEU F 193 8.31 -26.37 49.63
C LEU F 193 8.10 -26.91 51.03
N GLN F 194 6.87 -27.29 51.38
CA GLN F 194 6.57 -27.71 52.74
C GLN F 194 5.33 -28.60 52.68
N GLN F 195 4.80 -28.93 53.86
CA GLN F 195 3.67 -29.85 53.96
C GLN F 195 2.42 -29.29 53.30
N GLY F 196 2.11 -28.02 53.57
CA GLY F 196 0.88 -27.44 53.07
C GLY F 196 0.98 -25.98 52.66
N LEU F 197 2.20 -25.45 52.59
CA LEU F 197 2.38 -24.08 52.16
C LEU F 197 1.92 -23.87 50.73
N ALA F 198 2.27 -24.78 49.82
CA ALA F 198 1.84 -24.66 48.44
C ALA F 198 0.32 -24.71 48.33
N ASP F 199 -0.30 -25.63 49.06
CA ASP F 199 -1.77 -25.73 49.04
C ASP F 199 -2.41 -24.45 49.57
N ARG F 200 -1.88 -23.92 50.67
CA ARG F 200 -2.44 -22.70 51.24
C ARG F 200 -2.33 -21.53 50.27
N ILE F 201 -1.16 -21.38 49.65
CA ILE F 201 -0.95 -20.27 48.72
C ILE F 201 -1.86 -20.43 47.50
N VAL F 202 -1.95 -21.64 46.96
CA VAL F 202 -2.79 -21.87 45.79
C VAL F 202 -4.25 -21.59 46.13
N LYS F 203 -4.71 -22.06 47.28
CA LYS F 203 -6.09 -21.82 47.69
C LYS F 203 -6.38 -20.34 47.85
N ASP F 204 -5.46 -19.61 48.49
CA ASP F 204 -5.66 -18.17 48.66
C ASP F 204 -5.71 -17.47 47.31
N ILE F 205 -4.82 -17.84 46.39
CA ILE F 205 -4.80 -17.19 45.07
C ILE F 205 -6.08 -17.51 44.31
N ARG F 206 -6.53 -18.76 44.36
CA ARG F 206 -7.77 -19.12 43.68
C ARG F 206 -8.96 -18.38 44.26
N GLU F 207 -9.02 -18.25 45.59
CA GLU F 207 -10.10 -17.49 46.20
C GLU F 207 -10.07 -16.03 45.78
N PHE F 208 -8.88 -15.44 45.74
CA PHE F 208 -8.76 -14.04 45.34
C PHE F 208 -9.18 -13.83 43.89
N ILE F 209 -8.75 -14.73 43.00
CA ILE F 209 -9.06 -14.57 41.58
C ILE F 209 -10.53 -14.82 41.31
N ASP F 210 -11.08 -15.89 41.89
CA ASP F 210 -12.43 -16.34 41.54
C ASP F 210 -13.53 -15.53 42.21
N ASN F 211 -13.20 -14.50 42.97
CA ASN F 211 -14.20 -13.65 43.61
C ASN F 211 -13.90 -12.17 43.33
N PRO F 212 -14.04 -11.74 42.07
CA PRO F 212 -13.85 -10.32 41.77
C PRO F 212 -15.04 -9.47 42.18
N LYS F 213 -16.23 -10.06 42.25
CA LYS F 213 -17.41 -9.30 42.64
C LYS F 213 -17.31 -8.83 44.09
N TRP F 214 -16.61 -9.60 44.93
CA TRP F 214 -16.48 -9.22 46.33
C TRP F 214 -15.73 -7.91 46.49
N TYR F 215 -14.68 -7.71 45.72
CA TYR F 215 -13.85 -6.51 45.87
C TYR F 215 -14.54 -5.28 45.31
N ILE F 216 -15.16 -5.41 44.13
CA ILE F 216 -15.73 -4.24 43.48
C ILE F 216 -16.94 -3.72 44.25
N ASP F 217 -17.75 -4.62 44.81
CA ASP F 217 -18.96 -4.19 45.50
C ASP F 217 -18.63 -3.44 46.79
N ARG F 218 -17.58 -3.84 47.48
CA ARG F 218 -17.18 -3.18 48.71
C ARG F 218 -16.26 -1.99 48.47
N GLY F 219 -15.92 -1.70 47.22
CA GLY F 219 -15.07 -0.55 46.93
C GLY F 219 -13.66 -0.69 47.46
N ILE F 220 -13.11 -1.89 47.42
CA ILE F 220 -11.74 -2.14 47.87
C ILE F 220 -10.91 -2.52 46.65
N PRO F 221 -9.67 -2.04 46.54
CA PRO F 221 -8.88 -2.36 45.35
C PRO F 221 -8.69 -3.86 45.16
N TYR F 222 -8.72 -4.29 43.91
CA TYR F 222 -8.57 -5.70 43.55
C TYR F 222 -7.09 -6.06 43.46
N ARG F 223 -6.37 -5.79 44.54
CA ARG F 223 -4.93 -5.97 44.60
C ARG F 223 -4.56 -6.80 45.82
N ARG F 224 -3.64 -7.74 45.63
CA ARG F 224 -3.18 -8.60 46.70
C ARG F 224 -1.68 -8.80 46.57
N GLY F 225 -1.01 -8.98 47.71
CA GLY F 225 0.42 -9.18 47.73
C GLY F 225 0.88 -10.30 48.64
N TYR F 226 1.96 -10.96 48.26
CA TYR F 226 2.51 -12.07 49.02
C TYR F 226 4.00 -11.86 49.25
N LEU F 227 4.50 -12.38 50.38
CA LEU F 227 5.91 -12.30 50.72
C LEU F 227 6.43 -13.70 51.06
N LEU F 228 7.60 -14.02 50.52
CA LEU F 228 8.27 -15.29 50.81
C LEU F 228 9.67 -14.99 51.28
N TYR F 229 9.97 -15.33 52.54
CA TYR F 229 11.27 -15.08 53.13
C TYR F 229 11.85 -16.39 53.63
N GLY F 230 13.13 -16.62 53.33
CA GLY F 230 13.80 -17.82 53.73
C GLY F 230 15.24 -17.87 53.25
N PRO F 231 15.94 -18.97 53.53
CA PRO F 231 17.32 -19.07 53.08
C PRO F 231 17.39 -19.08 51.57
N PRO F 232 18.49 -18.58 50.99
CA PRO F 232 18.63 -18.58 49.54
C PRO F 232 18.67 -19.99 48.97
N GLY F 233 18.20 -20.13 47.74
CA GLY F 233 18.19 -21.43 47.10
C GLY F 233 17.14 -22.38 47.63
N CYS F 234 16.10 -21.87 48.28
CA CYS F 234 15.04 -22.70 48.83
C CYS F 234 13.92 -22.96 47.84
N GLY F 235 13.97 -22.38 46.65
CA GLY F 235 12.97 -22.65 45.63
C GLY F 235 11.83 -21.66 45.60
N LYS F 236 12.14 -20.38 45.80
CA LYS F 236 11.11 -19.36 45.80
C LYS F 236 10.72 -18.96 44.38
N SER F 237 11.71 -18.55 43.58
CA SER F 237 11.43 -18.14 42.21
C SER F 237 10.86 -19.30 41.39
N SER F 238 11.38 -20.50 41.63
CA SER F 238 10.85 -21.67 40.94
C SER F 238 9.38 -21.89 41.29
N PHE F 239 9.02 -21.74 42.56
CA PHE F 239 7.62 -21.89 42.94
C PHE F 239 6.76 -20.80 42.32
N ILE F 240 7.28 -19.58 42.23
CA ILE F 240 6.53 -18.50 41.60
C ILE F 240 6.26 -18.83 40.13
N THR F 241 7.29 -19.33 39.44
CA THR F 241 7.11 -19.70 38.04
C THR F 241 6.11 -20.83 37.90
N ALA F 242 6.17 -21.83 38.77
CA ALA F 242 5.24 -22.95 38.71
C ALA F 242 3.81 -22.48 38.95
N LEU F 243 3.62 -21.59 39.93
CA LEU F 243 2.29 -21.06 40.21
C LEU F 243 1.76 -20.26 39.03
N ALA F 244 2.62 -19.44 38.41
CA ALA F 244 2.19 -18.68 37.25
C ALA F 244 1.80 -19.61 36.10
N GLY F 245 2.57 -20.69 35.89
CA GLY F 245 2.20 -21.65 34.88
C GLY F 245 0.88 -22.33 35.16
N GLU F 246 0.63 -22.65 36.44
CA GLU F 246 -0.64 -23.26 36.82
C GLU F 246 -1.80 -22.30 36.57
N LEU F 247 -1.60 -21.02 36.88
CA LEU F 247 -2.65 -20.01 36.68
C LEU F 247 -2.67 -19.46 35.27
N GLU F 248 -1.79 -19.93 34.40
CA GLU F 248 -1.66 -19.46 33.01
C GLU F 248 -1.31 -17.98 32.92
N HIS F 249 -0.79 -17.38 33.98
CA HIS F 249 -0.39 -15.99 33.96
C HIS F 249 1.04 -15.87 33.44
N SER F 250 1.55 -14.64 33.43
CA SER F 250 2.91 -14.35 32.99
C SER F 250 3.62 -13.57 34.09
N ILE F 251 4.87 -13.95 34.36
CA ILE F 251 5.64 -13.27 35.38
C ILE F 251 6.34 -12.07 34.77
N CYS F 252 6.29 -10.94 35.48
CA CYS F 252 6.98 -9.72 35.09
C CYS F 252 8.10 -9.51 36.09
N LEU F 253 9.24 -10.14 35.82
CA LEU F 253 10.38 -10.08 36.74
C LEU F 253 11.02 -8.70 36.68
N LEU F 254 11.26 -8.12 37.85
CA LEU F 254 11.91 -6.82 37.95
C LEU F 254 12.85 -6.82 39.14
N SER F 255 14.08 -6.36 38.92
CA SER F 255 15.10 -6.31 39.96
C SER F 255 15.18 -4.87 40.47
N LEU F 256 14.53 -4.61 41.62
CA LEU F 256 14.58 -3.28 42.20
C LEU F 256 15.94 -2.96 42.80
N THR F 257 16.79 -3.97 42.98
CA THR F 257 18.13 -3.71 43.50
C THR F 257 18.96 -2.88 42.54
N ASP F 258 18.59 -2.86 41.26
CA ASP F 258 19.27 -2.02 40.30
C ASP F 258 18.90 -0.56 40.50
N SER F 259 19.87 0.32 40.31
CA SER F 259 19.66 1.76 40.46
C SER F 259 19.15 2.42 39.19
N SER F 260 18.94 1.65 38.12
CA SER F 260 18.46 2.23 36.87
C SER F 260 17.08 2.85 37.03
N LEU F 261 16.19 2.17 37.76
CA LEU F 261 14.83 2.65 37.94
C LEU F 261 14.73 3.49 39.21
N SER F 262 13.85 4.49 39.16
CA SER F 262 13.59 5.36 40.30
C SER F 262 12.21 5.05 40.88
N ASP F 263 11.83 5.80 41.91
CA ASP F 263 10.53 5.60 42.54
C ASP F 263 9.40 5.88 41.57
N ASP F 264 9.48 7.00 40.84
CA ASP F 264 8.48 7.30 39.82
C ASP F 264 8.51 6.27 38.70
N ARG F 265 9.72 5.87 38.28
CA ARG F 265 9.85 4.83 37.27
C ARG F 265 9.27 3.51 37.76
N LEU F 266 9.53 3.17 39.02
CA LEU F 266 8.96 1.95 39.58
C LEU F 266 7.44 1.99 39.61
N ASN F 267 6.87 3.14 40.01
CA ASN F 267 5.43 3.27 40.02
C ASN F 267 4.85 3.15 38.62
N HIS F 268 5.49 3.78 37.64
CA HIS F 268 5.01 3.68 36.26
C HIS F 268 5.06 2.25 35.75
N LEU F 269 6.17 1.54 36.03
CA LEU F 269 6.27 0.16 35.59
C LEU F 269 5.24 -0.74 36.27
N LEU F 270 5.02 -0.54 37.56
CA LEU F 270 4.05 -1.34 38.29
C LEU F 270 2.62 -1.01 37.88
N SER F 271 2.37 0.20 37.41
CA SER F 271 1.03 0.59 36.99
C SER F 271 0.69 0.12 35.59
N VAL F 272 1.68 -0.05 34.73
CA VAL F 272 1.47 -0.42 33.33
C VAL F 272 1.71 -1.91 33.10
N ALA F 273 1.70 -2.71 34.17
CA ALA F 273 1.94 -4.14 34.03
C ALA F 273 0.85 -4.78 33.18
N PRO F 274 1.19 -5.77 32.35
CA PRO F 274 0.18 -6.38 31.48
C PRO F 274 -0.91 -7.08 32.29
N GLN F 275 -2.10 -7.14 31.70
CA GLN F 275 -3.22 -7.79 32.34
C GLN F 275 -2.99 -9.30 32.44
N GLN F 276 -3.58 -9.91 33.47
CA GLN F 276 -3.45 -11.35 33.73
C GLN F 276 -1.98 -11.75 33.84
N SER F 277 -1.18 -10.89 34.45
CA SER F 277 0.26 -11.11 34.57
C SER F 277 0.70 -10.88 36.00
N LEU F 278 1.63 -11.71 36.46
CA LEU F 278 2.22 -11.56 37.78
C LEU F 278 3.46 -10.69 37.70
N VAL F 279 3.76 -9.99 38.80
CA VAL F 279 4.94 -9.16 38.91
C VAL F 279 5.76 -9.67 40.09
N LEU F 280 7.05 -9.86 39.84
CA LEU F 280 7.97 -10.37 40.86
C LEU F 280 9.08 -9.36 41.08
N LEU F 281 9.30 -8.99 42.34
CA LEU F 281 10.31 -8.03 42.74
C LEU F 281 11.22 -8.69 43.76
N GLU F 282 12.33 -9.25 43.28
CA GLU F 282 13.28 -9.93 44.17
C GLU F 282 14.29 -8.94 44.72
N ASP F 283 15.06 -9.42 45.71
CA ASP F 283 16.07 -8.61 46.40
C ASP F 283 15.46 -7.34 46.98
N VAL F 284 14.27 -7.48 47.58
CA VAL F 284 13.56 -6.32 48.13
C VAL F 284 14.32 -5.74 49.32
N ASP F 285 15.22 -6.51 49.92
CA ASP F 285 15.96 -6.03 51.08
C ASP F 285 16.91 -4.89 50.69
N ALA F 286 17.48 -4.95 49.49
CA ALA F 286 18.51 -3.99 49.10
C ALA F 286 17.95 -2.57 49.05
N ALA F 287 16.83 -2.38 48.36
CA ALA F 287 16.24 -1.05 48.25
C ALA F 287 15.77 -0.55 49.62
N PHE F 288 15.17 -1.44 50.42
CA PHE F 288 14.70 -1.05 51.74
C PHE F 288 15.86 -0.69 52.66
N LEU F 289 16.98 -1.41 52.54
CA LEU F 289 18.14 -1.13 53.38
C LEU F 289 18.70 0.26 53.08
N SER F 290 18.78 0.63 51.81
CA SER F 290 19.31 1.93 51.41
C SER F 290 18.36 3.06 51.84
N ARG F 306 17.13 7.63 42.79
CA ARG F 306 17.00 6.28 42.29
C ARG F 306 16.52 5.33 43.39
N LEU F 307 17.46 4.90 44.22
CA LEU F 307 17.13 3.98 45.30
C LEU F 307 16.30 4.67 46.38
N THR F 308 15.37 3.92 46.97
CA THR F 308 14.53 4.44 48.03
C THR F 308 14.05 3.28 48.88
N PHE F 309 13.67 3.59 50.12
CA PHE F 309 13.15 2.60 51.05
C PHE F 309 11.65 2.75 51.28
N SER F 310 11.18 3.96 51.54
CA SER F 310 9.75 4.22 51.70
C SER F 310 9.07 4.58 50.39
N GLY F 311 9.83 5.02 49.39
CA GLY F 311 9.23 5.37 48.12
C GLY F 311 8.58 4.17 47.45
N LEU F 312 9.22 3.01 47.52
CA LEU F 312 8.65 1.81 46.90
C LEU F 312 7.34 1.41 47.56
N LEU F 313 7.28 1.46 48.90
CA LEU F 313 6.04 1.09 49.58
C LEU F 313 4.95 2.14 49.36
N ASN F 314 5.34 3.40 49.24
CA ASN F 314 4.36 4.43 48.89
C ASN F 314 3.81 4.21 47.49
N ALA F 315 4.68 3.83 46.55
CA ALA F 315 4.24 3.57 45.19
C ALA F 315 3.34 2.34 45.12
N LEU F 316 3.62 1.33 45.96
CA LEU F 316 2.81 0.12 45.98
C LEU F 316 1.37 0.44 46.36
N ASP F 317 1.18 1.29 47.38
CA ASP F 317 -0.16 1.66 47.82
C ASP F 317 -0.88 2.58 46.84
N GLY F 318 -0.17 3.10 45.83
CA GLY F 318 -0.83 3.96 44.86
C GLY F 318 -1.90 3.23 44.08
N VAL F 319 -2.98 3.96 43.77
CA VAL F 319 -4.09 3.38 43.02
C VAL F 319 -3.76 3.15 41.56
N ALA F 320 -2.59 3.59 41.09
CA ALA F 320 -2.18 3.41 39.71
C ALA F 320 -1.87 1.94 39.48
N SER F 321 -2.84 1.20 38.96
CA SER F 321 -2.70 -0.23 38.73
C SER F 321 -3.79 -0.66 37.74
N THR F 322 -3.94 -1.98 37.57
CA THR F 322 -4.97 -2.53 36.72
C THR F 322 -5.74 -3.57 37.53
N GLU F 323 -6.66 -4.27 36.87
CA GLU F 323 -7.45 -5.29 37.55
C GLU F 323 -6.57 -6.49 37.88
N ALA F 324 -6.71 -6.99 39.11
CA ALA F 324 -6.03 -8.20 39.58
C ALA F 324 -4.50 -8.04 39.46
N ARG F 325 -3.97 -7.08 40.22
CA ARG F 325 -2.52 -6.87 40.28
C ARG F 325 -1.96 -7.72 41.40
N ILE F 326 -1.48 -8.90 41.02
CA ILE F 326 -0.87 -9.81 41.98
C ILE F 326 0.63 -9.57 42.02
N VAL F 327 1.15 -9.28 43.21
CA VAL F 327 2.56 -8.97 43.39
C VAL F 327 3.15 -9.92 44.42
N PHE F 328 4.34 -10.44 44.14
CA PHE F 328 5.01 -11.37 45.02
C PHE F 328 6.31 -10.76 45.53
N MET F 329 6.54 -10.90 46.84
CA MET F 329 7.75 -10.41 47.48
C MET F 329 8.60 -11.59 47.89
N THR F 330 9.88 -11.55 47.56
CA THR F 330 10.83 -12.58 47.96
C THR F 330 12.11 -11.93 48.47
N THR F 331 12.62 -12.45 49.59
CA THR F 331 13.83 -11.94 50.21
C THR F 331 14.49 -13.02 51.03
N ASN F 332 15.78 -12.84 51.30
CA ASN F 332 16.51 -13.82 52.10
C ASN F 332 16.19 -13.71 53.58
N TYR F 333 15.96 -12.49 54.07
CA TYR F 333 15.66 -12.28 55.48
C TYR F 333 14.56 -11.23 55.61
N ILE F 334 13.79 -11.35 56.68
CA ILE F 334 12.65 -10.47 56.92
C ILE F 334 12.95 -9.39 57.95
N ASP F 335 14.00 -9.55 58.75
CA ASP F 335 14.28 -8.60 59.82
C ASP F 335 14.62 -7.21 59.28
N ARG F 336 15.21 -7.14 58.09
CA ARG F 336 15.60 -5.86 57.53
C ARG F 336 14.39 -5.02 57.15
N LEU F 337 13.22 -5.62 56.97
CA LEU F 337 12.02 -4.89 56.60
C LEU F 337 11.32 -4.41 57.88
N ASP F 338 10.11 -3.88 57.72
CA ASP F 338 9.34 -3.35 58.83
C ASP F 338 7.92 -3.89 58.80
N PRO F 339 7.25 -3.94 59.96
CA PRO F 339 5.84 -4.38 59.96
C PRO F 339 4.92 -3.48 59.18
N ALA F 340 5.30 -2.22 58.93
CA ALA F 340 4.45 -1.32 58.16
C ALA F 340 4.26 -1.83 56.73
N LEU F 341 5.24 -2.56 56.20
CA LEU F 341 5.10 -3.12 54.86
C LEU F 341 3.98 -4.16 54.81
N ILE F 342 3.84 -4.96 55.86
CA ILE F 342 2.83 -6.01 55.91
C ILE F 342 1.55 -5.43 56.47
N ARG F 343 0.54 -5.29 55.61
CA ARG F 343 -0.74 -4.70 55.99
C ARG F 343 -1.71 -4.89 54.83
N PRO F 344 -3.02 -4.84 55.09
CA PRO F 344 -3.99 -4.87 53.99
C PRO F 344 -3.76 -3.72 53.02
N GLY F 345 -4.00 -3.98 51.74
CA GLY F 345 -3.58 -3.08 50.69
C GLY F 345 -2.13 -3.22 50.33
N ARG F 346 -1.41 -4.12 51.00
CA ARG F 346 0.01 -4.37 50.79
C ARG F 346 0.18 -5.89 50.88
N VAL F 347 1.41 -6.33 51.13
CA VAL F 347 1.68 -7.74 51.43
C VAL F 347 0.65 -8.26 52.42
N ASP F 348 -0.01 -9.35 52.06
CA ASP F 348 -1.11 -9.89 52.85
C ASP F 348 -0.78 -11.21 53.53
N LEU F 349 -0.36 -12.21 52.76
CA LEU F 349 -0.06 -13.54 53.29
C LEU F 349 1.44 -13.79 53.13
N LYS F 350 2.20 -13.49 54.17
CA LYS F 350 3.62 -13.81 54.19
C LYS F 350 3.82 -15.25 54.62
N GLU F 351 4.79 -15.92 54.01
CA GLU F 351 5.12 -17.29 54.34
C GLU F 351 6.63 -17.45 54.44
N TYR F 352 7.06 -18.31 55.35
CA TYR F 352 8.47 -18.59 55.55
C TYR F 352 8.81 -19.94 54.91
N VAL F 353 9.72 -19.92 53.96
CA VAL F 353 10.21 -21.17 53.37
C VAL F 353 11.48 -21.59 54.11
N GLY F 354 11.53 -22.85 54.52
CA GLY F 354 12.65 -23.34 55.29
C GLY F 354 13.43 -24.44 54.62
N TYR F 355 14.34 -25.06 55.36
CA TYR F 355 15.15 -26.14 54.82
C TYR F 355 14.32 -27.41 54.66
N CYS F 356 14.89 -28.37 53.95
CA CYS F 356 14.18 -29.61 53.64
C CYS F 356 13.86 -30.39 54.91
N SER F 357 12.68 -31.01 54.92
CA SER F 357 12.25 -31.89 55.99
C SER F 357 12.23 -33.32 55.49
N HIS F 358 11.86 -34.24 56.37
CA HIS F 358 11.79 -35.65 55.99
C HIS F 358 10.79 -35.86 54.86
N TRP F 359 9.61 -35.27 54.98
CA TRP F 359 8.61 -35.38 53.92
C TRP F 359 9.12 -34.73 52.63
N GLN F 360 9.73 -33.56 52.74
CA GLN F 360 10.27 -32.89 51.57
C GLN F 360 11.37 -33.74 50.91
N LEU F 361 12.26 -34.31 51.73
CA LEU F 361 13.36 -35.09 51.19
C LEU F 361 12.86 -36.35 50.50
N THR F 362 11.90 -37.06 51.10
CA THR F 362 11.39 -38.27 50.46
C THR F 362 10.60 -37.92 49.20
N GLN F 363 9.88 -36.79 49.21
CA GLN F 363 9.19 -36.36 48.01
C GLN F 363 10.18 -36.07 46.89
N MET F 364 11.28 -35.39 47.21
CA MET F 364 12.30 -35.13 46.20
C MET F 364 12.92 -36.42 45.68
N PHE F 365 13.19 -37.36 46.59
CA PHE F 365 13.80 -38.62 46.19
C PHE F 365 12.89 -39.39 45.24
N GLN F 366 11.59 -39.44 45.54
CA GLN F 366 10.68 -40.17 44.67
C GLN F 366 10.39 -39.41 43.38
N ARG F 367 10.50 -38.08 43.41
CA ARG F 367 10.33 -37.30 42.18
C ARG F 367 11.50 -37.51 41.22
N PHE F 368 12.72 -37.42 41.74
CA PHE F 368 13.90 -37.58 40.89
C PHE F 368 13.99 -38.99 40.33
N TYR F 369 13.71 -40.00 41.15
CA TYR F 369 13.78 -41.39 40.73
C TYR F 369 12.37 -41.97 40.67
N PRO F 370 11.82 -42.20 39.48
CA PRO F 370 10.41 -42.61 39.39
C PRO F 370 10.17 -44.07 39.75
N GLY F 371 10.05 -44.35 41.05
CA GLY F 371 9.66 -45.66 41.51
C GLY F 371 10.75 -46.43 42.22
N GLN F 372 10.71 -46.43 43.54
CA GLN F 372 11.67 -47.14 44.38
C GLN F 372 11.00 -47.50 45.69
N ALA F 373 11.77 -48.09 46.59
CA ALA F 373 11.25 -48.46 47.89
C ALA F 373 11.08 -47.21 48.75
N PRO F 374 9.88 -46.95 49.30
CA PRO F 374 9.72 -45.80 50.18
C PRO F 374 10.58 -45.87 51.43
N SER F 375 10.88 -47.08 51.92
CA SER F 375 11.79 -47.21 53.05
C SER F 375 13.19 -46.70 52.69
N LEU F 376 13.62 -46.95 51.45
CA LEU F 376 14.91 -46.43 51.01
C LEU F 376 14.91 -44.90 51.03
N ALA F 377 13.82 -44.29 50.56
CA ALA F 377 13.73 -42.83 50.59
C ALA F 377 13.72 -42.31 52.02
N GLU F 378 13.01 -43.00 52.92
CA GLU F 378 12.99 -42.60 54.31
C GLU F 378 14.38 -42.68 54.94
N ASN F 379 15.11 -43.76 54.66
CA ASN F 379 16.48 -43.87 55.17
C ASN F 379 17.37 -42.78 54.61
N PHE F 380 17.21 -42.48 53.32
CA PHE F 380 17.96 -41.40 52.70
C PHE F 380 17.69 -40.07 53.39
N ALA F 381 16.40 -39.78 53.64
CA ALA F 381 16.04 -38.53 54.30
C ALA F 381 16.60 -38.47 55.71
N GLU F 382 16.51 -39.58 56.45
CA GLU F 382 17.02 -39.60 57.82
C GLU F 382 18.54 -39.40 57.83
N HIS F 383 19.24 -40.04 56.90
CA HIS F 383 20.69 -39.89 56.83
C HIS F 383 21.08 -38.45 56.50
N VAL F 384 20.34 -37.83 55.57
CA VAL F 384 20.63 -36.43 55.23
C VAL F 384 20.37 -35.52 56.42
N LEU F 385 19.25 -35.75 57.13
CA LEU F 385 18.93 -34.93 58.28
C LEU F 385 19.98 -35.08 59.38
N LYS F 386 20.45 -36.31 59.61
CA LYS F 386 21.51 -36.53 60.58
C LYS F 386 22.79 -35.83 60.16
N ALA F 387 23.15 -35.94 58.88
CA ALA F 387 24.40 -35.35 58.41
C ALA F 387 24.38 -33.83 58.48
N THR F 388 23.34 -33.20 57.94
CA THR F 388 23.25 -31.76 57.88
C THR F 388 21.92 -31.29 58.46
N SER F 389 21.96 -30.14 59.14
CA SER F 389 20.79 -29.54 59.74
C SER F 389 20.18 -28.42 58.91
N GLU F 390 21.00 -27.75 58.10
CA GLU F 390 20.55 -26.63 57.28
C GLU F 390 20.72 -26.94 55.80
N ILE F 391 20.42 -28.18 55.41
CA ILE F 391 20.55 -28.58 54.01
C ILE F 391 19.51 -27.85 53.16
N SER F 392 19.95 -27.30 52.04
CA SER F 392 19.03 -26.58 51.17
C SER F 392 18.59 -27.45 50.01
N PRO F 393 17.38 -27.23 49.49
CA PRO F 393 16.93 -28.01 48.32
C PRO F 393 17.83 -27.87 47.11
N ALA F 394 18.46 -26.70 46.93
CA ALA F 394 19.40 -26.54 45.82
C ALA F 394 20.58 -27.48 45.97
N GLN F 395 21.10 -27.61 47.20
CA GLN F 395 22.19 -28.55 47.44
C GLN F 395 21.74 -29.99 47.19
N VAL F 396 20.51 -30.31 47.56
CA VAL F 396 19.99 -31.66 47.31
C VAL F 396 19.92 -31.92 45.82
N GLN F 397 19.42 -30.97 45.04
CA GLN F 397 19.36 -31.14 43.59
C GLN F 397 20.75 -31.28 42.99
N GLY F 398 21.70 -30.47 43.45
CA GLY F 398 23.06 -30.59 42.97
C GLY F 398 23.67 -31.94 43.27
N TYR F 399 23.43 -32.45 44.47
CA TYR F 399 23.94 -33.77 44.83
C TYR F 399 23.29 -34.86 43.99
N PHE F 400 21.98 -34.73 43.72
CA PHE F 400 21.30 -35.68 42.85
C PHE F 400 21.86 -35.65 41.44
N MET F 401 22.25 -34.47 40.96
CA MET F 401 22.82 -34.37 39.62
C MET F 401 24.13 -35.15 39.52
N LEU F 402 24.89 -35.20 40.61
CA LEU F 402 26.14 -35.96 40.60
C LEU F 402 25.90 -37.44 40.37
N TYR F 403 24.86 -37.99 40.99
CA TYR F 403 24.53 -39.41 40.91
C TYR F 403 23.27 -39.64 40.10
N LYS F 404 23.14 -38.90 38.99
CA LYS F 404 21.98 -39.04 38.12
C LYS F 404 21.84 -40.48 37.64
N ASN F 405 20.62 -41.00 37.71
CA ASN F 405 20.32 -42.39 37.39
C ASN F 405 21.18 -43.35 38.22
N ASP F 406 21.38 -43.00 39.48
CA ASP F 406 22.16 -43.83 40.40
C ASP F 406 21.63 -43.64 41.81
N PRO F 407 20.51 -44.28 42.14
CA PRO F 407 19.97 -44.13 43.50
C PRO F 407 20.78 -44.85 44.56
N MET F 408 21.21 -46.09 44.30
CA MET F 408 21.95 -46.84 45.32
C MET F 408 23.28 -46.16 45.63
N GLY F 409 24.00 -45.72 44.60
CA GLY F 409 25.25 -45.02 44.85
C GLY F 409 25.06 -43.73 45.61
N ALA F 410 23.99 -42.99 45.28
CA ALA F 410 23.70 -41.77 46.02
C ALA F 410 23.41 -42.07 47.48
N VAL F 411 22.64 -43.13 47.75
CA VAL F 411 22.34 -43.50 49.13
C VAL F 411 23.62 -43.90 49.87
N HIS F 412 24.48 -44.67 49.21
CA HIS F 412 25.76 -45.05 49.82
C HIS F 412 26.69 -43.86 50.00
N ASN F 413 26.48 -42.77 49.25
CA ASN F 413 27.35 -41.60 49.31
C ASN F 413 26.78 -40.48 50.17
N ILE F 414 25.70 -40.74 50.92
CA ILE F 414 25.18 -39.73 51.82
C ILE F 414 26.18 -39.41 52.92
N GLU F 415 26.83 -40.44 53.47
CA GLU F 415 27.81 -40.22 54.52
C GLU F 415 29.01 -39.42 54.02
N SER F 416 29.23 -39.43 52.70
CA SER F 416 30.32 -38.64 52.13
C SER F 416 30.09 -37.15 52.34
N LEU F 417 28.84 -36.71 52.22
CA LEU F 417 28.53 -35.29 52.39
C LEU F 417 28.87 -34.82 53.81
N ARG F 418 28.48 -35.60 54.82
CA ARG F 418 28.70 -35.25 56.22
C ARG F 418 28.19 -33.86 56.54
N MET G 1 -69.78 -30.55 -19.05
CA MET G 1 -69.15 -30.87 -20.33
C MET G 1 -67.74 -30.27 -20.55
N PRO G 2 -67.38 -29.16 -19.88
CA PRO G 2 -65.98 -28.73 -19.94
C PRO G 2 -65.01 -29.78 -19.40
N PHE G 3 -65.43 -30.56 -18.42
CA PHE G 3 -64.60 -31.59 -17.82
C PHE G 3 -65.06 -33.00 -18.18
N SER G 4 -66.36 -33.28 -18.06
CA SER G 4 -66.86 -34.64 -18.29
C SER G 4 -66.66 -35.04 -19.75
N ASP G 5 -67.04 -34.17 -20.69
CA ASP G 5 -66.93 -34.51 -22.10
C ASP G 5 -65.46 -34.59 -22.53
N PHE G 6 -64.65 -33.62 -22.10
CA PHE G 6 -63.26 -33.58 -22.55
C PHE G 6 -62.47 -34.78 -22.03
N VAL G 7 -62.70 -35.18 -20.78
CA VAL G 7 -61.95 -36.31 -20.22
C VAL G 7 -62.25 -37.59 -20.99
N LEU G 8 -63.52 -37.84 -21.27
CA LEU G 8 -63.88 -39.06 -21.97
C LEU G 8 -63.50 -39.01 -23.44
N ALA G 9 -63.64 -37.83 -24.08
CA ALA G 9 -63.31 -37.72 -25.49
C ALA G 9 -61.83 -37.95 -25.74
N LEU G 10 -60.97 -37.40 -24.88
CA LEU G 10 -59.53 -37.58 -25.05
C LEU G 10 -59.10 -39.02 -24.86
N LYS G 11 -59.91 -39.84 -24.18
CA LYS G 11 -59.59 -41.26 -24.02
C LYS G 11 -59.64 -42.00 -25.35
N ASP G 12 -60.34 -41.47 -26.34
CA ASP G 12 -60.45 -42.10 -27.66
C ASP G 12 -59.68 -41.32 -28.73
N ASN G 13 -58.76 -40.46 -28.32
CA ASN G 13 -57.99 -39.67 -29.28
C ASN G 13 -56.63 -40.32 -29.46
N PRO G 14 -56.33 -40.91 -30.61
CA PRO G 14 -55.01 -41.53 -30.80
C PRO G 14 -53.86 -40.57 -30.62
N TYR G 15 -54.02 -39.32 -31.07
CA TYR G 15 -52.96 -38.33 -30.90
C TYR G 15 -52.71 -38.03 -29.43
N PHE G 16 -53.78 -37.88 -28.64
CA PHE G 16 -53.62 -37.63 -27.22
C PHE G 16 -52.95 -38.80 -26.52
N GLY G 17 -53.35 -40.03 -26.87
CA GLY G 17 -52.72 -41.19 -26.29
C GLY G 17 -51.23 -41.29 -26.63
N ALA G 18 -50.89 -41.02 -27.89
CA ALA G 18 -49.49 -41.04 -28.30
C ALA G 18 -48.69 -39.97 -27.56
N GLY G 19 -49.26 -38.77 -27.41
CA GLY G 19 -48.58 -37.72 -26.67
C GLY G 19 -48.37 -38.08 -25.21
N PHE G 20 -49.39 -38.67 -24.58
CA PHE G 20 -49.26 -39.10 -23.19
C PHE G 20 -48.19 -40.17 -23.06
N GLY G 21 -48.16 -41.12 -24.00
CA GLY G 21 -47.13 -42.15 -23.96
C GLY G 21 -45.74 -41.58 -24.13
N LEU G 22 -45.58 -40.62 -25.04
CA LEU G 22 -44.28 -39.98 -25.23
C LEU G 22 -43.85 -39.22 -23.99
N VAL G 23 -44.78 -38.51 -23.35
CA VAL G 23 -44.47 -37.79 -22.12
C VAL G 23 -44.03 -38.77 -21.03
N GLY G 24 -44.76 -39.89 -20.90
CA GLY G 24 -44.37 -40.89 -19.92
C GLY G 24 -43.01 -41.49 -20.21
N VAL G 25 -42.72 -41.73 -21.48
CA VAL G 25 -41.41 -42.27 -21.86
C VAL G 25 -40.31 -41.27 -21.51
N GLY G 26 -40.53 -39.99 -21.79
CA GLY G 26 -39.54 -38.98 -21.44
C GLY G 26 -39.33 -38.88 -19.93
N THR G 27 -40.42 -38.93 -19.17
CA THR G 27 -40.29 -38.89 -17.71
C THR G 27 -39.52 -40.11 -17.20
N ALA G 28 -39.82 -41.29 -17.76
CA ALA G 28 -39.09 -42.50 -17.36
C ALA G 28 -37.62 -42.38 -17.70
N LEU G 29 -37.30 -41.81 -18.86
CA LEU G 29 -35.90 -41.62 -19.25
C LEU G 29 -35.20 -40.67 -18.30
N ALA G 30 -35.87 -39.58 -17.92
CA ALA G 30 -35.26 -38.64 -16.98
C ALA G 30 -35.02 -39.29 -15.62
N MET G 31 -36.00 -40.07 -15.14
CA MET G 31 -35.81 -40.81 -13.89
C MET G 31 -34.66 -41.81 -14.02
N ALA G 32 -34.54 -42.46 -15.17
CA ALA G 32 -33.44 -43.40 -15.37
C ALA G 32 -32.10 -42.69 -15.35
N ARG G 33 -32.02 -41.51 -15.96
CA ARG G 33 -30.78 -40.74 -15.94
C ARG G 33 -30.42 -40.33 -14.51
N LYS G 34 -31.42 -39.86 -13.75
CA LYS G 34 -31.15 -39.49 -12.36
C LYS G 34 -30.69 -40.68 -11.54
N GLY G 35 -31.34 -41.83 -11.74
CA GLY G 35 -30.94 -43.04 -11.02
C GLY G 35 -29.55 -43.49 -11.41
N ALA G 36 -29.19 -43.36 -12.69
CA ALA G 36 -27.84 -43.70 -13.12
C ALA G 36 -26.81 -42.79 -12.49
N GLN G 37 -27.10 -41.48 -12.41
CA GLN G 37 -26.19 -40.57 -11.73
C GLN G 37 -26.04 -40.93 -10.26
N LEU G 38 -27.15 -41.25 -9.60
CA LEU G 38 -27.08 -41.62 -8.19
C LEU G 38 -26.30 -42.90 -7.99
N GLY G 39 -26.48 -43.88 -8.88
CA GLY G 39 -25.73 -45.12 -8.79
C GLY G 39 -24.24 -44.91 -9.01
N LEU G 40 -23.89 -44.06 -9.98
CA LEU G 40 -22.47 -43.75 -10.19
C LEU G 40 -21.89 -43.05 -8.98
N VAL G 41 -22.63 -42.14 -8.37
CA VAL G 41 -22.15 -41.46 -7.17
C VAL G 41 -21.93 -42.45 -6.04
N ALA G 42 -22.89 -43.36 -5.83
CA ALA G 42 -22.74 -44.35 -4.77
C ALA G 42 -21.58 -45.29 -5.04
N PHE G 43 -21.40 -45.71 -6.29
CA PHE G 43 -20.28 -46.57 -6.64
C PHE G 43 -18.96 -45.85 -6.39
N ARG G 44 -18.87 -44.58 -6.76
CA ARG G 44 -17.66 -43.82 -6.49
C ARG G 44 -17.41 -43.69 -5.00
N ARG G 45 -18.47 -43.50 -4.21
CA ARG G 45 -18.30 -43.34 -2.78
C ARG G 45 -17.88 -44.63 -2.09
N HIS G 46 -18.36 -45.78 -2.57
CA HIS G 46 -18.17 -47.02 -1.84
C HIS G 46 -17.14 -47.96 -2.46
N TYR G 47 -16.60 -47.66 -3.64
CA TYR G 47 -15.65 -48.59 -4.27
C TYR G 47 -14.48 -47.89 -4.92
N MET G 48 -14.24 -46.62 -4.57
CA MET G 48 -13.11 -45.89 -5.13
C MET G 48 -12.39 -45.14 -4.02
N ILE G 49 -11.13 -44.83 -4.28
CA ILE G 49 -10.29 -44.06 -3.37
C ILE G 49 -9.79 -42.83 -4.11
N THR G 50 -9.86 -41.68 -3.46
CA THR G 50 -9.48 -40.42 -4.09
C THR G 50 -8.59 -39.61 -3.15
N LEU G 51 -7.66 -38.86 -3.75
CA LEU G 51 -6.80 -37.95 -3.02
C LEU G 51 -6.70 -36.65 -3.82
N GLU G 52 -7.24 -35.57 -3.27
CA GLU G 52 -7.28 -34.28 -3.94
C GLU G 52 -6.27 -33.36 -3.29
N VAL G 53 -5.36 -32.81 -4.08
CA VAL G 53 -4.28 -31.96 -3.59
C VAL G 53 -4.40 -30.60 -4.28
N PRO G 54 -4.72 -29.54 -3.56
CA PRO G 54 -4.79 -28.21 -4.18
C PRO G 54 -3.40 -27.67 -4.47
N ALA G 55 -3.36 -26.67 -5.36
CA ALA G 55 -2.09 -26.06 -5.73
C ALA G 55 -1.47 -25.32 -4.56
N ARG G 56 -2.31 -24.84 -3.63
CA ARG G 56 -1.79 -24.13 -2.47
C ARG G 56 -0.89 -25.01 -1.62
N ASP G 57 -1.27 -26.26 -1.43
CA ASP G 57 -0.44 -27.19 -0.67
C ASP G 57 0.88 -27.45 -1.38
N ARG G 58 1.93 -27.67 -0.60
CA ARG G 58 3.25 -27.89 -1.17
C ARG G 58 3.42 -29.28 -1.74
N SER G 59 2.51 -30.21 -1.44
CA SER G 59 2.61 -31.55 -2.00
C SER G 59 2.27 -31.59 -3.49
N TYR G 60 1.73 -30.50 -4.04
CA TYR G 60 1.39 -30.46 -5.45
C TYR G 60 2.63 -30.62 -6.32
N ALA G 61 3.64 -29.79 -6.07
CA ALA G 61 4.87 -29.86 -6.86
C ALA G 61 5.59 -31.17 -6.63
N TRP G 62 5.63 -31.65 -5.39
CA TRP G 62 6.31 -32.91 -5.10
C TRP G 62 5.64 -34.07 -5.83
N LEU G 63 4.31 -34.12 -5.81
CA LEU G 63 3.60 -35.19 -6.49
C LEU G 63 3.80 -35.10 -8.00
N LEU G 64 3.81 -33.89 -8.55
CA LEU G 64 4.02 -33.75 -9.99
C LEU G 64 5.42 -34.19 -10.39
N SER G 65 6.43 -33.84 -9.59
CA SER G 65 7.78 -34.29 -9.89
C SER G 65 7.89 -35.81 -9.77
N TRP G 66 7.26 -36.39 -8.75
CA TRP G 66 7.28 -37.84 -8.61
C TRP G 66 6.60 -38.50 -9.80
N LEU G 67 5.51 -37.91 -10.29
CA LEU G 67 4.83 -38.46 -11.45
C LEU G 67 5.72 -38.39 -12.69
N THR G 68 6.36 -37.24 -12.91
CA THR G 68 7.20 -37.09 -14.09
C THR G 68 8.46 -37.96 -14.01
N ARG G 69 8.83 -38.39 -12.80
CA ARG G 69 9.94 -39.34 -12.70
C ARG G 69 9.46 -40.77 -12.92
N HIS G 70 8.36 -41.16 -12.27
CA HIS G 70 7.87 -42.53 -12.35
C HIS G 70 7.45 -42.87 -13.77
N SER G 71 6.74 -41.97 -14.44
CA SER G 71 6.29 -42.18 -15.80
C SER G 71 7.20 -41.38 -16.72
N THR G 72 8.32 -42.01 -17.12
CA THR G 72 9.29 -41.31 -17.96
C THR G 72 8.71 -40.96 -19.31
N ARG G 73 7.94 -41.87 -19.91
CA ARG G 73 7.40 -41.67 -21.26
C ARG G 73 5.97 -41.15 -21.15
N THR G 74 5.85 -39.87 -20.82
CA THR G 74 4.56 -39.19 -20.79
C THR G 74 4.43 -38.36 -22.05
N GLN G 75 3.53 -38.78 -22.95
CA GLN G 75 3.37 -38.08 -24.22
C GLN G 75 2.86 -36.66 -24.01
N HIS G 76 2.02 -36.45 -23.02
CA HIS G 76 1.47 -35.14 -22.72
C HIS G 76 2.15 -34.58 -21.48
N LEU G 77 2.73 -33.40 -21.60
CA LEU G 77 3.47 -32.80 -20.50
C LEU G 77 3.59 -31.31 -20.72
N SER G 78 3.91 -30.60 -19.64
CA SER G 78 4.16 -29.17 -19.68
C SER G 78 5.59 -28.92 -19.24
N VAL G 79 6.00 -27.66 -19.32
CA VAL G 79 7.39 -27.29 -19.02
C VAL G 79 7.40 -26.20 -17.95
N GLU G 80 8.33 -26.33 -17.02
CA GLU G 80 8.57 -25.32 -15.99
C GLU G 80 10.03 -24.93 -16.06
N THR G 81 10.30 -23.65 -16.28
CA THR G 81 11.66 -23.16 -16.47
C THR G 81 12.12 -22.44 -15.20
N SER G 82 13.28 -22.85 -14.69
CA SER G 82 13.91 -22.18 -13.55
C SER G 82 14.99 -21.25 -14.09
N TYR G 83 14.72 -19.96 -14.08
CA TYR G 83 15.64 -18.96 -14.61
C TYR G 83 16.07 -18.04 -13.48
N LEU G 84 17.38 -17.89 -13.31
CA LEU G 84 17.91 -17.02 -12.28
C LEU G 84 19.14 -16.32 -12.81
N GLN G 85 19.09 -14.98 -12.87
CA GLN G 85 20.20 -14.16 -13.31
C GLN G 85 20.96 -13.70 -12.06
N HIS G 86 22.06 -14.40 -11.76
CA HIS G 86 22.88 -14.03 -10.62
C HIS G 86 23.59 -12.71 -10.89
N GLU G 87 24.09 -12.10 -9.83
CA GLU G 87 24.89 -10.89 -9.98
C GLU G 87 26.10 -11.17 -10.84
N SER G 88 26.64 -10.11 -11.44
CA SER G 88 27.72 -10.16 -12.44
C SER G 88 27.24 -10.77 -13.75
N GLY G 89 25.93 -10.78 -14.00
CA GLY G 89 25.39 -11.25 -15.26
C GLY G 89 25.59 -12.73 -15.52
N ARG G 90 25.38 -13.56 -14.50
CA ARG G 90 25.46 -15.01 -14.65
C ARG G 90 24.04 -15.55 -14.70
N ILE G 91 23.70 -16.20 -15.82
CA ILE G 91 22.34 -16.68 -16.05
C ILE G 91 22.33 -18.20 -15.89
N SER G 92 21.45 -18.70 -15.02
CA SER G 92 21.28 -20.12 -14.79
C SER G 92 19.89 -20.52 -15.26
N THR G 93 19.82 -21.52 -16.14
CA THR G 93 18.55 -22.00 -16.68
C THR G 93 18.49 -23.51 -16.59
N LYS G 94 17.29 -24.02 -16.35
CA LYS G 94 17.06 -25.45 -16.29
C LYS G 94 15.58 -25.73 -16.57
N PHE G 95 15.34 -26.71 -17.42
CA PHE G 95 13.98 -27.09 -17.80
C PHE G 95 13.53 -28.27 -16.96
N GLU G 96 12.45 -28.06 -16.20
CA GLU G 96 11.80 -29.13 -15.45
C GLU G 96 10.47 -29.43 -16.14
N PHE G 97 10.28 -30.68 -16.52
CA PHE G 97 9.11 -31.09 -17.27
C PHE G 97 8.06 -31.66 -16.34
N ILE G 98 6.82 -31.24 -16.54
CA ILE G 98 5.73 -31.55 -15.61
C ILE G 98 4.55 -32.08 -16.41
N PRO G 99 3.76 -32.97 -15.80
CA PRO G 99 2.58 -33.48 -16.51
C PRO G 99 1.63 -32.37 -16.88
N SER G 100 1.08 -32.47 -18.09
CA SER G 100 0.18 -31.47 -18.63
C SER G 100 -1.21 -31.62 -18.03
N PRO G 101 -2.00 -30.54 -18.02
CA PRO G 101 -3.38 -30.65 -17.54
C PRO G 101 -4.18 -31.63 -18.38
N GLY G 102 -5.07 -32.36 -17.72
CA GLY G 102 -5.88 -33.36 -18.37
C GLY G 102 -5.92 -34.64 -17.55
N ASN G 103 -6.01 -35.76 -18.24
CA ASN G 103 -6.07 -37.07 -17.62
C ASN G 103 -4.82 -37.86 -17.96
N HIS G 104 -4.21 -38.47 -16.95
CA HIS G 104 -3.07 -39.36 -17.13
C HIS G 104 -3.29 -40.64 -16.34
N PHE G 105 -2.70 -41.72 -16.85
CA PHE G 105 -2.82 -43.03 -16.23
C PHE G 105 -1.43 -43.56 -15.92
N ILE G 106 -1.25 -44.06 -14.69
CA ILE G 106 0.01 -44.60 -14.22
C ILE G 106 -0.23 -45.99 -13.65
N TRP G 107 0.86 -46.72 -13.44
CA TRP G 107 0.80 -48.07 -12.89
C TRP G 107 1.67 -48.11 -11.64
N TYR G 108 1.03 -48.13 -10.48
CA TYR G 108 1.72 -48.21 -9.20
C TYR G 108 1.23 -49.43 -8.45
N GLN G 109 2.16 -50.18 -7.87
CA GLN G 109 1.90 -51.50 -7.27
C GLN G 109 1.20 -52.33 -8.33
N GLY G 110 0.05 -52.93 -8.04
CA GLY G 110 -0.70 -53.66 -9.06
C GLY G 110 -2.01 -52.99 -9.39
N LYS G 111 -2.05 -51.66 -9.29
CA LYS G 111 -3.26 -50.89 -9.46
C LYS G 111 -3.07 -49.83 -10.53
N TRP G 112 -4.11 -49.60 -11.33
CA TRP G 112 -4.12 -48.53 -12.31
C TRP G 112 -4.69 -47.28 -11.65
N ILE G 113 -3.87 -46.25 -11.53
CA ILE G 113 -4.25 -45.01 -10.86
C ILE G 113 -4.48 -43.94 -11.91
N ARG G 114 -5.63 -43.27 -11.84
CA ARG G 114 -5.99 -42.20 -12.76
C ARG G 114 -5.61 -40.88 -12.12
N VAL G 115 -4.76 -40.11 -12.80
CA VAL G 115 -4.30 -38.83 -12.31
C VAL G 115 -4.98 -37.73 -13.11
N GLU G 116 -5.60 -36.79 -12.39
CA GLU G 116 -6.34 -35.69 -13.00
C GLU G 116 -5.74 -34.37 -12.53
N ARG G 117 -5.03 -33.69 -13.42
CA ARG G 117 -4.54 -32.35 -13.16
C ARG G 117 -5.48 -31.38 -13.85
N ASN G 118 -6.36 -30.74 -13.08
CA ASN G 118 -7.36 -29.84 -13.62
C ASN G 118 -7.00 -28.39 -13.28
N ARG G 119 -7.19 -27.50 -14.24
CA ARG G 119 -6.96 -26.08 -14.07
C ARG G 119 -8.29 -25.37 -14.32
N ASP G 120 -8.98 -24.99 -13.24
CA ASP G 120 -10.28 -24.34 -13.37
C ASP G 120 -10.10 -22.97 -13.98
N MET G 121 -10.55 -22.81 -15.23
CA MET G 121 -10.38 -21.57 -15.97
C MET G 121 -11.48 -20.56 -15.65
N GLN G 122 -11.77 -20.37 -14.37
CA GLN G 122 -12.83 -19.44 -13.95
C GLN G 122 -12.29 -18.30 -13.10
N MET G 123 -11.55 -18.59 -12.03
CA MET G 123 -10.99 -17.54 -11.19
C MET G 123 -9.46 -17.57 -11.27
N VAL G 124 -8.85 -16.64 -10.55
CA VAL G 124 -7.41 -16.55 -10.40
C VAL G 124 -7.09 -16.55 -8.92
N ASP G 125 -6.11 -17.35 -8.52
CA ASP G 125 -5.68 -17.35 -7.12
C ASP G 125 -5.08 -15.99 -6.76
N LEU G 126 -5.52 -15.44 -5.64
CA LEU G 126 -5.06 -14.12 -5.21
C LEU G 126 -3.65 -14.15 -4.63
N GLN G 127 -3.25 -15.26 -4.01
CA GLN G 127 -1.95 -15.35 -3.36
C GLN G 127 -0.83 -15.70 -4.32
N THR G 128 -1.15 -16.07 -5.56
CA THR G 128 -0.12 -16.46 -6.52
C THR G 128 -0.29 -15.70 -7.83
N GLY G 129 -1.52 -15.33 -8.15
CA GLY G 129 -1.80 -14.73 -9.44
C GLY G 129 -1.99 -15.73 -10.56
N THR G 130 -2.09 -17.01 -10.24
CA THR G 130 -2.27 -18.08 -11.21
C THR G 130 -3.67 -18.66 -11.08
N PRO G 131 -4.19 -19.27 -12.13
CA PRO G 131 -5.48 -19.96 -12.01
C PRO G 131 -5.41 -21.10 -11.01
N TRP G 132 -6.57 -21.43 -10.46
CA TRP G 132 -6.66 -22.46 -9.43
C TRP G 132 -6.44 -23.82 -10.06
N GLU G 133 -5.40 -24.53 -9.62
CA GLU G 133 -5.07 -25.86 -10.12
C GLU G 133 -5.13 -26.87 -8.99
N SER G 134 -5.32 -28.13 -9.35
CA SER G 134 -5.32 -29.22 -8.38
C SER G 134 -5.01 -30.53 -9.11
N VAL G 135 -4.58 -31.51 -8.33
CA VAL G 135 -4.28 -32.85 -8.84
C VAL G 135 -5.09 -33.86 -8.03
N THR G 136 -5.72 -34.79 -8.72
CA THR G 136 -6.58 -35.79 -8.09
C THR G 136 -6.12 -37.19 -8.52
N PHE G 137 -5.94 -38.07 -7.54
CA PHE G 137 -5.60 -39.46 -7.79
C PHE G 137 -6.81 -40.33 -7.53
N THR G 138 -7.19 -41.14 -8.51
CA THR G 138 -8.34 -42.02 -8.40
C THR G 138 -7.92 -43.45 -8.71
N ALA G 139 -8.47 -44.40 -7.94
CA ALA G 139 -8.12 -45.80 -8.11
C ALA G 139 -9.27 -46.66 -7.59
N LEU G 140 -9.25 -47.93 -7.98
CA LEU G 140 -10.26 -48.89 -7.57
C LEU G 140 -9.79 -49.65 -6.34
N GLY G 141 -10.65 -49.71 -5.33
CA GLY G 141 -10.37 -50.44 -4.11
C GLY G 141 -10.80 -49.63 -2.90
N THR G 142 -10.46 -50.15 -1.72
CA THR G 142 -10.84 -49.49 -0.48
C THR G 142 -9.64 -49.30 0.46
N ASP G 143 -8.42 -49.32 -0.07
CA ASP G 143 -7.22 -49.17 0.73
C ASP G 143 -6.56 -47.83 0.41
N ARG G 144 -6.27 -47.06 1.45
CA ARG G 144 -5.64 -45.75 1.30
C ARG G 144 -4.13 -45.81 1.42
N LYS G 145 -3.55 -46.99 1.60
CA LYS G 145 -2.11 -47.09 1.80
C LYS G 145 -1.34 -46.70 0.56
N VAL G 146 -1.93 -46.90 -0.62
CA VAL G 146 -1.23 -46.58 -1.87
C VAL G 146 -0.92 -45.09 -1.94
N PHE G 147 -1.92 -44.26 -1.65
CA PHE G 147 -1.71 -42.82 -1.68
C PHE G 147 -0.72 -42.37 -0.61
N PHE G 148 -0.78 -43.00 0.57
CA PHE G 148 0.17 -42.67 1.63
C PHE G 148 1.59 -42.95 1.19
N ASN G 149 1.81 -44.12 0.57
CA ASN G 149 3.13 -44.47 0.09
C ASN G 149 3.58 -43.51 -1.01
N ILE G 150 2.68 -43.14 -1.91
CA ILE G 150 3.05 -42.22 -2.99
C ILE G 150 3.45 -40.87 -2.42
N LEU G 151 2.68 -40.36 -1.46
CA LEU G 151 3.02 -39.08 -0.84
C LEU G 151 4.36 -39.16 -0.11
N GLU G 152 4.60 -40.27 0.60
CA GLU G 152 5.88 -40.41 1.30
C GLU G 152 7.04 -40.44 0.32
N GLU G 153 6.88 -41.16 -0.79
CA GLU G 153 7.95 -41.21 -1.79
C GLU G 153 8.18 -39.83 -2.39
N ALA G 154 7.11 -39.09 -2.69
CA ALA G 154 7.26 -37.76 -3.25
C ALA G 154 7.97 -36.83 -2.27
N ARG G 155 7.60 -36.90 -0.98
CA ARG G 155 8.26 -36.07 0.02
C ARG G 155 9.73 -36.42 0.15
N ALA G 156 10.05 -37.71 0.16
CA ALA G 156 11.45 -38.11 0.25
C ALA G 156 12.25 -37.64 -0.95
N LEU G 157 11.66 -37.74 -2.15
CA LEU G 157 12.34 -37.26 -3.35
C LEU G 157 12.54 -35.75 -3.30
N ALA G 158 11.54 -35.01 -2.83
CA ALA G 158 11.67 -33.56 -2.75
C ALA G 158 12.75 -33.15 -1.75
N LEU G 159 12.82 -33.83 -0.60
CA LEU G 159 13.79 -33.44 0.42
C LEU G 159 15.20 -33.90 0.09
N GLN G 160 15.36 -34.86 -0.83
CA GLN G 160 16.70 -35.34 -1.16
C GLN G 160 17.48 -34.34 -2.01
N GLN G 161 16.79 -33.38 -2.62
CA GLN G 161 17.45 -32.36 -3.43
C GLN G 161 17.86 -31.14 -2.62
N GLU G 162 17.62 -31.14 -1.32
CA GLU G 162 17.96 -30.01 -0.47
C GLU G 162 19.21 -30.36 0.35
N GLU G 163 20.21 -29.48 0.30
CA GLU G 163 21.45 -29.67 1.02
C GLU G 163 21.45 -28.81 2.27
N GLY G 164 21.69 -29.44 3.43
CA GLY G 164 21.71 -28.71 4.67
C GLY G 164 22.89 -27.75 4.75
N LYS G 165 22.69 -26.68 5.50
CA LYS G 165 23.71 -25.65 5.69
C LYS G 165 23.80 -25.26 7.14
N THR G 166 24.97 -24.76 7.53
CA THR G 166 25.23 -24.28 8.89
C THR G 166 25.31 -22.75 8.83
N VAL G 167 24.60 -22.09 9.72
CA VAL G 167 24.57 -20.63 9.77
C VAL G 167 25.31 -20.15 11.00
N MET G 168 26.27 -19.25 10.80
CA MET G 168 27.01 -18.65 11.89
C MET G 168 26.31 -17.38 12.34
N TYR G 169 26.06 -17.28 13.64
CA TYR G 169 25.43 -16.09 14.23
C TYR G 169 26.48 -15.33 15.01
N THR G 170 26.79 -14.12 14.56
CA THR G 170 27.69 -13.23 15.28
C THR G 170 26.90 -12.26 16.14
N ALA G 171 27.59 -11.66 17.10
CA ALA G 171 26.96 -10.75 18.05
C ALA G 171 27.56 -9.36 17.92
N VAL G 172 26.70 -8.38 17.65
CA VAL G 172 27.07 -6.97 17.67
C VAL G 172 26.16 -6.27 18.67
N GLY G 173 26.74 -5.39 19.48
CA GLY G 173 25.99 -4.76 20.55
C GLY G 173 25.39 -5.78 21.49
N SER G 174 24.05 -5.84 21.53
CA SER G 174 23.32 -6.82 22.33
C SER G 174 22.33 -7.58 21.45
N GLU G 175 22.78 -8.00 20.27
CA GLU G 175 21.92 -8.70 19.32
C GLU G 175 22.73 -9.73 18.56
N TRP G 176 22.05 -10.78 18.11
CA TRP G 176 22.65 -11.81 17.28
C TRP G 176 22.35 -11.53 15.81
N ARG G 177 23.39 -11.56 14.98
CA ARG G 177 23.25 -11.26 13.57
C ARG G 177 23.77 -12.42 12.73
N THR G 178 23.15 -12.62 11.58
CA THR G 178 23.53 -13.68 10.65
C THR G 178 24.78 -13.21 9.90
N PHE G 179 25.93 -13.72 10.33
CA PHE G 179 27.20 -13.32 9.72
C PHE G 179 27.46 -14.16 8.46
N GLY G 180 27.76 -13.48 7.36
CA GLY G 180 28.07 -14.18 6.13
C GLY G 180 26.86 -14.87 5.52
N TYR G 181 27.15 -15.90 4.74
CA TYR G 181 26.15 -16.71 4.05
C TYR G 181 26.16 -18.12 4.60
N PRO G 182 25.08 -18.88 4.39
CA PRO G 182 25.07 -20.28 4.84
C PRO G 182 26.25 -21.05 4.27
N ARG G 183 26.86 -21.87 5.12
CA ARG G 183 28.06 -22.60 4.76
C ARG G 183 27.76 -24.09 4.58
N ARG G 184 28.56 -24.73 3.74
CA ARG G 184 28.47 -26.17 3.58
C ARG G 184 28.87 -26.87 4.87
N ARG G 185 28.12 -27.91 5.23
CA ARG G 185 28.36 -28.62 6.48
C ARG G 185 29.51 -29.59 6.30
N ARG G 186 30.55 -29.42 7.11
CA ARG G 186 31.69 -30.31 7.05
C ARG G 186 31.30 -31.68 7.59
N PRO G 187 31.57 -32.76 6.86
CA PRO G 187 31.22 -34.10 7.36
C PRO G 187 31.94 -34.41 8.67
N LEU G 188 31.24 -35.13 9.54
CA LEU G 188 31.80 -35.43 10.85
C LEU G 188 33.04 -36.31 10.75
N ASP G 189 33.02 -37.30 9.85
CA ASP G 189 34.16 -38.20 9.71
C ASP G 189 35.40 -37.49 9.19
N SER G 190 35.25 -36.30 8.60
CA SER G 190 36.40 -35.55 8.13
C SER G 190 37.32 -35.18 9.29
N VAL G 191 36.75 -34.78 10.42
CA VAL G 191 37.53 -34.44 11.59
C VAL G 191 37.71 -35.69 12.44
N VAL G 192 38.97 -36.06 12.70
CA VAL G 192 39.28 -37.21 13.53
C VAL G 192 40.02 -36.73 14.77
N LEU G 193 39.39 -36.84 15.94
CA LEU G 193 40.03 -36.37 17.16
C LEU G 193 40.76 -37.49 17.90
N GLN G 194 40.06 -38.58 18.21
CA GLN G 194 40.64 -39.64 19.00
C GLN G 194 39.86 -40.92 18.71
N GLN G 195 40.14 -41.97 19.48
CA GLN G 195 39.55 -43.29 19.24
C GLN G 195 38.04 -43.26 19.44
N GLY G 196 37.57 -42.64 20.52
CA GLY G 196 36.16 -42.67 20.83
C GLY G 196 35.61 -41.39 21.43
N LEU G 197 36.41 -40.32 21.42
CA LEU G 197 35.93 -39.05 21.94
C LEU G 197 34.76 -38.51 21.16
N ALA G 198 34.83 -38.58 19.82
CA ALA G 198 33.72 -38.10 19.01
C ALA G 198 32.46 -38.91 19.27
N ASP G 199 32.60 -40.24 19.36
CA ASP G 199 31.44 -41.08 19.65
C ASP G 199 30.84 -40.75 21.01
N ARG G 200 31.69 -40.58 22.03
CA ARG G 200 31.19 -40.26 23.36
C ARG G 200 30.44 -38.94 23.37
N ILE G 201 31.02 -37.91 22.73
CA ILE G 201 30.38 -36.60 22.70
C ILE G 201 29.07 -36.66 21.94
N VAL G 202 29.04 -37.34 20.79
CA VAL G 202 27.83 -37.44 20.00
C VAL G 202 26.75 -38.17 20.78
N LYS G 203 27.12 -39.27 21.46
CA LYS G 203 26.14 -40.03 22.24
C LYS G 203 25.59 -39.19 23.38
N ASP G 204 26.45 -38.45 24.08
CA ASP G 204 25.97 -37.61 25.17
C ASP G 204 25.03 -36.54 24.65
N ILE G 205 25.37 -35.90 23.52
CA ILE G 205 24.52 -34.85 22.98
C ILE G 205 23.18 -35.43 22.54
N ARG G 206 23.19 -36.60 21.89
CA ARG G 206 21.94 -37.22 21.46
C ARG G 206 21.07 -37.58 22.66
N GLU G 207 21.68 -38.11 23.72
CA GLU G 207 20.92 -38.43 24.91
C GLU G 207 20.32 -37.17 25.54
N PHE G 208 21.09 -36.10 25.59
CA PHE G 208 20.57 -34.85 26.17
C PHE G 208 19.43 -34.29 25.35
N ILE G 209 19.56 -34.30 24.02
CA ILE G 209 18.53 -33.72 23.17
C ILE G 209 17.27 -34.58 23.18
N ASP G 210 17.43 -35.90 23.05
CA ASP G 210 16.30 -36.79 22.84
C ASP G 210 15.52 -37.10 24.12
N ASN G 211 15.90 -36.52 25.24
CA ASN G 211 15.19 -36.74 26.51
C ASN G 211 14.87 -35.39 27.17
N PRO G 212 13.97 -34.60 26.57
CA PRO G 212 13.57 -33.35 27.22
C PRO G 212 12.59 -33.57 28.35
N LYS G 213 11.83 -34.67 28.32
CA LYS G 213 10.87 -34.93 29.39
C LYS G 213 11.58 -35.19 30.71
N TRP G 214 12.80 -35.73 30.66
CA TRP G 214 13.54 -36.01 31.89
C TRP G 214 13.84 -34.74 32.66
N TYR G 215 14.24 -33.68 31.95
CA TYR G 215 14.64 -32.45 32.63
C TYR G 215 13.44 -31.69 33.17
N ILE G 216 12.36 -31.59 32.40
CA ILE G 216 11.22 -30.78 32.80
C ILE G 216 10.52 -31.41 33.99
N ASP G 217 10.40 -32.73 34.03
CA ASP G 217 9.68 -33.38 35.10
C ASP G 217 10.40 -33.24 36.44
N ARG G 218 11.73 -33.26 36.43
CA ARG G 218 12.51 -33.12 37.66
C ARG G 218 12.79 -31.67 38.01
N GLY G 219 12.31 -30.72 37.21
CA GLY G 219 12.52 -29.32 37.51
C GLY G 219 13.97 -28.89 37.46
N ILE G 220 14.74 -29.43 36.52
CA ILE G 220 16.14 -29.07 36.35
C ILE G 220 16.28 -28.35 35.02
N PRO G 221 17.08 -27.29 34.93
CA PRO G 221 17.20 -26.56 33.66
C PRO G 221 17.67 -27.46 32.53
N TYR G 222 17.11 -27.22 31.35
CA TYR G 222 17.44 -27.99 30.15
C TYR G 222 18.68 -27.41 29.48
N ARG G 223 19.75 -27.31 30.26
CA ARG G 223 20.99 -26.68 29.84
C ARG G 223 22.16 -27.62 30.10
N ARG G 224 23.06 -27.71 29.13
CA ARG G 224 24.25 -28.55 29.24
C ARG G 224 25.45 -27.83 28.64
N GLY G 225 26.62 -28.10 29.20
CA GLY G 225 27.84 -27.47 28.73
C GLY G 225 28.99 -28.44 28.56
N TYR G 226 29.86 -28.17 27.58
CA TYR G 226 31.02 -29.01 27.30
C TYR G 226 32.27 -28.15 27.24
N LEU G 227 33.41 -28.75 27.59
CA LEU G 227 34.70 -28.08 27.55
C LEU G 227 35.68 -28.95 26.78
N LEU G 228 36.45 -28.32 25.88
CA LEU G 228 37.48 -28.99 25.12
C LEU G 228 38.78 -28.22 25.29
N TYR G 229 39.77 -28.86 25.92
CA TYR G 229 41.06 -28.24 26.19
C TYR G 229 42.16 -29.09 25.57
N GLY G 230 43.09 -28.43 24.90
CA GLY G 230 44.19 -29.11 24.25
C GLY G 230 45.10 -28.15 23.51
N PRO G 231 46.11 -28.69 22.84
CA PRO G 231 47.03 -27.82 22.10
C PRO G 231 46.29 -27.11 20.97
N PRO G 232 46.74 -25.91 20.61
CA PRO G 232 46.08 -25.19 19.51
C PRO G 232 46.23 -25.93 18.19
N GLY G 233 45.24 -25.73 17.31
CA GLY G 233 45.27 -26.38 16.02
C GLY G 233 44.97 -27.86 16.07
N CYS G 234 44.32 -28.35 17.13
CA CYS G 234 44.00 -29.75 17.25
C CYS G 234 42.65 -30.12 16.65
N GLY G 235 41.90 -29.14 16.13
CA GLY G 235 40.64 -29.42 15.47
C GLY G 235 39.44 -29.31 16.37
N LYS G 236 39.43 -28.31 17.25
CA LYS G 236 38.31 -28.13 18.17
C LYS G 236 37.14 -27.43 17.49
N SER G 237 37.40 -26.25 16.92
CA SER G 237 36.34 -25.50 16.25
C SER G 237 35.79 -26.28 15.05
N SER G 238 36.67 -26.97 14.33
CA SER G 238 36.21 -27.79 13.21
C SER G 238 35.27 -28.88 13.69
N PHE G 239 35.61 -29.54 14.80
CA PHE G 239 34.73 -30.57 15.34
C PHE G 239 33.40 -29.97 15.79
N ILE G 240 33.43 -28.78 16.38
CA ILE G 240 32.18 -28.13 16.79
C ILE G 240 31.30 -27.87 15.58
N THR G 241 31.89 -27.35 14.50
CA THR G 241 31.13 -27.10 13.28
C THR G 241 30.57 -28.39 12.71
N ALA G 242 31.37 -29.46 12.69
CA ALA G 242 30.89 -30.73 12.16
C ALA G 242 29.73 -31.27 13.00
N LEU G 243 29.84 -31.17 14.32
CA LEU G 243 28.78 -31.64 15.20
C LEU G 243 27.50 -30.82 14.99
N ALA G 244 27.64 -29.51 14.84
CA ALA G 244 26.47 -28.68 14.58
C ALA G 244 25.82 -29.04 13.26
N GLY G 245 26.63 -29.31 12.23
CA GLY G 245 26.08 -29.74 10.96
C GLY G 245 25.36 -31.07 11.07
N GLU G 246 25.92 -32.00 11.85
CA GLU G 246 25.26 -33.28 12.05
C GLU G 246 23.93 -33.11 12.78
N LEU G 247 23.89 -32.23 13.77
CA LEU G 247 22.66 -31.99 14.52
C LEU G 247 21.74 -30.98 13.86
N GLU G 248 22.13 -30.44 12.70
CA GLU G 248 21.38 -29.43 11.96
C GLU G 248 21.19 -28.14 12.75
N HIS G 249 22.01 -27.91 13.78
CA HIS G 249 21.92 -26.68 14.55
C HIS G 249 22.76 -25.59 13.90
N SER G 250 22.81 -24.43 14.55
CA SER G 250 23.60 -23.30 14.07
C SER G 250 24.53 -22.84 15.18
N ILE G 251 25.78 -22.57 14.84
CA ILE G 251 26.76 -22.12 15.83
C ILE G 251 26.64 -20.60 15.98
N CYS G 252 26.65 -20.14 17.23
CA CYS G 252 26.65 -18.72 17.55
C CYS G 252 28.04 -18.41 18.14
N LEU G 253 28.98 -18.13 17.25
CA LEU G 253 30.36 -17.87 17.67
C LEU G 253 30.45 -16.52 18.36
N LEU G 254 31.10 -16.49 19.53
CA LEU G 254 31.31 -15.25 20.26
C LEU G 254 32.69 -15.28 20.89
N SER G 255 33.43 -14.19 20.73
CA SER G 255 34.78 -14.06 21.26
C SER G 255 34.70 -13.22 22.54
N LEU G 256 34.70 -13.89 23.69
CA LEU G 256 34.67 -13.18 24.95
C LEU G 256 35.99 -12.48 25.26
N THR G 257 37.06 -12.82 24.53
CA THR G 257 38.34 -12.15 24.75
C THR G 257 38.27 -10.67 24.36
N ASP G 258 37.30 -10.30 23.54
CA ASP G 258 37.10 -8.89 23.20
C ASP G 258 36.50 -8.14 24.38
N SER G 259 36.93 -6.90 24.57
CA SER G 259 36.43 -6.06 25.65
C SER G 259 35.16 -5.29 25.27
N SER G 260 34.65 -5.49 24.05
CA SER G 260 33.46 -4.77 23.62
C SER G 260 32.26 -5.14 24.47
N LEU G 261 32.11 -6.42 24.81
CA LEU G 261 30.98 -6.90 25.59
C LEU G 261 31.31 -6.93 27.07
N SER G 262 30.31 -6.66 27.89
CA SER G 262 30.44 -6.68 29.34
C SER G 262 29.73 -7.90 29.90
N ASP G 263 29.75 -8.03 31.23
CA ASP G 263 29.09 -9.16 31.89
C ASP G 263 27.58 -9.12 31.64
N ASP G 264 26.96 -7.96 31.80
CA ASP G 264 25.54 -7.84 31.50
C ASP G 264 25.27 -8.06 30.01
N ARG G 265 26.14 -7.51 29.15
CA ARG G 265 26.00 -7.73 27.73
C ARG G 265 26.16 -9.20 27.38
N LEU G 266 27.13 -9.87 28.02
CA LEU G 266 27.32 -11.31 27.79
C LEU G 266 26.09 -12.10 28.22
N ASN G 267 25.52 -11.76 29.38
CA ASN G 267 24.32 -12.46 29.84
C ASN G 267 23.16 -12.23 28.88
N HIS G 268 22.99 -10.99 28.40
CA HIS G 268 21.91 -10.71 27.46
C HIS G 268 22.09 -11.48 26.16
N LEU G 269 23.32 -11.52 25.64
CA LEU G 269 23.57 -12.25 24.40
C LEU G 269 23.34 -13.75 24.59
N LEU G 270 23.80 -14.30 25.71
CA LEU G 270 23.61 -15.72 25.97
C LEU G 270 22.16 -16.08 26.23
N SER G 271 21.36 -15.14 26.73
CA SER G 271 19.95 -15.40 27.00
C SER G 271 19.09 -15.30 25.77
N VAL G 272 19.48 -14.50 24.78
CA VAL G 272 18.68 -14.26 23.60
C VAL G 272 19.19 -15.10 22.41
N ALA G 273 19.95 -16.15 22.68
CA ALA G 273 20.48 -16.98 21.60
C ALA G 273 19.34 -17.65 20.84
N PRO G 274 19.46 -17.80 19.53
CA PRO G 274 18.37 -18.40 18.75
C PRO G 274 18.11 -19.85 19.16
N GLN G 275 16.86 -20.26 18.99
CA GLN G 275 16.47 -21.63 19.32
C GLN G 275 17.14 -22.62 18.37
N GLN G 276 17.38 -23.83 18.88
CA GLN G 276 18.02 -24.90 18.11
C GLN G 276 19.38 -24.46 17.57
N SER G 277 20.10 -23.68 18.37
CA SER G 277 21.37 -23.11 17.95
C SER G 277 22.41 -23.34 19.03
N LEU G 278 23.64 -23.64 18.60
CA LEU G 278 24.76 -23.80 19.51
C LEU G 278 25.47 -22.47 19.70
N VAL G 279 26.08 -22.31 20.88
CA VAL G 279 26.86 -21.12 21.21
C VAL G 279 28.29 -21.55 21.52
N LEU G 280 29.25 -20.90 20.91
CA LEU G 280 30.66 -21.21 21.09
C LEU G 280 31.39 -19.99 21.63
N LEU G 281 32.12 -20.17 22.72
CA LEU G 281 32.86 -19.10 23.38
C LEU G 281 34.32 -19.55 23.47
N GLU G 282 35.12 -19.14 22.49
CA GLU G 282 36.53 -19.50 22.45
C GLU G 282 37.37 -18.50 23.24
N ASP G 283 38.63 -18.86 23.47
CA ASP G 283 39.57 -18.04 24.24
C ASP G 283 39.03 -17.72 25.62
N VAL G 284 38.43 -18.73 26.26
CA VAL G 284 37.81 -18.53 27.58
C VAL G 284 38.88 -18.23 28.63
N ASP G 285 40.13 -18.57 28.35
CA ASP G 285 41.20 -18.33 29.31
C ASP G 285 41.45 -16.84 29.53
N ALA G 286 41.29 -16.04 28.47
CA ALA G 286 41.64 -14.62 28.54
C ALA G 286 40.77 -13.88 29.55
N ALA G 287 39.45 -14.05 29.45
CA ALA G 287 38.56 -13.37 30.38
C ALA G 287 38.74 -13.87 31.80
N PHE G 288 38.93 -15.18 31.97
CA PHE G 288 39.12 -15.74 33.30
C PHE G 288 40.45 -15.26 33.90
N LEU G 289 41.48 -15.13 33.08
CA LEU G 289 42.77 -14.66 33.58
C LEU G 289 42.67 -13.24 34.11
N SER G 290 41.97 -12.37 33.40
CA SER G 290 41.82 -10.98 33.82
C SER G 290 40.97 -10.87 35.07
N ARG G 306 33.95 -4.24 31.72
CA ARG G 306 33.97 -5.07 30.52
C ARG G 306 34.43 -6.48 30.84
N LEU G 307 35.73 -6.67 30.94
CA LEU G 307 36.30 -7.98 31.22
C LEU G 307 35.99 -8.41 32.65
N THR G 308 35.77 -9.71 32.83
CA THR G 308 35.49 -10.27 34.14
C THR G 308 35.89 -11.73 34.14
N PHE G 309 36.14 -12.26 35.34
CA PHE G 309 36.49 -13.67 35.51
C PHE G 309 35.36 -14.47 36.15
N SER G 310 34.78 -13.98 37.23
CA SER G 310 33.64 -14.63 37.86
C SER G 310 32.31 -14.16 37.31
N GLY G 311 32.27 -12.98 36.68
CA GLY G 311 31.03 -12.50 36.12
C GLY G 311 30.49 -13.40 35.03
N LEU G 312 31.37 -13.92 34.18
CA LEU G 312 30.93 -14.82 33.10
C LEU G 312 30.33 -16.10 33.66
N LEU G 313 30.96 -16.69 34.67
CA LEU G 313 30.43 -17.93 35.24
C LEU G 313 29.14 -17.67 36.01
N ASN G 314 29.03 -16.50 36.65
CA ASN G 314 27.77 -16.13 37.30
C ASN G 314 26.66 -15.97 36.27
N ALA G 315 26.97 -15.36 35.13
CA ALA G 315 25.98 -15.18 34.08
C ALA G 315 25.58 -16.51 33.46
N LEU G 316 26.52 -17.45 33.36
CA LEU G 316 26.22 -18.76 32.81
C LEU G 316 25.17 -19.48 33.65
N ASP G 317 25.31 -19.42 34.97
CA ASP G 317 24.36 -20.08 35.87
C ASP G 317 23.01 -19.38 35.91
N GLY G 318 22.90 -18.18 35.34
CA GLY G 318 21.63 -17.48 35.35
C GLY G 318 20.56 -18.25 34.58
N VAL G 319 19.32 -18.16 35.08
CA VAL G 319 18.20 -18.84 34.45
C VAL G 319 17.77 -18.18 33.15
N ALA G 320 18.35 -17.03 32.80
CA ALA G 320 17.99 -16.32 31.58
C ALA G 320 18.55 -17.11 30.40
N SER G 321 17.70 -17.93 29.80
CA SER G 321 18.10 -18.77 28.67
C SER G 321 16.84 -19.23 27.95
N THR G 322 16.99 -20.17 27.03
CA THR G 322 15.88 -20.75 26.30
C THR G 322 15.97 -22.26 26.42
N GLU G 323 15.08 -22.96 25.73
CA GLU G 323 15.09 -24.42 25.76
C GLU G 323 16.31 -24.96 25.02
N ALA G 324 16.98 -25.94 25.62
CA ALA G 324 18.11 -26.64 25.03
C ALA G 324 19.24 -25.66 24.66
N ARG G 325 19.79 -25.02 25.69
CA ARG G 325 20.92 -24.11 25.51
C ARG G 325 22.21 -24.92 25.64
N ILE G 326 22.73 -25.34 24.50
CA ILE G 326 23.98 -26.09 24.46
C ILE G 326 25.14 -25.12 24.26
N VAL G 327 26.10 -25.16 25.18
CA VAL G 327 27.24 -24.25 25.17
C VAL G 327 28.52 -25.07 25.18
N PHE G 328 29.47 -24.68 24.34
CA PHE G 328 30.75 -25.38 24.22
C PHE G 328 31.88 -24.47 24.65
N MET G 329 32.79 -25.02 25.45
CA MET G 329 33.95 -24.29 25.94
C MET G 329 35.19 -24.87 25.26
N THR G 330 36.05 -24.00 24.74
CA THR G 330 37.30 -24.41 24.13
C THR G 330 38.41 -23.47 24.60
N THR G 331 39.55 -24.07 24.95
CA THR G 331 40.70 -23.31 25.43
C THR G 331 41.97 -24.11 25.18
N ASN G 332 43.10 -23.40 25.18
CA ASN G 332 44.38 -24.07 24.93
C ASN G 332 44.86 -24.82 26.17
N TYR G 333 44.60 -24.28 27.36
CA TYR G 333 45.03 -24.92 28.60
C TYR G 333 43.91 -24.81 29.63
N ILE G 334 43.88 -25.79 30.54
CA ILE G 334 42.84 -25.88 31.55
C ILE G 334 43.32 -25.41 32.92
N ASP G 335 44.63 -25.32 33.14
CA ASP G 335 45.14 -24.96 34.47
C ASP G 335 44.75 -23.54 34.86
N ARG G 336 44.59 -22.64 33.89
CA ARG G 336 44.23 -21.26 34.21
C ARG G 336 42.82 -21.15 34.78
N LEU G 337 41.96 -22.13 34.53
CA LEU G 337 40.60 -22.11 35.05
C LEU G 337 40.57 -22.70 36.45
N ASP G 338 39.36 -22.91 36.99
CA ASP G 338 39.16 -23.43 38.32
C ASP G 338 38.16 -24.56 38.31
N PRO G 339 38.24 -25.48 39.28
CA PRO G 339 37.25 -26.56 39.35
C PRO G 339 35.82 -26.07 39.59
N ALA G 340 35.65 -24.85 40.12
CA ALA G 340 34.31 -24.32 40.33
C ALA G 340 33.56 -24.16 39.02
N LEU G 341 34.28 -23.92 37.92
CA LEU G 341 33.63 -23.79 36.63
C LEU G 341 32.98 -25.12 36.21
N ILE G 342 33.65 -26.23 36.49
CA ILE G 342 33.16 -27.55 36.10
C ILE G 342 32.25 -28.08 37.21
N ARG G 343 30.96 -28.13 36.93
CA ARG G 343 29.95 -28.57 37.89
C ARG G 343 28.63 -28.72 37.16
N PRO G 344 27.69 -29.50 37.71
CA PRO G 344 26.34 -29.56 37.14
C PRO G 344 25.69 -28.18 37.11
N GLY G 345 24.91 -27.93 36.07
CA GLY G 345 24.45 -26.60 35.77
C GLY G 345 25.47 -25.75 35.06
N ARG G 346 26.65 -26.30 34.80
CA ARG G 346 27.75 -25.64 34.12
C ARG G 346 28.36 -26.66 33.19
N VAL G 347 29.61 -26.42 32.78
CA VAL G 347 30.38 -27.41 32.03
C VAL G 347 30.22 -28.78 32.68
N ASP G 348 29.81 -29.76 31.88
CA ASP G 348 29.49 -31.09 32.39
C ASP G 348 30.48 -32.15 31.95
N LEU G 349 30.71 -32.30 30.65
CA LEU G 349 31.59 -33.34 30.11
C LEU G 349 32.78 -32.64 29.46
N LYS G 350 33.86 -32.47 30.22
CA LYS G 350 35.09 -31.94 29.67
C LYS G 350 35.89 -33.05 29.01
N GLU G 351 36.53 -32.73 27.90
CA GLU G 351 37.37 -33.69 27.19
C GLU G 351 38.68 -33.02 26.79
N TYR G 352 39.75 -33.81 26.78
CA TYR G 352 41.07 -33.35 26.41
C TYR G 352 41.39 -33.85 25.00
N VAL G 353 41.61 -32.92 24.08
CA VAL G 353 42.06 -33.28 22.74
C VAL G 353 43.57 -33.23 22.69
N GLY G 354 44.18 -34.28 22.17
CA GLY G 354 45.63 -34.37 22.15
C GLY G 354 46.22 -34.44 20.76
N TYR G 355 47.52 -34.73 20.68
CA TYR G 355 48.19 -34.83 19.40
C TYR G 355 47.80 -36.11 18.67
N CYS G 356 48.15 -36.17 17.39
CA CYS G 356 47.77 -37.30 16.55
C CYS G 356 48.39 -38.59 17.06
N SER G 357 47.63 -39.67 16.96
CA SER G 357 48.08 -41.01 17.29
C SER G 357 48.22 -41.83 16.01
N HIS G 358 48.64 -43.08 16.15
CA HIS G 358 48.78 -43.96 15.00
C HIS G 358 47.45 -44.14 14.29
N TRP G 359 46.39 -44.42 15.05
CA TRP G 359 45.06 -44.56 14.46
C TRP G 359 44.62 -43.26 13.81
N GLN G 360 44.83 -42.13 14.48
CA GLN G 360 44.47 -40.83 13.91
C GLN G 360 45.25 -40.56 12.63
N LEU G 361 46.56 -40.85 12.64
CA LEU G 361 47.39 -40.58 11.47
C LEU G 361 46.97 -41.45 10.28
N THR G 362 46.72 -42.73 10.51
CA THR G 362 46.31 -43.59 9.39
C THR G 362 44.91 -43.21 8.90
N GLN G 363 44.03 -42.79 9.81
CA GLN G 363 42.71 -42.32 9.38
C GLN G 363 42.84 -41.08 8.51
N MET G 364 43.71 -40.15 8.90
CA MET G 364 43.93 -38.96 8.07
C MET G 364 44.52 -39.33 6.73
N PHE G 365 45.48 -40.26 6.72
CA PHE G 365 46.11 -40.64 5.46
C PHE G 365 45.11 -41.27 4.50
N GLN G 366 44.23 -42.15 5.02
CA GLN G 366 43.24 -42.77 4.14
C GLN G 366 42.13 -41.80 3.77
N ARG G 367 41.86 -40.80 4.61
CA ARG G 367 40.85 -39.80 4.26
C ARG G 367 41.35 -38.89 3.14
N PHE G 368 42.59 -38.39 3.27
CA PHE G 368 43.13 -37.50 2.26
C PHE G 368 43.30 -38.21 0.91
N TYR G 369 43.80 -39.44 0.94
CA TYR G 369 44.03 -40.22 -0.27
C TYR G 369 43.03 -41.36 -0.34
N PRO G 370 42.02 -41.30 -1.21
CA PRO G 370 40.96 -42.31 -1.19
C PRO G 370 41.37 -43.64 -1.79
N GLY G 371 42.03 -44.48 -1.00
CA GLY G 371 42.33 -45.84 -1.42
C GLY G 371 43.79 -46.12 -1.66
N GLN G 372 44.44 -46.73 -0.67
CA GLN G 372 45.86 -47.08 -0.77
C GLN G 372 46.10 -48.29 0.12
N ALA G 373 47.37 -48.69 0.21
CA ALA G 373 47.73 -49.82 1.06
C ALA G 373 47.69 -49.40 2.53
N PRO G 374 46.94 -50.10 3.38
CA PRO G 374 46.94 -49.76 4.80
C PRO G 374 48.31 -49.89 5.45
N SER G 375 49.15 -50.81 4.96
CA SER G 375 50.51 -50.92 5.47
C SER G 375 51.30 -49.64 5.18
N LEU G 376 51.08 -49.04 4.02
CA LEU G 376 51.73 -47.77 3.71
C LEU G 376 51.31 -46.69 4.70
N ALA G 377 50.01 -46.62 5.02
CA ALA G 377 49.55 -45.65 6.00
C ALA G 377 50.14 -45.92 7.37
N GLU G 378 50.24 -47.20 7.76
CA GLU G 378 50.83 -47.53 9.04
C GLU G 378 52.30 -47.12 9.10
N ASN G 379 53.05 -47.36 8.03
CA ASN G 379 54.45 -46.95 7.98
C ASN G 379 54.56 -45.44 8.05
N PHE G 380 53.68 -44.73 7.34
CA PHE G 380 53.65 -43.28 7.39
C PHE G 380 53.41 -42.78 8.81
N ALA G 381 52.43 -43.37 9.50
CA ALA G 381 52.13 -42.97 10.88
C ALA G 381 53.30 -43.26 11.80
N GLU G 382 53.93 -44.43 11.65
CA GLU G 382 55.06 -44.77 12.51
C GLU G 382 56.23 -43.81 12.27
N HIS G 383 56.49 -43.48 11.00
CA HIS G 383 57.58 -42.56 10.70
C HIS G 383 57.30 -41.19 11.27
N VAL G 384 56.06 -40.71 11.18
CA VAL G 384 55.72 -39.41 11.74
C VAL G 384 55.87 -39.44 13.27
N LEU G 385 55.40 -40.50 13.90
CA LEU G 385 55.52 -40.61 15.36
C LEU G 385 56.97 -40.63 15.80
N LYS G 386 57.82 -41.36 15.06
CA LYS G 386 59.24 -41.37 15.36
C LYS G 386 59.86 -40.00 15.18
N ALA G 387 59.51 -39.30 14.09
CA ALA G 387 60.11 -38.01 13.82
C ALA G 387 59.70 -36.97 14.85
N THR G 388 58.40 -36.84 15.11
CA THR G 388 57.89 -35.82 16.01
C THR G 388 56.99 -36.46 17.07
N SER G 389 57.05 -35.92 18.28
CA SER G 389 56.25 -36.40 19.39
C SER G 389 55.02 -35.55 19.66
N GLU G 390 55.06 -34.26 19.30
CA GLU G 390 53.96 -33.34 19.53
C GLU G 390 53.41 -32.82 18.20
N ILE G 391 53.30 -33.69 17.21
CA ILE G 391 52.79 -33.29 15.90
C ILE G 391 51.32 -32.95 16.01
N SER G 392 50.92 -31.82 15.43
CA SER G 392 49.53 -31.42 15.49
C SER G 392 48.81 -31.77 14.19
N PRO G 393 47.50 -32.02 14.25
CA PRO G 393 46.76 -32.31 13.02
C PRO G 393 46.80 -31.18 12.01
N ALA G 394 46.87 -29.93 12.46
CA ALA G 394 47.01 -28.82 11.52
C ALA G 394 48.31 -28.91 10.75
N GLN G 395 49.40 -29.28 11.43
CA GLN G 395 50.68 -29.48 10.74
C GLN G 395 50.59 -30.62 9.74
N VAL G 396 49.88 -31.70 10.11
CA VAL G 396 49.71 -32.82 9.20
C VAL G 396 48.95 -32.39 7.95
N GLN G 397 47.87 -31.62 8.13
CA GLN G 397 47.12 -31.15 6.98
C GLN G 397 47.96 -30.23 6.10
N GLY G 398 48.74 -29.35 6.72
CA GLY G 398 49.60 -28.46 5.95
C GLY G 398 50.64 -29.24 5.16
N TYR G 399 51.22 -30.27 5.76
CA TYR G 399 52.19 -31.11 5.06
C TYR G 399 51.53 -31.85 3.90
N PHE G 400 50.31 -32.35 4.12
CA PHE G 400 49.57 -33.02 3.05
C PHE G 400 49.28 -32.07 1.90
N MET G 401 49.00 -30.80 2.22
CA MET G 401 48.74 -29.82 1.16
C MET G 401 49.96 -29.63 0.26
N LEU G 402 51.16 -29.74 0.83
CA LEU G 402 52.37 -29.60 0.04
C LEU G 402 52.48 -30.69 -1.02
N TYR G 403 52.12 -31.92 -0.65
CA TYR G 403 52.22 -33.08 -1.55
C TYR G 403 50.83 -33.56 -1.97
N LYS G 404 49.94 -32.62 -2.27
CA LYS G 404 48.60 -32.94 -2.72
C LYS G 404 48.65 -33.84 -3.94
N ASN G 405 47.84 -34.91 -3.91
CA ASN G 405 47.83 -35.91 -4.97
C ASN G 405 49.22 -36.51 -5.19
N ASP G 406 49.94 -36.72 -4.09
CA ASP G 406 51.29 -37.30 -4.15
C ASP G 406 51.54 -38.07 -2.87
N PRO G 407 51.00 -39.28 -2.76
CA PRO G 407 51.23 -40.07 -1.54
C PRO G 407 52.64 -40.62 -1.44
N MET G 408 53.20 -41.16 -2.52
CA MET G 408 54.54 -41.74 -2.45
C MET G 408 55.59 -40.68 -2.12
N GLY G 409 55.50 -39.51 -2.76
CA GLY G 409 56.43 -38.44 -2.46
C GLY G 409 56.31 -37.96 -1.02
N ALA G 410 55.07 -37.87 -0.52
CA ALA G 410 54.87 -37.49 0.87
C ALA G 410 55.50 -38.51 1.82
N VAL G 411 55.31 -39.80 1.52
CA VAL G 411 55.91 -40.84 2.36
C VAL G 411 57.42 -40.75 2.34
N HIS G 412 58.00 -40.55 1.15
CA HIS G 412 59.44 -40.41 1.04
C HIS G 412 59.95 -39.13 1.70
N ASN G 413 59.09 -38.14 1.89
CA ASN G 413 59.48 -36.86 2.46
C ASN G 413 59.16 -36.74 3.95
N ILE G 414 58.76 -37.84 4.59
CA ILE G 414 58.52 -37.80 6.03
C ILE G 414 59.81 -37.51 6.78
N GLU G 415 60.91 -38.15 6.37
CA GLU G 415 62.19 -37.93 7.02
C GLU G 415 62.66 -36.49 6.87
N SER G 416 62.16 -35.79 5.85
CA SER G 416 62.53 -34.38 5.67
C SER G 416 62.02 -33.53 6.84
N LEU G 417 60.83 -33.84 7.34
CA LEU G 417 60.27 -33.07 8.45
C LEU G 417 61.14 -33.17 9.70
N ARG G 418 61.57 -34.39 10.03
CA ARG G 418 62.39 -34.64 11.21
C ARG G 418 61.76 -34.07 12.48
PB ADP H . 32.27 30.86 -25.04
O1B ADP H . 31.13 30.65 -26.01
O2B ADP H . 32.42 29.78 -24.00
O3B ADP H . 33.57 31.27 -25.70
PA ADP H . 30.38 32.23 -23.48
O1A ADP H . 30.57 32.86 -22.11
O2A ADP H . 29.76 30.86 -23.58
O3A ADP H . 31.83 32.16 -24.18
O5' ADP H . 29.55 33.26 -24.39
C5' ADP H . 29.94 33.54 -25.74
C4' ADP H . 28.76 34.13 -26.49
O4' ADP H . 29.19 34.54 -27.80
C3' ADP H . 27.64 33.12 -26.67
O3' ADP H . 26.46 33.57 -26.01
C2' ADP H . 27.39 33.04 -28.16
O2' ADP H . 26.03 33.38 -28.45
C1' ADP H . 28.33 34.03 -28.82
N9 ADP H . 29.17 33.32 -29.82
C8 ADP H . 30.47 33.05 -29.70
N7 ADP H . 30.94 32.40 -30.78
C5 ADP H . 29.92 32.23 -31.63
C6 ADP H . 29.73 31.62 -32.97
N6 ADP H . 30.76 31.03 -33.62
N1 ADP H . 28.49 31.66 -33.50
C2 ADP H . 27.46 32.25 -32.87
N3 ADP H . 27.56 32.82 -31.65
C4 ADP H . 28.74 32.85 -30.99
PB ADP I . 48.56 -2.89 -15.16
O1B ADP I . 47.77 -3.34 -16.36
O2B ADP I . 47.84 -3.04 -13.84
O3B ADP I . 49.99 -3.38 -15.14
PA ADP I . 47.39 -0.39 -15.62
O1A ADP I . 47.53 0.88 -14.82
O2A ADP I . 46.17 -1.26 -15.41
O3A ADP I . 48.69 -1.30 -15.35
O5' ADP I . 47.49 -0.01 -17.18
C5' ADP I . 48.30 -0.77 -18.08
C4' ADP I . 47.86 -0.51 -19.51
O4' ADP I . 48.75 -1.18 -20.41
C3' ADP I . 46.46 -1.04 -19.77
O3' ADP I . 45.58 0.04 -20.11
C2' ADP I . 46.58 -1.99 -20.94
O2' ADP I . 45.75 -1.55 -22.02
C1' ADP I . 48.03 -1.96 -21.37
N9 ADP I . 48.57 -3.33 -21.35
C8 ADP I . 49.45 -3.81 -20.45
N7 ADP I . 49.75 -5.11 -20.70
C5 ADP I . 49.05 -5.48 -21.78
C6 ADP I . 48.91 -6.73 -22.57
N6 ADP I . 49.59 -7.85 -22.25
N1 ADP I . 48.07 -6.69 -23.63
C2 ADP I . 47.40 -5.59 -23.96
N3 ADP I . 47.48 -4.43 -23.29
C4 ADP I . 48.28 -4.32 -22.21
PB ADP J . 4.19 50.53 -6.35
O1B ADP J . 2.83 50.20 -6.91
O2B ADP J . 5.16 49.38 -6.32
O3B ADP J . 4.78 51.82 -6.87
PA ADP J . 3.10 49.80 -3.88
O1A ADP J . 3.77 49.74 -2.53
O2A ADP J . 2.94 48.52 -4.67
O3A ADP J . 3.91 50.84 -4.78
O5' ADP J . 1.65 50.48 -3.68
C5' ADP J . 1.19 51.50 -4.56
C4' ADP J . -0.33 51.63 -4.45
O4' ADP J . -0.77 52.73 -5.24
C3' ADP J . -1.02 50.38 -4.96
O3' ADP J . -1.76 49.76 -3.90
C2' ADP J . -1.98 50.83 -6.04
O2' ADP J . -3.32 50.48 -5.69
C1' ADP J . -1.84 52.35 -6.10
N9 ADP J . -1.50 52.74 -7.49
C8 ADP J . -0.30 53.20 -7.89
N7 ADP J . -0.30 53.48 -9.22
C5 ADP J . -1.52 53.19 -9.69
C6 ADP J . -2.20 53.23 -11.01
N6 ADP J . -1.54 53.67 -12.11
N1 ADP J . -3.49 52.85 -11.07
C2 ADP J . -4.14 52.42 -9.98
N3 ADP J . -3.60 52.34 -8.76
C4 ADP J . -2.31 52.70 -8.55
PB ADP K . -14.31 41.09 26.81
O1B ADP K . -15.60 40.36 26.51
O2B ADP K . -13.19 40.77 25.85
O3B ADP K . -14.48 42.56 27.10
PA ADP K . -13.69 38.87 28.41
O1A ADP K . -12.42 38.60 29.18
O2A ADP K . -13.88 38.23 27.05
O3A ADP K . -13.81 40.47 28.21
O5' ADP K . -14.95 38.49 29.34
C5' ADP K . -16.07 39.36 29.46
C4' ADP K . -17.26 38.58 29.99
O4' ADP K . -18.35 39.49 30.23
C3' ADP K . -17.73 37.54 29.00
O3' ADP K . -17.60 36.23 29.56
C2' ADP K . -19.20 37.83 28.74
O2' ADP K . -20.00 36.70 29.10
C1' ADP K . -19.56 39.01 29.63
N9 ADP K . -20.12 40.09 28.79
C8 ADP K . -19.49 41.25 28.49
N7 ADP K . -20.26 42.04 27.71
C5 ADP K . -21.41 41.37 27.48
C6 ADP K . -22.64 41.64 26.71
N6 ADP K . -22.82 42.79 26.03
N1 ADP K . -23.61 40.69 26.73
C2 ADP K . -23.45 39.55 27.42
N3 ADP K . -22.35 39.24 28.12
C4 ADP K . -21.30 40.10 28.19
PB ADP L . -9.27 9.72 49.26
O1B ADP L . -10.25 8.64 48.91
O2B ADP L . -8.78 10.53 48.09
O3B ADP L . -9.66 10.55 50.46
PA ADP L . -7.31 7.77 48.85
O1A ADP L . -5.81 7.90 48.93
O2A ADP L . -7.98 7.80 47.50
O3A ADP L . -7.96 8.93 49.76
O5' ADP L . -7.72 6.40 49.61
C5' ADP L . -8.81 6.36 50.53
C4' ADP L . -9.27 4.92 50.72
O4' ADP L . -10.27 4.88 51.74
C3' ADP L . -9.87 4.37 49.45
O3' ADP L . -9.11 3.25 48.98
C2' ADP L . -11.27 3.89 49.81
O2' ADP L . -11.41 2.50 49.55
C1' ADP L . -11.43 4.15 51.30
N9 ADP L . -12.62 5.01 51.52
C8 ADP L . -12.60 6.31 51.89
N7 ADP L . -13.85 6.80 52.00
C5 ADP L . -14.71 5.81 51.70
C6 ADP L . -16.18 5.66 51.62
N6 ADP L . -17.00 6.70 51.90
N1 ADP L . -16.67 4.46 51.27
C2 ADP L . -15.86 3.42 50.99
N3 ADP L . -14.52 3.48 51.04
C4 ADP L . -13.89 4.63 51.38
PB ADP M . 15.50 -19.89 44.37
O1B ADP M . 14.83 -21.05 43.65
O2B ADP M . 15.05 -18.53 43.90
O3B ADP M . 15.57 -20.04 45.87
PA ADP M . 17.42 -20.06 42.33
O1A ADP M . 18.63 -19.18 42.10
O2A ADP M . 16.16 -19.79 41.54
O3A ADP M . 17.04 -19.97 43.90
O5' ADP M . 17.87 -21.59 42.11
C5' ADP M . 17.49 -22.61 43.02
C4' ADP M . 17.62 -23.98 42.36
O4' ADP M . 17.36 -25.00 43.31
C3' ADP M . 16.63 -24.14 41.23
O3' ADP M . 17.31 -24.30 39.98
C2' ADP M . 15.83 -25.39 41.54
O2' ADP M . 15.97 -26.34 40.49
C1' ADP M . 16.41 -25.94 42.83
N9 ADP M . 15.32 -26.08 43.82
C8 ADP M . 15.17 -25.30 44.91
N7 ADP M . 14.07 -25.68 45.63
C5 ADP M . 13.50 -26.71 44.99
C6 ADP M . 12.33 -27.58 45.20
N6 ADP M . 11.52 -27.40 46.27
N1 ADP M . 12.09 -28.55 44.30
C2 ADP M . 12.88 -28.73 43.23
N3 ADP M . 13.97 -27.98 42.97
C4 ADP M . 14.33 -26.97 43.80
PB ADP N . 41.24 -25.52 15.68
O1B ADP N . 40.66 -26.39 14.60
O2B ADP N . 40.25 -24.59 16.33
O3B ADP N . 42.12 -26.26 16.66
PA ADP N . 41.77 -23.70 13.63
O1A ADP N . 42.38 -22.32 13.72
O2A ADP N . 40.27 -23.84 13.53
O3A ADP N . 42.26 -24.53 14.90
O5' ADP N . 42.44 -24.46 12.38
C5' ADP N . 42.90 -25.79 12.48
C4' ADP N . 43.04 -26.41 11.09
O4' ADP N . 43.62 -27.71 11.20
C3' ADP N . 41.70 -26.56 10.41
O3' ADP N . 41.65 -25.75 9.22
C2' ADP N . 41.58 -28.01 10.03
O2' ADP N . 41.41 -28.15 8.62
C1' ADP N . 42.87 -28.68 10.48
N9 ADP N . 42.55 -29.80 11.38
C8 ADP N . 42.78 -29.82 12.71
N7 ADP N . 42.39 -30.99 13.26
C5 ADP N . 41.89 -31.75 12.28
C6 ADP N . 41.30 -33.10 12.17
N6 ADP N . 41.15 -33.89 13.27
N1 ADP N . 40.90 -33.53 10.95
C2 ADP N . 41.04 -32.75 9.86
N3 ADP N . 41.57 -31.52 9.88
C4 ADP N . 42.00 -30.97 11.03
#